data_7UHC
#
_entry.id   7UHC
#
loop_
_entity.id
_entity.type
_entity.pdbx_description
1 polymer 'Spike glycoprotein'
2 polymer 'Multivalent miniprotein inhibitor AHB2-2GS-SB175'
3 branched 2-acetamido-2-deoxy-beta-D-glucopyranose-(1-4)-2-acetamido-2-deoxy-beta-D-glucopyranose
4 non-polymer 2-acetamido-2-deoxy-beta-D-glucopyranose
#
loop_
_entity_poly.entity_id
_entity_poly.type
_entity_poly.pdbx_seq_one_letter_code
_entity_poly.pdbx_strand_id
1 'polypeptide(L)'
;MFVFLVLLPLVSSQCVNLTTRTQLPPAYTNSFTRGVYYPDKVFRSSVLHSTQDLFLPFFSNVTWFHAIHVSGTNGTKRFD
NPVLPFNDGVYFASTEKSNIIRGWIFGTTLDSKTQSLLIVNNATNVVIKVCEFQFCNDPFLGVYYHKNNKSWMESEFRVY
SSANNCTFEYVSQPFLMDLEGKQGNFKNLREFVFKNIDGYFKIYSKHTPINLVRDLPQGFSALEPLVDLPIGINITRFQT
LLALHRSYLTPGDSSSGWTAGAAAYYVGYLQPRTFLLKYNENGTITDAVDCALDPLSETKCTLKSFTVEKGIYQTSNFRV
QPTESIVRFPNITNLCPFGEVFNATRFASVYAWNRKRISNCVADYSVLYNSASFSTFKCYGVSPTKLNDLCFTNVYADSF
VIRGDEVRQIAPGQTGKIADYNYKLPDDFTGCVIAWNSNNLDSKVGGNYNYLYRLFRKSNLKPFERDISTEIYQAGSTPC
NGVEGFNCYFPLQSYGFQPTNGVGYQPYRVVVLSFELLHAPATVCGPKKSTNLVKNKCVNFNFNGLTGTGVLTESNKKFL
PFQQFGRDIADTTDAVRDPQTLEILDITPCSFGGVSVITPGTNTSNQVAVLYQDVNCTEVPVAIHADQLTPTWRVYSTGS
NVFQTRAGCLIGAEHVNNSYECDIPIGAGICASYQTQTNSPGSASSVASQSIIAYTMSLGAENSVAYSNNSIAIPTNFTI
SVTTEILPVSMTKTSVDCTMYICGDSTECSNLLLQYGSFCTQLNRALTGIAVEQDKNTQEVFAQVKQIYKTPPIKDFGGF
NFSQILPDPSKPSKRSPIEDLLFNKVTLADAGFIKQYGDCLGDIAARDLICAQKFNGLTVLPPLLTDEMIAQYTSALLAG
TITSGWTFGAGPALQIPFPMQMAYRFNGIGVTQNVLYENQKLIANQFNSAIGKIQDSLSSTPSALGKLQDVVNQNAQALN
TLVKQLSSNFGAISSVLNDILSRLDPPEAEVQIDRLITGRLQSLQTYVTQQLIRAAEIRASANLAATKMSECVLGQSKRV
DFCGKGYHLMSFPQSAPHGVVFLHVTYVPAQEKNFTTAPAICHDGKAHFPREGVFVSNGTHWFVTQRNFYEPQIITTDNT
FVSGNCDVVIGIVNNTVYDPLQPELDSFKEELDKYFKNHTSPDVDLGDISGINASVVNIQKEIDRLNEVAKNLNESLIDL
QELGKYEQGSGYIPEAPRDGQAYVRKDGEWVLLSTFLGRSLEVLFQGPGHHHHHHHHSAWSHPQFEKGGGSGGGGSGGSA
WSHPQFEK
;
A,B,D
2 'polypeptide(L)'
;ELEEQVMHVLDQVSELAHELLHKLTGEELERAAYFNWWATEMMLELIKSDDEREIREIEEEARRILEHLEELARKGGSEA
LEELEKALRELKKSTDELERSTEELEKNPSEDALVENNRLIVENNKIIVEVLRIIAKVLKLEHHHHHH
;
K,C,E
#
loop_
_chem_comp.id
_chem_comp.type
_chem_comp.name
_chem_comp.formula
NAG D-saccharide, beta linking 2-acetamido-2-deoxy-beta-D-glucopyranose 'C8 H15 N O6'
#
# COMPACT_ATOMS: atom_id res chain seq x y z
N ALA A 27 -9.80 41.88 39.63
CA ALA A 27 -9.40 40.84 40.56
C ALA A 27 -9.36 39.49 39.85
N TYR A 28 -8.24 38.76 40.02
CA TYR A 28 -8.04 37.44 39.42
C TYR A 28 -7.51 36.44 40.42
N THR A 29 -7.81 35.17 40.21
CA THR A 29 -7.28 34.11 41.06
C THR A 29 -6.63 32.98 40.25
N ASN A 30 -6.02 32.05 40.96
CA ASN A 30 -5.32 30.91 40.37
C ASN A 30 -6.25 29.71 40.23
N SER A 31 -6.45 29.26 38.99
CA SER A 31 -7.34 28.13 38.73
C SER A 31 -6.78 26.82 39.26
N PHE A 32 -5.48 26.79 39.53
CA PHE A 32 -4.80 25.57 39.94
C PHE A 32 -5.13 24.43 38.99
N THR A 33 -5.77 23.38 39.52
CA THR A 33 -6.10 22.20 38.73
C THR A 33 -7.60 22.01 38.60
N ARG A 34 -8.34 23.09 38.81
CA ARG A 34 -9.80 23.08 38.75
C ARG A 34 -10.30 22.97 37.32
N GLY A 35 -11.57 22.56 37.17
CA GLY A 35 -12.22 22.59 35.85
C GLY A 35 -12.14 21.27 35.09
N VAL A 36 -11.70 20.22 35.76
CA VAL A 36 -11.63 18.90 35.14
C VAL A 36 -12.93 18.15 35.39
N TYR A 37 -13.44 17.51 34.34
CA TYR A 37 -14.70 16.80 34.40
C TYR A 37 -14.63 15.50 33.61
N TYR A 38 -15.54 14.60 33.88
CA TYR A 38 -15.60 13.34 33.14
C TYR A 38 -16.11 13.61 31.73
N PRO A 39 -15.27 13.43 30.70
CA PRO A 39 -15.51 13.81 29.32
C PRO A 39 -16.61 12.97 28.68
N ASP A 40 -16.88 11.79 29.25
CA ASP A 40 -17.89 10.90 28.70
C ASP A 40 -18.50 10.02 29.78
N LYS A 41 -19.27 9.02 29.35
CA LYS A 41 -19.98 8.14 30.25
C LYS A 41 -19.38 6.74 30.22
N VAL A 42 -18.07 6.67 29.97
CA VAL A 42 -17.38 5.40 29.87
C VAL A 42 -16.60 5.05 31.13
N PHE A 43 -16.83 3.85 31.64
CA PHE A 43 -16.12 3.36 32.80
C PHE A 43 -14.72 2.90 32.44
N ARG A 44 -13.74 3.41 33.17
CA ARG A 44 -12.35 3.05 32.99
C ARG A 44 -11.72 2.90 34.36
N SER A 45 -10.87 1.90 34.55
CA SER A 45 -10.23 1.75 35.85
C SER A 45 -8.76 1.41 35.73
N SER A 46 -7.99 1.90 36.68
CA SER A 46 -6.56 1.64 36.77
C SER A 46 -5.87 1.86 35.43
N VAL A 47 -6.24 2.94 34.75
CA VAL A 47 -5.70 3.25 33.44
C VAL A 47 -5.47 4.75 33.26
N LEU A 48 -4.43 5.08 32.50
CA LEU A 48 -4.19 6.46 32.13
C LEU A 48 -4.73 6.71 30.73
N HIS A 49 -5.73 7.58 30.63
CA HIS A 49 -6.40 7.81 29.36
C HIS A 49 -6.15 9.21 28.83
N SER A 50 -5.70 9.28 27.58
CA SER A 50 -5.42 10.56 26.93
C SER A 50 -6.62 11.01 26.11
N THR A 51 -7.09 12.24 26.37
CA THR A 51 -8.26 12.75 25.69
C THR A 51 -8.11 14.22 25.30
N GLN A 52 -8.78 14.61 24.22
CA GLN A 52 -8.79 15.99 23.78
C GLN A 52 -10.20 16.56 23.83
N ASP A 53 -10.36 17.65 24.56
CA ASP A 53 -11.68 18.27 24.73
C ASP A 53 -11.52 19.70 25.22
N LEU A 54 -12.65 20.38 25.44
CA LEU A 54 -12.60 21.72 25.98
C LEU A 54 -12.46 21.69 27.49
N PHE A 55 -11.32 22.19 27.97
CA PHE A 55 -11.01 22.16 29.40
C PHE A 55 -10.52 23.51 29.87
N LEU A 56 -10.57 23.72 31.17
CA LEU A 56 -9.97 24.90 31.78
C LEU A 56 -8.46 24.64 31.95
N PRO A 57 -7.58 25.41 31.32
CA PRO A 57 -6.13 25.28 31.38
C PRO A 57 -5.67 25.36 32.82
N PHE A 58 -4.64 24.59 33.16
CA PHE A 58 -4.13 24.62 34.52
C PHE A 58 -3.39 25.91 34.82
N PHE A 59 -3.56 26.40 36.04
CA PHE A 59 -2.91 27.62 36.50
C PHE A 59 -3.25 28.83 35.62
N SER A 60 -4.50 28.90 35.18
CA SER A 60 -4.98 30.01 34.37
C SER A 60 -5.48 31.17 35.24
N ASN A 61 -5.71 32.32 34.58
CA ASN A 61 -6.24 33.52 35.26
C ASN A 61 -7.76 33.53 35.25
N VAL A 62 -8.36 33.33 36.42
CA VAL A 62 -9.81 33.27 36.60
C VAL A 62 -10.33 34.60 37.16
N THR A 63 -11.34 35.17 36.52
CA THR A 63 -11.84 36.47 36.96
C THR A 63 -12.72 36.33 38.20
N TRP A 64 -12.47 37.17 39.19
CA TRP A 64 -13.20 37.12 40.45
C TRP A 64 -14.24 38.23 40.57
N PHE A 65 -15.52 37.86 40.58
CA PHE A 65 -16.61 38.81 40.66
C PHE A 65 -17.25 38.85 42.04
N HIS A 66 -17.66 40.05 42.46
CA HIS A 66 -18.34 40.26 43.74
C HIS A 66 -19.72 40.88 43.53
N ASN A 81 -22.06 42.89 38.70
CA ASN A 81 -22.63 41.66 38.17
C ASN A 81 -23.05 41.83 36.69
N PRO A 82 -22.08 42.08 35.77
CA PRO A 82 -22.27 42.41 34.36
C PRO A 82 -22.60 41.18 33.53
N VAL A 83 -23.02 41.41 32.29
CA VAL A 83 -23.19 40.33 31.33
C VAL A 83 -21.85 39.92 30.75
N LEU A 84 -21.55 38.63 30.79
CA LEU A 84 -20.27 38.11 30.35
C LEU A 84 -20.43 37.31 29.06
N PRO A 85 -19.38 37.21 28.24
CA PRO A 85 -19.30 36.38 27.05
C PRO A 85 -19.30 34.91 27.42
N PHE A 86 -19.81 34.08 26.52
CA PHE A 86 -19.85 32.63 26.72
C PHE A 86 -18.69 31.93 26.00
N ASN A 87 -18.26 32.53 24.89
CA ASN A 87 -17.20 31.97 24.06
C ASN A 87 -17.49 30.53 23.64
N ASP A 88 -16.59 29.62 23.97
CA ASP A 88 -16.73 28.22 23.58
C ASP A 88 -17.16 27.35 24.75
N GLY A 89 -17.58 28.00 25.82
CA GLY A 89 -17.94 27.32 27.06
C GLY A 89 -17.31 28.02 28.22
N VAL A 90 -17.96 27.98 29.37
CA VAL A 90 -17.51 28.74 30.51
C VAL A 90 -17.42 27.89 31.78
N TYR A 91 -16.38 28.13 32.56
CA TYR A 91 -16.24 27.51 33.86
C TYR A 91 -16.73 28.46 34.93
N PHE A 92 -17.68 28.01 35.72
CA PHE A 92 -18.26 28.85 36.76
C PHE A 92 -18.08 28.20 38.12
N ALA A 93 -17.68 28.99 39.10
CA ALA A 93 -17.56 28.47 40.46
C ALA A 93 -17.98 29.52 41.45
N SER A 94 -18.51 29.10 42.58
CA SER A 94 -18.91 30.05 43.59
C SER A 94 -18.68 29.53 44.99
N THR A 95 -18.53 30.47 45.92
CA THR A 95 -18.39 30.14 47.33
C THR A 95 -19.58 30.72 48.06
N GLU A 96 -20.16 29.93 48.96
CA GLU A 96 -21.42 30.33 49.56
C GLU A 96 -21.56 30.00 51.04
N LYS A 97 -22.44 30.77 51.70
CA LYS A 97 -22.85 30.53 53.07
C LYS A 97 -24.37 30.40 53.20
N SER A 98 -25.11 31.13 52.36
CA SER A 98 -26.55 31.24 52.53
C SER A 98 -27.36 31.29 51.22
N ASN A 99 -26.94 30.53 50.21
CA ASN A 99 -27.69 30.39 48.97
C ASN A 99 -28.13 31.72 48.34
N ILE A 100 -27.17 32.62 48.09
CA ILE A 100 -27.48 33.90 47.50
C ILE A 100 -27.60 33.81 45.98
N ILE A 101 -26.71 33.04 45.36
CA ILE A 101 -26.77 32.85 43.92
C ILE A 101 -27.85 31.81 43.61
N ARG A 102 -28.78 32.17 42.72
CA ARG A 102 -29.94 31.32 42.46
C ARG A 102 -29.90 30.64 41.10
N GLY A 103 -29.30 31.30 40.10
CA GLY A 103 -29.36 30.73 38.75
C GLY A 103 -28.59 31.54 37.71
N TRP A 104 -28.81 31.19 36.44
CA TRP A 104 -28.09 31.80 35.33
C TRP A 104 -29.00 32.06 34.13
N ILE A 105 -28.64 33.06 33.34
CA ILE A 105 -29.29 33.31 32.06
C ILE A 105 -28.30 33.15 30.92
N PHE A 106 -28.65 32.33 29.93
CA PHE A 106 -27.81 32.15 28.77
C PHE A 106 -28.56 32.52 27.49
N GLY A 107 -27.88 33.17 26.56
CA GLY A 107 -28.52 33.51 25.29
C GLY A 107 -27.69 34.48 24.45
N THR A 108 -28.37 35.24 23.61
CA THR A 108 -27.70 36.19 22.72
C THR A 108 -28.21 37.61 22.98
N THR A 109 -29.35 37.94 22.38
CA THR A 109 -29.92 39.28 22.50
C THR A 109 -30.44 39.55 23.92
N LEU A 110 -31.09 38.56 24.51
CA LEU A 110 -31.60 38.67 25.88
C LEU A 110 -32.51 39.89 26.07
N ASP A 111 -33.40 40.14 25.12
CA ASP A 111 -34.29 41.30 25.20
C ASP A 111 -35.63 41.06 24.49
N SER A 112 -36.26 39.93 24.76
CA SER A 112 -37.54 39.58 24.14
C SER A 112 -37.52 39.71 22.62
N LYS A 113 -36.43 39.29 22.00
CA LYS A 113 -36.32 39.29 20.54
C LYS A 113 -36.06 37.87 20.06
N THR A 114 -35.27 37.15 20.84
CA THR A 114 -34.90 35.78 20.54
C THR A 114 -35.10 34.92 21.78
N GLN A 115 -35.03 33.62 21.61
CA GLN A 115 -35.17 32.73 22.76
C GLN A 115 -33.91 32.73 23.62
N SER A 116 -34.10 32.51 24.90
CA SER A 116 -33.00 32.42 25.84
C SER A 116 -33.24 31.32 26.86
N LEU A 117 -32.16 30.83 27.45
CA LEU A 117 -32.21 29.75 28.42
C LEU A 117 -32.12 30.27 29.85
N LEU A 118 -33.16 30.01 30.62
CA LEU A 118 -33.25 30.47 31.99
C LEU A 118 -33.19 29.31 32.98
N ILE A 119 -32.16 29.30 33.81
CA ILE A 119 -31.99 28.24 34.79
C ILE A 119 -32.07 28.80 36.21
N VAL A 120 -33.13 28.47 36.94
CA VAL A 120 -33.31 29.01 38.28
C VAL A 120 -33.58 27.93 39.33
N ASN A 121 -32.81 27.95 40.40
CA ASN A 121 -33.03 27.05 41.53
C ASN A 121 -33.79 27.77 42.63
N ASN A 122 -35.12 27.65 42.64
CA ASN A 122 -35.99 28.37 43.57
C ASN A 122 -36.52 27.46 44.67
N ALA A 123 -35.93 27.50 45.86
CA ALA A 123 -36.33 26.78 47.07
C ALA A 123 -36.15 25.26 46.98
N THR A 124 -36.77 24.62 45.99
CA THR A 124 -36.71 23.17 45.89
C THR A 124 -36.11 22.68 44.59
N ASN A 125 -36.97 22.47 43.58
CA ASN A 125 -36.50 21.93 42.32
C ASN A 125 -35.96 23.01 41.40
N VAL A 126 -35.01 22.63 40.57
CA VAL A 126 -34.48 23.54 39.56
C VAL A 126 -35.41 23.61 38.37
N VAL A 127 -35.74 24.82 37.97
CA VAL A 127 -36.64 25.01 36.83
C VAL A 127 -35.89 25.59 35.64
N ILE A 128 -35.93 24.87 34.53
CA ILE A 128 -35.24 25.27 33.32
C ILE A 128 -36.21 25.55 32.19
N LYS A 129 -36.14 26.74 31.62
CA LYS A 129 -37.04 27.10 30.53
C LYS A 129 -36.32 27.77 29.37
N VAL A 130 -36.82 27.53 28.16
CA VAL A 130 -36.33 28.25 26.99
C VAL A 130 -37.48 29.00 26.31
N CYS A 131 -37.43 30.33 26.39
CA CYS A 131 -38.51 31.21 25.93
C CYS A 131 -37.97 32.54 25.44
N GLU A 132 -38.82 33.30 24.77
CA GLU A 132 -38.44 34.66 24.38
C GLU A 132 -38.67 35.59 25.56
N PHE A 133 -37.77 35.50 26.54
CA PHE A 133 -37.90 36.20 27.80
C PHE A 133 -37.57 37.68 27.71
N GLN A 134 -38.31 38.48 28.46
CA GLN A 134 -37.99 39.89 28.65
C GLN A 134 -37.30 40.06 29.98
N PHE A 135 -36.03 40.44 29.94
CA PHE A 135 -35.24 40.57 31.15
C PHE A 135 -35.13 42.02 31.59
N CYS A 136 -34.90 42.21 32.87
CA CYS A 136 -34.69 43.54 33.44
C CYS A 136 -33.29 44.04 33.12
N ASN A 137 -33.07 45.35 33.29
CA ASN A 137 -31.75 45.92 33.09
C ASN A 137 -30.77 45.45 34.17
N ASP A 138 -31.34 44.94 35.27
CA ASP A 138 -30.55 44.39 36.37
C ASP A 138 -31.37 43.33 37.11
N PRO A 139 -31.51 42.14 36.54
CA PRO A 139 -32.36 41.03 36.99
C PRO A 139 -31.94 40.52 38.36
N PHE A 140 -32.90 40.10 39.16
CA PHE A 140 -32.65 39.51 40.47
C PHE A 140 -33.86 38.74 40.96
N LEU A 141 -33.68 37.98 42.03
CA LEU A 141 -34.82 37.31 42.67
C LEU A 141 -34.97 37.78 44.11
N GLY A 142 -36.21 37.80 44.60
CA GLY A 142 -36.49 38.19 45.97
C GLY A 142 -36.60 36.98 46.88
N VAL A 143 -37.31 37.15 48.02
CA VAL A 143 -37.47 36.11 49.03
C VAL A 143 -38.95 35.90 49.32
N ASN A 165 -43.84 32.90 24.34
CA ASN A 165 -43.36 31.95 23.36
C ASN A 165 -42.27 31.05 23.95
N CYS A 166 -42.62 29.81 24.31
CA CYS A 166 -41.71 28.85 24.94
C CYS A 166 -41.63 27.56 24.12
N THR A 167 -40.44 26.98 24.05
CA THR A 167 -40.26 25.73 23.32
C THR A 167 -39.78 24.59 24.22
N PHE A 168 -39.22 24.92 25.38
CA PHE A 168 -38.69 23.89 26.26
C PHE A 168 -38.93 24.21 27.73
N GLU A 169 -39.32 23.19 28.49
CA GLU A 169 -39.44 23.31 29.93
C GLU A 169 -39.08 22.01 30.63
N TYR A 170 -38.27 22.11 31.68
CA TYR A 170 -37.86 20.96 32.47
C TYR A 170 -37.75 21.30 33.94
N VAL A 171 -38.18 20.39 34.80
CA VAL A 171 -38.02 20.60 36.23
C VAL A 171 -37.32 19.40 36.88
N SER A 172 -36.27 19.68 37.66
CA SER A 172 -35.49 18.65 38.35
C SER A 172 -36.28 18.10 39.54
N PHE A 186 -15.99 30.87 53.67
CA PHE A 186 -17.13 30.18 53.10
C PHE A 186 -17.08 28.69 53.44
N LYS A 187 -18.25 28.03 53.36
CA LYS A 187 -18.39 26.60 53.72
C LYS A 187 -18.75 25.74 52.52
N ASN A 188 -19.47 26.31 51.55
CA ASN A 188 -19.94 25.53 50.41
C ASN A 188 -19.31 25.97 49.10
N LEU A 189 -18.60 25.05 48.46
CA LEU A 189 -18.02 25.32 47.15
C LEU A 189 -18.80 24.58 46.07
N ARG A 190 -19.30 25.33 45.10
CA ARG A 190 -20.04 24.73 44.01
C ARG A 190 -19.39 25.09 42.68
N GLU A 191 -19.10 24.07 41.88
CA GLU A 191 -18.44 24.27 40.61
C GLU A 191 -19.27 23.71 39.47
N PHE A 192 -19.32 24.44 38.37
CA PHE A 192 -20.12 24.06 37.21
C PHE A 192 -19.36 24.24 35.89
N VAL A 193 -19.65 23.38 34.92
CA VAL A 193 -19.14 23.57 33.58
C VAL A 193 -20.30 23.70 32.61
N PHE A 194 -20.35 24.80 31.88
CA PHE A 194 -21.42 25.04 30.92
C PHE A 194 -20.88 25.11 29.50
N LYS A 195 -21.25 24.13 28.68
CA LYS A 195 -20.81 24.15 27.28
C LYS A 195 -21.93 23.66 26.36
N ASN A 196 -21.97 24.19 25.15
CA ASN A 196 -23.01 23.81 24.19
C ASN A 196 -22.42 23.19 22.93
N ILE A 197 -22.63 21.89 22.77
CA ILE A 197 -22.07 21.16 21.64
C ILE A 197 -23.17 20.61 20.74
N ASP A 198 -23.18 21.07 19.49
CA ASP A 198 -24.14 20.61 18.49
C ASP A 198 -25.58 20.72 19.00
N GLY A 199 -25.88 21.80 19.70
CA GLY A 199 -27.23 22.06 20.16
C GLY A 199 -27.51 21.52 21.56
N TYR A 200 -26.61 20.72 22.10
CA TYR A 200 -26.83 20.15 23.42
C TYR A 200 -26.14 20.96 24.49
N PHE A 201 -26.92 21.48 25.44
CA PHE A 201 -26.36 22.25 26.53
C PHE A 201 -26.03 21.32 27.68
N LYS A 202 -24.74 21.12 27.90
CA LYS A 202 -24.29 20.13 28.86
C LYS A 202 -23.79 20.77 30.14
N ILE A 203 -24.30 20.29 31.26
CA ILE A 203 -23.93 20.84 32.56
C ILE A 203 -23.25 19.79 33.42
N TYR A 204 -22.05 20.10 33.89
CA TYR A 204 -21.33 19.25 34.83
C TYR A 204 -21.22 19.99 36.15
N SER A 205 -21.19 19.26 37.27
CA SER A 205 -21.10 19.95 38.55
C SER A 205 -20.47 19.13 39.66
N LYS A 206 -20.03 19.84 40.70
CA LYS A 206 -19.50 19.22 41.91
C LYS A 206 -19.76 20.11 43.12
N HIS A 207 -20.13 19.49 44.24
CA HIS A 207 -20.35 20.22 45.49
C HIS A 207 -19.47 19.65 46.60
N THR A 208 -18.55 20.48 47.12
CA THR A 208 -17.64 20.05 48.17
C THR A 208 -17.66 21.06 49.32
N PRO A 209 -17.38 20.61 50.56
CA PRO A 209 -17.16 21.42 51.74
C PRO A 209 -15.80 22.10 51.70
N ILE A 210 -15.74 23.35 52.15
CA ILE A 210 -14.49 24.08 52.23
C ILE A 210 -14.35 24.84 53.54
N ASN A 211 -13.13 25.28 53.81
CA ASN A 211 -12.85 26.19 54.92
C ASN A 211 -11.93 27.30 54.42
N LEU A 212 -12.50 28.24 53.67
CA LEU A 212 -11.69 29.22 52.96
C LEU A 212 -12.54 30.43 52.54
N VAL A 213 -12.06 31.63 52.87
CA VAL A 213 -12.88 32.82 52.65
C VAL A 213 -12.52 33.64 51.41
N ARG A 214 -11.22 33.84 51.17
CA ARG A 214 -10.81 34.79 50.13
C ARG A 214 -10.04 34.18 48.97
N ASP A 215 -10.25 32.91 48.69
CA ASP A 215 -9.53 32.25 47.60
C ASP A 215 -10.20 30.95 47.16
N LEU A 216 -9.63 30.32 46.15
CA LEU A 216 -10.01 28.97 45.75
C LEU A 216 -9.04 27.97 46.36
N PRO A 217 -9.51 26.79 46.76
CA PRO A 217 -8.74 25.72 47.34
C PRO A 217 -7.83 25.09 46.30
N GLN A 218 -6.66 24.64 46.74
CA GLN A 218 -5.75 23.94 45.85
C GLN A 218 -5.82 22.45 46.08
N GLY A 219 -6.20 21.72 45.03
CA GLY A 219 -6.38 20.28 45.10
C GLY A 219 -7.10 19.81 43.86
N PHE A 220 -7.26 18.50 43.71
CA PHE A 220 -7.90 17.97 42.49
C PHE A 220 -9.23 17.30 42.76
N SER A 221 -10.19 17.57 41.88
CA SER A 221 -11.48 16.90 41.88
C SER A 221 -12.05 16.91 40.47
N ALA A 222 -12.94 15.96 40.17
CA ALA A 222 -13.57 15.93 38.85
C ALA A 222 -15.07 16.18 38.96
N LEU A 223 -15.61 16.90 37.98
CA LEU A 223 -17.02 17.23 37.94
C LEU A 223 -17.82 16.21 37.12
N GLU A 224 -18.98 15.83 37.64
CA GLU A 224 -19.81 14.82 37.00
C GLU A 224 -20.92 15.48 36.20
N PRO A 225 -21.36 14.86 35.09
CA PRO A 225 -22.48 15.31 34.28
C PRO A 225 -23.76 15.25 35.07
N LEU A 226 -24.57 16.29 34.97
CA LEU A 226 -25.82 16.35 35.72
C LEU A 226 -27.01 16.52 34.78
N VAL A 227 -26.88 17.43 33.82
CA VAL A 227 -27.97 17.76 32.92
C VAL A 227 -27.51 17.81 31.48
N ASP A 228 -28.36 17.37 30.56
CA ASP A 228 -28.08 17.48 29.13
C ASP A 228 -29.34 17.89 28.37
N LEU A 229 -29.38 19.15 27.94
CA LEU A 229 -30.59 19.71 27.34
C LEU A 229 -30.49 19.84 25.81
N PRO A 230 -31.29 19.07 25.06
CA PRO A 230 -31.34 19.03 23.62
C PRO A 230 -32.12 20.20 23.06
N ILE A 231 -31.56 21.40 23.19
CA ILE A 231 -32.30 22.62 22.89
C ILE A 231 -32.08 23.16 21.47
N GLY A 232 -30.83 23.22 21.03
CA GLY A 232 -30.53 23.82 19.74
C GLY A 232 -30.53 25.35 19.80
N ILE A 233 -30.11 25.89 20.94
CA ILE A 233 -30.11 27.34 21.15
C ILE A 233 -28.69 27.93 21.09
N ASN A 234 -28.56 29.05 20.36
CA ASN A 234 -27.30 29.80 20.27
C ASN A 234 -27.05 30.60 21.56
N ILE A 235 -25.87 30.39 22.17
CA ILE A 235 -25.47 31.12 23.37
C ILE A 235 -24.14 31.84 23.15
N THR A 236 -24.15 33.15 23.35
CA THR A 236 -22.95 33.96 23.18
C THR A 236 -22.65 34.80 24.42
N ARG A 237 -23.68 35.01 25.25
CA ARG A 237 -23.56 35.78 26.47
C ARG A 237 -24.31 35.11 27.61
N PHE A 238 -23.91 35.40 28.85
CA PHE A 238 -24.65 34.89 29.99
C PHE A 238 -24.53 35.82 31.20
N GLN A 239 -25.45 35.66 32.16
CA GLN A 239 -25.42 36.46 33.38
C GLN A 239 -25.82 35.64 34.60
N THR A 240 -25.25 35.99 35.75
CA THR A 240 -25.54 35.27 37.00
C THR A 240 -26.65 35.97 37.79
N LEU A 241 -27.62 35.17 38.26
CA LEU A 241 -28.74 35.70 39.02
C LEU A 241 -28.60 35.43 40.52
N LEU A 242 -28.71 36.50 41.32
CA LEU A 242 -28.65 36.43 42.78
C LEU A 242 -30.03 36.70 43.37
N ALA A 264 -19.98 35.72 46.28
CA ALA A 264 -19.00 35.99 45.23
C ALA A 264 -18.81 34.74 44.37
N TYR A 265 -18.37 34.95 43.13
CA TYR A 265 -18.19 33.87 42.16
C TYR A 265 -17.03 34.12 41.22
N TYR A 266 -16.58 33.07 40.57
CA TYR A 266 -15.44 33.12 39.68
C TYR A 266 -15.80 32.65 38.28
N VAL A 267 -15.22 33.27 37.27
CA VAL A 267 -15.48 32.85 35.90
C VAL A 267 -14.20 32.63 35.09
N GLY A 268 -14.09 31.44 34.50
CA GLY A 268 -12.98 31.11 33.62
C GLY A 268 -13.54 30.66 32.28
N TYR A 269 -12.67 30.38 31.33
CA TYR A 269 -13.16 29.94 30.02
C TYR A 269 -12.45 28.70 29.52
N LEU A 270 -13.19 27.89 28.77
CA LEU A 270 -12.66 26.65 28.23
C LEU A 270 -12.02 26.86 26.87
N GLN A 271 -11.08 25.99 26.54
CA GLN A 271 -10.47 26.00 25.21
C GLN A 271 -9.96 24.59 24.91
N PRO A 272 -9.69 24.26 23.65
CA PRO A 272 -9.12 22.99 23.22
C PRO A 272 -7.79 22.72 23.90
N ARG A 273 -7.74 21.64 24.67
CA ARG A 273 -6.53 21.23 25.38
C ARG A 273 -6.44 19.71 25.40
N THR A 274 -5.23 19.19 25.53
CA THR A 274 -5.07 17.76 25.66
C THR A 274 -4.70 17.41 27.10
N PHE A 275 -5.42 16.46 27.67
CA PHE A 275 -5.18 16.02 29.04
C PHE A 275 -4.94 14.54 29.17
N LEU A 276 -4.08 14.17 30.10
CA LEU A 276 -3.91 12.78 30.50
C LEU A 276 -4.63 12.57 31.82
N LEU A 277 -5.66 11.74 31.82
CA LEU A 277 -6.47 11.55 33.02
C LEU A 277 -6.16 10.23 33.70
N LYS A 278 -5.98 10.27 35.02
CA LYS A 278 -5.68 9.08 35.78
C LYS A 278 -6.91 8.53 36.50
N TYR A 279 -7.30 7.32 36.11
CA TYR A 279 -8.43 6.63 36.72
C TYR A 279 -7.96 5.62 37.76
N ASN A 280 -8.69 5.53 38.85
CA ASN A 280 -8.36 4.57 39.91
C ASN A 280 -9.17 3.29 39.77
N GLU A 281 -9.04 2.42 40.76
CA GLU A 281 -9.76 1.15 40.79
C GLU A 281 -11.28 1.32 40.82
N ASN A 282 -11.76 2.42 41.43
CA ASN A 282 -13.17 2.70 41.59
C ASN A 282 -13.79 3.48 40.40
N GLY A 283 -13.01 3.62 39.31
CA GLY A 283 -13.50 4.24 38.08
C GLY A 283 -13.50 5.76 38.12
N THR A 284 -13.00 6.35 39.19
CA THR A 284 -13.03 7.80 39.32
C THR A 284 -11.72 8.41 38.88
N ILE A 285 -11.73 9.70 38.62
CA ILE A 285 -10.52 10.40 38.21
C ILE A 285 -9.84 11.00 39.43
N THR A 286 -8.60 10.62 39.66
CA THR A 286 -7.89 11.06 40.85
C THR A 286 -6.81 12.09 40.53
N ASP A 287 -6.42 12.17 39.26
CA ASP A 287 -5.41 13.15 38.88
C ASP A 287 -5.52 13.51 37.40
N ALA A 288 -4.71 14.46 36.96
CA ALA A 288 -4.70 14.86 35.56
C ALA A 288 -3.44 15.66 35.20
N VAL A 289 -2.99 15.53 33.96
CA VAL A 289 -1.88 16.33 33.46
C VAL A 289 -2.28 17.19 32.28
N ASP A 290 -1.99 18.47 32.39
CA ASP A 290 -2.21 19.41 31.29
C ASP A 290 -1.02 19.37 30.36
N CYS A 291 -1.18 18.75 29.19
CA CYS A 291 -0.09 18.39 28.30
C CYS A 291 0.59 19.61 27.69
N ALA A 292 0.00 20.78 27.86
CA ALA A 292 0.56 21.99 27.27
C ALA A 292 1.02 22.98 28.33
N LEU A 293 1.08 22.54 29.58
CA LEU A 293 1.47 23.41 30.69
C LEU A 293 2.96 23.76 30.68
N ASP A 294 3.80 22.77 30.38
CA ASP A 294 5.25 22.93 30.44
C ASP A 294 5.92 21.65 29.91
N PRO A 295 7.23 21.69 29.58
CA PRO A 295 8.01 20.59 29.03
C PRO A 295 7.93 19.29 29.82
N LEU A 296 7.82 19.38 31.15
CA LEU A 296 7.74 18.18 31.95
C LEU A 296 6.39 17.51 31.79
N SER A 297 5.33 18.31 31.82
CA SER A 297 3.98 17.80 31.64
C SER A 297 3.84 17.22 30.25
N GLU A 298 4.47 17.87 29.27
CA GLU A 298 4.42 17.40 27.89
C GLU A 298 5.08 16.03 27.78
N THR A 299 6.21 15.86 28.46
CA THR A 299 6.92 14.58 28.47
C THR A 299 6.06 13.49 29.09
N LYS A 300 5.41 13.79 30.21
CA LYS A 300 4.54 12.82 30.87
C LYS A 300 3.43 12.32 29.94
N CYS A 301 2.81 13.25 29.20
CA CYS A 301 1.76 12.91 28.24
C CYS A 301 2.32 12.10 27.08
N THR A 302 3.50 12.46 26.62
CA THR A 302 4.14 11.77 25.51
C THR A 302 4.38 10.30 25.86
N LEU A 303 4.82 10.06 27.09
CA LEU A 303 5.13 8.71 27.56
C LEU A 303 3.92 8.02 28.18
N LYS A 304 2.79 8.71 28.19
CA LYS A 304 1.56 8.18 28.78
C LYS A 304 1.77 7.70 30.21
N SER A 305 2.46 8.50 31.02
CA SER A 305 2.72 8.13 32.41
C SER A 305 2.88 9.34 33.31
N PHE A 306 2.44 9.19 34.56
CA PHE A 306 2.58 10.25 35.56
C PHE A 306 3.94 10.19 36.25
N THR A 307 4.71 9.15 35.93
CA THR A 307 6.05 8.99 36.46
C THR A 307 7.05 8.87 35.31
N VAL A 308 8.12 9.65 35.38
CA VAL A 308 9.14 9.63 34.35
C VAL A 308 10.51 9.36 34.97
N GLU A 309 11.22 8.38 34.42
CA GLU A 309 12.53 8.02 34.93
C GLU A 309 13.60 8.93 34.37
N LYS A 310 14.84 8.72 34.77
CA LYS A 310 15.95 9.55 34.31
C LYS A 310 16.27 9.26 32.85
N GLY A 311 16.45 10.33 32.07
CA GLY A 311 16.80 10.17 30.66
C GLY A 311 16.41 11.38 29.83
N ILE A 312 16.63 11.27 28.53
CA ILE A 312 16.28 12.34 27.58
C ILE A 312 15.19 11.84 26.64
N TYR A 313 14.12 12.61 26.51
CA TYR A 313 12.99 12.16 25.70
C TYR A 313 12.60 13.20 24.66
N GLN A 314 12.29 12.75 23.46
CA GLN A 314 11.76 13.66 22.46
C GLN A 314 10.26 13.80 22.62
N THR A 315 9.76 15.00 22.47
CA THR A 315 8.33 15.26 22.61
C THR A 315 7.74 15.75 21.30
N SER A 316 7.87 17.05 21.05
CA SER A 316 7.32 17.66 19.84
C SER A 316 8.40 18.30 18.99
N ASN A 317 7.95 19.06 17.99
CA ASN A 317 8.87 19.73 17.07
C ASN A 317 8.85 21.25 17.24
N PHE A 318 10.00 21.86 16.95
CA PHE A 318 10.15 23.30 16.88
C PHE A 318 10.15 23.75 15.42
N ARG A 319 9.40 24.80 15.12
CA ARG A 319 9.36 25.32 13.76
C ARG A 319 9.23 26.83 13.74
N VAL A 320 10.06 27.48 12.93
CA VAL A 320 9.95 28.91 12.72
C VAL A 320 8.90 29.22 11.67
N GLN A 321 7.94 30.06 12.01
CA GLN A 321 6.87 30.41 11.09
C GLN A 321 7.21 31.67 10.31
N PRO A 322 6.79 31.75 9.04
CA PRO A 322 6.91 32.90 8.17
C PRO A 322 5.95 33.99 8.57
N THR A 323 6.28 35.22 8.21
CA THR A 323 5.41 36.36 8.48
C THR A 323 4.68 36.84 7.23
N GLU A 324 5.22 37.86 6.57
CA GLU A 324 4.57 38.38 5.37
C GLU A 324 4.89 37.55 4.14
N SER A 325 4.31 37.93 3.01
CA SER A 325 4.51 37.24 1.74
C SER A 325 5.10 38.18 0.70
N ILE A 326 6.26 37.81 0.16
CA ILE A 326 6.97 38.65 -0.80
C ILE A 326 6.68 38.22 -2.23
N VAL A 327 5.89 39.02 -2.92
CA VAL A 327 5.51 38.73 -4.30
C VAL A 327 6.13 39.74 -5.25
N ARG A 328 6.91 39.26 -6.21
CA ARG A 328 7.59 40.17 -7.12
C ARG A 328 7.43 39.76 -8.58
N PHE A 329 7.22 40.75 -9.44
CA PHE A 329 7.11 40.53 -10.88
C PHE A 329 7.99 41.51 -11.65
N PRO A 330 8.36 41.20 -12.89
CA PRO A 330 9.09 42.06 -13.80
C PRO A 330 8.35 43.38 -14.03
N ASN A 331 9.10 44.42 -14.37
CA ASN A 331 8.54 45.75 -14.66
C ASN A 331 7.49 45.68 -15.76
N ILE A 332 6.40 46.44 -15.57
CA ILE A 332 5.27 46.45 -16.50
C ILE A 332 5.71 46.74 -17.93
N THR A 333 6.66 47.68 -18.06
CA THR A 333 7.30 48.00 -19.33
C THR A 333 6.39 48.75 -20.30
N ASN A 334 5.26 48.16 -20.67
CA ASN A 334 4.36 48.79 -21.62
C ASN A 334 2.89 48.65 -21.23
N LEU A 335 2.04 49.30 -22.02
CA LEU A 335 0.60 49.26 -21.81
C LEU A 335 -0.14 49.24 -23.13
N CYS A 336 -1.31 48.60 -23.18
CA CYS A 336 -2.20 48.56 -24.31
C CYS A 336 -2.64 49.98 -24.72
N PRO A 337 -2.69 50.28 -26.01
CA PRO A 337 -2.98 51.58 -26.61
C PRO A 337 -4.45 51.95 -26.51
N PHE A 338 -4.97 52.03 -25.30
CA PHE A 338 -6.36 52.40 -25.09
C PHE A 338 -6.55 53.90 -25.32
N GLY A 339 -5.46 54.65 -25.16
CA GLY A 339 -5.49 56.09 -25.36
C GLY A 339 -5.70 56.44 -26.83
N GLU A 340 -5.52 55.45 -27.71
CA GLU A 340 -5.71 55.66 -29.14
C GLU A 340 -7.16 55.38 -29.52
N VAL A 341 -7.94 54.92 -28.55
CA VAL A 341 -9.33 54.57 -28.78
C VAL A 341 -10.26 55.59 -28.13
N PHE A 342 -10.04 55.81 -26.83
CA PHE A 342 -10.92 56.67 -26.04
C PHE A 342 -10.64 58.17 -26.19
N ASN A 343 -9.36 58.52 -26.43
CA ASN A 343 -8.94 59.91 -26.57
C ASN A 343 -8.64 60.29 -28.02
N ALA A 344 -9.22 59.52 -28.96
CA ALA A 344 -9.02 59.72 -30.40
C ALA A 344 -9.64 61.04 -30.86
N THR A 345 -9.03 61.66 -31.86
CA THR A 345 -9.49 62.93 -32.38
C THR A 345 -10.63 62.78 -33.37
N ARG A 346 -10.75 61.59 -33.96
CA ARG A 346 -11.81 61.32 -34.92
C ARG A 346 -12.46 59.97 -34.70
N PHE A 347 -13.78 59.96 -34.71
CA PHE A 347 -14.54 58.72 -34.59
C PHE A 347 -15.28 58.41 -35.88
N ALA A 348 -15.45 57.14 -36.17
CA ALA A 348 -16.14 56.69 -37.37
C ALA A 348 -17.65 56.77 -37.21
N SER A 349 -18.34 56.84 -38.34
CA SER A 349 -19.79 56.79 -38.39
C SER A 349 -20.27 55.41 -37.93
N VAL A 350 -21.48 55.36 -37.37
CA VAL A 350 -21.99 54.11 -36.84
C VAL A 350 -22.22 53.04 -37.91
N TYR A 351 -22.50 53.46 -39.14
CA TYR A 351 -22.71 52.51 -40.22
C TYR A 351 -21.38 51.89 -40.66
N ALA A 352 -20.28 52.52 -40.28
CA ALA A 352 -18.95 52.10 -40.66
C ALA A 352 -18.02 52.15 -39.47
N TRP A 353 -18.38 51.41 -38.43
CA TRP A 353 -17.65 51.48 -37.16
C TRP A 353 -16.21 51.03 -37.32
N ASN A 354 -15.31 51.67 -36.59
CA ASN A 354 -13.89 51.39 -36.70
C ASN A 354 -13.39 50.41 -35.64
N ARG A 355 -12.96 49.24 -36.10
CA ARG A 355 -12.44 48.22 -35.19
C ARG A 355 -10.92 48.26 -35.09
N LYS A 356 -10.41 48.49 -33.88
CA LYS A 356 -8.98 48.44 -33.63
C LYS A 356 -8.65 47.18 -32.84
N ARG A 357 -7.65 46.45 -33.29
CA ARG A 357 -7.23 45.24 -32.59
C ARG A 357 -6.12 45.51 -31.59
N ILE A 358 -6.37 45.14 -30.35
CA ILE A 358 -5.41 45.29 -29.27
C ILE A 358 -4.91 43.92 -28.82
N SER A 359 -3.58 43.74 -28.84
CA SER A 359 -3.00 42.46 -28.49
C SER A 359 -1.53 42.59 -28.08
N ASN A 360 -1.00 41.53 -27.49
CA ASN A 360 0.42 41.48 -27.10
C ASN A 360 0.84 42.66 -26.25
N CYS A 361 0.01 43.01 -25.25
CA CYS A 361 0.25 44.16 -24.37
C CYS A 361 -0.42 43.98 -23.01
N VAL A 362 -0.01 44.83 -22.07
CA VAL A 362 -0.62 44.83 -20.73
C VAL A 362 -1.88 45.67 -20.71
N ALA A 363 -3.00 45.04 -20.39
CA ALA A 363 -4.29 45.72 -20.45
C ALA A 363 -4.76 46.17 -19.08
N ASP A 364 -4.54 47.43 -18.78
CA ASP A 364 -4.94 47.99 -17.49
C ASP A 364 -6.36 48.52 -17.60
N TYR A 365 -7.30 47.87 -16.92
CA TYR A 365 -8.71 48.23 -17.04
C TYR A 365 -9.16 49.07 -15.85
N SER A 366 -8.25 49.30 -14.92
CA SER A 366 -8.57 50.06 -13.71
C SER A 366 -8.62 51.54 -14.02
N VAL A 367 -7.81 51.97 -15.00
CA VAL A 367 -7.76 53.36 -15.37
C VAL A 367 -9.10 53.81 -15.94
N LEU A 368 -9.67 53.01 -16.83
CA LEU A 368 -10.95 53.34 -17.44
C LEU A 368 -12.07 53.25 -16.43
N TYR A 369 -12.07 52.19 -15.65
CA TYR A 369 -13.12 51.95 -14.68
C TYR A 369 -13.27 53.11 -13.70
N ASN A 370 -12.14 53.60 -13.19
CA ASN A 370 -12.17 54.64 -12.17
C ASN A 370 -12.00 56.05 -12.72
N SER A 371 -12.15 56.22 -14.04
CA SER A 371 -12.08 57.56 -14.62
C SER A 371 -13.30 58.38 -14.25
N ALA A 372 -14.44 57.72 -14.12
CA ALA A 372 -15.69 58.38 -13.78
C ALA A 372 -16.00 59.50 -14.78
N SER A 373 -15.67 59.27 -16.03
CA SER A 373 -15.92 60.24 -17.09
C SER A 373 -16.87 59.67 -18.12
N PHE A 374 -17.48 58.53 -17.77
CA PHE A 374 -18.37 57.83 -18.68
C PHE A 374 -19.80 57.84 -18.15
N SER A 375 -20.76 57.93 -19.06
CA SER A 375 -22.17 57.88 -18.67
C SER A 375 -22.64 56.45 -18.62
N THR A 376 -22.02 55.61 -19.43
CA THR A 376 -22.34 54.18 -19.47
C THR A 376 -21.08 53.35 -19.33
N PHE A 377 -21.13 52.35 -18.47
CA PHE A 377 -20.03 51.40 -18.30
C PHE A 377 -20.60 50.05 -17.92
N LYS A 378 -21.07 49.31 -18.93
CA LYS A 378 -21.77 48.06 -18.67
C LYS A 378 -21.00 46.87 -19.24
N CYS A 379 -20.65 45.93 -18.38
CA CYS A 379 -19.88 44.73 -18.74
C CYS A 379 -20.74 43.50 -18.78
N TYR A 380 -20.51 42.65 -19.77
CA TYR A 380 -21.25 41.41 -19.95
C TYR A 380 -20.29 40.23 -20.00
N GLY A 381 -20.51 39.25 -19.13
CA GLY A 381 -19.68 38.05 -19.08
C GLY A 381 -18.49 38.23 -18.15
N VAL A 382 -18.17 39.49 -17.86
CA VAL A 382 -17.07 39.82 -16.97
C VAL A 382 -17.49 40.91 -15.98
N SER A 383 -16.87 40.90 -14.81
CA SER A 383 -17.08 41.99 -13.86
C SER A 383 -16.02 43.07 -14.04
N PRO A 384 -16.40 44.36 -13.99
CA PRO A 384 -15.54 45.53 -14.07
C PRO A 384 -14.36 45.48 -13.10
N THR A 385 -14.52 44.75 -11.99
CA THR A 385 -13.46 44.70 -10.98
C THR A 385 -12.69 43.38 -11.01
N LYS A 386 -13.04 42.50 -11.95
CA LYS A 386 -12.35 41.22 -12.12
C LYS A 386 -11.66 41.15 -13.46
N LEU A 387 -12.17 41.93 -14.42
CA LEU A 387 -11.69 41.98 -15.79
C LEU A 387 -10.19 42.22 -15.85
N ASN A 388 -9.69 43.02 -14.94
CA ASN A 388 -8.28 43.41 -14.89
C ASN A 388 -7.37 42.21 -14.64
N ASP A 389 -7.94 41.14 -14.10
CA ASP A 389 -7.18 39.96 -13.74
C ASP A 389 -7.40 38.80 -14.71
N LEU A 390 -8.02 39.07 -15.84
CA LEU A 390 -8.28 38.03 -16.84
C LEU A 390 -7.35 38.19 -18.04
N CYS A 391 -7.02 37.06 -18.70
CA CYS A 391 -6.18 37.05 -19.89
C CYS A 391 -7.00 36.65 -21.12
N PHE A 392 -6.71 37.32 -22.24
CA PHE A 392 -7.43 37.10 -23.49
C PHE A 392 -6.48 36.92 -24.67
N THR A 393 -6.99 36.32 -25.74
CA THR A 393 -6.22 36.21 -26.98
C THR A 393 -6.28 37.52 -27.75
N ASN A 394 -7.47 38.08 -27.85
CA ASN A 394 -7.67 39.33 -28.58
C ASN A 394 -8.63 40.26 -27.87
N VAL A 395 -8.34 41.55 -27.94
CA VAL A 395 -9.25 42.60 -27.50
C VAL A 395 -9.64 43.47 -28.69
N TYR A 396 -10.93 43.59 -28.95
CA TYR A 396 -11.37 44.38 -30.09
C TYR A 396 -12.13 45.62 -29.67
N ALA A 397 -11.64 46.78 -30.08
CA ALA A 397 -12.25 48.04 -29.71
C ALA A 397 -13.03 48.64 -30.87
N ASP A 398 -14.36 48.54 -30.81
CA ASP A 398 -15.23 49.07 -31.86
C ASP A 398 -15.72 50.47 -31.51
N SER A 399 -15.29 51.47 -32.28
CA SER A 399 -15.64 52.86 -31.96
C SER A 399 -16.58 53.47 -33.00
N PHE A 400 -17.54 54.25 -32.50
CA PHE A 400 -18.51 54.94 -33.36
C PHE A 400 -19.27 56.04 -32.61
N VAL A 401 -19.92 56.93 -33.38
CA VAL A 401 -20.77 57.98 -32.77
C VAL A 401 -22.25 57.80 -33.08
N ILE A 402 -23.06 57.84 -32.03
CA ILE A 402 -24.52 57.73 -32.13
C ILE A 402 -25.21 58.78 -31.25
N ARG A 403 -26.54 58.85 -31.34
CA ARG A 403 -27.29 59.75 -30.48
C ARG A 403 -27.42 59.18 -29.07
N GLY A 404 -27.56 60.04 -28.08
CA GLY A 404 -27.68 59.60 -26.69
C GLY A 404 -28.79 58.56 -26.50
N ASP A 405 -29.92 58.77 -27.15
CA ASP A 405 -31.04 57.84 -27.02
C ASP A 405 -30.75 56.47 -27.61
N GLU A 406 -29.81 56.41 -28.54
CA GLU A 406 -29.51 55.17 -29.24
C GLU A 406 -28.52 54.31 -28.48
N VAL A 407 -28.01 54.84 -27.38
CA VAL A 407 -27.01 54.13 -26.59
C VAL A 407 -27.56 52.81 -26.07
N ARG A 408 -28.85 52.80 -25.73
CA ARG A 408 -29.49 51.61 -25.19
C ARG A 408 -29.49 50.44 -26.18
N GLN A 409 -29.27 50.71 -27.46
CA GLN A 409 -29.27 49.65 -28.46
C GLN A 409 -27.96 48.90 -28.50
N ILE A 410 -26.92 49.46 -27.87
CA ILE A 410 -25.63 48.80 -27.87
C ILE A 410 -25.57 47.85 -26.69
N ALA A 411 -26.24 46.72 -26.85
CA ALA A 411 -26.34 45.70 -25.83
C ALA A 411 -26.83 44.40 -26.46
N PRO A 412 -26.62 43.25 -25.80
CA PRO A 412 -27.18 41.96 -26.15
C PRO A 412 -28.70 41.98 -26.16
N GLY A 413 -29.29 41.31 -27.16
CA GLY A 413 -30.73 41.14 -27.24
C GLY A 413 -31.50 42.41 -27.62
N GLN A 414 -30.84 43.32 -28.33
CA GLN A 414 -31.50 44.57 -28.68
C GLN A 414 -31.91 44.64 -30.14
N THR A 415 -32.90 45.47 -30.42
CA THR A 415 -33.37 45.74 -31.78
C THR A 415 -33.48 47.24 -31.99
N GLY A 416 -33.65 47.66 -33.24
CA GLY A 416 -33.78 49.07 -33.55
C GLY A 416 -32.90 49.46 -34.74
N LYS A 417 -32.94 50.73 -35.12
CA LYS A 417 -32.20 51.18 -36.29
C LYS A 417 -30.71 50.88 -36.20
N ILE A 418 -30.13 51.01 -35.02
CA ILE A 418 -28.71 50.76 -34.88
C ILE A 418 -28.45 49.27 -34.69
N ALA A 419 -29.20 48.66 -33.78
CA ALA A 419 -29.00 47.24 -33.49
C ALA A 419 -29.22 46.38 -34.72
N ASP A 420 -30.15 46.78 -35.59
CA ASP A 420 -30.48 45.97 -36.76
C ASP A 420 -29.70 46.32 -38.03
N TYR A 421 -29.41 47.61 -38.25
CA TYR A 421 -28.82 48.00 -39.53
C TYR A 421 -27.38 48.55 -39.43
N ASN A 422 -26.87 48.79 -38.22
CA ASN A 422 -25.56 49.42 -38.11
C ASN A 422 -24.56 48.61 -37.28
N TYR A 423 -24.90 48.34 -36.04
CA TYR A 423 -23.98 47.65 -35.13
C TYR A 423 -24.71 46.62 -34.28
N LYS A 424 -24.54 45.35 -34.63
CA LYS A 424 -25.23 44.26 -33.95
C LYS A 424 -24.31 43.50 -33.00
N LEU A 425 -24.75 43.33 -31.76
CA LEU A 425 -24.06 42.48 -30.80
C LEU A 425 -24.80 41.16 -30.66
N PRO A 426 -24.08 40.06 -30.43
CA PRO A 426 -24.59 38.74 -30.17
C PRO A 426 -25.21 38.66 -28.79
N ASP A 427 -26.01 37.61 -28.57
CA ASP A 427 -26.69 37.42 -27.30
C ASP A 427 -25.74 36.83 -26.26
N ASP A 428 -24.70 36.14 -26.72
CA ASP A 428 -23.69 35.55 -25.85
C ASP A 428 -22.44 36.41 -25.81
N PHE A 429 -22.63 37.72 -26.03
CA PHE A 429 -21.55 38.69 -26.06
C PHE A 429 -20.77 38.76 -24.76
N THR A 430 -19.44 38.78 -24.88
CA THR A 430 -18.55 38.99 -23.76
C THR A 430 -17.70 40.22 -24.02
N GLY A 431 -17.75 41.19 -23.11
CA GLY A 431 -17.03 42.44 -23.27
C GLY A 431 -17.71 43.57 -22.52
N CYS A 432 -17.21 44.80 -22.69
CA CYS A 432 -17.74 45.97 -21.99
C CYS A 432 -18.14 47.08 -22.96
N VAL A 433 -19.28 47.71 -22.67
CA VAL A 433 -19.77 48.84 -23.46
C VAL A 433 -19.58 50.15 -22.69
N ILE A 434 -18.77 51.04 -23.25
CA ILE A 434 -18.45 52.30 -22.60
C ILE A 434 -18.84 53.48 -23.47
N ALA A 435 -19.53 54.46 -22.89
CA ALA A 435 -19.95 55.63 -23.65
C ALA A 435 -19.88 56.90 -22.82
N TRP A 436 -19.62 58.02 -23.49
CA TRP A 436 -19.59 59.33 -22.83
C TRP A 436 -20.12 60.43 -23.73
N ASN A 437 -20.58 61.51 -23.10
CA ASN A 437 -21.14 62.66 -23.80
C ASN A 437 -20.04 63.46 -24.51
N SER A 438 -20.24 63.74 -25.80
CA SER A 438 -19.28 64.51 -26.58
C SER A 438 -19.93 65.73 -27.21
N ASN A 439 -20.94 66.29 -26.53
CA ASN A 439 -21.71 67.39 -27.08
C ASN A 439 -20.86 68.63 -27.37
N ASN A 440 -19.80 68.82 -26.61
CA ASN A 440 -18.97 70.00 -26.81
C ASN A 440 -17.80 69.74 -27.77
N LEU A 441 -17.78 68.54 -28.35
CA LEU A 441 -16.70 68.19 -29.27
C LEU A 441 -17.21 67.89 -30.67
N ASP A 442 -18.22 67.04 -30.76
CA ASP A 442 -18.71 66.59 -32.06
C ASP A 442 -19.86 67.44 -32.59
N SER A 443 -20.42 68.31 -31.76
CA SER A 443 -21.53 69.15 -32.21
C SER A 443 -21.01 70.42 -32.86
N LYS A 444 -21.77 70.93 -33.82
CA LYS A 444 -21.42 72.17 -34.50
C LYS A 444 -22.59 73.13 -34.48
N VAL A 445 -22.32 74.42 -34.55
CA VAL A 445 -23.39 75.39 -34.60
C VAL A 445 -24.03 75.33 -35.98
N GLY A 446 -25.34 75.08 -36.01
CA GLY A 446 -26.05 74.88 -37.26
C GLY A 446 -26.27 73.39 -37.53
N GLY A 447 -25.54 72.55 -36.80
CA GLY A 447 -25.66 71.09 -36.91
C GLY A 447 -24.47 70.46 -37.63
N ASN A 448 -23.96 69.38 -37.04
CA ASN A 448 -22.89 68.60 -37.65
C ASN A 448 -23.49 67.45 -38.44
N TYR A 449 -23.37 67.52 -39.76
CA TYR A 449 -24.02 66.56 -40.65
C TYR A 449 -23.00 65.62 -41.29
N ASN A 450 -21.82 65.53 -40.68
CA ASN A 450 -20.76 64.68 -41.21
C ASN A 450 -20.86 63.24 -40.71
N TYR A 451 -21.81 62.99 -39.82
CA TYR A 451 -22.03 61.64 -39.31
C TYR A 451 -23.25 61.02 -39.98
N LEU A 452 -23.16 59.73 -40.31
CA LEU A 452 -24.28 59.04 -40.93
C LEU A 452 -24.59 57.70 -40.30
N TYR A 453 -25.82 57.25 -40.50
CA TYR A 453 -26.24 55.92 -40.08
C TYR A 453 -27.05 55.26 -41.20
N ARG A 454 -27.13 53.94 -41.19
CA ARG A 454 -27.92 53.23 -42.17
C ARG A 454 -29.39 53.27 -41.81
N LEU A 455 -30.21 53.75 -42.74
CA LEU A 455 -31.64 53.90 -42.53
C LEU A 455 -32.40 52.72 -43.11
N PHE A 456 -31.99 52.27 -44.30
CA PHE A 456 -32.67 51.16 -44.96
C PHE A 456 -31.76 49.99 -45.24
N ARG A 457 -32.29 48.78 -45.08
CA ARG A 457 -31.58 47.56 -45.42
C ARG A 457 -32.57 46.43 -45.67
N LYS A 458 -32.25 45.58 -46.64
CA LYS A 458 -33.09 44.44 -47.00
C LYS A 458 -33.29 43.45 -45.86
N SER A 459 -32.25 43.27 -45.05
CA SER A 459 -32.26 42.33 -43.94
C SER A 459 -31.42 42.85 -42.78
N ASN A 460 -31.46 42.16 -41.65
CA ASN A 460 -30.73 42.61 -40.47
C ASN A 460 -29.31 42.07 -40.49
N LEU A 461 -28.42 42.76 -39.78
CA LEU A 461 -27.02 42.38 -39.71
C LEU A 461 -26.77 41.21 -38.75
N LYS A 462 -25.72 40.45 -39.05
CA LYS A 462 -25.21 39.44 -38.13
C LYS A 462 -24.31 40.14 -37.11
N PRO A 463 -24.05 39.51 -35.96
CA PRO A 463 -23.17 40.00 -34.92
C PRO A 463 -21.82 40.42 -35.49
N PHE A 464 -21.41 41.64 -35.16
CA PHE A 464 -20.15 42.22 -35.59
C PHE A 464 -19.99 42.29 -37.11
N GLU A 465 -21.11 42.31 -37.83
CA GLU A 465 -21.07 42.49 -39.27
C GLU A 465 -21.15 43.96 -39.63
N ARG A 466 -20.49 44.35 -40.70
CA ARG A 466 -20.58 45.72 -41.18
C ARG A 466 -21.02 45.80 -42.63
N ASP A 467 -21.67 46.90 -42.98
CA ASP A 467 -22.12 47.15 -44.35
C ASP A 467 -21.93 48.61 -44.73
N ILE A 468 -21.01 48.86 -45.65
CA ILE A 468 -20.69 50.24 -46.04
C ILE A 468 -21.10 50.52 -47.48
N SER A 469 -22.00 49.70 -48.02
CA SER A 469 -22.53 49.88 -49.36
C SER A 469 -23.40 51.12 -49.47
N THR A 470 -23.38 51.75 -50.64
CA THR A 470 -24.21 52.93 -50.91
C THR A 470 -25.28 52.63 -51.97
N GLU A 471 -25.53 51.34 -52.20
CA GLU A 471 -26.55 50.93 -53.17
C GLU A 471 -27.92 51.47 -52.82
N ILE A 472 -28.60 52.05 -53.81
CA ILE A 472 -29.92 52.65 -53.58
C ILE A 472 -30.94 51.61 -53.17
N TYR A 473 -31.68 51.91 -52.11
CA TYR A 473 -32.67 51.01 -51.56
C TYR A 473 -34.01 51.11 -52.29
N GLN A 474 -34.55 49.96 -52.65
CA GLN A 474 -35.85 49.91 -53.31
C GLN A 474 -36.97 49.69 -52.31
N ALA A 475 -37.83 50.69 -52.16
CA ALA A 475 -38.92 50.62 -51.21
C ALA A 475 -40.17 50.03 -51.84
N GLY A 476 -40.32 50.25 -53.14
CA GLY A 476 -41.50 49.78 -53.86
C GLY A 476 -41.19 48.55 -54.70
N SER A 477 -41.98 48.34 -55.75
CA SER A 477 -41.81 47.20 -56.64
C SER A 477 -41.06 47.62 -57.89
N THR A 478 -40.98 48.93 -58.11
CA THR A 478 -40.33 49.50 -59.28
C THR A 478 -38.83 49.59 -59.05
N PRO A 479 -38.00 49.05 -59.95
CA PRO A 479 -36.55 49.00 -59.85
C PRO A 479 -35.96 50.39 -59.84
N CYS A 480 -34.88 50.57 -59.07
CA CYS A 480 -34.22 51.87 -58.92
C CYS A 480 -33.12 52.05 -59.95
N ASN A 481 -32.47 50.95 -60.31
CA ASN A 481 -31.37 50.99 -61.26
C ASN A 481 -30.27 51.94 -60.82
N GLY A 482 -30.05 52.03 -59.51
CA GLY A 482 -28.99 52.88 -58.96
C GLY A 482 -29.41 54.34 -58.85
N VAL A 483 -30.67 54.65 -59.13
CA VAL A 483 -31.14 56.02 -59.11
C VAL A 483 -32.13 56.29 -57.98
N GLU A 484 -31.81 57.28 -57.15
CA GLU A 484 -32.71 57.69 -56.07
C GLU A 484 -33.88 58.47 -56.65
N GLY A 485 -35.06 58.29 -56.07
CA GLY A 485 -36.26 58.93 -56.60
C GLY A 485 -37.53 58.36 -55.99
N PHE A 486 -38.58 58.26 -56.79
CA PHE A 486 -39.85 57.76 -56.29
C PHE A 486 -39.73 56.28 -55.93
N ASN A 487 -40.05 55.98 -54.68
CA ASN A 487 -39.93 54.63 -54.11
C ASN A 487 -38.48 54.11 -54.03
N CYS A 488 -37.50 55.03 -54.10
CA CYS A 488 -36.07 54.71 -54.03
C CYS A 488 -35.34 55.67 -53.11
N TYR A 489 -34.57 55.14 -52.18
CA TYR A 489 -33.88 55.98 -51.20
C TYR A 489 -32.38 55.71 -51.12
N PHE A 490 -31.61 56.74 -50.83
CA PHE A 490 -30.21 56.52 -50.49
C PHE A 490 -30.20 55.82 -49.13
N PRO A 491 -29.46 54.72 -48.99
CA PRO A 491 -29.47 53.83 -47.84
C PRO A 491 -29.06 54.52 -46.53
N LEU A 492 -28.26 55.57 -46.63
CA LEU A 492 -27.78 56.28 -45.44
C LEU A 492 -28.53 57.57 -45.19
N GLN A 493 -28.55 57.98 -43.92
CA GLN A 493 -29.12 59.27 -43.52
C GLN A 493 -28.18 59.94 -42.53
N SER A 494 -28.14 61.27 -42.56
CA SER A 494 -27.21 62.02 -41.72
C SER A 494 -27.80 62.34 -40.36
N TYR A 495 -26.91 62.60 -39.41
CA TYR A 495 -27.28 63.12 -38.09
C TYR A 495 -27.24 64.63 -38.11
N GLY A 496 -27.93 65.26 -37.16
CA GLY A 496 -27.86 66.70 -37.01
C GLY A 496 -27.45 67.08 -35.59
N PHE A 497 -26.16 66.99 -35.29
CA PHE A 497 -25.69 67.28 -33.94
C PHE A 497 -25.32 68.74 -33.74
N GLN A 498 -26.04 69.42 -32.85
CA GLN A 498 -25.76 70.82 -32.53
C GLN A 498 -25.78 70.99 -31.00
N PRO A 499 -25.05 71.97 -30.46
CA PRO A 499 -24.88 72.24 -29.03
C PRO A 499 -26.20 72.38 -28.26
N THR A 500 -27.26 72.78 -28.96
CA THR A 500 -28.55 73.03 -28.33
C THR A 500 -29.50 71.83 -28.35
N ASN A 501 -29.02 70.69 -28.85
CA ASN A 501 -29.86 69.50 -28.85
C ASN A 501 -30.12 69.00 -27.44
N GLY A 502 -31.29 68.40 -27.24
CA GLY A 502 -31.59 67.77 -25.96
C GLY A 502 -30.66 66.59 -25.76
N VAL A 503 -30.51 66.14 -24.52
CA VAL A 503 -29.50 65.12 -24.22
C VAL A 503 -29.70 63.85 -25.04
N GLY A 504 -30.95 63.51 -25.36
CA GLY A 504 -31.23 62.32 -26.16
C GLY A 504 -30.70 62.48 -27.58
N TYR A 505 -30.55 63.73 -28.01
CA TYR A 505 -30.12 64.03 -29.36
C TYR A 505 -28.71 64.60 -29.37
N GLN A 506 -28.04 64.56 -28.23
CA GLN A 506 -26.64 64.94 -28.16
C GLN A 506 -25.82 63.73 -28.58
N PRO A 507 -24.67 63.93 -29.21
CA PRO A 507 -23.75 62.90 -29.65
C PRO A 507 -23.07 62.21 -28.49
N TYR A 508 -22.91 60.91 -28.61
CA TYR A 508 -22.13 60.13 -27.66
C TYR A 508 -21.09 59.29 -28.38
N ARG A 509 -19.91 59.24 -27.81
CA ARG A 509 -18.84 58.42 -28.35
C ARG A 509 -18.87 57.07 -27.67
N VAL A 510 -19.01 56.02 -28.47
CA VAL A 510 -19.17 54.69 -27.91
C VAL A 510 -18.01 53.79 -28.28
N VAL A 511 -17.46 53.12 -27.28
CA VAL A 511 -16.43 52.13 -27.49
C VAL A 511 -16.84 50.79 -26.90
N VAL A 512 -16.84 49.76 -27.72
CA VAL A 512 -17.15 48.42 -27.23
C VAL A 512 -15.91 47.56 -27.24
N LEU A 513 -15.55 47.03 -26.08
CA LEU A 513 -14.38 46.18 -25.96
C LEU A 513 -14.80 44.72 -25.92
N SER A 514 -14.65 44.04 -27.04
CA SER A 514 -15.07 42.64 -27.17
C SER A 514 -13.91 41.71 -26.87
N PHE A 515 -14.18 40.66 -26.12
CA PHE A 515 -13.10 39.76 -25.72
C PHE A 515 -13.27 38.34 -26.27
N GLU A 516 -12.14 37.73 -26.62
CA GLU A 516 -12.14 36.32 -26.99
C GLU A 516 -10.86 35.61 -26.55
N LEU A 517 -10.97 34.31 -26.31
CA LEU A 517 -9.82 33.48 -26.02
C LEU A 517 -9.89 32.19 -26.84
N LEU A 518 -8.81 31.87 -27.53
CA LEU A 518 -8.75 30.71 -28.41
C LEU A 518 -7.76 29.66 -27.89
N HIS A 519 -7.10 28.97 -28.81
CA HIS A 519 -6.11 27.96 -28.45
C HIS A 519 -4.77 28.62 -28.17
N ALA A 520 -4.70 29.91 -28.49
CA ALA A 520 -3.49 30.71 -28.34
C ALA A 520 -3.13 30.85 -26.86
N PRO A 521 -1.86 31.17 -26.55
CA PRO A 521 -1.31 31.46 -25.24
C PRO A 521 -2.10 32.51 -24.46
N ALA A 522 -2.81 33.40 -25.16
CA ALA A 522 -3.56 34.48 -24.52
C ALA A 522 -2.60 35.47 -23.89
N THR A 523 -2.09 36.39 -24.72
CA THR A 523 -1.00 37.27 -24.32
C THR A 523 -1.47 38.61 -23.77
N VAL A 524 -2.79 38.82 -23.72
CA VAL A 524 -3.29 40.09 -23.22
C VAL A 524 -3.80 39.94 -21.79
N CYS A 525 -2.98 40.37 -20.83
CA CYS A 525 -3.27 40.24 -19.40
C CYS A 525 -3.13 41.62 -18.76
N GLY A 526 -3.82 41.84 -17.64
CA GLY A 526 -3.66 43.11 -16.96
C GLY A 526 -2.35 43.12 -16.17
N PRO A 527 -2.02 44.25 -15.54
CA PRO A 527 -0.83 44.48 -14.74
C PRO A 527 -0.76 43.54 -13.55
N LYS A 528 0.45 43.08 -13.25
CA LYS A 528 0.66 42.27 -12.05
C LYS A 528 1.36 43.11 -10.99
N LYS A 529 0.64 43.41 -9.91
CA LYS A 529 1.17 44.27 -8.86
C LYS A 529 2.18 43.51 -8.01
N SER A 530 3.18 44.22 -7.52
CA SER A 530 4.22 43.62 -6.69
C SER A 530 4.47 44.41 -5.42
N THR A 531 5.22 43.78 -4.51
CA THR A 531 5.60 44.42 -3.26
C THR A 531 7.12 44.54 -3.14
N ASN A 532 7.60 44.98 -1.98
CA ASN A 532 9.01 45.21 -1.77
C ASN A 532 9.71 43.89 -1.43
N LEU A 533 11.02 43.96 -1.22
CA LEU A 533 11.78 42.75 -0.90
C LEU A 533 12.27 42.74 0.53
N VAL A 534 11.97 41.65 1.23
CA VAL A 534 12.42 41.47 2.59
C VAL A 534 13.44 40.34 2.68
N LYS A 535 14.60 40.64 3.24
CA LYS A 535 15.67 39.67 3.36
C LYS A 535 16.01 39.36 4.82
N ASN A 536 16.63 38.20 5.02
CA ASN A 536 17.09 37.74 6.33
C ASN A 536 15.96 37.47 7.32
N LYS A 537 14.78 37.21 6.80
CA LYS A 537 13.64 36.83 7.63
C LYS A 537 12.92 35.65 6.99
N CYS A 538 12.21 34.88 7.83
CA CYS A 538 11.39 33.77 7.31
C CYS A 538 10.11 34.33 6.70
N VAL A 539 9.97 34.13 5.39
CA VAL A 539 8.83 34.68 4.66
C VAL A 539 8.22 33.68 3.70
N ASN A 540 7.02 33.99 3.24
CA ASN A 540 6.44 33.31 2.10
C ASN A 540 6.83 34.11 0.87
N PHE A 541 6.82 33.50 -0.30
CA PHE A 541 7.17 34.27 -1.49
C PHE A 541 6.62 33.74 -2.80
N ASN A 542 6.64 34.60 -3.80
CA ASN A 542 6.29 34.28 -5.18
C ASN A 542 7.12 35.12 -6.14
N PHE A 543 8.11 34.51 -6.78
CA PHE A 543 8.96 35.22 -7.71
C PHE A 543 8.61 34.88 -9.15
N ASN A 544 7.87 35.77 -9.78
CA ASN A 544 7.44 35.59 -11.16
C ASN A 544 6.82 34.21 -11.39
N GLY A 545 5.98 33.77 -10.46
CA GLY A 545 5.29 32.50 -10.59
C GLY A 545 5.92 31.38 -9.77
N LEU A 546 7.14 31.60 -9.28
CA LEU A 546 7.81 30.58 -8.48
C LEU A 546 7.51 30.78 -7.00
N THR A 547 6.65 29.92 -6.47
CA THR A 547 6.20 30.06 -5.09
C THR A 547 7.02 29.20 -4.13
N GLY A 548 6.93 29.51 -2.85
CA GLY A 548 7.59 28.71 -1.83
C GLY A 548 7.69 29.48 -0.51
N THR A 549 8.52 28.95 0.39
CA THR A 549 8.74 29.57 1.69
C THR A 549 10.19 29.36 2.13
N GLY A 550 10.69 30.32 2.91
CA GLY A 550 12.05 30.22 3.43
C GLY A 550 12.64 31.60 3.65
N VAL A 551 13.91 31.63 4.05
CA VAL A 551 14.61 32.87 4.30
C VAL A 551 15.39 33.28 3.06
N LEU A 552 15.19 34.51 2.63
CA LEU A 552 15.86 35.03 1.44
C LEU A 552 17.10 35.82 1.81
N THR A 553 18.25 35.41 1.29
CA THR A 553 19.50 36.11 1.58
C THR A 553 20.23 36.45 0.30
N GLU A 554 21.17 37.39 0.38
CA GLU A 554 21.96 37.75 -0.79
C GLU A 554 22.95 36.64 -1.10
N SER A 555 23.05 36.27 -2.38
CA SER A 555 23.94 35.18 -2.78
C SER A 555 25.26 35.68 -3.33
N ASN A 556 26.17 34.74 -3.55
CA ASN A 556 27.42 35.02 -4.23
C ASN A 556 27.49 34.21 -5.53
N LYS A 557 26.31 33.94 -6.10
CA LYS A 557 26.19 33.02 -7.23
C LYS A 557 26.15 33.73 -8.60
N LYS A 558 26.38 32.96 -9.67
CA LYS A 558 26.28 33.46 -11.05
C LYS A 558 25.24 32.73 -11.88
N PHE A 559 24.18 33.43 -12.21
CA PHE A 559 23.23 32.88 -13.18
C PHE A 559 23.55 33.40 -14.55
N LEU A 560 23.24 32.62 -15.58
CA LEU A 560 23.42 33.07 -16.95
C LEU A 560 22.31 34.07 -17.30
N PRO A 561 22.52 34.94 -18.29
CA PRO A 561 21.61 36.00 -18.72
C PRO A 561 20.18 35.54 -18.99
N PHE A 562 20.00 34.26 -19.26
CA PHE A 562 18.68 33.73 -19.58
C PHE A 562 18.09 32.85 -18.49
N GLN A 563 18.79 32.70 -17.38
CA GLN A 563 18.34 31.83 -16.30
C GLN A 563 17.60 32.60 -15.21
N GLN A 564 16.54 32.00 -14.68
CA GLN A 564 15.70 32.67 -13.71
C GLN A 564 15.82 32.12 -12.29
N PHE A 565 16.09 30.83 -12.16
CA PHE A 565 16.23 30.21 -10.84
C PHE A 565 17.11 29.00 -10.91
N GLY A 566 17.64 28.56 -9.77
CA GLY A 566 18.53 27.42 -9.76
C GLY A 566 17.98 26.27 -8.95
N ARG A 567 18.62 25.11 -9.07
CA ARG A 567 18.22 23.94 -8.31
C ARG A 567 19.41 23.21 -7.69
N ASP A 568 19.13 22.49 -6.61
CA ASP A 568 20.11 21.64 -5.93
C ASP A 568 20.12 20.24 -6.52
N ILE A 569 20.96 19.37 -5.99
CA ILE A 569 21.02 17.97 -6.42
C ILE A 569 19.71 17.26 -6.16
N ALA A 570 18.95 17.79 -5.20
CA ALA A 570 17.66 17.23 -4.82
C ALA A 570 16.57 17.70 -5.77
N ASP A 571 16.95 18.53 -6.74
CA ASP A 571 16.03 19.12 -7.71
C ASP A 571 15.11 20.16 -7.07
N THR A 572 15.45 20.58 -5.85
CA THR A 572 14.70 21.62 -5.19
C THR A 572 15.30 22.98 -5.54
N THR A 573 14.50 24.04 -5.39
CA THR A 573 14.99 25.38 -5.69
C THR A 573 15.86 25.90 -4.57
N ASP A 574 17.04 26.41 -4.92
CA ASP A 574 17.93 26.94 -3.89
C ASP A 574 18.31 28.39 -4.13
N ALA A 575 17.83 28.96 -5.22
CA ALA A 575 18.13 30.35 -5.54
C ALA A 575 17.17 30.87 -6.61
N VAL A 576 16.87 32.17 -6.54
CA VAL A 576 16.03 32.82 -7.55
C VAL A 576 16.60 34.16 -7.98
N ARG A 577 16.23 34.59 -9.18
CA ARG A 577 16.57 35.92 -9.67
C ARG A 577 15.46 36.91 -9.37
N ASP A 578 15.83 38.08 -8.86
CA ASP A 578 14.85 39.13 -8.61
C ASP A 578 14.43 39.79 -9.94
N PRO A 579 13.15 39.70 -10.29
CA PRO A 579 12.59 40.06 -11.57
C PRO A 579 12.67 41.57 -11.89
N GLN A 580 12.91 42.39 -10.88
CA GLN A 580 12.96 43.83 -11.08
C GLN A 580 14.36 44.40 -10.90
N THR A 581 15.19 43.68 -10.13
CA THR A 581 16.47 44.21 -9.72
C THR A 581 17.62 43.45 -10.39
N LEU A 582 17.33 42.23 -10.85
CA LEU A 582 18.31 41.34 -11.47
C LEU A 582 19.43 40.91 -10.53
N GLU A 583 19.11 40.73 -9.25
CA GLU A 583 20.05 40.19 -8.28
C GLU A 583 19.75 38.73 -8.02
N ILE A 584 20.75 37.98 -7.56
CA ILE A 584 20.52 36.57 -7.24
C ILE A 584 20.42 36.38 -5.73
N LEU A 585 19.32 35.75 -5.32
CA LEU A 585 19.07 35.46 -3.91
C LEU A 585 19.15 33.97 -3.63
N ASP A 586 19.62 33.62 -2.45
CA ASP A 586 19.63 32.23 -2.00
C ASP A 586 18.43 31.96 -1.13
N ILE A 587 17.93 30.73 -1.19
CA ILE A 587 16.81 30.35 -0.33
C ILE A 587 17.21 29.31 0.70
N THR A 588 17.12 29.70 1.97
CA THR A 588 17.43 28.78 3.06
C THR A 588 16.15 28.46 3.82
N PRO A 589 15.76 27.19 3.92
CA PRO A 589 14.58 26.72 4.62
C PRO A 589 14.56 27.26 6.04
N CYS A 590 13.37 27.62 6.53
CA CYS A 590 13.20 28.16 7.87
C CYS A 590 13.53 27.09 8.90
N SER A 591 14.25 27.46 9.94
CA SER A 591 14.74 26.49 10.91
C SER A 591 13.63 25.64 11.52
N PHE A 592 13.93 24.36 11.68
CA PHE A 592 13.05 23.43 12.34
C PHE A 592 13.89 22.31 12.94
N GLY A 593 13.33 21.58 13.88
CA GLY A 593 14.02 20.44 14.47
C GLY A 593 13.25 19.91 15.66
N GLY A 594 13.66 18.76 16.16
CA GLY A 594 12.97 18.16 17.30
C GLY A 594 13.32 18.87 18.59
N VAL A 595 12.48 18.69 19.59
CA VAL A 595 12.74 19.21 20.93
C VAL A 595 12.76 18.07 21.92
N SER A 596 13.84 17.98 22.68
CA SER A 596 13.97 16.91 23.67
C SER A 596 14.07 17.48 25.08
N VAL A 597 13.44 16.79 26.02
CA VAL A 597 13.45 17.22 27.41
C VAL A 597 14.36 16.33 28.24
N ILE A 598 15.28 16.95 28.96
CA ILE A 598 16.23 16.26 29.80
C ILE A 598 15.77 16.27 31.24
N THR A 599 15.60 15.10 31.81
CA THR A 599 15.12 15.02 33.18
C THR A 599 15.93 14.01 34.00
N PRO A 600 16.18 14.30 35.29
CA PRO A 600 16.79 13.45 36.27
C PRO A 600 15.82 12.38 36.76
N GLY A 601 14.56 12.52 36.39
CA GLY A 601 13.51 11.64 36.88
C GLY A 601 12.64 12.37 37.90
N THR A 602 11.34 12.09 37.87
CA THR A 602 10.35 12.77 38.70
C THR A 602 10.43 12.43 40.19
N ASN A 603 11.25 11.43 40.54
CA ASN A 603 11.54 11.03 41.91
C ASN A 603 12.74 11.72 42.46
N THR A 604 13.40 12.59 41.66
CA THR A 604 14.57 13.36 42.04
C THR A 604 14.26 14.85 42.01
N SER A 605 13.71 15.31 40.89
CA SER A 605 13.42 16.72 40.72
C SER A 605 12.46 16.99 39.57
N ASN A 606 11.66 18.05 39.70
CA ASN A 606 10.75 18.45 38.65
C ASN A 606 11.38 19.51 37.76
N GLN A 607 12.68 19.72 37.95
CA GLN A 607 13.43 20.65 37.11
C GLN A 607 13.93 19.93 35.86
N VAL A 608 13.72 20.53 34.70
CA VAL A 608 14.20 19.94 33.46
C VAL A 608 14.96 20.94 32.61
N ALA A 609 15.73 20.42 31.67
CA ALA A 609 16.41 21.25 30.68
C ALA A 609 15.86 20.90 29.30
N VAL A 610 15.80 21.88 28.40
CA VAL A 610 15.23 21.63 27.09
C VAL A 610 16.23 21.82 25.97
N LEU A 611 16.34 20.81 25.12
CA LEU A 611 17.25 20.84 23.99
C LEU A 611 16.53 21.05 22.68
N TYR A 612 16.92 22.09 21.97
CA TYR A 612 16.39 22.37 20.64
C TYR A 612 17.40 21.92 19.59
N GLN A 613 17.05 20.92 18.81
CA GLN A 613 18.00 20.26 17.93
C GLN A 613 18.41 21.07 16.72
N ASP A 614 19.70 21.04 16.39
CA ASP A 614 20.24 21.62 15.16
C ASP A 614 19.70 22.99 14.90
N VAL A 615 19.76 23.88 15.87
CA VAL A 615 19.25 25.21 15.67
C VAL A 615 20.12 26.25 16.38
N ASN A 616 20.19 27.41 15.79
CA ASN A 616 20.82 28.58 16.39
C ASN A 616 20.04 29.08 17.59
N CYS A 617 20.69 29.22 18.75
CA CYS A 617 20.06 29.68 19.98
C CYS A 617 19.47 31.07 19.80
N THR A 618 19.90 31.77 18.76
CA THR A 618 19.49 33.11 18.50
C THR A 618 18.07 33.16 17.94
N GLU A 619 17.60 32.00 17.53
CA GLU A 619 16.29 31.87 16.91
C GLU A 619 15.21 31.33 17.85
N VAL A 620 15.61 30.60 18.91
CA VAL A 620 14.67 29.99 19.86
C VAL A 620 14.08 31.06 20.79
N ASN A 641 19.95 29.72 31.75
CA ASN A 641 21.24 29.59 31.06
C ASN A 641 21.05 29.01 29.66
N VAL A 642 21.65 29.68 28.66
CA VAL A 642 21.59 29.23 27.26
C VAL A 642 22.97 28.80 26.77
N PHE A 643 23.08 27.53 26.41
CA PHE A 643 24.34 26.96 25.98
C PHE A 643 24.27 26.44 24.55
N GLN A 644 25.07 27.02 23.67
CA GLN A 644 25.08 26.61 22.26
C GLN A 644 26.12 25.54 22.03
N THR A 645 25.68 24.38 21.55
CA THR A 645 26.59 23.28 21.26
C THR A 645 26.33 22.69 19.88
N ARG A 646 27.01 21.61 19.56
CA ARG A 646 26.90 20.96 18.26
C ARG A 646 25.58 20.22 18.10
N ALA A 647 25.09 19.63 19.18
CA ALA A 647 23.85 18.89 19.15
C ALA A 647 22.68 19.82 18.87
N GLY A 648 22.76 21.03 19.41
CA GLY A 648 21.68 22.00 19.29
C GLY A 648 21.79 23.04 20.39
N CYS A 649 20.70 23.75 20.67
CA CYS A 649 20.65 24.79 21.69
C CYS A 649 20.09 24.21 22.99
N LEU A 650 20.92 24.21 24.03
CA LEU A 650 20.50 23.64 25.30
C LEU A 650 20.15 24.74 26.31
N ILE A 651 18.91 24.76 26.74
CA ILE A 651 18.45 25.81 27.63
C ILE A 651 18.02 25.27 28.99
N GLY A 652 18.58 25.84 30.05
CA GLY A 652 18.24 25.47 31.42
C GLY A 652 19.37 24.73 32.13
N ALA A 653 20.33 24.22 31.37
CA ALA A 653 21.46 23.52 31.95
C ALA A 653 22.65 24.45 32.09
N GLU A 654 23.39 24.32 33.19
CA GLU A 654 24.59 25.13 33.40
C GLU A 654 25.83 24.40 32.93
N HIS A 655 26.54 24.97 31.98
CA HIS A 655 27.77 24.36 31.49
C HIS A 655 28.91 24.54 32.48
N VAL A 656 29.68 23.48 32.68
CA VAL A 656 30.83 23.54 33.58
C VAL A 656 32.10 23.03 32.90
N ASN A 657 33.26 23.40 33.43
CA ASN A 657 34.56 23.00 32.89
C ASN A 657 35.04 21.65 33.43
N ASN A 658 34.26 21.04 34.34
CA ASN A 658 34.59 19.77 34.95
C ASN A 658 33.95 18.62 34.20
N SER A 659 34.78 17.67 33.76
CA SER A 659 34.27 16.51 33.06
C SER A 659 33.90 15.42 34.06
N TYR A 660 32.96 14.56 33.66
CA TYR A 660 32.52 13.46 34.51
C TYR A 660 32.12 12.28 33.66
N GLU A 661 31.76 11.17 34.29
CA GLU A 661 31.22 10.05 33.55
C GLU A 661 29.87 10.45 32.97
N CYS A 662 29.61 10.03 31.72
CA CYS A 662 28.35 10.42 31.05
C CYS A 662 27.15 9.74 31.73
N ASP A 663 26.12 10.58 31.96
CA ASP A 663 24.89 10.10 32.57
C ASP A 663 23.77 10.14 31.54
N ILE A 664 23.26 11.33 31.25
CA ILE A 664 22.28 11.47 30.17
C ILE A 664 22.95 12.07 28.95
N PRO A 665 23.14 11.29 27.88
CA PRO A 665 23.87 11.67 26.69
C PRO A 665 23.08 12.69 25.88
N ILE A 666 23.77 13.69 25.36
CA ILE A 666 23.17 14.65 24.46
C ILE A 666 23.69 14.48 23.05
N GLY A 667 25.01 14.39 22.91
CA GLY A 667 25.63 14.22 21.61
C GLY A 667 26.87 15.08 21.46
N ALA A 668 27.74 14.69 20.53
CA ALA A 668 28.95 15.44 20.23
C ALA A 668 29.83 15.60 21.45
N GLY A 669 29.90 14.56 22.27
CA GLY A 669 30.78 14.55 23.43
C GLY A 669 30.15 15.21 24.66
N ILE A 670 28.94 15.74 24.51
CA ILE A 670 28.28 16.42 25.61
C ILE A 670 27.24 15.53 26.30
N CYS A 671 27.29 15.51 27.63
CA CYS A 671 26.33 14.81 28.48
C CYS A 671 25.81 15.75 29.56
N ALA A 672 24.69 15.40 30.16
CA ALA A 672 24.11 16.20 31.24
C ALA A 672 23.80 15.35 32.46
N SER A 673 23.79 15.98 33.62
CA SER A 673 23.45 15.30 34.86
C SER A 673 22.90 16.26 35.91
N TYR A 674 22.31 15.70 36.96
CA TYR A 674 21.77 16.50 38.05
C TYR A 674 22.60 16.31 39.30
N GLN A 675 23.11 17.41 39.84
CA GLN A 675 24.00 17.34 40.99
C GLN A 675 24.04 18.67 41.75
N THR A 676 24.81 18.69 42.86
CA THR A 676 25.01 19.90 43.67
C THR A 676 25.91 20.89 42.93
N GLN A 690 20.25 22.05 44.23
CA GLN A 690 20.99 21.36 43.17
C GLN A 690 20.52 21.90 41.82
N SER A 691 21.15 21.44 40.72
CA SER A 691 20.80 21.90 39.38
C SER A 691 21.24 20.92 38.30
N ILE A 692 20.81 21.15 37.08
CA ILE A 692 21.21 20.38 35.91
C ILE A 692 22.42 21.02 35.25
N ILE A 693 23.45 20.24 34.98
CA ILE A 693 24.64 20.77 34.35
C ILE A 693 24.96 20.07 33.05
N ALA A 694 25.77 20.73 32.22
CA ALA A 694 26.25 20.16 30.97
C ALA A 694 27.77 20.16 30.96
N TYR A 695 28.35 19.09 30.42
CA TYR A 695 29.80 18.97 30.40
C TYR A 695 30.28 18.03 29.30
N THR A 696 31.57 18.12 28.98
CA THR A 696 32.17 17.15 28.08
C THR A 696 32.49 15.88 28.85
N MET A 697 32.04 14.75 28.34
CA MET A 697 32.17 13.49 29.05
C MET A 697 33.61 13.01 29.14
N SER A 698 33.92 12.34 30.24
CA SER A 698 35.21 11.70 30.45
C SER A 698 35.19 10.29 29.84
N LEU A 699 36.33 9.85 29.35
CA LEU A 699 36.41 8.51 28.78
C LEU A 699 36.97 7.52 29.77
N GLY A 700 37.22 7.97 30.99
CA GLY A 700 37.78 7.12 32.03
C GLY A 700 38.94 7.81 32.73
N ALA A 701 39.40 7.19 33.81
CA ALA A 701 40.52 7.73 34.58
C ALA A 701 41.78 7.68 33.76
N GLU A 702 42.66 8.64 33.97
CA GLU A 702 43.97 8.63 33.32
C GLU A 702 44.96 7.83 34.13
N ASN A 703 45.71 6.96 33.46
CA ASN A 703 46.75 6.18 34.11
C ASN A 703 47.91 5.94 33.17
N SER A 704 48.94 5.27 33.68
CA SER A 704 50.08 4.92 32.86
C SER A 704 50.75 3.68 33.42
N VAL A 705 51.46 2.97 32.56
CA VAL A 705 52.21 1.81 32.96
C VAL A 705 53.67 2.18 33.18
N ALA A 706 54.24 1.77 34.30
CA ALA A 706 55.62 2.11 34.61
C ALA A 706 56.57 1.24 33.80
N TYR A 707 56.56 1.46 32.50
CA TYR A 707 57.34 0.66 31.57
C TYR A 707 58.81 0.96 31.68
N SER A 708 59.61 -0.09 31.70
CA SER A 708 61.05 -0.01 31.69
C SER A 708 61.59 -1.30 31.09
N ASN A 709 62.74 -1.23 30.43
CA ASN A 709 63.28 -2.36 29.66
C ASN A 709 63.67 -3.54 30.54
N ASN A 710 63.75 -3.34 31.87
CA ASN A 710 64.10 -4.41 32.81
C ASN A 710 63.14 -4.49 34.00
N SER A 711 61.91 -4.00 33.85
CA SER A 711 60.97 -4.03 34.97
C SER A 711 59.70 -4.81 34.65
N ILE A 712 59.40 -5.79 35.49
CA ILE A 712 58.20 -6.61 35.32
C ILE A 712 57.38 -6.63 36.61
N ALA A 713 56.07 -6.61 36.48
CA ALA A 713 55.22 -6.72 37.65
C ALA A 713 54.54 -8.08 37.70
N ILE A 714 54.50 -8.67 38.90
CA ILE A 714 53.89 -9.98 39.08
C ILE A 714 52.99 -9.98 40.30
N PRO A 715 51.73 -10.46 40.17
CA PRO A 715 50.74 -10.52 41.23
C PRO A 715 51.17 -11.48 42.31
N THR A 716 50.97 -11.10 43.57
CA THR A 716 51.24 -11.99 44.69
C THR A 716 49.96 -12.60 45.29
N ASN A 717 48.80 -12.15 44.77
CA ASN A 717 47.50 -12.60 45.26
C ASN A 717 46.50 -12.61 44.10
N PHE A 718 45.27 -13.04 44.38
CA PHE A 718 44.21 -13.09 43.39
C PHE A 718 42.85 -13.00 44.05
N THR A 719 41.85 -12.66 43.25
CA THR A 719 40.46 -12.66 43.70
C THR A 719 39.60 -13.47 42.76
N ILE A 720 38.78 -14.34 43.32
CA ILE A 720 37.78 -15.04 42.53
C ILE A 720 36.51 -14.22 42.52
N SER A 721 36.02 -13.90 41.33
CA SER A 721 34.82 -13.07 41.21
C SER A 721 33.81 -13.71 40.30
N VAL A 722 32.55 -13.33 40.46
CA VAL A 722 31.49 -13.85 39.61
C VAL A 722 30.71 -12.72 38.96
N THR A 723 30.58 -12.78 37.64
CA THR A 723 29.82 -11.77 36.92
C THR A 723 28.56 -12.37 36.31
N THR A 724 27.56 -11.54 36.06
CA THR A 724 26.31 -12.02 35.49
C THR A 724 26.06 -11.49 34.10
N GLU A 725 25.79 -12.41 33.17
CA GLU A 725 25.46 -12.07 31.80
C GLU A 725 24.07 -12.56 31.43
N ILE A 726 23.24 -11.66 30.93
CA ILE A 726 21.86 -12.01 30.63
C ILE A 726 21.55 -11.91 29.14
N LEU A 727 21.10 -13.01 28.56
CA LEU A 727 20.75 -13.04 27.14
C LEU A 727 19.31 -13.52 26.96
N PRO A 728 18.56 -12.91 26.03
CA PRO A 728 17.25 -13.33 25.59
C PRO A 728 17.37 -14.56 24.71
N VAL A 729 16.37 -15.42 24.74
CA VAL A 729 16.37 -16.60 23.89
C VAL A 729 15.17 -16.66 22.97
N SER A 730 13.99 -16.29 23.48
CA SER A 730 12.76 -16.46 22.72
C SER A 730 11.75 -15.36 23.03
N MET A 731 10.65 -15.36 22.28
CA MET A 731 9.57 -14.42 22.51
C MET A 731 8.20 -15.08 22.37
N THR A 732 7.17 -14.39 22.83
CA THR A 732 5.81 -14.90 22.76
C THR A 732 5.40 -15.27 21.35
N LYS A 733 4.84 -16.47 21.19
CA LYS A 733 4.43 -16.95 19.89
C LYS A 733 3.05 -16.42 19.49
N THR A 734 3.03 -15.18 19.01
CA THR A 734 1.78 -14.54 18.63
C THR A 734 1.30 -15.02 17.28
N SER A 735 0.00 -15.27 17.17
CA SER A 735 -0.61 -15.70 15.91
C SER A 735 -1.85 -14.88 15.59
N VAL A 736 -1.79 -14.14 14.48
CA VAL A 736 -2.88 -13.27 14.09
C VAL A 736 -3.56 -13.82 12.84
N ASP A 737 -4.87 -14.02 12.91
CA ASP A 737 -5.62 -14.55 11.76
C ASP A 737 -6.01 -13.40 10.81
N CYS A 738 -5.46 -13.44 9.60
CA CYS A 738 -5.65 -12.35 8.59
C CYS A 738 -7.10 -12.08 8.33
N THR A 739 -7.93 -13.10 8.19
CA THR A 739 -9.30 -12.89 7.78
C THR A 739 -10.12 -12.29 8.90
N MET A 740 -10.03 -12.87 10.10
CA MET A 740 -10.83 -12.40 11.21
C MET A 740 -10.42 -10.99 11.62
N TYR A 741 -9.12 -10.72 11.62
CA TYR A 741 -8.61 -9.41 11.97
C TYR A 741 -9.20 -8.31 11.10
N ILE A 742 -9.14 -8.51 9.78
CA ILE A 742 -9.59 -7.48 8.85
C ILE A 742 -11.11 -7.30 8.78
N CYS A 743 -11.85 -8.43 8.66
CA CYS A 743 -13.28 -8.37 8.36
C CYS A 743 -14.15 -8.51 9.58
N GLY A 744 -13.65 -9.07 10.67
CA GLY A 744 -14.48 -9.20 11.86
C GLY A 744 -15.66 -10.13 11.60
N ASP A 745 -15.44 -11.14 10.76
CA ASP A 745 -16.46 -12.11 10.39
C ASP A 745 -17.59 -11.52 9.54
N SER A 746 -17.39 -10.32 9.00
CA SER A 746 -18.36 -9.76 8.06
C SER A 746 -18.33 -10.48 6.72
N THR A 747 -19.50 -10.87 6.21
CA THR A 747 -19.58 -11.61 4.95
C THR A 747 -19.19 -10.76 3.74
N GLU A 748 -19.70 -9.54 3.70
CA GLU A 748 -19.44 -8.66 2.57
C GLU A 748 -17.95 -8.36 2.44
N CYS A 749 -17.28 -8.13 3.57
CA CYS A 749 -15.84 -7.88 3.60
C CYS A 749 -15.08 -9.10 3.11
N SER A 750 -15.44 -10.27 3.61
CA SER A 750 -14.74 -11.49 3.23
C SER A 750 -14.74 -11.67 1.72
N ASN A 751 -15.89 -11.42 1.10
CA ASN A 751 -16.02 -11.57 -0.34
C ASN A 751 -15.11 -10.60 -1.09
N LEU A 752 -14.90 -9.41 -0.53
CA LEU A 752 -14.00 -8.43 -1.14
C LEU A 752 -12.54 -8.75 -0.85
N LEU A 753 -12.28 -9.32 0.32
CA LEU A 753 -10.91 -9.65 0.72
C LEU A 753 -10.31 -10.68 -0.22
N LEU A 754 -11.15 -11.59 -0.70
CA LEU A 754 -10.71 -12.65 -1.59
C LEU A 754 -10.15 -12.11 -2.90
N GLN A 755 -10.45 -10.87 -3.22
CA GLN A 755 -10.05 -10.29 -4.49
C GLN A 755 -8.57 -9.94 -4.47
N TYR A 756 -7.96 -10.03 -3.29
CA TYR A 756 -6.57 -9.66 -3.11
C TYR A 756 -5.64 -10.85 -3.24
N GLY A 757 -6.18 -12.01 -3.58
CA GLY A 757 -5.38 -13.20 -3.76
C GLY A 757 -4.98 -13.84 -2.43
N SER A 758 -3.71 -14.21 -2.34
CA SER A 758 -3.22 -15.00 -1.22
C SER A 758 -2.39 -14.22 -0.22
N PHE A 759 -2.57 -12.90 -0.17
CA PHE A 759 -1.83 -12.09 0.81
C PHE A 759 -1.98 -12.64 2.24
N CYS A 760 -3.19 -13.07 2.59
CA CYS A 760 -3.48 -13.63 3.91
C CYS A 760 -2.73 -14.94 4.15
N THR A 761 -2.50 -15.71 3.10
CA THR A 761 -1.75 -16.95 3.26
C THR A 761 -0.30 -16.62 3.60
N GLN A 762 0.26 -15.61 2.93
CA GLN A 762 1.64 -15.21 3.17
C GLN A 762 1.82 -14.70 4.60
N LEU A 763 0.84 -13.95 5.08
CA LEU A 763 0.92 -13.38 6.41
C LEU A 763 0.76 -14.43 7.49
N ASN A 764 -0.18 -15.35 7.28
CA ASN A 764 -0.40 -16.40 8.25
C ASN A 764 0.82 -17.32 8.28
N ARG A 765 1.43 -17.55 7.12
CA ARG A 765 2.60 -18.40 7.01
C ARG A 765 3.80 -17.81 7.74
N ALA A 766 4.03 -16.51 7.54
CA ALA A 766 5.17 -15.84 8.14
C ALA A 766 5.14 -15.92 9.65
N LEU A 767 3.96 -15.70 10.24
CA LEU A 767 3.83 -15.75 11.68
C LEU A 767 3.96 -17.17 12.21
N THR A 768 3.49 -18.14 11.43
CA THR A 768 3.64 -19.54 11.81
C THR A 768 5.11 -19.93 11.85
N GLY A 769 5.87 -19.50 10.85
CA GLY A 769 7.29 -19.79 10.78
C GLY A 769 8.03 -19.28 12.00
N ILE A 770 7.68 -18.08 12.45
CA ILE A 770 8.31 -17.51 13.64
C ILE A 770 7.96 -18.35 14.86
N ALA A 771 6.69 -18.69 15.01
CA ALA A 771 6.23 -19.43 16.16
C ALA A 771 6.99 -20.75 16.32
N VAL A 772 7.23 -21.43 15.21
CA VAL A 772 7.97 -22.68 15.25
C VAL A 772 9.41 -22.45 15.67
N GLU A 773 10.02 -21.43 15.07
CA GLU A 773 11.40 -21.08 15.35
C GLU A 773 11.64 -20.84 16.83
N GLN A 774 10.66 -20.25 17.52
CA GLN A 774 10.84 -19.92 18.92
C GLN A 774 11.10 -21.15 19.78
N ASP A 775 10.55 -22.30 19.40
CA ASP A 775 10.79 -23.51 20.16
C ASP A 775 12.15 -24.08 19.82
N LYS A 776 12.55 -23.92 18.56
CA LYS A 776 13.87 -24.37 18.14
C LYS A 776 14.95 -23.56 18.86
N ASN A 777 14.72 -22.26 19.00
CA ASN A 777 15.70 -21.39 19.65
C ASN A 777 15.90 -21.79 21.11
N THR A 778 14.81 -22.19 21.77
CA THR A 778 14.91 -22.62 23.16
C THR A 778 15.68 -23.94 23.28
N GLN A 779 15.35 -24.90 22.43
CA GLN A 779 15.98 -26.22 22.52
C GLN A 779 17.47 -26.16 22.28
N GLU A 780 17.89 -25.31 21.34
CA GLU A 780 19.30 -25.19 20.99
C GLU A 780 20.13 -24.69 22.16
N VAL A 781 19.50 -23.95 23.07
CA VAL A 781 20.20 -23.36 24.20
C VAL A 781 20.24 -24.32 25.38
N PHE A 782 19.10 -24.92 25.73
CA PHE A 782 19.02 -25.69 26.96
C PHE A 782 19.19 -27.20 26.78
N ALA A 783 18.75 -27.75 25.66
CA ALA A 783 18.77 -29.19 25.48
C ALA A 783 20.11 -29.66 24.91
N GLN A 784 21.18 -29.43 25.66
CA GLN A 784 22.53 -29.81 25.23
C GLN A 784 23.08 -30.97 26.03
N VAL A 785 22.24 -31.54 26.89
CA VAL A 785 22.68 -32.64 27.74
C VAL A 785 21.98 -33.92 27.31
N LYS A 786 22.73 -35.02 27.26
CA LYS A 786 22.19 -36.29 26.82
C LYS A 786 21.26 -36.92 27.85
N GLN A 787 21.58 -36.70 29.13
CA GLN A 787 20.84 -37.30 30.22
C GLN A 787 20.57 -36.28 31.31
N ILE A 788 19.55 -36.53 32.12
CA ILE A 788 19.26 -35.66 33.25
C ILE A 788 20.03 -36.15 34.48
N TYR A 789 21.05 -35.38 34.87
CA TYR A 789 21.90 -35.77 35.98
C TYR A 789 21.41 -35.15 37.28
N LYS A 790 21.46 -35.92 38.34
CA LYS A 790 21.13 -35.39 39.67
C LYS A 790 22.37 -35.30 40.55
N THR A 791 22.34 -34.38 41.50
CA THR A 791 23.43 -34.24 42.46
C THR A 791 23.29 -35.27 43.59
N PRO A 792 24.38 -35.54 44.33
CA PRO A 792 24.41 -36.31 45.55
C PRO A 792 23.54 -35.66 46.62
N PRO A 793 23.02 -36.46 47.57
CA PRO A 793 22.29 -36.05 48.74
C PRO A 793 23.20 -35.34 49.75
N ILE A 794 24.50 -35.60 49.64
CA ILE A 794 25.47 -34.99 50.53
C ILE A 794 26.34 -34.00 49.77
N LYS A 795 26.14 -32.71 50.05
CA LYS A 795 26.81 -31.67 49.31
C LYS A 795 28.19 -31.36 49.85
N ASP A 796 29.12 -32.31 49.68
CA ASP A 796 30.50 -32.11 50.10
C ASP A 796 31.41 -31.83 48.92
N PHE A 797 31.70 -30.57 48.68
CA PHE A 797 32.50 -30.18 47.54
C PHE A 797 33.80 -29.52 47.97
N GLY A 798 34.23 -29.84 49.18
CA GLY A 798 35.50 -29.32 49.69
C GLY A 798 35.42 -27.90 50.22
N GLY A 799 34.23 -27.48 50.63
CA GLY A 799 34.06 -26.14 51.20
C GLY A 799 33.30 -25.22 50.27
N PHE A 800 33.06 -25.69 49.05
CA PHE A 800 32.32 -24.90 48.07
C PHE A 800 30.83 -25.02 48.32
N ASN A 801 30.13 -23.90 48.22
CA ASN A 801 28.69 -23.77 48.53
C ASN A 801 27.90 -23.42 47.27
N PHE A 802 27.09 -24.36 46.77
CA PHE A 802 26.32 -24.18 45.53
C PHE A 802 24.83 -24.12 45.80
N SER A 803 24.45 -23.90 47.06
CA SER A 803 23.05 -23.97 47.44
C SER A 803 22.21 -22.84 46.83
N GLN A 804 22.86 -21.81 46.32
CA GLN A 804 22.13 -20.69 45.75
C GLN A 804 21.94 -20.83 44.24
N ILE A 805 22.55 -21.86 43.64
CA ILE A 805 22.39 -22.09 42.22
C ILE A 805 21.64 -23.40 41.96
N LEU A 806 21.65 -24.30 42.94
CA LEU A 806 20.93 -25.56 42.86
C LEU A 806 19.49 -25.39 43.34
N PRO A 807 18.54 -26.17 42.80
CA PRO A 807 17.13 -26.15 43.11
C PRO A 807 16.89 -26.55 44.55
N ASP A 808 15.89 -25.89 45.16
CA ASP A 808 15.57 -26.15 46.55
C ASP A 808 14.25 -26.91 46.71
N PRO A 809 14.28 -28.17 47.16
CA PRO A 809 13.18 -29.13 47.20
C PRO A 809 12.06 -28.70 48.14
N SER A 810 12.31 -27.70 48.98
CA SER A 810 11.28 -27.21 49.89
C SER A 810 10.24 -26.39 49.14
N LYS A 811 10.56 -26.07 47.89
CA LYS A 811 9.69 -25.25 47.05
C LYS A 811 8.91 -26.11 46.05
N PRO A 812 7.66 -25.74 45.74
CA PRO A 812 6.76 -26.40 44.81
C PRO A 812 7.28 -26.38 43.38
N SER A 813 8.18 -25.44 43.11
CA SER A 813 8.83 -25.33 41.82
C SER A 813 10.32 -25.51 42.06
N LYS A 814 10.89 -26.54 41.47
CA LYS A 814 12.26 -26.91 41.77
C LYS A 814 13.27 -25.97 41.13
N ARG A 815 13.37 -24.78 41.71
CA ARG A 815 14.26 -23.73 41.22
C ARG A 815 15.17 -23.25 42.34
N SER A 816 16.32 -22.67 41.96
CA SER A 816 17.27 -22.17 42.94
C SER A 816 16.82 -20.79 43.44
N PRO A 817 17.32 -20.34 44.59
CA PRO A 817 17.16 -18.99 45.13
C PRO A 817 17.43 -17.90 44.10
N ILE A 818 18.57 -17.96 43.42
CA ILE A 818 18.87 -16.96 42.41
C ILE A 818 17.88 -17.05 41.26
N GLU A 819 17.61 -18.27 40.86
CA GLU A 819 16.71 -18.53 39.74
C GLU A 819 15.31 -18.00 40.03
N ASP A 820 14.82 -18.19 41.26
CA ASP A 820 13.52 -17.66 41.64
C ASP A 820 13.49 -16.15 41.58
N LEU A 821 14.57 -15.51 42.00
CA LEU A 821 14.64 -14.07 41.98
C LEU A 821 14.41 -13.53 40.58
N LEU A 822 14.95 -14.23 39.59
CA LEU A 822 14.88 -13.80 38.20
C LEU A 822 13.45 -13.82 37.64
N PHE A 823 12.55 -14.59 38.27
CA PHE A 823 11.19 -14.68 37.78
C PHE A 823 10.27 -13.68 38.45
N ASN A 824 10.81 -12.91 39.38
CA ASN A 824 10.02 -11.90 40.07
C ASN A 824 10.43 -10.49 39.65
N LYS A 825 11.34 -10.43 38.69
CA LYS A 825 11.85 -9.15 38.19
C LYS A 825 11.44 -8.88 36.75
N VAL A 826 10.57 -9.73 36.22
CA VAL A 826 10.10 -9.57 34.85
C VAL A 826 8.58 -9.51 34.81
N THR A 827 8.05 -8.48 34.12
CA THR A 827 6.60 -8.27 34.00
C THR A 827 6.10 -8.85 32.68
N ASN A 856 -11.29 -11.10 19.21
CA ASN A 856 -9.99 -10.43 19.13
C ASN A 856 -9.41 -10.51 17.71
N GLY A 857 -9.43 -11.71 17.12
CA GLY A 857 -8.87 -11.97 15.79
C GLY A 857 -7.46 -12.55 15.89
N LEU A 858 -6.91 -12.56 17.10
CA LEU A 858 -5.57 -13.06 17.34
C LEU A 858 -5.49 -13.85 18.63
N THR A 859 -4.56 -14.80 18.67
CA THR A 859 -4.32 -15.61 19.87
C THR A 859 -2.83 -15.74 20.17
N VAL A 860 -2.52 -16.37 21.29
CA VAL A 860 -1.15 -16.67 21.66
C VAL A 860 -0.95 -18.15 21.95
N LEU A 861 0.08 -18.74 21.35
CA LEU A 861 0.34 -20.15 21.55
C LEU A 861 1.39 -20.35 22.64
N PRO A 862 1.24 -21.39 23.47
CA PRO A 862 2.16 -21.80 24.50
C PRO A 862 3.39 -22.46 23.90
N PRO A 863 4.52 -22.42 24.62
CA PRO A 863 5.79 -23.06 24.30
C PRO A 863 5.70 -24.56 24.49
N LEU A 864 6.55 -25.30 23.81
CA LEU A 864 6.62 -26.74 24.02
C LEU A 864 7.22 -27.08 25.37
N LEU A 865 8.29 -26.38 25.73
CA LEU A 865 8.93 -26.61 27.01
C LEU A 865 8.47 -25.61 28.05
N THR A 866 7.86 -26.13 29.11
CA THR A 866 7.36 -25.30 30.20
C THR A 866 8.53 -24.86 31.07
N ASP A 867 8.27 -23.90 31.96
CA ASP A 867 9.34 -23.40 32.84
C ASP A 867 9.93 -24.50 33.68
N GLU A 868 9.09 -25.43 34.12
CA GLU A 868 9.56 -26.53 34.95
C GLU A 868 10.52 -27.43 34.18
N MET A 869 10.24 -27.63 32.89
CA MET A 869 11.10 -28.47 32.07
C MET A 869 12.44 -27.79 31.82
N ILE A 870 12.41 -26.47 31.66
CA ILE A 870 13.64 -25.71 31.48
C ILE A 870 14.47 -25.79 32.76
N ALA A 871 13.81 -25.70 33.91
CA ALA A 871 14.49 -25.81 35.19
C ALA A 871 15.19 -27.15 35.31
N GLN A 872 14.56 -28.22 34.85
CA GLN A 872 15.16 -29.54 34.91
C GLN A 872 16.40 -29.64 34.03
N TYR A 873 16.35 -29.04 32.84
CA TYR A 873 17.52 -29.03 31.98
C TYR A 873 18.66 -28.28 32.64
N THR A 874 18.36 -27.14 33.24
CA THR A 874 19.38 -26.35 33.90
C THR A 874 19.99 -27.11 35.06
N SER A 875 19.14 -27.77 35.85
CA SER A 875 19.63 -28.54 36.98
C SER A 875 20.58 -29.64 36.52
N ALA A 876 20.22 -30.31 35.43
CA ALA A 876 21.06 -31.37 34.89
C ALA A 876 22.44 -30.85 34.50
N LEU A 877 22.48 -29.68 33.89
CA LEU A 877 23.75 -29.10 33.49
C LEU A 877 24.60 -28.74 34.69
N LEU A 878 23.96 -28.23 35.74
CA LEU A 878 24.68 -27.87 36.95
C LEU A 878 25.21 -29.11 37.64
N ALA A 879 24.40 -30.16 37.71
CA ALA A 879 24.83 -31.41 38.33
C ALA A 879 26.01 -31.97 37.56
N GLY A 880 25.95 -31.85 36.24
CA GLY A 880 27.01 -32.33 35.38
C GLY A 880 28.32 -31.63 35.68
N THR A 881 28.32 -30.30 35.64
CA THR A 881 29.56 -29.56 35.80
C THR A 881 30.15 -29.69 37.20
N ILE A 882 29.29 -29.84 38.20
CA ILE A 882 29.77 -29.95 39.56
C ILE A 882 30.46 -31.29 39.85
N THR A 883 29.88 -32.39 39.38
CA THR A 883 30.41 -33.70 39.74
C THR A 883 31.26 -34.39 38.66
N SER A 884 31.16 -33.97 37.40
CA SER A 884 31.92 -34.64 36.34
C SER A 884 32.71 -33.67 35.48
N GLY A 885 32.84 -32.43 35.94
CA GLY A 885 33.60 -31.43 35.20
C GLY A 885 33.00 -31.22 33.82
N TRP A 886 33.85 -31.28 32.79
CA TRP A 886 33.38 -31.07 31.42
C TRP A 886 33.30 -32.38 30.64
N THR A 887 33.54 -33.49 31.29
CA THR A 887 33.65 -34.74 30.55
C THR A 887 32.31 -35.16 29.98
N PHE A 888 31.24 -34.79 30.67
CA PHE A 888 29.89 -35.17 30.25
C PHE A 888 29.46 -34.45 28.99
N GLY A 889 30.18 -33.38 28.65
CA GLY A 889 29.86 -32.61 27.47
C GLY A 889 30.65 -33.10 26.26
N ALA A 890 31.47 -34.12 26.47
CA ALA A 890 32.32 -34.66 25.41
C ALA A 890 32.49 -36.16 25.60
N GLY A 891 31.38 -36.87 25.67
CA GLY A 891 31.40 -38.30 25.98
C GLY A 891 30.57 -38.56 27.22
N PRO A 892 30.86 -39.64 27.96
CA PRO A 892 30.18 -40.07 29.17
C PRO A 892 30.59 -39.19 30.34
N ALA A 893 29.80 -39.18 31.40
CA ALA A 893 30.18 -38.48 32.61
C ALA A 893 31.16 -39.32 33.42
N LEU A 894 32.17 -38.67 33.97
CA LEU A 894 33.16 -39.35 34.81
C LEU A 894 33.36 -38.58 36.10
N GLN A 895 33.12 -39.24 37.23
CA GLN A 895 33.18 -38.53 38.51
C GLN A 895 34.59 -38.05 38.83
N ILE A 896 34.66 -36.89 39.48
CA ILE A 896 35.90 -36.32 39.96
C ILE A 896 35.61 -35.44 41.17
N PRO A 897 36.43 -35.47 42.24
CA PRO A 897 36.33 -34.59 43.39
C PRO A 897 36.32 -33.16 42.93
N PHE A 898 35.45 -32.34 43.52
CA PHE A 898 35.34 -30.98 43.03
C PHE A 898 36.67 -30.23 43.05
N PRO A 899 37.46 -30.27 44.15
CA PRO A 899 38.72 -29.59 44.29
C PRO A 899 39.72 -30.00 43.21
N MET A 900 39.54 -31.18 42.63
CA MET A 900 40.46 -31.63 41.61
C MET A 900 40.10 -31.06 40.25
N GLN A 901 38.82 -30.98 39.93
CA GLN A 901 38.49 -30.37 38.65
C GLN A 901 38.84 -28.90 38.71
N MET A 902 38.81 -28.33 39.91
CA MET A 902 39.22 -26.95 40.08
C MET A 902 40.70 -26.79 39.83
N ALA A 903 41.47 -27.81 40.22
CA ALA A 903 42.91 -27.79 39.97
C ALA A 903 43.19 -27.74 38.49
N TYR A 904 42.41 -28.48 37.71
CA TYR A 904 42.61 -28.49 36.27
C TYR A 904 42.30 -27.13 35.69
N ARG A 905 41.23 -26.52 36.20
CA ARG A 905 40.80 -25.22 35.73
C ARG A 905 41.83 -24.15 36.04
N PHE A 906 42.54 -24.29 37.14
CA PHE A 906 43.63 -23.39 37.47
C PHE A 906 44.83 -23.59 36.54
N ASN A 907 45.19 -24.84 36.28
CA ASN A 907 46.29 -25.10 35.35
C ASN A 907 45.97 -24.54 33.97
N GLY A 908 44.69 -24.60 33.62
CA GLY A 908 44.22 -24.14 32.32
C GLY A 908 44.40 -22.64 32.10
N ILE A 909 44.68 -21.89 33.17
CA ILE A 909 44.89 -20.45 33.05
C ILE A 909 46.31 -20.07 33.43
N GLY A 910 47.20 -21.06 33.45
CA GLY A 910 48.61 -20.80 33.68
C GLY A 910 48.98 -20.66 35.16
N VAL A 911 48.14 -21.19 36.04
CA VAL A 911 48.44 -21.11 37.47
C VAL A 911 48.63 -22.52 38.02
N THR A 912 49.83 -22.80 38.51
CA THR A 912 50.15 -24.14 38.96
C THR A 912 49.17 -24.60 40.02
N GLN A 913 48.66 -25.81 39.87
CA GLN A 913 47.63 -26.36 40.76
C GLN A 913 47.98 -26.38 42.24
N ASN A 914 49.26 -26.27 42.57
CA ASN A 914 49.65 -26.27 43.97
C ASN A 914 49.09 -25.04 44.67
N VAL A 915 48.81 -24.00 43.91
CA VAL A 915 48.25 -22.77 44.46
C VAL A 915 46.87 -23.03 45.02
N LEU A 916 46.06 -23.77 44.26
CA LEU A 916 44.71 -24.06 44.68
C LEU A 916 44.67 -24.84 45.98
N TYR A 917 45.48 -25.88 46.06
CA TYR A 917 45.39 -26.75 47.23
C TYR A 917 45.83 -26.04 48.49
N GLU A 918 46.92 -25.27 48.39
CA GLU A 918 47.42 -24.56 49.56
C GLU A 918 46.47 -23.43 49.98
N ASN A 919 45.76 -22.87 49.00
CA ASN A 919 44.82 -21.79 49.28
C ASN A 919 43.37 -22.25 49.14
N GLN A 920 43.12 -23.54 49.26
CA GLN A 920 41.76 -24.05 49.06
C GLN A 920 40.74 -23.36 49.94
N LYS A 921 41.11 -23.11 51.20
CA LYS A 921 40.18 -22.49 52.13
C LYS A 921 39.80 -21.08 51.67
N LEU A 922 40.82 -20.30 51.28
CA LEU A 922 40.58 -18.94 50.81
C LEU A 922 39.72 -18.92 49.57
N ILE A 923 40.03 -19.81 48.62
CA ILE A 923 39.31 -19.84 47.36
C ILE A 923 37.86 -20.20 47.56
N ALA A 924 37.59 -21.19 48.39
CA ALA A 924 36.21 -21.58 48.67
C ALA A 924 35.45 -20.41 49.28
N ASN A 925 36.12 -19.65 50.15
CA ASN A 925 35.48 -18.52 50.79
C ASN A 925 35.19 -17.37 49.83
N GLN A 926 36.15 -17.07 48.95
CA GLN A 926 35.93 -16.00 47.98
C GLN A 926 34.81 -16.39 47.03
N PHE A 927 34.78 -17.65 46.64
CA PHE A 927 33.74 -18.14 45.74
C PHE A 927 32.37 -18.03 46.37
N ASN A 928 32.24 -18.51 47.60
CA ASN A 928 30.95 -18.54 48.28
C ASN A 928 30.43 -17.13 48.48
N SER A 929 31.33 -16.19 48.78
CA SER A 929 30.94 -14.80 48.96
C SER A 929 30.48 -14.20 47.63
N ALA A 930 31.23 -14.45 46.57
CA ALA A 930 30.91 -13.90 45.26
C ALA A 930 29.53 -14.34 44.80
N ILE A 931 29.16 -15.58 45.10
CA ILE A 931 27.83 -16.07 44.74
C ILE A 931 26.76 -15.40 45.56
N GLY A 932 26.98 -15.28 46.87
CA GLY A 932 26.01 -14.66 47.76
C GLY A 932 25.68 -13.23 47.33
N LYS A 933 26.66 -12.53 46.80
CA LYS A 933 26.50 -11.14 46.38
C LYS A 933 25.61 -10.99 45.13
N ILE A 934 25.37 -12.07 44.42
CA ILE A 934 24.60 -12.00 43.18
C ILE A 934 23.18 -11.57 43.43
N GLN A 935 22.55 -12.15 44.45
CA GLN A 935 21.16 -11.85 44.72
C GLN A 935 20.99 -10.40 45.15
N ASP A 936 21.97 -9.88 45.87
CA ASP A 936 21.92 -8.50 46.31
C ASP A 936 22.10 -7.56 45.12
N SER A 937 22.99 -7.94 44.21
CA SER A 937 23.23 -7.15 43.01
C SER A 937 21.98 -7.05 42.15
N LEU A 938 21.33 -8.18 41.92
CA LEU A 938 20.12 -8.21 41.11
C LEU A 938 18.94 -7.53 41.80
N SER A 939 18.77 -7.79 43.09
CA SER A 939 17.64 -7.26 43.83
C SER A 939 17.64 -5.73 43.87
N SER A 940 18.82 -5.15 44.04
CA SER A 940 18.95 -3.70 44.15
C SER A 940 19.14 -3.01 42.80
N THR A 941 19.11 -3.77 41.71
CA THR A 941 19.28 -3.19 40.39
C THR A 941 18.16 -3.62 39.43
N PRO A 942 17.03 -2.90 39.43
CA PRO A 942 15.83 -3.17 38.64
C PRO A 942 16.13 -3.23 37.16
N SER A 943 17.19 -2.58 36.73
CA SER A 943 17.56 -2.52 35.32
C SER A 943 18.37 -3.74 34.89
N ALA A 944 18.73 -4.59 35.85
CA ALA A 944 19.60 -5.72 35.59
C ALA A 944 19.02 -6.64 34.53
N LEU A 945 17.70 -6.78 34.50
CA LEU A 945 17.06 -7.68 33.56
C LEU A 945 16.41 -6.93 32.41
N GLY A 946 16.90 -5.73 32.12
CA GLY A 946 16.40 -4.94 31.01
C GLY A 946 16.52 -5.72 29.70
N LYS A 947 17.54 -6.57 29.60
CA LYS A 947 17.74 -7.37 28.40
C LYS A 947 16.53 -8.21 28.07
N LEU A 948 15.82 -8.69 29.09
CA LEU A 948 14.66 -9.55 28.86
C LEU A 948 13.37 -8.74 28.83
N GLN A 949 13.31 -7.70 29.66
CA GLN A 949 12.11 -6.89 29.77
C GLN A 949 11.87 -6.09 28.50
N ASP A 950 12.95 -5.67 27.85
CA ASP A 950 12.83 -4.89 26.63
C ASP A 950 12.14 -5.69 25.53
N VAL A 951 12.40 -6.99 25.49
CA VAL A 951 11.78 -7.84 24.49
C VAL A 951 10.28 -7.88 24.71
N VAL A 952 9.88 -8.05 25.97
CA VAL A 952 8.48 -8.10 26.32
C VAL A 952 7.78 -6.80 25.98
N ASN A 953 8.42 -5.69 26.30
CA ASN A 953 7.82 -4.38 26.07
C ASN A 953 7.65 -4.08 24.58
N GLN A 954 8.65 -4.43 23.79
CA GLN A 954 8.61 -4.15 22.36
C GLN A 954 7.49 -4.92 21.69
N ASN A 955 7.28 -6.16 22.11
CA ASN A 955 6.25 -6.98 21.51
C ASN A 955 4.86 -6.53 21.95
N ALA A 956 4.74 -6.12 23.21
CA ALA A 956 3.47 -5.64 23.72
C ALA A 956 3.04 -4.40 22.99
N GLN A 957 3.99 -3.51 22.71
CA GLN A 957 3.67 -2.27 22.01
C GLN A 957 3.26 -2.54 20.58
N ALA A 958 3.97 -3.45 19.92
CA ALA A 958 3.66 -3.77 18.54
C ALA A 958 2.27 -4.36 18.40
N LEU A 959 1.90 -5.21 19.34
CA LEU A 959 0.62 -5.87 19.29
C LEU A 959 -0.52 -4.92 19.63
N ASN A 960 -0.30 -4.07 20.62
CA ASN A 960 -1.33 -3.10 21.00
C ASN A 960 -1.58 -2.11 19.88
N THR A 961 -0.51 -1.73 19.17
CA THR A 961 -0.65 -0.82 18.06
C THR A 961 -1.50 -1.45 16.96
N LEU A 962 -1.22 -2.71 16.66
CA LEU A 962 -1.99 -3.42 15.63
C LEU A 962 -3.48 -3.36 15.94
N VAL A 963 -3.84 -3.62 17.19
CA VAL A 963 -5.24 -3.61 17.58
C VAL A 963 -5.84 -2.20 17.50
N LYS A 964 -5.10 -1.20 17.96
CA LYS A 964 -5.59 0.17 17.95
C LYS A 964 -5.91 0.66 16.54
N GLN A 965 -5.16 0.17 15.55
CA GLN A 965 -5.36 0.59 14.16
C GLN A 965 -6.75 0.23 13.64
N LEU A 966 -7.43 -0.70 14.30
CA LEU A 966 -8.76 -1.11 13.87
C LEU A 966 -9.76 0.02 14.05
N SER A 967 -9.41 1.01 14.89
CA SER A 967 -10.29 2.13 15.16
C SER A 967 -10.12 3.25 14.13
N SER A 968 -9.12 3.12 13.25
CA SER A 968 -8.91 4.12 12.22
C SER A 968 -9.84 3.86 11.05
N ASN A 969 -10.22 4.91 10.33
CA ASN A 969 -11.10 4.74 9.18
C ASN A 969 -10.36 4.85 7.85
N PHE A 970 -9.14 5.35 7.89
CA PHE A 970 -8.31 5.43 6.69
C PHE A 970 -8.98 6.20 5.56
N GLY A 971 -9.88 7.12 5.93
CA GLY A 971 -10.57 7.96 4.97
C GLY A 971 -12.01 7.50 4.75
N ALA A 972 -12.34 6.33 5.27
CA ALA A 972 -13.69 5.79 5.16
C ALA A 972 -14.65 6.58 6.03
N ILE A 973 -15.92 6.52 5.67
CA ILE A 973 -16.97 7.20 6.42
C ILE A 973 -17.06 6.72 7.87
N SER A 974 -16.58 5.51 8.11
CA SER A 974 -16.58 4.94 9.45
C SER A 974 -15.51 3.87 9.60
N SER A 975 -15.10 3.63 10.84
CA SER A 975 -14.15 2.56 11.14
C SER A 975 -14.88 1.24 11.40
N VAL A 976 -16.21 1.32 11.46
CA VAL A 976 -17.04 0.16 11.77
C VAL A 976 -17.72 -0.40 10.52
N LEU A 977 -17.44 -1.67 10.22
CA LEU A 977 -17.96 -2.31 9.03
C LEU A 977 -19.47 -2.39 9.04
N ASN A 978 -20.03 -2.63 10.23
CA ASN A 978 -21.47 -2.78 10.36
C ASN A 978 -22.21 -1.47 10.09
N ASP A 979 -21.59 -0.35 10.46
CA ASP A 979 -22.23 0.95 10.30
C ASP A 979 -22.25 1.34 8.83
N ILE A 980 -21.21 0.96 8.11
CA ILE A 980 -21.15 1.23 6.68
C ILE A 980 -22.19 0.41 5.94
N LEU A 981 -22.26 -0.88 6.26
CA LEU A 981 -23.18 -1.77 5.59
C LEU A 981 -24.63 -1.42 5.92
N SER A 982 -24.87 -0.93 7.14
CA SER A 982 -26.19 -0.52 7.57
C SER A 982 -26.69 0.74 6.86
N ARG A 983 -25.84 1.76 6.80
CA ARG A 983 -26.25 3.06 6.27
C ARG A 983 -26.13 3.21 4.76
N LEU A 984 -25.20 2.48 4.14
CA LEU A 984 -24.96 2.67 2.72
C LEU A 984 -25.44 1.48 1.90
N ASP A 985 -26.13 1.77 0.81
CA ASP A 985 -26.52 0.73 -0.13
C ASP A 985 -25.24 0.10 -0.72
N PRO A 986 -25.25 -1.20 -1.03
CA PRO A 986 -24.13 -1.98 -1.54
C PRO A 986 -23.25 -1.28 -2.60
N PRO A 987 -23.81 -0.60 -3.61
CA PRO A 987 -23.06 0.05 -4.69
C PRO A 987 -22.11 1.11 -4.16
N GLU A 988 -22.38 1.62 -2.96
CA GLU A 988 -21.54 2.64 -2.34
C GLU A 988 -20.79 2.06 -1.14
N ALA A 989 -21.43 1.12 -0.44
CA ALA A 989 -20.84 0.52 0.74
C ALA A 989 -19.56 -0.22 0.38
N GLU A 990 -19.56 -0.88 -0.78
CA GLU A 990 -18.41 -1.66 -1.18
C GLU A 990 -17.17 -0.79 -1.29
N VAL A 991 -17.35 0.46 -1.71
CA VAL A 991 -16.22 1.37 -1.83
C VAL A 991 -15.64 1.68 -0.46
N GLN A 992 -16.52 1.96 0.49
CA GLN A 992 -16.08 2.29 1.85
C GLN A 992 -15.46 1.09 2.54
N ILE A 993 -16.01 -0.10 2.29
CA ILE A 993 -15.47 -1.32 2.86
C ILE A 993 -14.11 -1.62 2.26
N ASP A 994 -13.98 -1.44 0.96
CA ASP A 994 -12.73 -1.69 0.26
C ASP A 994 -11.62 -0.81 0.82
N ARG A 995 -11.95 0.43 1.15
CA ARG A 995 -10.98 1.34 1.73
C ARG A 995 -10.48 0.83 3.08
N LEU A 996 -11.39 0.35 3.92
CA LEU A 996 -10.99 -0.20 5.22
C LEU A 996 -10.14 -1.44 5.06
N ILE A 997 -10.44 -2.27 4.07
CA ILE A 997 -9.65 -3.47 3.84
C ILE A 997 -8.22 -3.11 3.48
N THR A 998 -8.06 -2.14 2.60
CA THR A 998 -6.71 -1.73 2.21
C THR A 998 -5.93 -1.23 3.41
N GLY A 999 -6.57 -0.40 4.23
CA GLY A 999 -5.92 0.17 5.41
C GLY A 999 -5.53 -0.91 6.42
N ARG A 1000 -6.46 -1.80 6.73
CA ARG A 1000 -6.22 -2.83 7.73
C ARG A 1000 -5.22 -3.87 7.23
N LEU A 1001 -5.27 -4.18 5.95
CA LEU A 1001 -4.32 -5.14 5.38
C LEU A 1001 -2.91 -4.56 5.45
N GLN A 1002 -2.77 -3.28 5.12
CA GLN A 1002 -1.47 -2.62 5.19
C GLN A 1002 -0.92 -2.63 6.61
N SER A 1003 -1.79 -2.40 7.58
CA SER A 1003 -1.38 -2.41 8.98
C SER A 1003 -0.87 -3.78 9.41
N LEU A 1004 -1.58 -4.83 9.02
CA LEU A 1004 -1.17 -6.18 9.36
C LEU A 1004 0.15 -6.55 8.69
N GLN A 1005 0.33 -6.14 7.45
CA GLN A 1005 1.58 -6.42 6.74
C GLN A 1005 2.74 -5.75 7.44
N THR A 1006 2.53 -4.54 7.94
CA THR A 1006 3.57 -3.83 8.67
C THR A 1006 3.95 -4.59 9.93
N TYR A 1007 2.95 -5.05 10.67
CA TYR A 1007 3.19 -5.81 11.88
C TYR A 1007 4.03 -7.05 11.61
N VAL A 1008 3.64 -7.82 10.61
CA VAL A 1008 4.35 -9.06 10.32
C VAL A 1008 5.80 -8.78 9.92
N THR A 1009 6.02 -7.77 9.09
CA THR A 1009 7.38 -7.45 8.67
C THR A 1009 8.26 -7.15 9.86
N GLN A 1010 7.74 -6.37 10.81
CA GLN A 1010 8.51 -6.04 12.00
C GLN A 1010 8.81 -7.27 12.84
N GLN A 1011 7.86 -8.21 12.88
CA GLN A 1011 8.06 -9.44 13.64
C GLN A 1011 9.16 -10.30 13.04
N LEU A 1012 9.25 -10.32 11.71
CA LEU A 1012 10.28 -11.11 11.05
C LEU A 1012 11.67 -10.54 11.33
N ILE A 1013 11.77 -9.21 11.32
CA ILE A 1013 13.05 -8.57 11.60
C ILE A 1013 13.43 -8.78 13.05
N ARG A 1014 12.48 -8.58 13.95
CA ARG A 1014 12.73 -8.74 15.37
C ARG A 1014 13.06 -10.19 15.71
N ALA A 1015 12.41 -11.13 15.03
CA ALA A 1015 12.66 -12.53 15.26
C ALA A 1015 14.12 -12.85 14.95
N ALA A 1016 14.65 -12.23 13.91
CA ALA A 1016 16.04 -12.43 13.53
C ALA A 1016 16.98 -11.92 14.61
N GLU A 1017 16.63 -10.81 15.24
CA GLU A 1017 17.46 -10.25 16.30
C GLU A 1017 17.55 -11.22 17.47
N ILE A 1018 16.43 -11.83 17.80
CA ILE A 1018 16.38 -12.79 18.89
C ILE A 1018 17.13 -14.06 18.53
N ARG A 1019 16.93 -14.56 17.32
CA ARG A 1019 17.62 -15.77 16.89
C ARG A 1019 19.12 -15.61 17.04
N ALA A 1020 19.63 -14.44 16.66
CA ALA A 1020 21.06 -14.18 16.80
C ALA A 1020 21.51 -14.29 18.25
N SER A 1021 20.66 -13.82 19.17
CA SER A 1021 20.99 -13.91 20.58
C SER A 1021 20.86 -15.34 21.09
N ALA A 1022 19.89 -16.06 20.56
CA ALA A 1022 19.70 -17.46 20.94
C ALA A 1022 20.90 -18.28 20.51
N ASN A 1023 21.43 -17.99 19.33
CA ASN A 1023 22.59 -18.69 18.81
C ASN A 1023 23.82 -18.37 19.64
N LEU A 1024 23.93 -17.12 20.06
CA LEU A 1024 25.03 -16.72 20.93
C LEU A 1024 24.94 -17.43 22.26
N ALA A 1025 23.73 -17.48 22.82
CA ALA A 1025 23.53 -18.13 24.10
C ALA A 1025 23.86 -19.61 24.02
N ALA A 1026 23.46 -20.25 22.92
CA ALA A 1026 23.73 -21.66 22.72
C ALA A 1026 25.23 -21.91 22.62
N THR A 1027 25.91 -21.03 21.89
CA THR A 1027 27.36 -21.13 21.74
C THR A 1027 28.05 -20.92 23.06
N LYS A 1028 27.61 -19.92 23.80
CA LYS A 1028 28.26 -19.54 25.03
C LYS A 1028 28.12 -20.63 26.08
N MET A 1029 26.95 -21.26 26.13
CA MET A 1029 26.76 -22.35 27.08
C MET A 1029 27.65 -23.52 26.71
N SER A 1030 27.67 -23.87 25.44
CA SER A 1030 28.42 -25.01 24.99
C SER A 1030 29.91 -24.85 25.29
N GLU A 1031 30.44 -23.64 25.09
CA GLU A 1031 31.87 -23.42 25.28
C GLU A 1031 32.31 -23.11 26.71
N CYS A 1032 31.47 -22.43 27.51
CA CYS A 1032 31.88 -21.97 28.83
C CYS A 1032 31.26 -22.80 29.98
N VAL A 1033 30.17 -23.51 29.69
CA VAL A 1033 29.56 -24.34 30.72
C VAL A 1033 30.01 -25.78 30.58
N LEU A 1034 30.09 -26.25 29.34
CA LEU A 1034 30.50 -27.62 29.07
C LEU A 1034 32.00 -27.71 28.81
N GLY A 1035 32.72 -26.64 29.13
CA GLY A 1035 34.16 -26.61 28.94
C GLY A 1035 34.77 -25.34 29.49
N GLN A 1036 36.05 -25.14 29.26
CA GLN A 1036 36.75 -23.96 29.73
C GLN A 1036 37.29 -23.14 28.56
N SER A 1037 36.59 -22.06 28.24
CA SER A 1037 36.95 -21.22 27.11
C SER A 1037 38.20 -20.42 27.38
N LYS A 1038 38.99 -20.19 26.33
CA LYS A 1038 40.18 -19.35 26.42
C LYS A 1038 40.00 -18.04 25.67
N ARG A 1039 38.76 -17.77 25.27
CA ARG A 1039 38.45 -16.55 24.53
C ARG A 1039 38.28 -15.38 25.50
N VAL A 1040 39.02 -14.30 25.26
CA VAL A 1040 39.05 -13.16 26.17
C VAL A 1040 37.73 -12.42 26.21
N ASP A 1041 37.24 -12.19 27.43
CA ASP A 1041 36.00 -11.48 27.70
C ASP A 1041 34.80 -12.10 26.98
N PHE A 1042 34.93 -13.36 26.59
CA PHE A 1042 33.81 -14.08 26.04
C PHE A 1042 32.81 -14.44 27.13
N CYS A 1043 33.32 -14.84 28.30
CA CYS A 1043 32.53 -15.23 29.45
C CYS A 1043 33.02 -14.55 30.72
N GLY A 1044 32.92 -13.23 30.72
CA GLY A 1044 33.35 -12.43 31.87
C GLY A 1044 34.78 -11.96 31.70
N LYS A 1045 35.12 -10.84 32.32
CA LYS A 1045 36.48 -10.34 32.27
C LYS A 1045 37.35 -11.10 33.25
N GLY A 1046 38.60 -11.31 32.89
CA GLY A 1046 39.52 -12.07 33.72
C GLY A 1046 39.75 -13.44 33.09
N TYR A 1047 40.38 -14.34 33.83
CA TYR A 1047 40.68 -15.66 33.29
C TYR A 1047 39.55 -16.61 33.62
N HIS A 1048 38.95 -17.19 32.60
CA HIS A 1048 37.78 -18.03 32.80
C HIS A 1048 38.11 -19.32 33.53
N LEU A 1049 37.30 -19.66 34.52
CA LEU A 1049 37.41 -20.94 35.21
C LEU A 1049 36.22 -21.84 34.89
N MET A 1050 35.01 -21.31 35.07
CA MET A 1050 33.79 -22.08 34.85
C MET A 1050 32.55 -21.19 34.79
N SER A 1051 31.43 -21.73 34.32
CA SER A 1051 30.16 -21.01 34.27
C SER A 1051 29.03 -21.85 34.83
N PHE A 1052 28.01 -21.18 35.36
CA PHE A 1052 26.79 -21.86 35.79
C PHE A 1052 25.58 -21.16 35.19
N PRO A 1053 24.73 -21.88 34.45
CA PRO A 1053 23.49 -21.40 33.88
C PRO A 1053 22.38 -21.31 34.92
N GLN A 1054 21.48 -20.34 34.72
CA GLN A 1054 20.24 -20.23 35.46
C GLN A 1054 19.12 -19.88 34.47
N SER A 1055 17.92 -20.41 34.67
CA SER A 1055 16.84 -20.08 33.74
C SER A 1055 16.25 -18.71 34.05
N ALA A 1056 15.51 -18.18 33.10
CA ALA A 1056 14.85 -16.89 33.25
C ALA A 1056 13.69 -16.81 32.26
N PRO A 1057 12.72 -15.93 32.49
CA PRO A 1057 11.63 -15.64 31.59
C PRO A 1057 12.14 -15.32 30.20
N HIS A 1058 11.82 -16.19 29.25
CA HIS A 1058 12.20 -16.00 27.85
C HIS A 1058 13.69 -15.76 27.66
N GLY A 1059 14.54 -16.37 28.49
CA GLY A 1059 15.97 -16.16 28.34
C GLY A 1059 16.81 -17.01 29.27
N VAL A 1060 18.11 -16.80 29.22
CA VAL A 1060 19.05 -17.55 30.04
C VAL A 1060 20.05 -16.61 30.71
N VAL A 1061 20.42 -16.93 31.93
CA VAL A 1061 21.38 -16.12 32.67
C VAL A 1061 22.62 -16.93 33.02
N PHE A 1062 23.78 -16.38 32.71
CA PHE A 1062 25.02 -17.07 33.00
C PHE A 1062 25.77 -16.42 34.14
N LEU A 1063 26.25 -17.25 35.06
CA LEU A 1063 27.13 -16.79 36.12
C LEU A 1063 28.54 -17.22 35.80
N HIS A 1064 29.39 -16.26 35.50
CA HIS A 1064 30.75 -16.57 35.05
C HIS A 1064 31.74 -16.44 36.17
N VAL A 1065 32.48 -17.50 36.43
CA VAL A 1065 33.46 -17.51 37.49
C VAL A 1065 34.84 -17.28 36.91
N THR A 1066 35.48 -16.18 37.31
CA THR A 1066 36.75 -15.81 36.74
C THR A 1066 37.83 -15.59 37.79
N TYR A 1067 39.07 -15.73 37.35
CA TYR A 1067 40.25 -15.51 38.18
C TYR A 1067 40.89 -14.17 37.85
N VAL A 1068 41.01 -13.30 38.85
CA VAL A 1068 41.57 -11.98 38.63
C VAL A 1068 42.80 -11.73 39.51
N PRO A 1069 43.96 -11.46 38.92
CA PRO A 1069 45.21 -11.11 39.57
C PRO A 1069 45.07 -9.87 40.46
N ALA A 1070 45.81 -9.85 41.56
CA ALA A 1070 45.79 -8.71 42.48
C ALA A 1070 47.11 -8.55 43.22
N GLN A 1071 47.36 -7.34 43.69
CA GLN A 1071 48.51 -7.06 44.56
C GLN A 1071 49.85 -7.34 43.87
N GLU A 1072 50.14 -6.63 42.80
CA GLU A 1072 51.41 -6.82 42.08
C GLU A 1072 52.57 -6.11 42.77
N LYS A 1073 53.76 -6.63 42.53
CA LYS A 1073 54.99 -6.00 43.02
C LYS A 1073 55.96 -5.73 41.87
N ASN A 1074 56.83 -4.74 42.04
CA ASN A 1074 57.84 -4.34 41.08
C ASN A 1074 59.11 -5.20 41.18
N PHE A 1075 59.39 -6.02 40.18
CA PHE A 1075 60.59 -6.87 40.16
C PHE A 1075 61.52 -6.47 39.01
N THR A 1076 62.81 -6.70 39.20
CA THR A 1076 63.77 -6.52 38.12
C THR A 1076 63.87 -7.83 37.35
N THR A 1077 63.92 -7.74 36.02
CA THR A 1077 63.94 -8.96 35.23
C THR A 1077 65.05 -9.01 34.19
N ALA A 1078 65.25 -10.20 33.64
CA ALA A 1078 66.19 -10.43 32.56
C ALA A 1078 65.68 -11.58 31.70
N PRO A 1079 65.90 -11.54 30.39
CA PRO A 1079 65.47 -12.53 29.42
C PRO A 1079 66.22 -13.84 29.55
N ALA A 1080 67.38 -13.79 30.18
CA ALA A 1080 68.21 -14.98 30.33
C ALA A 1080 69.30 -14.73 31.35
N ILE A 1081 69.92 -15.82 31.80
CA ILE A 1081 71.10 -15.70 32.64
C ILE A 1081 72.27 -16.49 32.06
N CYS A 1082 73.48 -16.03 32.33
CA CYS A 1082 74.71 -16.73 31.91
C CYS A 1082 75.24 -17.61 33.02
N HIS A 1083 75.66 -18.80 32.66
CA HIS A 1083 76.39 -19.69 33.56
C HIS A 1083 77.55 -20.31 32.83
N ASP A 1084 78.72 -20.36 33.46
CA ASP A 1084 79.95 -20.89 32.86
C ASP A 1084 79.95 -20.96 31.33
N GLY A 1085 79.69 -19.86 30.65
CA GLY A 1085 79.91 -19.74 29.20
C GLY A 1085 78.71 -20.07 28.31
N LYS A 1086 77.58 -20.39 28.93
CA LYS A 1086 76.36 -20.73 28.19
C LYS A 1086 75.13 -20.01 28.72
N ALA A 1087 74.21 -19.68 27.81
CA ALA A 1087 73.00 -18.95 28.16
C ALA A 1087 71.84 -19.88 28.54
N HIS A 1088 71.22 -19.58 29.67
CA HIS A 1088 70.08 -20.36 30.17
C HIS A 1088 68.77 -19.60 30.10
N PHE A 1089 67.77 -20.23 29.51
CA PHE A 1089 66.42 -19.68 29.43
C PHE A 1089 65.51 -20.53 30.32
N PRO A 1090 64.45 -19.94 30.89
CA PRO A 1090 63.47 -20.61 31.72
C PRO A 1090 62.61 -21.53 30.86
N ARG A 1091 62.25 -22.69 31.41
CA ARG A 1091 61.35 -23.59 30.70
C ARG A 1091 59.94 -23.05 30.76
N GLU A 1092 59.63 -22.43 31.90
CA GLU A 1092 58.36 -21.77 32.12
C GLU A 1092 58.58 -20.65 33.12
N GLY A 1093 57.74 -19.63 33.07
CA GLY A 1093 57.88 -18.53 34.00
C GLY A 1093 58.96 -17.56 33.55
N VAL A 1094 59.39 -16.71 34.48
CA VAL A 1094 60.35 -15.64 34.19
C VAL A 1094 61.45 -15.58 35.23
N PHE A 1095 62.58 -14.96 34.86
CA PHE A 1095 63.64 -14.69 35.82
C PHE A 1095 63.45 -13.32 36.44
N VAL A 1096 63.39 -13.28 37.76
CA VAL A 1096 63.21 -12.03 38.49
C VAL A 1096 64.19 -11.87 39.63
N SER A 1097 64.46 -10.62 40.00
CA SER A 1097 65.33 -10.31 41.12
C SER A 1097 64.61 -9.48 42.18
N ASN A 1098 64.82 -9.84 43.45
CA ASN A 1098 64.26 -9.11 44.58
C ASN A 1098 65.21 -8.00 45.07
N GLY A 1099 66.31 -7.79 44.35
CA GLY A 1099 67.30 -6.77 44.64
C GLY A 1099 68.67 -7.37 44.96
N THR A 1100 68.68 -8.61 45.45
CA THR A 1100 69.95 -9.26 45.76
C THR A 1100 70.07 -10.65 45.15
N HIS A 1101 68.95 -11.33 44.98
CA HIS A 1101 68.99 -12.70 44.46
C HIS A 1101 68.03 -12.89 43.29
N TRP A 1102 68.43 -13.73 42.35
CA TRP A 1102 67.61 -14.09 41.20
C TRP A 1102 66.84 -15.38 41.44
N PHE A 1103 65.59 -15.39 41.02
CA PHE A 1103 64.72 -16.54 41.16
C PHE A 1103 63.93 -16.77 39.88
N VAL A 1104 63.39 -17.97 39.72
CA VAL A 1104 62.47 -18.21 38.63
C VAL A 1104 61.06 -18.41 39.18
N THR A 1105 60.10 -17.75 38.57
CA THR A 1105 58.73 -17.82 39.05
C THR A 1105 57.73 -17.86 37.90
N GLN A 1106 56.53 -18.36 38.17
CA GLN A 1106 55.51 -18.40 37.13
C GLN A 1106 54.99 -16.99 36.87
N ARG A 1107 54.07 -16.85 35.92
CA ARG A 1107 53.69 -15.52 35.44
C ARG A 1107 52.43 -14.96 36.08
N ASN A 1108 51.46 -15.82 36.37
CA ASN A 1108 50.17 -15.34 36.85
C ASN A 1108 50.05 -15.43 38.36
N PHE A 1109 51.16 -15.72 39.02
CA PHE A 1109 51.20 -15.80 40.48
C PHE A 1109 52.64 -15.81 40.96
N TYR A 1110 52.97 -14.91 41.88
CA TYR A 1110 54.35 -14.84 42.35
C TYR A 1110 54.67 -15.95 43.32
N GLU A 1111 55.64 -16.76 42.96
CA GLU A 1111 56.07 -17.89 43.77
C GLU A 1111 57.48 -18.30 43.38
N PRO A 1112 58.51 -17.64 43.92
CA PRO A 1112 59.89 -17.72 43.53
C PRO A 1112 60.52 -19.01 43.99
N GLN A 1113 61.41 -19.55 43.17
CA GLN A 1113 62.20 -20.70 43.55
C GLN A 1113 63.60 -20.59 42.99
N ILE A 1114 64.52 -21.35 43.58
CA ILE A 1114 65.92 -21.31 43.15
C ILE A 1114 66.06 -21.76 41.71
N ILE A 1115 66.89 -21.06 40.96
CA ILE A 1115 67.11 -21.39 39.57
C ILE A 1115 68.06 -22.57 39.47
N THR A 1116 67.56 -23.65 38.86
CA THR A 1116 68.34 -24.86 38.74
C THR A 1116 68.36 -25.31 37.29
N THR A 1117 69.17 -26.31 37.00
CA THR A 1117 69.27 -26.86 35.66
C THR A 1117 68.00 -27.59 35.25
N ASP A 1118 67.11 -27.85 36.20
CA ASP A 1118 65.86 -28.54 35.92
C ASP A 1118 64.72 -27.58 35.62
N ASN A 1119 64.99 -26.28 35.74
CA ASN A 1119 63.97 -25.27 35.47
C ASN A 1119 64.30 -24.49 34.21
N THR A 1120 65.46 -24.79 33.62
CA THR A 1120 65.95 -24.04 32.49
C THR A 1120 66.41 -24.94 31.35
N PHE A 1121 66.69 -24.32 30.21
CA PHE A 1121 67.30 -25.02 29.09
C PHE A 1121 68.40 -24.16 28.49
N VAL A 1122 69.35 -24.79 27.83
CA VAL A 1122 70.51 -24.06 27.32
C VAL A 1122 70.43 -23.84 25.82
N SER A 1123 70.66 -22.60 25.42
CA SER A 1123 70.68 -22.24 24.02
C SER A 1123 71.53 -21.00 23.78
N GLY A 1124 72.55 -21.14 22.95
CA GLY A 1124 73.43 -20.01 22.65
C GLY A 1124 74.50 -19.85 23.72
N ASN A 1125 75.42 -18.91 23.50
CA ASN A 1125 76.54 -18.70 24.42
C ASN A 1125 76.59 -17.28 25.01
N CYS A 1126 75.43 -16.63 25.15
CA CYS A 1126 75.27 -15.28 25.71
C CYS A 1126 75.67 -14.17 24.72
N ASP A 1127 76.44 -14.50 23.69
CA ASP A 1127 76.98 -13.49 22.79
C ASP A 1127 75.90 -12.70 22.05
N VAL A 1128 74.75 -13.32 21.86
CA VAL A 1128 73.70 -12.71 21.06
C VAL A 1128 72.44 -12.38 21.86
N VAL A 1129 72.50 -12.45 23.18
CA VAL A 1129 71.29 -12.18 23.96
C VAL A 1129 71.38 -10.83 24.66
N ILE A 1130 70.51 -9.92 24.26
CA ILE A 1130 70.54 -8.57 24.80
C ILE A 1130 69.90 -8.51 26.16
N GLY A 1131 70.62 -7.97 27.13
CA GLY A 1131 70.08 -7.83 28.48
C GLY A 1131 70.36 -9.06 29.34
N ILE A 1132 71.17 -9.98 28.84
CA ILE A 1132 71.51 -11.18 29.58
C ILE A 1132 72.42 -10.83 30.75
N VAL A 1133 72.17 -11.45 31.90
CA VAL A 1133 72.94 -11.13 33.10
C VAL A 1133 73.67 -12.35 33.64
N ASN A 1134 74.71 -12.12 34.45
CA ASN A 1134 75.49 -13.18 35.08
C ASN A 1134 74.81 -13.68 36.35
N ASN A 1135 74.75 -15.01 36.50
CA ASN A 1135 74.17 -15.65 37.67
C ASN A 1135 74.84 -17.00 37.93
N THR A 1136 74.43 -17.67 38.99
CA THR A 1136 74.88 -19.02 39.26
C THR A 1136 73.70 -19.99 39.20
N VAL A 1137 73.82 -20.97 38.32
CA VAL A 1137 72.76 -21.98 38.18
C VAL A 1137 73.07 -23.22 39.00
N TYR A 1138 72.12 -23.61 39.83
CA TYR A 1138 72.32 -24.74 40.73
C TYR A 1138 72.13 -26.07 40.02
N ASP A 1139 73.04 -27.01 40.28
CA ASP A 1139 72.96 -28.36 39.76
C ASP A 1139 72.75 -29.35 40.91
N PRO A 1140 71.53 -29.86 41.11
CA PRO A 1140 71.09 -30.73 42.18
C PRO A 1140 71.88 -32.03 42.28
N LEU A 1141 72.60 -32.37 41.23
CA LEU A 1141 73.36 -33.62 41.19
C LEU A 1141 74.74 -33.51 41.85
N GLN A 1142 75.34 -32.32 41.79
CA GLN A 1142 76.72 -32.17 42.23
C GLN A 1142 76.94 -32.53 43.71
N PRO A 1143 76.02 -32.19 44.63
CA PRO A 1143 76.10 -32.48 46.04
C PRO A 1143 76.09 -33.97 46.36
N GLU A 1144 75.64 -34.80 45.42
CA GLU A 1144 75.58 -36.24 45.66
C GLU A 1144 76.77 -37.02 45.10
N LEU A 1145 77.28 -36.59 43.92
CA LEU A 1145 78.42 -37.24 43.27
C LEU A 1145 79.64 -37.28 44.20
N GLU B 1 -38.37 74.04 -25.50
CA GLU B 1 -38.83 72.66 -25.35
C GLU B 1 -39.68 72.19 -26.55
N LEU B 2 -40.15 73.13 -27.37
CA LEU B 2 -41.01 72.82 -28.52
C LEU B 2 -40.32 71.91 -29.51
N GLU B 3 -39.04 72.18 -29.77
CA GLU B 3 -38.30 71.39 -30.74
C GLU B 3 -38.19 69.94 -30.27
N GLU B 4 -37.98 69.76 -28.97
CA GLU B 4 -37.87 68.41 -28.42
C GLU B 4 -39.20 67.68 -28.49
N GLN B 5 -40.29 68.40 -28.30
CA GLN B 5 -41.62 67.81 -28.38
C GLN B 5 -41.91 67.32 -29.79
N VAL B 6 -41.47 68.08 -30.79
CA VAL B 6 -41.64 67.70 -32.18
C VAL B 6 -40.75 66.52 -32.53
N MET B 7 -39.51 66.55 -32.05
CA MET B 7 -38.58 65.46 -32.27
C MET B 7 -39.13 64.17 -31.70
N HIS B 8 -39.79 64.26 -30.54
CA HIS B 8 -40.40 63.10 -29.92
C HIS B 8 -41.42 62.46 -30.85
N VAL B 9 -42.31 63.27 -31.41
CA VAL B 9 -43.31 62.74 -32.33
C VAL B 9 -42.64 62.12 -33.55
N LEU B 10 -41.62 62.79 -34.07
CA LEU B 10 -40.92 62.27 -35.24
C LEU B 10 -40.24 60.95 -34.91
N ASP B 11 -39.75 60.82 -33.68
CA ASP B 11 -39.11 59.59 -33.23
C ASP B 11 -40.13 58.46 -33.19
N GLN B 12 -41.34 58.77 -32.73
CA GLN B 12 -42.41 57.78 -32.67
C GLN B 12 -42.75 57.30 -34.08
N VAL B 13 -42.78 58.22 -35.03
CA VAL B 13 -43.10 57.87 -36.41
C VAL B 13 -42.03 56.97 -37.00
N SER B 14 -40.77 57.34 -36.81
CA SER B 14 -39.66 56.57 -37.35
C SER B 14 -39.56 55.19 -36.71
N GLU B 15 -39.74 55.12 -35.39
CA GLU B 15 -39.59 53.85 -34.70
C GLU B 15 -40.70 52.88 -35.11
N LEU B 16 -41.92 53.38 -35.22
CA LEU B 16 -43.01 52.53 -35.66
C LEU B 16 -42.81 52.11 -37.10
N ALA B 17 -42.41 53.06 -37.93
CA ALA B 17 -42.19 52.77 -39.34
C ALA B 17 -41.09 51.73 -39.49
N HIS B 18 -40.08 51.80 -38.61
CA HIS B 18 -39.00 50.83 -38.62
C HIS B 18 -39.52 49.43 -38.38
N GLU B 19 -40.35 49.27 -37.34
CA GLU B 19 -40.90 47.95 -37.03
C GLU B 19 -41.71 47.41 -38.21
N LEU B 20 -42.43 48.30 -38.89
CA LEU B 20 -43.27 47.91 -40.00
C LEU B 20 -42.47 47.40 -41.19
N LEU B 21 -41.17 47.73 -41.24
CA LEU B 21 -40.33 47.31 -42.35
C LEU B 21 -40.11 45.81 -42.32
N HIS B 22 -40.43 45.19 -41.18
CA HIS B 22 -40.27 43.76 -41.01
C HIS B 22 -41.61 43.05 -40.90
N LYS B 23 -42.70 43.80 -41.14
CA LYS B 23 -44.05 43.25 -40.97
C LYS B 23 -44.90 43.38 -42.22
N LEU B 24 -44.77 44.52 -42.90
CA LEU B 24 -45.63 44.84 -44.05
C LEU B 24 -45.04 44.37 -45.36
N THR B 25 -45.90 44.20 -46.36
CA THR B 25 -45.49 43.87 -47.72
C THR B 25 -46.16 44.81 -48.72
N GLY B 26 -45.71 44.75 -49.97
CA GLY B 26 -46.36 45.49 -51.05
C GLY B 26 -46.36 47.00 -50.83
N GLU B 27 -47.48 47.64 -51.19
CA GLU B 27 -47.63 49.08 -51.10
C GLU B 27 -47.57 49.59 -49.67
N GLU B 28 -48.10 48.81 -48.74
CA GLU B 28 -48.10 49.21 -47.33
C GLU B 28 -46.67 49.27 -46.80
N LEU B 29 -45.83 48.36 -47.28
CA LEU B 29 -44.42 48.38 -46.92
C LEU B 29 -43.73 49.61 -47.49
N GLU B 30 -44.03 49.93 -48.75
CA GLU B 30 -43.46 51.11 -49.38
C GLU B 30 -43.84 52.37 -48.61
N ARG B 31 -45.08 52.44 -48.15
CA ARG B 31 -45.53 53.60 -47.40
C ARG B 31 -44.79 53.73 -46.08
N ALA B 32 -44.63 52.63 -45.35
CA ALA B 32 -43.91 52.70 -44.09
C ALA B 32 -42.49 53.20 -44.31
N ALA B 33 -41.86 52.75 -45.39
CA ALA B 33 -40.50 53.18 -45.71
C ALA B 33 -40.47 54.68 -46.01
N TYR B 34 -41.47 55.15 -46.75
CA TYR B 34 -41.58 56.57 -47.06
C TYR B 34 -41.70 57.40 -45.80
N PHE B 35 -42.59 56.99 -44.91
CA PHE B 35 -42.84 57.72 -43.68
C PHE B 35 -41.64 57.65 -42.75
N ASN B 36 -40.92 56.53 -42.79
CA ASN B 36 -39.70 56.38 -42.02
C ASN B 36 -38.69 57.45 -42.46
N TRP B 37 -38.49 57.53 -43.77
CA TRP B 37 -37.59 58.52 -44.34
C TRP B 37 -38.04 59.93 -44.00
N TRP B 38 -39.33 60.20 -44.17
CA TRP B 38 -39.86 61.52 -43.92
C TRP B 38 -39.58 61.97 -42.51
N ALA B 39 -39.84 61.10 -41.54
CA ALA B 39 -39.65 61.46 -40.14
C ALA B 39 -38.21 61.88 -39.88
N THR B 40 -37.25 61.16 -40.45
CA THR B 40 -35.84 61.49 -40.22
C THR B 40 -35.43 62.73 -40.99
N GLU B 41 -36.08 62.97 -42.13
CA GLU B 41 -35.80 64.16 -42.92
C GLU B 41 -36.26 65.39 -42.14
N MET B 42 -37.41 65.26 -41.48
CA MET B 42 -37.95 66.33 -40.65
C MET B 42 -37.07 66.63 -39.46
N MET B 43 -36.43 65.59 -38.92
CA MET B 43 -35.55 65.80 -37.79
C MET B 43 -34.45 66.80 -38.15
N LEU B 44 -33.88 66.64 -39.35
CA LEU B 44 -32.82 67.54 -39.78
C LEU B 44 -33.38 68.87 -40.26
N GLU B 45 -34.52 68.84 -40.94
CA GLU B 45 -35.15 70.07 -41.42
C GLU B 45 -35.55 70.95 -40.25
N LEU B 46 -36.02 70.33 -39.18
CA LEU B 46 -36.42 71.04 -37.98
C LEU B 46 -35.23 71.74 -37.35
N ILE B 47 -34.09 71.04 -37.29
CA ILE B 47 -32.89 71.63 -36.76
C ILE B 47 -32.47 72.84 -37.59
N LYS B 48 -32.46 72.68 -38.91
CA LYS B 48 -32.08 73.79 -39.78
C LYS B 48 -33.31 74.63 -40.14
N SER B 49 -33.90 75.27 -39.14
CA SER B 49 -35.08 76.10 -39.38
C SER B 49 -35.36 77.07 -38.23
N ASP B 50 -36.32 77.96 -38.46
CA ASP B 50 -36.83 78.87 -37.45
C ASP B 50 -38.30 79.16 -37.72
N ASP B 51 -38.92 79.95 -36.85
CA ASP B 51 -40.32 80.33 -36.95
C ASP B 51 -41.24 79.24 -36.40
N GLU B 52 -41.93 79.55 -35.31
CA GLU B 52 -42.78 78.58 -34.65
C GLU B 52 -43.79 77.98 -35.60
N ARG B 53 -44.25 78.76 -36.56
CA ARG B 53 -45.29 78.29 -37.48
C ARG B 53 -44.78 77.12 -38.34
N GLU B 54 -43.51 77.14 -38.69
CA GLU B 54 -42.94 76.07 -39.50
C GLU B 54 -42.73 74.85 -38.64
N ILE B 55 -42.37 75.08 -37.38
CA ILE B 55 -42.16 74.02 -36.42
C ILE B 55 -43.48 73.30 -36.14
N ARG B 56 -44.54 74.08 -35.96
CA ARG B 56 -45.87 73.54 -35.71
C ARG B 56 -46.40 72.76 -36.91
N GLU B 57 -46.07 73.23 -38.11
CA GLU B 57 -46.50 72.53 -39.31
C GLU B 57 -45.93 71.12 -39.34
N ILE B 58 -44.67 70.98 -38.94
CA ILE B 58 -44.05 69.67 -38.87
C ILE B 58 -44.74 68.82 -37.80
N GLU B 59 -44.99 69.42 -36.65
CA GLU B 59 -45.64 68.70 -35.56
C GLU B 59 -46.96 68.09 -36.01
N GLU B 60 -47.77 68.88 -36.70
CA GLU B 60 -49.09 68.42 -37.11
C GLU B 60 -49.01 67.32 -38.15
N GLU B 61 -48.13 67.48 -39.14
CA GLU B 61 -48.02 66.47 -40.18
C GLU B 61 -47.48 65.18 -39.60
N ALA B 62 -46.52 65.30 -38.68
CA ALA B 62 -45.93 64.14 -38.06
C ALA B 62 -46.95 63.37 -37.24
N ARG B 63 -47.83 64.10 -36.54
CA ARG B 63 -48.88 63.45 -35.76
C ARG B 63 -49.86 62.72 -36.66
N ARG B 64 -50.21 63.34 -37.79
CA ARG B 64 -51.13 62.70 -38.73
C ARG B 64 -50.53 61.43 -39.29
N ILE B 65 -49.24 61.47 -39.59
CA ILE B 65 -48.53 60.31 -40.10
C ILE B 65 -48.47 59.19 -39.08
N LEU B 66 -48.20 59.54 -37.83
CA LEU B 66 -48.15 58.54 -36.78
C LEU B 66 -49.47 57.80 -36.69
N GLU B 67 -50.56 58.54 -36.71
CA GLU B 67 -51.89 57.95 -36.63
C GLU B 67 -52.15 57.04 -37.83
N HIS B 68 -51.70 57.48 -39.01
CA HIS B 68 -51.83 56.68 -40.22
C HIS B 68 -51.09 55.35 -40.09
N LEU B 69 -49.84 55.41 -39.63
CA LEU B 69 -49.05 54.19 -39.51
C LEU B 69 -49.68 53.19 -38.55
N GLU B 70 -50.36 53.67 -37.52
CA GLU B 70 -51.01 52.79 -36.56
C GLU B 70 -52.10 51.94 -37.22
N GLU B 71 -52.64 52.43 -38.34
CA GLU B 71 -53.66 51.68 -39.08
C GLU B 71 -53.05 50.46 -39.75
N LEU B 72 -51.75 50.52 -40.02
CA LEU B 72 -51.03 49.42 -40.64
C LEU B 72 -50.52 48.48 -39.57
N ALA B 73 -50.09 49.05 -38.45
CA ALA B 73 -49.53 48.29 -37.36
C ALA B 73 -50.54 47.34 -36.77
N ARG B 74 -51.80 47.76 -36.74
CA ARG B 74 -52.87 46.94 -36.18
C ARG B 74 -53.41 45.89 -37.15
N LYS B 75 -52.92 45.87 -38.40
CA LYS B 75 -53.38 44.96 -39.44
C LYS B 75 -52.47 43.73 -39.50
N ALA C 27 -35.42 -46.55 0.12
CA ALA C 27 -34.18 -47.26 -0.18
C ALA C 27 -33.08 -46.26 -0.55
N TYR C 28 -31.91 -46.41 0.07
CA TYR C 28 -30.74 -45.55 -0.16
C TYR C 28 -29.48 -46.37 -0.36
N THR C 29 -28.54 -45.81 -1.11
CA THR C 29 -27.24 -46.46 -1.30
C THR C 29 -26.07 -45.51 -1.02
N ASN C 30 -24.87 -46.07 -1.05
CA ASN C 30 -23.63 -45.33 -0.78
C ASN C 30 -23.03 -44.77 -2.07
N SER C 31 -22.92 -43.46 -2.16
CA SER C 31 -22.38 -42.82 -3.36
C SER C 31 -20.90 -43.10 -3.54
N PHE C 32 -20.23 -43.53 -2.48
CA PHE C 32 -18.79 -43.74 -2.50
C PHE C 32 -18.08 -42.52 -3.06
N THR C 33 -17.38 -42.69 -4.19
CA THR C 33 -16.62 -41.60 -4.78
C THR C 33 -17.16 -41.22 -6.15
N ARG C 34 -18.43 -41.58 -6.39
CA ARG C 34 -19.10 -41.32 -7.65
C ARG C 34 -19.43 -39.84 -7.82
N GLY C 35 -19.69 -39.42 -9.06
CA GLY C 35 -20.21 -38.08 -9.32
C GLY C 35 -19.12 -37.05 -9.64
N VAL C 36 -17.91 -37.51 -9.85
CA VAL C 36 -16.82 -36.62 -10.22
C VAL C 36 -16.71 -36.49 -11.72
N TYR C 37 -16.55 -35.26 -12.20
CA TYR C 37 -16.50 -34.98 -13.62
C TYR C 37 -15.45 -33.93 -13.92
N TYR C 38 -15.04 -33.85 -15.18
CA TYR C 38 -14.07 -32.84 -15.59
C TYR C 38 -14.75 -31.47 -15.60
N PRO C 39 -14.36 -30.56 -14.71
CA PRO C 39 -15.00 -29.29 -14.45
C PRO C 39 -14.86 -28.31 -15.61
N ASP C 40 -13.88 -28.55 -16.47
CA ASP C 40 -13.64 -27.68 -17.62
C ASP C 40 -13.00 -28.42 -18.77
N LYS C 41 -12.54 -27.67 -19.77
CA LYS C 41 -11.96 -28.23 -20.98
C LYS C 41 -10.47 -27.97 -21.04
N VAL C 42 -9.84 -27.89 -19.86
CA VAL C 42 -8.43 -27.60 -19.77
C VAL C 42 -7.58 -28.83 -19.53
N PHE C 43 -6.56 -29.01 -20.35
CA PHE C 43 -5.63 -30.11 -20.21
C PHE C 43 -4.64 -29.85 -19.10
N ARG C 44 -4.52 -30.81 -18.20
CA ARG C 44 -3.59 -30.75 -17.09
C ARG C 44 -2.97 -32.12 -16.92
N SER C 45 -1.68 -32.18 -16.63
CA SER C 45 -1.06 -33.49 -16.43
C SER C 45 -0.10 -33.50 -15.27
N SER C 46 -0.03 -34.64 -14.60
CA SER C 46 0.87 -34.86 -13.47
C SER C 46 0.80 -33.72 -12.47
N VAL C 47 -0.42 -33.26 -12.18
CA VAL C 47 -0.63 -32.15 -11.28
C VAL C 47 -1.86 -32.36 -10.40
N LEU C 48 -1.78 -31.86 -9.17
CA LEU C 48 -2.93 -31.85 -8.30
C LEU C 48 -3.60 -30.49 -8.34
N HIS C 49 -4.84 -30.46 -8.82
CA HIS C 49 -5.53 -29.20 -9.02
C HIS C 49 -6.72 -29.04 -8.08
N SER C 50 -6.75 -27.91 -7.37
CA SER C 50 -7.83 -27.63 -6.45
C SER C 50 -8.91 -26.78 -7.11
N THR C 51 -10.15 -27.25 -7.06
CA THR C 51 -11.25 -26.55 -7.71
C THR C 51 -12.51 -26.54 -6.87
N GLN C 52 -13.32 -25.50 -7.04
CA GLN C 52 -14.60 -25.39 -6.35
C GLN C 52 -15.75 -25.38 -7.36
N ASP C 53 -16.67 -26.31 -7.20
CA ASP C 53 -17.79 -26.43 -8.13
C ASP C 53 -18.90 -27.27 -7.50
N LEU C 54 -19.98 -27.48 -8.24
CA LEU C 54 -21.06 -28.31 -7.75
C LEU C 54 -20.74 -29.78 -8.00
N PHE C 55 -20.58 -30.52 -6.91
CA PHE C 55 -20.20 -31.93 -6.97
C PHE C 55 -21.09 -32.76 -6.07
N LEU C 56 -21.11 -34.07 -6.32
CA LEU C 56 -21.77 -35.00 -5.43
C LEU C 56 -20.83 -35.32 -4.27
N PRO C 57 -21.19 -35.01 -3.01
CA PRO C 57 -20.39 -35.25 -1.82
C PRO C 57 -20.04 -36.71 -1.71
N PHE C 58 -18.84 -37.00 -1.22
CA PHE C 58 -18.43 -38.39 -1.07
C PHE C 58 -19.18 -39.08 0.06
N PHE C 59 -19.51 -40.35 -0.16
CA PHE C 59 -20.21 -41.17 0.82
C PHE C 59 -21.54 -40.56 1.23
N SER C 60 -22.25 -39.97 0.27
CA SER C 60 -23.56 -39.38 0.52
C SER C 60 -24.68 -40.42 0.37
N ASN C 61 -25.89 -40.03 0.81
CA ASN C 61 -27.09 -40.89 0.70
C ASN C 61 -27.80 -40.67 -0.63
N VAL C 62 -27.73 -41.66 -1.51
CA VAL C 62 -28.33 -41.61 -2.84
C VAL C 62 -29.64 -42.40 -2.86
N THR C 63 -30.71 -41.78 -3.35
CA THR C 63 -32.01 -42.43 -3.35
C THR C 63 -32.11 -43.46 -4.45
N TRP C 64 -32.59 -44.66 -4.11
CA TRP C 64 -32.70 -45.75 -5.06
C TRP C 64 -34.13 -45.98 -5.52
N PHE C 65 -34.39 -45.73 -6.81
CA PHE C 65 -35.73 -45.86 -7.37
C PHE C 65 -35.86 -47.13 -8.23
N HIS C 66 -37.04 -47.76 -8.19
CA HIS C 66 -37.34 -48.95 -8.98
C HIS C 66 -38.56 -48.69 -9.88
N ASN C 81 -42.10 -44.18 -9.95
CA ASN C 81 -41.36 -43.30 -10.86
C ASN C 81 -41.93 -41.86 -10.82
N PRO C 82 -41.83 -41.17 -9.65
CA PRO C 82 -42.40 -39.86 -9.36
C PRO C 82 -41.60 -38.73 -9.97
N VAL C 83 -42.18 -37.53 -9.96
CA VAL C 83 -41.45 -36.33 -10.35
C VAL C 83 -40.56 -35.87 -9.21
N LEU C 84 -39.29 -35.65 -9.51
CA LEU C 84 -38.30 -35.27 -8.51
C LEU C 84 -37.86 -33.83 -8.70
N PRO C 85 -37.40 -33.16 -7.63
CA PRO C 85 -36.82 -31.83 -7.65
C PRO C 85 -35.48 -31.85 -8.35
N PHE C 86 -35.12 -30.72 -8.94
CA PHE C 86 -33.84 -30.57 -9.63
C PHE C 86 -32.80 -29.88 -8.76
N ASN C 87 -33.29 -29.00 -7.87
CA ASN C 87 -32.42 -28.23 -6.99
C ASN C 87 -31.37 -27.45 -7.77
N ASP C 88 -30.09 -27.67 -7.44
CA ASP C 88 -29.00 -26.95 -8.06
C ASP C 88 -28.27 -27.82 -9.07
N GLY C 89 -28.88 -28.94 -9.42
CA GLY C 89 -28.26 -29.92 -10.31
C GLY C 89 -28.42 -31.29 -9.72
N VAL C 90 -28.52 -32.30 -10.57
CA VAL C 90 -28.81 -33.64 -10.12
C VAL C 90 -27.84 -34.67 -10.68
N TYR C 91 -27.46 -35.62 -9.85
CA TYR C 91 -26.66 -36.75 -10.29
C TYR C 91 -27.56 -37.93 -10.57
N PHE C 92 -27.49 -38.45 -11.78
CA PHE C 92 -28.34 -39.57 -12.16
C PHE C 92 -27.50 -40.75 -12.59
N ALA C 93 -27.86 -41.93 -12.13
CA ALA C 93 -27.15 -43.14 -12.55
C ALA C 93 -28.12 -44.28 -12.70
N SER C 94 -27.83 -45.19 -13.61
CA SER C 94 -28.71 -46.34 -13.78
C SER C 94 -27.94 -47.60 -14.12
N THR C 95 -28.55 -48.72 -13.80
CA THR C 95 -28.00 -50.02 -14.14
C THR C 95 -28.95 -50.70 -15.11
N GLU C 96 -28.40 -51.30 -16.16
CA GLU C 96 -29.25 -51.79 -17.23
C GLU C 96 -28.81 -53.12 -17.84
N LYS C 97 -29.79 -53.82 -18.43
CA LYS C 97 -29.57 -55.02 -19.21
C LYS C 97 -30.14 -54.91 -20.63
N SER C 98 -31.25 -54.17 -20.76
CA SER C 98 -31.99 -54.16 -22.02
C SER C 98 -32.59 -52.79 -22.40
N ASN C 99 -31.88 -51.70 -22.12
CA ASN C 99 -32.28 -50.37 -22.55
C ASN C 99 -33.74 -50.02 -22.24
N ILE C 100 -34.12 -50.12 -20.96
CA ILE C 100 -35.48 -49.81 -20.54
C ILE C 100 -35.66 -48.30 -20.35
N ILE C 101 -34.67 -47.65 -19.75
CA ILE C 101 -34.74 -46.20 -19.55
C ILE C 101 -34.38 -45.53 -20.87
N ARG C 102 -35.25 -44.62 -21.32
CA ARG C 102 -35.08 -44.01 -22.63
C ARG C 102 -34.67 -42.54 -22.57
N GLY C 103 -35.10 -41.82 -21.55
CA GLY C 103 -34.83 -40.39 -21.54
C GLY C 103 -35.33 -39.68 -20.29
N TRP C 104 -35.32 -38.35 -20.34
CA TRP C 104 -35.68 -37.52 -19.19
C TRP C 104 -36.50 -36.30 -19.60
N ILE C 105 -37.32 -35.82 -18.68
CA ILE C 105 -38.03 -34.55 -18.84
C ILE C 105 -37.59 -33.56 -17.78
N PHE C 106 -37.19 -32.37 -18.21
CA PHE C 106 -36.81 -31.32 -17.28
C PHE C 106 -37.67 -30.08 -17.48
N GLY C 107 -38.06 -29.42 -16.40
CA GLY C 107 -38.83 -28.19 -16.53
C GLY C 107 -39.42 -27.73 -15.20
N THR C 108 -40.51 -26.99 -15.27
CA THR C 108 -41.17 -26.45 -14.08
C THR C 108 -42.61 -26.97 -13.98
N THR C 109 -43.52 -26.31 -14.70
CA THR C 109 -44.93 -26.66 -14.67
C THR C 109 -45.20 -28.02 -15.33
N LEU C 110 -44.55 -28.27 -16.46
CA LEU C 110 -44.70 -29.54 -17.16
C LEU C 110 -46.15 -29.88 -17.49
N ASP C 111 -46.92 -28.89 -17.94
CA ASP C 111 -48.33 -29.12 -18.25
C ASP C 111 -48.84 -28.20 -19.36
N SER C 112 -48.10 -28.10 -20.46
CA SER C 112 -48.48 -27.25 -21.58
C SER C 112 -48.80 -25.82 -21.17
N LYS C 113 -48.03 -25.28 -20.24
CA LYS C 113 -48.18 -23.88 -19.81
C LYS C 113 -46.89 -23.13 -20.08
N THR C 114 -45.78 -23.83 -19.88
CA THR C 114 -44.45 -23.27 -20.06
C THR C 114 -43.62 -24.23 -20.88
N GLN C 115 -42.47 -23.78 -21.34
CA GLN C 115 -41.59 -24.65 -22.10
C GLN C 115 -40.89 -25.65 -21.19
N SER C 116 -40.59 -26.81 -21.75
CA SER C 116 -39.87 -27.85 -21.04
C SER C 116 -38.87 -28.54 -21.96
N LEU C 117 -37.86 -29.14 -21.35
CA LEU C 117 -36.80 -29.82 -22.08
C LEU C 117 -37.00 -31.32 -22.11
N LEU C 118 -37.14 -31.87 -23.31
CA LEU C 118 -37.39 -33.28 -23.50
C LEU C 118 -36.20 -33.97 -24.16
N ILE C 119 -35.59 -34.90 -23.46
CA ILE C 119 -34.45 -35.63 -23.99
C ILE C 119 -34.77 -37.11 -24.14
N VAL C 120 -34.86 -37.58 -25.39
CA VAL C 120 -35.22 -38.98 -25.62
C VAL C 120 -34.25 -39.69 -26.55
N ASN C 121 -33.76 -40.85 -26.11
CA ASN C 121 -32.91 -41.69 -26.95
C ASN C 121 -33.73 -42.81 -27.57
N ASN C 122 -34.24 -42.60 -28.79
CA ASN C 122 -35.14 -43.55 -29.44
C ASN C 122 -34.43 -44.32 -30.56
N ALA C 123 -34.03 -45.55 -30.28
CA ALA C 123 -33.40 -46.50 -31.22
C ALA C 123 -32.00 -46.08 -31.68
N THR C 124 -31.87 -44.89 -32.27
CA THR C 124 -30.59 -44.47 -32.83
C THR C 124 -30.07 -43.18 -32.21
N ASN C 125 -30.43 -42.06 -32.81
CA ASN C 125 -29.92 -40.77 -32.35
C ASN C 125 -30.75 -40.22 -31.21
N VAL C 126 -30.10 -39.46 -30.34
CA VAL C 126 -30.80 -38.78 -29.27
C VAL C 126 -31.46 -37.51 -29.78
N VAL C 127 -32.73 -37.36 -29.46
CA VAL C 127 -33.48 -36.19 -29.90
C VAL C 127 -33.81 -35.28 -28.73
N ILE C 128 -33.36 -34.03 -28.81
CA ILE C 128 -33.57 -33.07 -27.76
C ILE C 128 -34.42 -31.90 -28.23
N LYS C 129 -35.52 -31.65 -27.53
CA LYS C 129 -36.41 -30.56 -27.92
C LYS C 129 -36.83 -29.70 -26.74
N VAL C 130 -37.03 -28.41 -27.00
CA VAL C 130 -37.60 -27.51 -25.99
C VAL C 130 -38.88 -26.88 -26.52
N CYS C 131 -40.01 -27.27 -25.93
CA CYS C 131 -41.34 -26.88 -26.41
C CYS C 131 -42.33 -26.79 -25.25
N GLU C 132 -43.49 -26.22 -25.52
CA GLU C 132 -44.56 -26.22 -24.52
C GLU C 132 -45.30 -27.53 -24.60
N PHE C 133 -44.67 -28.57 -24.06
CA PHE C 133 -45.16 -29.93 -24.18
C PHE C 133 -46.31 -30.23 -23.24
N GLN C 134 -47.24 -31.05 -23.73
CA GLN C 134 -48.30 -31.60 -22.88
C GLN C 134 -47.94 -33.02 -22.50
N PHE C 135 -47.69 -33.24 -21.22
CA PHE C 135 -47.26 -34.54 -20.75
C PHE C 135 -48.41 -35.31 -20.15
N CYS C 136 -48.29 -36.63 -20.15
CA CYS C 136 -49.27 -37.51 -19.53
C CYS C 136 -49.11 -37.52 -18.03
N ASN C 137 -50.13 -38.02 -17.32
CA ASN C 137 -50.05 -38.15 -15.87
C ASN C 137 -49.03 -39.21 -15.47
N ASP C 138 -48.69 -40.07 -16.42
CA ASP C 138 -47.68 -41.11 -16.23
C ASP C 138 -47.02 -41.47 -17.56
N PRO C 139 -46.13 -40.62 -18.07
CA PRO C 139 -45.49 -40.68 -19.38
C PRO C 139 -44.64 -41.93 -19.54
N PHE C 140 -44.61 -42.46 -20.75
CA PHE C 140 -43.79 -43.63 -21.08
C PHE C 140 -43.60 -43.75 -22.58
N LEU C 141 -42.70 -44.63 -22.99
CA LEU C 141 -42.55 -44.93 -24.41
C LEU C 141 -42.82 -46.41 -24.68
N GLY C 142 -43.34 -46.71 -25.87
CA GLY C 142 -43.61 -48.08 -26.27
C GLY C 142 -42.47 -48.66 -27.09
N VAL C 143 -42.78 -49.70 -27.88
CA VAL C 143 -41.80 -50.40 -28.70
C VAL C 143 -42.26 -50.42 -30.16
N ASN C 165 -45.52 -25.00 -29.99
CA ASN C 165 -44.61 -23.91 -29.75
C ASN C 165 -43.23 -24.42 -29.30
N CYS C 166 -42.26 -24.43 -30.23
CA CYS C 166 -40.90 -24.93 -29.98
C CYS C 166 -39.87 -23.86 -30.26
N THR C 167 -38.81 -23.82 -29.46
CA THR C 167 -37.74 -22.85 -29.67
C THR C 167 -36.39 -23.51 -29.93
N PHE C 168 -36.25 -24.78 -29.57
CA PHE C 168 -34.98 -25.47 -29.75
C PHE C 168 -35.16 -26.92 -30.16
N GLU C 169 -34.33 -27.36 -31.11
CA GLU C 169 -34.29 -28.77 -31.49
C GLU C 169 -32.88 -29.18 -31.90
N TYR C 170 -32.44 -30.33 -31.38
CA TYR C 170 -31.13 -30.87 -31.69
C TYR C 170 -31.17 -32.39 -31.78
N VAL C 171 -30.45 -32.94 -32.74
CA VAL C 171 -30.34 -34.39 -32.85
C VAL C 171 -28.89 -34.84 -32.89
N SER C 172 -28.52 -35.80 -32.03
CA SER C 172 -27.16 -36.33 -31.95
C SER C 172 -26.87 -37.24 -33.14
N PHE C 186 -26.61 -56.64 -13.19
CA PHE C 186 -26.61 -55.77 -14.36
C PHE C 186 -25.24 -55.75 -15.03
N LYS C 187 -25.21 -55.36 -16.31
CA LYS C 187 -23.98 -55.35 -17.11
C LYS C 187 -23.56 -53.93 -17.51
N ASN C 188 -24.54 -53.04 -17.69
CA ASN C 188 -24.24 -51.70 -18.17
C ASN C 188 -24.52 -50.63 -17.13
N LEU C 189 -23.49 -49.90 -16.76
CA LEU C 189 -23.64 -48.78 -15.83
C LEU C 189 -23.51 -47.46 -16.57
N ARG C 190 -24.54 -46.64 -16.48
CA ARG C 190 -24.51 -45.34 -17.12
C ARG C 190 -24.72 -44.24 -16.10
N GLU C 191 -23.81 -43.27 -16.11
CA GLU C 191 -23.86 -42.18 -15.14
C GLU C 191 -23.92 -40.84 -15.84
N PHE C 192 -24.74 -39.93 -15.32
CA PHE C 192 -24.94 -38.62 -15.92
C PHE C 192 -24.94 -37.51 -14.89
N VAL C 193 -24.47 -36.34 -15.28
CA VAL C 193 -24.60 -35.15 -14.45
C VAL C 193 -25.38 -34.08 -15.19
N PHE C 194 -26.48 -33.64 -14.59
CA PHE C 194 -27.32 -32.63 -15.21
C PHE C 194 -27.34 -31.34 -14.38
N LYS C 195 -26.77 -30.27 -14.93
CA LYS C 195 -26.78 -29.00 -14.23
C LYS C 195 -27.01 -27.85 -15.19
N ASN C 196 -27.67 -26.79 -14.72
CA ASN C 196 -27.96 -25.64 -15.58
C ASN C 196 -27.33 -24.37 -15.04
N ILE C 197 -26.31 -23.88 -15.74
CA ILE C 197 -25.58 -22.69 -15.30
C ILE C 197 -25.74 -21.54 -16.28
N ASP C 198 -26.32 -20.45 -15.81
CA ASP C 198 -26.51 -19.26 -16.62
C ASP C 198 -27.19 -19.56 -17.95
N GLY C 199 -28.18 -20.45 -17.91
CA GLY C 199 -28.97 -20.77 -19.09
C GLY C 199 -28.41 -21.94 -19.89
N TYR C 200 -27.22 -22.41 -19.56
CA TYR C 200 -26.63 -23.51 -20.30
C TYR C 200 -26.87 -24.83 -19.59
N PHE C 201 -27.54 -25.75 -20.28
CA PHE C 201 -27.81 -27.05 -19.71
C PHE C 201 -26.67 -27.99 -20.08
N LYS C 202 -25.86 -28.34 -19.09
CA LYS C 202 -24.65 -29.10 -19.33
C LYS C 202 -24.80 -30.55 -18.92
N ILE C 203 -24.46 -31.45 -19.82
CA ILE C 203 -24.57 -32.87 -19.56
C ILE C 203 -23.21 -33.56 -19.62
N TYR C 204 -22.86 -34.24 -18.54
CA TYR C 204 -21.65 -35.05 -18.48
C TYR C 204 -22.06 -36.51 -18.38
N SER C 205 -21.24 -37.41 -18.91
CA SER C 205 -21.61 -38.82 -18.84
C SER C 205 -20.44 -39.79 -18.89
N LYS C 206 -20.71 -41.01 -18.44
CA LYS C 206 -19.75 -42.11 -18.52
C LYS C 206 -20.47 -43.45 -18.65
N HIS C 207 -19.94 -44.33 -19.49
CA HIS C 207 -20.50 -45.67 -19.66
C HIS C 207 -19.43 -46.73 -19.39
N THR C 208 -19.66 -47.55 -18.35
CA THR C 208 -18.71 -48.60 -17.98
C THR C 208 -19.43 -49.93 -17.82
N PRO C 209 -18.72 -51.05 -18.05
CA PRO C 209 -19.16 -52.40 -17.79
C PRO C 209 -19.13 -52.71 -16.30
N ILE C 210 -20.13 -53.44 -15.82
CA ILE C 210 -20.18 -53.87 -14.43
C ILE C 210 -20.59 -55.33 -14.29
N ASN C 211 -20.38 -55.87 -13.10
CA ASN C 211 -20.87 -57.18 -12.72
C ASN C 211 -21.49 -57.08 -11.33
N LEU C 212 -22.69 -56.50 -11.25
CA LEU C 212 -23.28 -56.16 -9.96
C LEU C 212 -24.78 -55.92 -10.09
N VAL C 213 -25.57 -56.59 -9.25
CA VAL C 213 -27.02 -56.54 -9.41
C VAL C 213 -27.75 -55.58 -8.46
N ARG C 214 -27.36 -55.57 -7.18
CA ARG C 214 -28.15 -54.87 -6.18
C ARG C 214 -27.43 -53.71 -5.49
N ASP C 215 -26.45 -53.11 -6.16
CA ASP C 215 -25.71 -52.01 -5.55
C ASP C 215 -24.95 -51.19 -6.59
N LEU C 216 -24.27 -50.15 -6.13
CA LEU C 216 -23.33 -49.40 -6.95
C LEU C 216 -21.92 -49.88 -6.66
N PRO C 217 -21.05 -49.94 -7.66
CA PRO C 217 -19.66 -50.34 -7.58
C PRO C 217 -18.84 -49.32 -6.81
N GLN C 218 -17.85 -49.80 -6.08
CA GLN C 218 -16.95 -48.91 -5.37
C GLN C 218 -15.63 -48.77 -6.12
N GLY C 219 -15.33 -47.54 -6.52
CA GLY C 219 -14.14 -47.25 -7.31
C GLY C 219 -14.24 -45.84 -7.86
N PHE C 220 -13.20 -45.36 -8.51
CA PHE C 220 -13.21 -43.99 -9.01
C PHE C 220 -13.19 -43.90 -10.54
N SER C 221 -14.01 -42.99 -11.06
CA SER C 221 -14.02 -42.65 -12.47
C SER C 221 -14.49 -41.21 -12.65
N ALA C 222 -14.12 -40.58 -13.76
CA ALA C 222 -14.57 -39.23 -14.02
C ALA C 222 -15.47 -39.18 -15.25
N LEU C 223 -16.48 -38.32 -15.19
CA LEU C 223 -17.43 -38.17 -16.29
C LEU C 223 -17.03 -37.03 -17.23
N GLU C 224 -17.17 -37.28 -18.53
CA GLU C 224 -16.76 -36.31 -19.53
C GLU C 224 -17.96 -35.53 -20.04
N PRO C 225 -17.79 -34.28 -20.44
CA PRO C 225 -18.82 -33.43 -21.04
C PRO C 225 -19.24 -34.01 -22.37
N LEU C 226 -20.54 -34.04 -22.61
CA LEU C 226 -21.06 -34.60 -23.85
C LEU C 226 -21.90 -33.57 -24.61
N VAL C 227 -22.77 -32.89 -23.89
CA VAL C 227 -23.70 -31.94 -24.49
C VAL C 227 -23.73 -30.62 -23.73
N ASP C 228 -23.88 -29.52 -24.46
CA ASP C 228 -24.05 -28.21 -23.84
C ASP C 228 -25.10 -27.41 -24.60
N LEU C 229 -26.28 -27.27 -24.00
CA LEU C 229 -27.42 -26.66 -24.68
C LEU C 229 -27.71 -25.24 -24.19
N PRO C 230 -27.52 -24.22 -25.04
CA PRO C 230 -27.71 -22.81 -24.77
C PRO C 230 -29.18 -22.44 -24.83
N ILE C 231 -29.95 -22.92 -23.85
CA ILE C 231 -31.41 -22.82 -23.92
C ILE C 231 -31.98 -21.60 -23.18
N GLY C 232 -31.51 -21.36 -21.96
CA GLY C 232 -32.09 -20.30 -21.13
C GLY C 232 -33.42 -20.73 -20.51
N ILE C 233 -33.54 -22.01 -20.16
CA ILE C 233 -34.77 -22.54 -19.59
C ILE C 233 -34.64 -22.83 -18.09
N ASN C 234 -35.66 -22.41 -17.33
CA ASN C 234 -35.75 -22.66 -15.89
C ASN C 234 -36.14 -24.12 -15.62
N ILE C 235 -35.33 -24.83 -14.83
CA ILE C 235 -35.60 -26.21 -14.43
C ILE C 235 -35.66 -26.35 -12.92
N THR C 236 -36.78 -26.85 -12.41
CA THR C 236 -36.95 -27.04 -10.98
C THR C 236 -37.37 -28.47 -10.65
N ARG C 237 -37.90 -29.17 -11.64
CA ARG C 237 -38.35 -30.55 -11.49
C ARG C 237 -37.95 -31.38 -12.69
N PHE C 238 -37.83 -32.70 -12.51
CA PHE C 238 -37.57 -33.58 -13.64
C PHE C 238 -38.15 -34.97 -13.42
N GLN C 239 -38.29 -35.73 -14.50
CA GLN C 239 -38.80 -37.09 -14.42
C GLN C 239 -38.09 -38.02 -15.39
N THR C 240 -37.96 -39.29 -15.01
CA THR C 240 -37.30 -40.29 -15.85
C THR C 240 -38.30 -41.05 -16.71
N LEU C 241 -37.99 -41.18 -18.00
CA LEU C 241 -38.85 -41.89 -18.95
C LEU C 241 -38.34 -43.28 -19.28
N LEU C 242 -39.21 -44.29 -19.11
CA LEU C 242 -38.91 -45.69 -19.42
C LEU C 242 -39.70 -46.12 -20.64
N ALA C 264 -33.77 -50.10 -12.93
CA ALA C 264 -33.70 -49.28 -11.72
C ALA C 264 -32.65 -48.19 -11.88
N TYR C 265 -32.80 -47.10 -11.13
CA TYR C 265 -31.91 -45.95 -11.21
C TYR C 265 -31.74 -45.27 -9.87
N TYR C 266 -30.70 -44.45 -9.77
CA TYR C 266 -30.35 -43.76 -8.54
C TYR C 266 -30.31 -42.27 -8.74
N VAL C 267 -30.72 -41.51 -7.73
CA VAL C 267 -30.69 -40.06 -7.82
C VAL C 267 -30.01 -39.41 -6.62
N GLY C 268 -29.00 -38.58 -6.89
CA GLY C 268 -28.33 -37.81 -5.86
C GLY C 268 -28.40 -36.34 -6.23
N TYR C 269 -27.88 -35.47 -5.37
CA TYR C 269 -27.92 -34.05 -5.68
C TYR C 269 -26.57 -33.37 -5.47
N LEU C 270 -26.32 -32.36 -6.29
CA LEU C 270 -25.06 -31.62 -6.23
C LEU C 270 -25.16 -30.46 -5.28
N GLN C 271 -24.01 -30.06 -4.74
CA GLN C 271 -23.93 -28.87 -3.90
C GLN C 271 -22.50 -28.33 -3.98
N PRO C 272 -22.26 -27.07 -3.60
CA PRO C 272 -20.96 -26.45 -3.54
C PRO C 272 -20.01 -27.23 -2.65
N ARG C 273 -18.93 -27.72 -3.24
CA ARG C 273 -17.91 -28.47 -2.51
C ARG C 273 -16.54 -28.15 -3.09
N THR C 274 -15.50 -28.32 -2.28
CA THR C 274 -14.15 -28.14 -2.78
C THR C 274 -13.47 -29.49 -2.93
N PHE C 275 -12.89 -29.72 -4.09
CA PHE C 275 -12.20 -30.97 -4.38
C PHE C 275 -10.76 -30.78 -4.84
N LEU C 276 -9.92 -31.72 -4.45
CA LEU C 276 -8.56 -31.79 -4.99
C LEU C 276 -8.52 -32.91 -6.01
N LEU C 277 -8.26 -32.58 -7.27
CA LEU C 277 -8.30 -33.58 -8.33
C LEU C 277 -6.90 -33.96 -8.78
N LYS C 278 -6.67 -35.26 -8.90
CA LYS C 278 -5.37 -35.77 -9.33
C LYS C 278 -5.36 -36.16 -10.79
N TYR C 279 -4.54 -35.45 -11.57
CA TYR C 279 -4.37 -35.72 -12.99
C TYR C 279 -3.12 -36.54 -13.23
N ASN C 280 -3.21 -37.48 -14.17
CA ASN C 280 -2.08 -38.31 -14.53
C ASN C 280 -1.34 -37.77 -15.75
N GLU C 281 -0.38 -38.54 -16.24
CA GLU C 281 0.40 -38.17 -17.42
C GLU C 281 -0.45 -38.03 -18.68
N ASN C 282 -1.55 -38.80 -18.77
CA ASN C 282 -2.42 -38.83 -19.93
C ASN C 282 -3.56 -37.78 -19.87
N GLY C 283 -3.47 -36.87 -18.87
CA GLY C 283 -4.43 -35.77 -18.75
C GLY C 283 -5.75 -36.15 -18.12
N THR C 284 -5.88 -37.39 -17.67
CA THR C 284 -7.14 -37.85 -17.11
C THR C 284 -7.13 -37.76 -15.60
N ILE C 285 -8.31 -37.80 -15.00
CA ILE C 285 -8.42 -37.74 -13.56
C ILE C 285 -8.45 -39.15 -12.99
N THR C 286 -7.52 -39.45 -12.11
CA THR C 286 -7.40 -40.79 -11.57
C THR C 286 -7.84 -40.88 -10.12
N ASP C 287 -7.92 -39.74 -9.45
CA ASP C 287 -8.36 -39.74 -8.06
C ASP C 287 -8.94 -38.38 -7.67
N ALA C 288 -9.47 -38.29 -6.46
CA ALA C 288 -10.01 -37.03 -5.95
C ALA C 288 -10.18 -37.05 -4.43
N VAL C 289 -10.03 -35.89 -3.82
CA VAL C 289 -10.29 -35.75 -2.39
C VAL C 289 -11.40 -34.77 -2.11
N ASP C 290 -12.38 -35.20 -1.32
CA ASP C 290 -13.46 -34.33 -0.87
C ASP C 290 -13.00 -33.60 0.37
N CYS C 291 -12.71 -32.31 0.24
CA CYS C 291 -12.02 -31.51 1.25
C CYS C 291 -12.86 -31.30 2.50
N ALA C 292 -14.14 -31.65 2.44
CA ALA C 292 -15.02 -31.45 3.58
C ALA C 292 -15.51 -32.77 4.17
N LEU C 293 -14.92 -33.87 3.74
CA LEU C 293 -15.35 -35.19 4.20
C LEU C 293 -14.96 -35.48 5.65
N ASP C 294 -13.75 -35.08 6.03
CA ASP C 294 -13.21 -35.38 7.36
C ASP C 294 -11.86 -34.66 7.52
N PRO C 295 -11.34 -34.53 8.76
CA PRO C 295 -10.09 -33.85 9.11
C PRO C 295 -8.88 -34.31 8.29
N LEU C 296 -8.81 -35.59 7.94
CA LEU C 296 -7.68 -36.07 7.17
C LEU C 296 -7.75 -35.57 5.74
N SER C 297 -8.93 -35.64 5.15
CA SER C 297 -9.14 -35.16 3.80
C SER C 297 -8.89 -33.65 3.75
N GLU C 298 -9.31 -32.96 4.79
CA GLU C 298 -9.12 -31.52 4.87
C GLU C 298 -7.64 -31.18 4.89
N THR C 299 -6.87 -31.95 5.65
CA THR C 299 -5.43 -31.76 5.73
C THR C 299 -4.77 -31.98 4.37
N LYS C 300 -5.17 -33.05 3.67
CA LYS C 300 -4.63 -33.33 2.35
C LYS C 300 -4.84 -32.17 1.38
N CYS C 301 -6.05 -31.58 1.39
CA CYS C 301 -6.38 -30.44 0.55
C CYS C 301 -5.57 -29.21 0.96
N THR C 302 -5.42 -29.01 2.26
CA THR C 302 -4.67 -27.87 2.78
C THR C 302 -3.23 -27.90 2.29
N LEU C 303 -2.64 -29.09 2.28
CA LEU C 303 -1.25 -29.27 1.87
C LEU C 303 -1.12 -29.53 0.38
N LYS C 304 -2.24 -29.55 -0.33
CA LYS C 304 -2.26 -29.83 -1.76
C LYS C 304 -1.53 -31.12 -2.10
N SER C 305 -1.79 -32.18 -1.35
CA SER C 305 -1.15 -33.46 -1.59
C SER C 305 -2.01 -34.64 -1.15
N PHE C 306 -1.90 -35.75 -1.89
CA PHE C 306 -2.61 -36.98 -1.54
C PHE C 306 -1.83 -37.81 -0.53
N THR C 307 -0.61 -37.37 -0.22
CA THR C 307 0.22 -38.03 0.76
C THR C 307 0.62 -37.04 1.84
N VAL C 308 0.45 -37.43 3.09
CA VAL C 308 0.79 -36.57 4.22
C VAL C 308 1.76 -37.29 5.16
N GLU C 309 2.86 -36.64 5.48
CA GLU C 309 3.85 -37.24 6.37
C GLU C 309 3.47 -37.05 7.82
N LYS C 310 4.29 -37.56 8.73
CA LYS C 310 4.01 -37.46 10.15
C LYS C 310 4.19 -36.04 10.65
N GLY C 311 3.23 -35.56 11.44
CA GLY C 311 3.33 -34.22 12.00
C GLY C 311 1.96 -33.65 12.36
N ILE C 312 1.97 -32.39 12.81
CA ILE C 312 0.74 -31.69 13.17
C ILE C 312 0.54 -30.52 12.22
N TYR C 313 -0.64 -30.41 11.64
CA TYR C 313 -0.90 -29.37 10.65
C TYR C 313 -2.13 -28.56 10.99
N GLN C 314 -2.06 -27.26 10.79
CA GLN C 314 -3.24 -26.43 10.95
C GLN C 314 -4.03 -26.41 9.66
N THR C 315 -5.35 -26.48 9.77
CA THR C 315 -6.21 -26.48 8.60
C THR C 315 -7.11 -25.25 8.59
N SER C 316 -8.22 -25.33 9.31
CA SER C 316 -9.17 -24.23 9.35
C SER C 316 -9.36 -23.70 10.77
N ASN C 317 -10.38 -22.87 10.94
CA ASN C 317 -10.68 -22.27 12.23
C ASN C 317 -11.99 -22.77 12.84
N PHE C 318 -12.03 -22.79 14.16
CA PHE C 318 -13.23 -23.09 14.92
C PHE C 318 -13.84 -21.79 15.44
N ARG C 319 -15.15 -21.64 15.30
CA ARG C 319 -15.82 -20.45 15.80
C ARG C 319 -17.21 -20.76 16.34
N VAL C 320 -17.50 -20.25 17.52
CA VAL C 320 -18.84 -20.37 18.08
C VAL C 320 -19.74 -19.28 17.54
N GLN C 321 -20.88 -19.68 16.98
CA GLN C 321 -21.80 -18.72 16.39
C GLN C 321 -22.86 -18.30 17.42
N PRO C 322 -23.31 -17.05 17.37
CA PRO C 322 -24.39 -16.49 18.16
C PRO C 322 -25.73 -17.00 17.69
N THR C 323 -26.71 -16.99 18.58
CA THR C 323 -28.06 -17.40 18.24
C THR C 323 -29.01 -16.20 18.10
N GLU C 324 -29.74 -15.87 19.15
CA GLU C 324 -30.67 -14.75 19.08
C GLU C 324 -29.97 -13.42 19.29
N SER C 325 -30.74 -12.34 19.20
CA SER C 325 -30.23 -10.99 19.38
C SER C 325 -30.94 -10.29 20.54
N ILE C 326 -30.16 -9.84 21.51
CA ILE C 326 -30.69 -9.21 22.71
C ILE C 326 -30.66 -7.69 22.60
N VAL C 327 -31.82 -7.10 22.41
CA VAL C 327 -31.95 -5.66 22.27
C VAL C 327 -32.68 -5.07 23.47
N ARG C 328 -32.04 -4.14 24.16
CA ARG C 328 -32.66 -3.57 25.35
C ARG C 328 -32.58 -2.05 25.37
N PHE C 329 -33.67 -1.42 25.81
CA PHE C 329 -33.74 0.03 25.95
C PHE C 329 -34.30 0.42 27.31
N PRO C 330 -34.04 1.64 27.78
CA PRO C 330 -34.58 2.21 29.01
C PRO C 330 -36.11 2.24 28.96
N ASN C 331 -36.73 2.21 30.15
CA ASN C 331 -38.19 2.25 30.29
C ASN C 331 -38.77 3.48 29.59
N ILE C 332 -39.92 3.28 28.91
CA ILE C 332 -40.58 4.32 28.14
C ILE C 332 -40.84 5.57 28.98
N THR C 333 -41.24 5.34 30.24
CA THR C 333 -41.40 6.41 31.23
C THR C 333 -42.63 7.28 30.97
N ASN C 334 -42.68 7.94 29.81
CA ASN C 334 -43.79 8.83 29.52
C ASN C 334 -44.30 8.68 28.09
N LEU C 335 -45.37 9.41 27.79
CA LEU C 335 -45.97 9.42 26.46
C LEU C 335 -46.49 10.81 26.11
N CYS C 336 -46.48 11.16 24.83
CA CYS C 336 -47.02 12.37 24.28
C CYS C 336 -48.53 12.50 24.60
N PRO C 337 -48.99 13.69 24.99
CA PRO C 337 -50.35 13.99 25.42
C PRO C 337 -51.35 14.02 24.27
N PHE C 338 -51.47 12.90 23.56
CA PHE C 338 -52.42 12.82 22.46
C PHE C 338 -53.84 12.70 22.98
N GLY C 339 -53.97 12.23 24.22
CA GLY C 339 -55.28 12.08 24.85
C GLY C 339 -55.90 13.45 25.16
N GLU C 340 -55.08 14.49 25.09
CA GLU C 340 -55.56 15.85 25.34
C GLU C 340 -56.03 16.49 24.05
N VAL C 341 -55.85 15.78 22.94
CA VAL C 341 -56.23 16.27 21.63
C VAL C 341 -57.45 15.53 21.09
N PHE C 342 -57.35 14.20 21.08
CA PHE C 342 -58.39 13.36 20.49
C PHE C 342 -59.59 13.13 21.42
N ASN C 343 -59.35 13.09 22.74
CA ASN C 343 -60.39 12.84 23.74
C ASN C 343 -60.79 14.11 24.49
N ALA C 344 -60.52 15.29 23.87
CA ALA C 344 -60.82 16.59 24.45
C ALA C 344 -62.33 16.80 24.57
N THR C 345 -62.72 17.54 25.61
CA THR C 345 -64.13 17.81 25.86
C THR C 345 -64.67 18.96 25.03
N ARG C 346 -63.76 19.82 24.56
CA ARG C 346 -64.17 20.95 23.74
C ARG C 346 -63.25 21.14 22.55
N PHE C 347 -63.85 21.34 21.38
CA PHE C 347 -63.10 21.62 20.16
C PHE C 347 -63.37 23.04 19.69
N ALA C 348 -62.37 23.63 19.05
CA ALA C 348 -62.47 24.98 18.53
C ALA C 348 -63.22 25.02 17.21
N SER C 349 -63.75 26.20 16.89
CA SER C 349 -64.39 26.45 15.61
C SER C 349 -63.35 26.40 14.51
N VAL C 350 -63.78 26.05 13.30
CA VAL C 350 -62.85 25.90 12.19
C VAL C 350 -62.17 27.21 11.80
N TYR C 351 -62.85 28.33 11.99
CA TYR C 351 -62.26 29.62 11.66
C TYR C 351 -61.18 30.01 12.66
N ALA C 352 -61.17 29.33 13.80
CA ALA C 352 -60.23 29.63 14.88
C ALA C 352 -59.68 28.34 15.44
N TRP C 353 -59.05 27.55 14.57
CA TRP C 353 -58.59 26.21 14.96
C TRP C 353 -57.54 26.28 16.05
N ASN C 354 -57.58 25.29 16.95
CA ASN C 354 -56.70 25.27 18.10
C ASN C 354 -55.46 24.41 17.88
N ARG C 355 -54.30 25.05 17.86
CA ARG C 355 -53.04 24.34 17.68
C ARG C 355 -52.36 24.03 19.00
N LYS C 356 -52.15 22.75 19.26
CA LYS C 356 -51.40 22.32 20.44
C LYS C 356 -50.03 21.81 20.01
N ARG C 357 -49.00 22.27 20.68
CA ARG C 357 -47.65 21.82 20.37
C ARG C 357 -47.23 20.64 21.23
N ILE C 358 -46.83 19.57 20.57
CA ILE C 358 -46.36 18.36 21.22
C ILE C 358 -44.87 18.18 20.99
N SER C 359 -44.10 18.05 22.07
CA SER C 359 -42.65 17.94 21.96
C SER C 359 -42.04 17.30 23.21
N ASN C 360 -40.77 16.91 23.08
CA ASN C 360 -40.01 16.35 24.21
C ASN C 360 -40.73 15.19 24.89
N CYS C 361 -41.28 14.27 24.08
CA CYS C 361 -42.04 13.13 24.58
C CYS C 361 -42.00 11.95 23.61
N VAL C 362 -42.41 10.78 24.10
CA VAL C 362 -42.50 9.59 23.27
C VAL C 362 -43.82 9.55 22.51
N ALA C 363 -43.74 9.53 21.19
CA ALA C 363 -44.94 9.62 20.36
C ALA C 363 -45.35 8.26 19.83
N ASP C 364 -46.31 7.64 20.50
CA ASP C 364 -46.80 6.33 20.09
C ASP C 364 -47.93 6.52 19.09
N TYR C 365 -47.70 6.14 17.84
CA TYR C 365 -48.69 6.36 16.79
C TYR C 365 -49.46 5.09 16.47
N SER C 366 -49.10 4.01 17.16
CA SER C 366 -49.73 2.72 16.92
C SER C 366 -51.10 2.67 17.58
N VAL C 367 -51.24 3.40 18.68
CA VAL C 367 -52.49 3.43 19.41
C VAL C 367 -53.59 4.06 18.56
N LEU C 368 -53.27 5.19 17.92
CA LEU C 368 -54.25 5.87 17.09
C LEU C 368 -54.54 5.08 15.84
N TYR C 369 -53.50 4.57 15.20
CA TYR C 369 -53.64 3.84 13.96
C TYR C 369 -54.58 2.64 14.11
N ASN C 370 -54.41 1.88 15.18
CA ASN C 370 -55.18 0.66 15.36
C ASN C 370 -56.42 0.84 16.23
N SER C 371 -56.83 2.09 16.48
CA SER C 371 -58.05 2.33 17.25
C SER C 371 -59.28 1.95 16.44
N ALA C 372 -59.21 2.14 15.13
CA ALA C 372 -60.32 1.83 14.23
C ALA C 372 -61.59 2.57 14.67
N SER C 373 -61.42 3.78 15.16
CA SER C 373 -62.53 4.61 15.59
C SER C 373 -62.62 5.87 14.74
N PHE C 374 -61.86 5.89 13.65
CA PHE C 374 -61.79 7.04 12.78
C PHE C 374 -62.39 6.73 11.42
N SER C 375 -63.04 7.71 10.81
CA SER C 375 -63.59 7.55 9.48
C SER C 375 -62.54 7.90 8.44
N THR C 376 -61.64 8.80 8.81
CA THR C 376 -60.55 9.21 7.94
C THR C 376 -59.22 9.10 8.66
N PHE C 377 -58.24 8.50 7.99
CA PHE C 377 -56.88 8.41 8.51
C PHE C 377 -55.90 8.45 7.34
N LYS C 378 -55.62 9.64 6.84
CA LYS C 378 -54.81 9.80 5.65
C LYS C 378 -53.50 10.50 5.94
N CYS C 379 -52.39 9.85 5.66
CA CYS C 379 -51.04 10.37 5.91
C CYS C 379 -50.36 10.81 4.63
N TYR C 380 -49.66 11.93 4.70
CA TYR C 380 -48.94 12.50 3.57
C TYR C 380 -47.47 12.69 3.92
N GLY C 381 -46.59 12.11 3.11
CA GLY C 381 -45.16 12.23 3.33
C GLY C 381 -44.63 11.12 4.22
N VAL C 382 -45.53 10.51 4.97
CA VAL C 382 -45.19 9.41 5.87
C VAL C 382 -46.18 8.27 5.74
N SER C 383 -45.73 7.06 6.01
CA SER C 383 -46.64 5.91 6.07
C SER C 383 -47.12 5.71 7.51
N PRO C 384 -48.41 5.40 7.70
CA PRO C 384 -49.05 5.09 8.97
C PRO C 384 -48.32 4.00 9.76
N THR C 385 -47.60 3.12 9.07
CA THR C 385 -46.91 2.02 9.73
C THR C 385 -45.40 2.25 9.85
N LYS C 386 -44.94 3.41 9.39
CA LYS C 386 -43.53 3.77 9.48
C LYS C 386 -43.34 4.99 10.37
N LEU C 387 -44.39 5.79 10.47
CA LEU C 387 -44.42 7.04 11.24
C LEU C 387 -43.94 6.83 12.66
N ASN C 388 -44.29 5.69 13.23
CA ASN C 388 -43.95 5.37 14.61
C ASN C 388 -42.46 5.27 14.85
N ASP C 389 -41.70 5.08 13.77
CA ASP C 389 -40.26 4.91 13.86
C ASP C 389 -39.49 6.13 13.39
N LEU C 390 -40.19 7.26 13.22
CA LEU C 390 -39.54 8.49 12.78
C LEU C 390 -39.42 9.49 13.94
N CYS C 391 -38.38 10.33 13.89
CA CYS C 391 -38.15 11.37 14.90
C CYS C 391 -38.36 12.76 14.30
N PHE C 392 -38.97 13.63 15.09
CA PHE C 392 -39.30 14.98 14.65
C PHE C 392 -38.86 16.03 15.67
N THR C 393 -38.73 17.28 15.23
CA THR C 393 -38.46 18.38 16.13
C THR C 393 -39.74 18.84 16.82
N ASN C 394 -40.81 18.96 16.03
CA ASN C 394 -42.09 19.40 16.56
C ASN C 394 -43.25 18.63 15.94
N VAL C 395 -44.25 18.36 16.77
CA VAL C 395 -45.53 17.82 16.32
C VAL C 395 -46.64 18.82 16.62
N TYR C 396 -47.38 19.21 15.59
CA TYR C 396 -48.44 20.19 15.81
C TYR C 396 -49.81 19.60 15.57
N ALA C 397 -50.66 19.66 16.59
CA ALA C 397 -52.00 19.09 16.50
C ALA C 397 -53.05 20.19 16.35
N ASP C 398 -53.58 20.33 15.13
CA ASP C 398 -54.59 21.34 14.83
C ASP C 398 -55.99 20.74 14.92
N SER C 399 -56.78 21.18 15.90
CA SER C 399 -58.10 20.61 16.10
C SER C 399 -59.23 21.59 15.78
N PHE C 400 -60.28 21.07 15.16
CA PHE C 400 -61.46 21.86 14.80
C PHE C 400 -62.66 21.00 14.43
N VAL C 401 -63.85 21.61 14.41
CA VAL C 401 -65.07 20.91 13.97
C VAL C 401 -65.65 21.46 12.67
N ILE C 402 -65.90 20.54 11.74
CA ILE C 402 -66.50 20.87 10.44
C ILE C 402 -67.61 19.87 10.08
N ARG C 403 -68.30 20.12 8.97
CA ARG C 403 -69.31 19.19 8.49
C ARG C 403 -68.66 17.99 7.82
N GLY C 404 -69.34 16.85 7.83
CA GLY C 404 -68.81 15.63 7.21
C GLY C 404 -68.39 15.85 5.77
N ASP C 405 -69.18 16.58 5.01
CA ASP C 405 -68.87 16.83 3.60
C ASP C 405 -67.62 17.68 3.41
N GLU C 406 -67.27 18.45 4.42
CA GLU C 406 -66.14 19.38 4.32
C GLU C 406 -64.83 18.71 4.65
N VAL C 407 -64.89 17.45 5.06
CA VAL C 407 -63.69 16.72 5.46
C VAL C 407 -62.72 16.61 4.29
N ARG C 408 -63.26 16.46 3.09
CA ARG C 408 -62.43 16.32 1.90
C ARG C 408 -61.56 17.53 1.62
N GLN C 409 -61.88 18.68 2.23
CA GLN C 409 -61.09 19.89 1.99
C GLN C 409 -59.84 19.92 2.85
N ILE C 410 -59.76 19.03 3.84
CA ILE C 410 -58.58 19.00 4.70
C ILE C 410 -57.55 18.08 4.07
N ALA C 411 -56.89 18.60 3.04
CA ALA C 411 -55.91 17.86 2.28
C ALA C 411 -55.08 18.84 1.44
N PRO C 412 -53.89 18.44 1.00
CA PRO C 412 -53.07 19.16 0.04
C PRO C 412 -53.79 19.38 -1.28
N GLY C 413 -53.62 20.57 -1.85
CA GLY C 413 -54.15 20.89 -3.18
C GLY C 413 -55.67 21.07 -3.22
N GLN C 414 -56.27 21.44 -2.10
CA GLN C 414 -57.72 21.58 -2.06
C GLN C 414 -58.17 23.03 -2.05
N THR C 415 -59.40 23.25 -2.51
CA THR C 415 -60.05 24.55 -2.49
C THR C 415 -61.45 24.42 -1.89
N GLY C 416 -62.07 25.56 -1.59
CA GLY C 416 -63.42 25.55 -1.02
C GLY C 416 -63.52 26.46 0.18
N LYS C 417 -64.70 26.54 0.77
CA LYS C 417 -64.93 27.47 1.88
C LYS C 417 -63.96 27.24 3.04
N ILE C 418 -63.64 25.99 3.33
CA ILE C 418 -62.74 25.72 4.44
C ILE C 418 -61.29 25.85 3.98
N ALA C 419 -60.97 25.22 2.86
CA ALA C 419 -59.59 25.24 2.37
C ALA C 419 -59.12 26.67 2.10
N ASP C 420 -60.02 27.53 1.64
CA ASP C 420 -59.64 28.90 1.28
C ASP C 420 -59.77 29.92 2.41
N TYR C 421 -60.80 29.80 3.26
CA TYR C 421 -61.05 30.85 4.24
C TYR C 421 -60.85 30.43 5.70
N ASN C 422 -60.65 29.14 5.97
CA ASN C 422 -60.58 28.72 7.37
C ASN C 422 -59.28 27.96 7.72
N TYR C 423 -59.03 26.87 7.02
CA TYR C 423 -57.87 26.04 7.32
C TYR C 423 -57.18 25.55 6.04
N LYS C 424 -56.04 26.17 5.73
CA LYS C 424 -55.31 25.86 4.51
C LYS C 424 -54.08 24.99 4.77
N LEU C 425 -53.96 23.91 4.03
CA LEU C 425 -52.76 23.09 4.06
C LEU C 425 -51.92 23.36 2.82
N PRO C 426 -50.60 23.28 2.93
CA PRO C 426 -49.63 23.42 1.86
C PRO C 426 -49.65 22.20 0.95
N ASP C 427 -49.08 22.34 -0.24
CA ASP C 427 -49.04 21.25 -1.20
C ASP C 427 -47.93 20.26 -0.87
N ASP C 428 -46.91 20.72 -0.14
CA ASP C 428 -45.81 19.88 0.29
C ASP C 428 -45.98 19.47 1.75
N PHE C 429 -47.24 19.40 2.18
CA PHE C 429 -47.59 19.05 3.56
C PHE C 429 -47.09 17.68 3.97
N THR C 430 -46.51 17.62 5.17
CA THR C 430 -46.13 16.35 5.78
C THR C 430 -46.86 16.20 7.11
N GLY C 431 -47.59 15.11 7.26
CA GLY C 431 -48.37 14.87 8.47
C GLY C 431 -49.56 13.97 8.17
N CYS C 432 -50.44 13.78 9.18
CA CYS C 432 -51.60 12.91 9.04
C CYS C 432 -52.90 13.63 9.40
N VAL C 433 -53.94 13.37 8.60
CA VAL C 433 -55.27 13.93 8.83
C VAL C 433 -56.21 12.86 9.38
N ILE C 434 -56.69 13.09 10.59
CA ILE C 434 -57.55 12.12 11.25
C ILE C 434 -58.90 12.73 11.62
N ALA C 435 -59.99 12.04 11.29
CA ALA C 435 -61.32 12.56 11.61
C ALA C 435 -62.28 11.45 12.01
N TRP C 436 -63.23 11.80 12.87
CA TRP C 436 -64.26 10.86 13.30
C TRP C 436 -65.61 11.54 13.51
N ASN C 437 -66.67 10.75 13.43
CA ASN C 437 -68.04 11.23 13.59
C ASN C 437 -68.33 11.57 15.05
N SER C 438 -68.85 12.78 15.29
CA SER C 438 -69.19 13.21 16.63
C SER C 438 -70.66 13.63 16.72
N ASN C 439 -71.51 12.99 15.93
CA ASN C 439 -72.92 13.37 15.85
C ASN C 439 -73.64 13.23 17.18
N ASN C 440 -73.21 12.31 18.02
CA ASN C 440 -73.89 12.12 19.30
C ASN C 440 -73.26 12.94 20.42
N LEU C 441 -72.28 13.77 20.07
CA LEU C 441 -71.61 14.58 21.08
C LEU C 441 -71.79 16.08 20.83
N ASP C 442 -71.53 16.50 19.59
CA ASP C 442 -71.55 17.92 19.27
C ASP C 442 -72.90 18.40 18.75
N SER C 443 -73.80 17.47 18.43
CA SER C 443 -75.10 17.87 17.92
C SER C 443 -76.07 18.13 19.07
N LYS C 444 -77.01 19.04 18.84
CA LYS C 444 -78.04 19.35 19.84
C LYS C 444 -79.42 19.28 19.21
N VAL C 445 -80.43 18.99 20.02
CA VAL C 445 -81.78 18.97 19.50
C VAL C 445 -82.22 20.40 19.23
N GLY C 446 -82.62 20.67 17.99
CA GLY C 446 -82.95 22.02 17.57
C GLY C 446 -81.79 22.65 16.80
N GLY C 447 -80.61 22.04 16.91
CA GLY C 447 -79.41 22.52 16.22
C GLY C 447 -78.40 23.18 17.16
N ASN C 448 -77.14 22.81 17.01
CA ASN C 448 -76.05 23.42 17.75
C ASN C 448 -75.44 24.53 16.92
N TYR C 449 -75.64 25.77 17.36
CA TYR C 449 -75.23 26.94 16.58
C TYR C 449 -74.03 27.62 17.22
N ASN C 450 -73.31 26.91 18.08
CA ASN C 450 -72.15 27.46 18.77
C ASN C 450 -70.87 27.34 17.96
N TYR C 451 -70.96 26.66 16.81
CA TYR C 451 -69.80 26.53 15.93
C TYR C 451 -69.92 27.48 14.75
N LEU C 452 -68.81 28.08 14.35
CA LEU C 452 -68.81 29.00 13.22
C LEU C 452 -67.69 28.74 12.24
N TYR C 453 -67.89 29.22 11.01
CA TYR C 453 -66.86 29.19 9.98
C TYR C 453 -66.83 30.53 9.26
N ARG C 454 -65.71 30.83 8.62
CA ARG C 454 -65.59 32.06 7.85
C ARG C 454 -66.26 31.90 6.51
N LEU C 455 -67.19 32.81 6.20
CA LEU C 455 -67.95 32.76 4.97
C LEU C 455 -67.35 33.71 3.94
N PHE C 456 -66.95 34.90 4.38
CA PHE C 456 -66.39 35.88 3.45
C PHE C 456 -64.98 36.29 3.82
N ARG C 457 -64.15 36.49 2.80
CA ARG C 457 -62.80 37.01 2.98
C ARG C 457 -62.31 37.66 1.69
N LYS C 458 -61.55 38.74 1.83
CA LYS C 458 -61.00 39.47 0.70
C LYS C 458 -60.05 38.63 -0.16
N SER C 459 -59.30 37.75 0.49
CA SER C 459 -58.32 36.90 -0.18
C SER C 459 -58.23 35.55 0.52
N ASN C 460 -57.48 34.63 -0.07
CA ASN C 460 -57.35 33.29 0.48
C ASN C 460 -56.23 33.22 1.50
N LEU C 461 -56.32 32.26 2.42
CA LEU C 461 -55.32 32.08 3.47
C LEU C 461 -54.06 31.41 2.97
N LYS C 462 -52.94 31.73 3.62
CA LYS C 462 -51.69 31.01 3.43
C LYS C 462 -51.74 29.73 4.28
N PRO C 463 -50.91 28.74 3.99
CA PRO C 463 -50.78 27.51 4.73
C PRO C 463 -50.59 27.77 6.22
N PHE C 464 -51.43 27.10 7.02
CA PHE C 464 -51.41 27.21 8.46
C PHE C 464 -51.62 28.63 8.99
N GLU C 465 -52.25 29.48 8.18
CA GLU C 465 -52.60 30.82 8.62
C GLU C 465 -53.99 30.83 9.26
N ARG C 466 -54.18 31.68 10.25
CA ARG C 466 -55.49 31.83 10.87
C ARG C 466 -55.96 33.28 10.84
N ASP C 467 -57.28 33.44 10.81
CA ASP C 467 -57.90 34.76 10.85
C ASP C 467 -59.15 34.76 11.72
N ILE C 468 -59.09 35.46 12.85
CA ILE C 468 -60.19 35.48 13.80
C ILE C 468 -60.84 36.85 13.89
N SER C 469 -60.61 37.68 12.88
CA SER C 469 -61.21 39.00 12.80
C SER C 469 -62.72 38.94 12.59
N THR C 470 -63.43 39.92 13.14
CA THR C 470 -64.87 40.03 12.98
C THR C 470 -65.27 41.26 12.16
N GLU C 471 -64.29 41.82 11.45
CA GLU C 471 -64.53 42.99 10.60
C GLU C 471 -65.60 42.71 9.55
N ILE C 472 -66.57 43.61 9.42
CA ILE C 472 -67.67 43.45 8.48
C ILE C 472 -67.17 43.44 7.04
N TYR C 473 -67.62 42.45 6.28
CA TYR C 473 -67.21 42.26 4.90
C TYR C 473 -68.03 43.13 3.95
N GLN C 474 -67.32 43.82 3.06
CA GLN C 474 -67.97 44.66 2.06
C GLN C 474 -68.15 43.90 0.75
N ALA C 475 -69.40 43.64 0.39
CA ALA C 475 -69.71 42.88 -0.82
C ALA C 475 -69.86 43.81 -2.02
N GLY C 476 -70.32 45.02 -1.76
CA GLY C 476 -70.56 46.00 -2.81
C GLY C 476 -69.45 47.05 -2.89
N SER C 477 -69.79 48.21 -3.44
CA SER C 477 -68.84 49.32 -3.56
C SER C 477 -69.05 50.32 -2.43
N THR C 478 -70.18 50.22 -1.76
CA THR C 478 -70.56 51.11 -0.68
C THR C 478 -69.90 50.66 0.62
N PRO C 479 -69.18 51.54 1.33
CA PRO C 479 -68.44 51.26 2.54
C PRO C 479 -69.40 50.84 3.67
N CYS C 480 -68.94 49.90 4.50
CA CYS C 480 -69.75 49.36 5.60
C CYS C 480 -69.54 50.16 6.87
N ASN C 481 -68.34 50.68 7.06
CA ASN C 481 -68.00 51.43 8.25
C ASN C 481 -68.26 50.62 9.53
N GLY C 482 -68.04 49.31 9.46
CA GLY C 482 -68.22 48.44 10.61
C GLY C 482 -69.67 48.05 10.85
N VAL C 483 -70.56 48.42 9.94
CA VAL C 483 -71.98 48.15 10.11
C VAL C 483 -72.51 47.15 9.09
N GLU C 484 -73.11 46.07 9.60
CA GLU C 484 -73.73 45.06 8.75
C GLU C 484 -75.03 45.59 8.18
N GLY C 485 -75.34 45.24 6.94
CA GLY C 485 -76.53 45.77 6.29
C GLY C 485 -76.52 45.50 4.79
N PHE C 486 -77.04 46.44 4.01
CA PHE C 486 -77.11 46.24 2.57
C PHE C 486 -75.72 46.22 1.96
N ASN C 487 -75.42 45.14 1.26
CA ASN C 487 -74.10 44.89 0.66
C ASN C 487 -72.97 44.73 1.70
N CYS C 488 -73.33 44.44 2.97
CA CYS C 488 -72.38 44.25 4.06
C CYS C 488 -72.75 43.04 4.91
N TYR C 489 -71.79 42.16 5.15
CA TYR C 489 -72.07 40.93 5.88
C TYR C 489 -71.12 40.71 7.05
N PHE C 490 -71.62 40.07 8.10
CA PHE C 490 -70.74 39.61 9.15
C PHE C 490 -69.93 38.47 8.55
N PRO C 491 -68.60 38.48 8.70
CA PRO C 491 -67.66 37.58 8.06
C PRO C 491 -67.88 36.11 8.40
N LEU C 492 -68.45 35.84 9.58
CA LEU C 492 -68.66 34.48 10.02
C LEU C 492 -70.10 34.03 9.85
N GLN C 493 -70.29 32.71 9.72
CA GLN C 493 -71.62 32.12 9.68
C GLN C 493 -71.63 30.87 10.56
N SER C 494 -72.78 30.59 11.17
CA SER C 494 -72.88 29.48 12.10
C SER C 494 -73.25 28.17 11.41
N TYR C 495 -72.92 27.06 12.08
CA TYR C 495 -73.34 25.74 11.68
C TYR C 495 -74.66 25.39 12.36
N GLY C 496 -75.39 24.43 11.81
CA GLY C 496 -76.60 23.94 12.45
C GLY C 496 -76.53 22.42 12.64
N PHE C 497 -75.82 21.98 13.67
CA PHE C 497 -75.65 20.55 13.89
C PHE C 497 -76.73 19.96 14.79
N GLN C 498 -77.53 19.04 14.24
CA GLN C 498 -78.57 18.37 15.01
C GLN C 498 -78.51 16.86 14.72
N PRO C 499 -78.96 16.01 15.65
CA PRO C 499 -78.90 14.55 15.58
C PRO C 499 -79.52 13.97 14.31
N THR C 500 -80.47 14.69 13.71
CA THR C 500 -81.18 14.20 12.54
C THR C 500 -80.58 14.64 11.21
N ASN C 501 -79.44 15.31 11.25
CA ASN C 501 -78.79 15.71 10.01
C ASN C 501 -78.27 14.50 9.25
N GLY C 502 -78.24 14.61 7.92
CA GLY C 502 -77.66 13.56 7.11
C GLY C 502 -76.17 13.52 7.38
N VAL C 503 -75.52 12.42 7.03
CA VAL C 503 -74.12 12.23 7.40
C VAL C 503 -73.22 13.34 6.88
N GLY C 504 -73.55 13.89 5.72
CA GLY C 504 -72.75 14.98 5.15
C GLY C 504 -72.85 16.24 6.00
N TYR C 505 -73.94 16.33 6.77
CA TYR C 505 -74.20 17.51 7.58
C TYR C 505 -74.04 17.19 9.06
N GLN C 506 -73.53 16.01 9.36
CA GLN C 506 -73.20 15.67 10.74
C GLN C 506 -71.83 16.24 11.04
N PRO C 507 -71.56 16.63 12.27
CA PRO C 507 -70.30 17.17 12.75
C PRO C 507 -69.22 16.12 12.79
N TYR C 508 -68.02 16.52 12.40
CA TYR C 508 -66.84 15.68 12.53
C TYR C 508 -65.73 16.42 13.24
N ARG C 509 -65.06 15.72 14.13
CA ARG C 509 -63.93 16.28 14.84
C ARG C 509 -62.66 15.95 14.09
N VAL C 510 -61.92 16.97 13.69
CA VAL C 510 -60.75 16.78 12.87
C VAL C 510 -59.48 17.18 13.58
N VAL C 511 -58.49 16.30 13.55
CA VAL C 511 -57.18 16.58 14.08
C VAL C 511 -56.12 16.39 13.01
N VAL C 512 -55.33 17.42 12.77
CA VAL C 512 -54.24 17.30 11.81
C VAL C 512 -52.91 17.33 12.53
N LEU C 513 -52.12 16.29 12.36
CA LEU C 513 -50.81 16.22 13.00
C LEU C 513 -49.73 16.57 12.00
N SER C 514 -49.22 17.79 12.10
CA SER C 514 -48.22 18.30 11.18
C SER C 514 -46.82 18.07 11.72
N PHE C 515 -45.90 17.63 10.86
CA PHE C 515 -44.56 17.31 11.33
C PHE C 515 -43.49 18.18 10.70
N GLU C 516 -42.48 18.51 11.51
CA GLU C 516 -41.30 19.20 10.99
C GLU C 516 -40.03 18.75 11.72
N LEU C 517 -38.91 18.85 11.02
CA LEU C 517 -37.60 18.60 11.60
C LEU C 517 -36.62 19.70 11.18
N LEU C 518 -35.95 20.28 12.16
CA LEU C 518 -35.03 21.39 11.91
C LEU C 518 -33.58 21.00 12.20
N HIS C 519 -32.80 21.96 12.71
CA HIS C 519 -31.40 21.72 13.06
C HIS C 519 -31.33 21.10 14.46
N ALA C 520 -32.47 21.10 15.13
CA ALA C 520 -32.59 20.59 16.49
C ALA C 520 -32.33 19.10 16.54
N PRO C 521 -31.98 18.55 17.71
CA PRO C 521 -31.78 17.14 18.01
C PRO C 521 -32.95 16.24 17.59
N ALA C 522 -34.16 16.81 17.51
CA ALA C 522 -35.36 16.06 17.17
C ALA C 522 -35.69 15.08 18.28
N THR C 523 -36.37 15.60 19.30
CA THR C 523 -36.59 14.85 20.54
C THR C 523 -37.90 14.08 20.57
N VAL C 524 -38.68 14.16 19.50
CA VAL C 524 -39.96 13.46 19.49
C VAL C 524 -39.86 12.19 18.65
N CYS C 525 -39.70 11.05 19.32
CA CYS C 525 -39.53 9.74 18.69
C CYS C 525 -40.57 8.78 19.25
N GLY C 526 -40.92 7.75 18.49
CA GLY C 526 -41.86 6.78 19.00
C GLY C 526 -41.15 5.84 19.98
N PRO C 527 -41.89 4.91 20.60
CA PRO C 527 -41.43 3.94 21.57
C PRO C 527 -40.40 3.00 20.96
N LYS C 528 -39.40 2.64 21.74
CA LYS C 528 -38.42 1.65 21.31
C LYS C 528 -38.67 0.33 22.03
N LYS C 529 -39.11 -0.67 21.29
CA LYS C 529 -39.46 -1.96 21.87
C LYS C 529 -38.21 -2.74 22.24
N SER C 530 -38.30 -3.52 23.31
CA SER C 530 -37.17 -4.32 23.77
C SER C 530 -37.55 -5.76 24.03
N THR C 531 -36.53 -6.60 24.22
CA THR C 531 -36.73 -8.00 24.54
C THR C 531 -36.12 -8.35 25.89
N ASN C 532 -36.12 -9.63 26.23
CA ASN C 532 -35.63 -10.09 27.51
C ASN C 532 -34.10 -10.21 27.49
N LEU C 533 -33.52 -10.61 28.61
CA LEU C 533 -32.07 -10.73 28.70
C LEU C 533 -31.62 -12.18 28.79
N VAL C 534 -30.72 -12.56 27.90
CA VAL C 534 -30.15 -13.89 27.90
C VAL C 534 -28.67 -13.85 28.30
N LYS C 535 -28.32 -14.63 29.31
CA LYS C 535 -26.96 -14.67 29.81
C LYS C 535 -26.32 -16.04 29.64
N ASN C 536 -24.99 -16.06 29.64
CA ASN C 536 -24.18 -17.26 29.55
C ASN C 536 -24.32 -18.00 28.23
N LYS C 537 -24.72 -17.27 27.19
CA LYS C 537 -24.79 -17.82 25.85
C LYS C 537 -24.19 -16.84 24.86
N CYS C 538 -23.72 -17.36 23.73
CA CYS C 538 -23.21 -16.49 22.64
C CYS C 538 -24.38 -15.86 21.91
N VAL C 539 -24.45 -14.53 21.99
CA VAL C 539 -25.57 -13.80 21.41
C VAL C 539 -25.11 -12.55 20.66
N ASN C 540 -26.02 -12.02 19.85
CA ASN C 540 -25.85 -10.68 19.31
C ASN C 540 -26.55 -9.74 20.28
N PHE C 541 -26.19 -8.47 20.29
CA PHE C 541 -26.87 -7.56 21.19
C PHE C 541 -26.85 -6.10 20.77
N ASN C 542 -27.75 -5.33 21.40
CA ASN C 542 -27.82 -3.89 21.26
C ASN C 542 -28.32 -3.27 22.58
N PHE C 543 -27.42 -2.65 23.32
CA PHE C 543 -27.78 -2.04 24.59
C PHE C 543 -27.85 -0.52 24.47
N ASN C 544 -29.07 -0.02 24.34
CA ASN C 544 -29.30 1.41 24.20
C ASN C 544 -28.42 2.04 23.12
N GLY C 545 -28.29 1.36 21.99
CA GLY C 545 -27.51 1.88 20.87
C GLY C 545 -26.12 1.27 20.76
N LEU C 546 -25.68 0.57 21.81
CA LEU C 546 -24.36 -0.05 21.79
C LEU C 546 -24.46 -1.49 21.27
N THR C 547 -24.04 -1.68 20.03
CA THR C 547 -24.15 -2.97 19.37
C THR C 547 -22.89 -3.81 19.50
N GLY C 548 -23.02 -5.11 19.26
CA GLY C 548 -21.87 -6.00 19.27
C GLY C 548 -22.30 -7.45 19.39
N THR C 549 -21.32 -8.31 19.68
CA THR C 549 -21.57 -9.74 19.83
C THR C 549 -20.66 -10.32 20.91
N GLY C 550 -21.15 -11.35 21.58
CA GLY C 550 -20.36 -12.02 22.61
C GLY C 550 -21.26 -12.63 23.67
N VAL C 551 -20.64 -13.21 24.69
CA VAL C 551 -21.36 -13.83 25.78
C VAL C 551 -21.54 -12.84 26.92
N LEU C 552 -22.78 -12.69 27.37
CA LEU C 552 -23.09 -11.75 28.45
C LEU C 552 -23.15 -12.48 29.78
N THR C 553 -22.34 -12.04 30.73
CA THR C 553 -22.33 -12.65 32.05
C THR C 553 -22.48 -11.60 33.14
N GLU C 554 -22.85 -12.03 34.34
CA GLU C 554 -22.97 -11.10 35.45
C GLU C 554 -21.59 -10.67 35.93
N SER C 555 -21.40 -9.38 36.15
CA SER C 555 -20.10 -8.87 36.55
C SER C 555 -20.01 -8.63 38.05
N ASN C 556 -18.79 -8.32 38.49
CA ASN C 556 -18.56 -7.90 39.87
C ASN C 556 -18.01 -6.48 39.88
N LYS C 557 -18.40 -5.69 38.87
CA LYS C 557 -17.81 -4.37 38.63
C LYS C 557 -18.65 -3.22 39.21
N LYS C 558 -18.02 -2.03 39.33
CA LYS C 558 -18.72 -0.82 39.76
C LYS C 558 -18.67 0.29 38.74
N PHE C 559 -19.82 0.60 38.18
CA PHE C 559 -19.93 1.79 37.34
C PHE C 559 -20.44 2.95 38.16
N LEU C 560 -20.04 4.16 37.79
CA LEU C 560 -20.55 5.35 38.44
C LEU C 560 -21.99 5.61 37.99
N PRO C 561 -22.80 6.32 38.76
CA PRO C 561 -24.21 6.62 38.52
C PRO C 561 -24.51 7.18 37.13
N PHE C 562 -23.51 7.77 36.49
CA PHE C 562 -23.70 8.38 35.19
C PHE C 562 -23.05 7.62 34.04
N GLN C 563 -22.43 6.48 34.34
CA GLN C 563 -21.72 5.72 33.32
C GLN C 563 -22.57 4.60 32.76
N GLN C 564 -22.46 4.36 31.45
CA GLN C 564 -23.30 3.39 30.78
C GLN C 564 -22.56 2.14 30.31
N PHE C 565 -21.28 2.29 29.98
CA PHE C 565 -20.49 1.14 29.55
C PHE C 565 -19.03 1.37 29.82
N GLY C 566 -18.24 0.30 29.83
CA GLY C 566 -16.83 0.43 30.12
C GLY C 566 -15.95 -0.01 28.96
N ARG C 567 -14.66 0.29 29.06
CA ARG C 567 -13.71 -0.12 28.03
C ARG C 567 -12.44 -0.70 28.62
N ASP C 568 -11.77 -1.54 27.82
CA ASP C 568 -10.49 -2.14 28.17
C ASP C 568 -9.34 -1.24 27.72
N ILE C 569 -8.11 -1.66 27.96
CA ILE C 569 -6.93 -0.93 27.52
C ILE C 569 -6.87 -0.84 26.00
N ALA C 570 -7.54 -1.78 25.35
CA ALA C 570 -7.60 -1.84 23.89
C ALA C 570 -8.66 -0.88 23.36
N ASP C 571 -9.34 -0.19 24.27
CA ASP C 571 -10.43 0.74 23.93
C ASP C 571 -11.67 0.01 23.43
N THR C 572 -11.70 -1.31 23.62
CA THR C 572 -12.87 -2.09 23.26
C THR C 572 -13.82 -2.15 24.43
N THR C 573 -15.10 -2.44 24.15
CA THR C 573 -16.09 -2.52 25.22
C THR C 573 -15.98 -3.84 25.94
N ASP C 574 -15.94 -3.80 27.28
CA ASP C 574 -15.83 -5.03 28.04
C ASP C 574 -16.96 -5.19 29.05
N ALA C 575 -17.84 -4.21 29.12
CA ALA C 575 -18.96 -4.26 30.05
C ALA C 575 -20.01 -3.23 29.67
N VAL C 576 -21.27 -3.54 29.95
CA VAL C 576 -22.39 -2.62 29.72
C VAL C 576 -23.35 -2.59 30.88
N ARG C 577 -24.08 -1.49 31.01
CA ARG C 577 -25.15 -1.37 32.00
C ARG C 577 -26.49 -1.74 31.38
N ASP C 578 -27.26 -2.55 32.08
CA ASP C 578 -28.60 -2.91 31.61
C ASP C 578 -29.56 -1.72 31.83
N PRO C 579 -30.13 -1.18 30.75
CA PRO C 579 -30.89 0.05 30.71
C PRO C 579 -32.21 0.00 31.49
N GLN C 580 -32.69 -1.21 31.82
CA GLN C 580 -33.95 -1.36 32.53
C GLN C 580 -33.77 -1.86 33.94
N THR C 581 -32.64 -2.54 34.19
CA THR C 581 -32.46 -3.24 35.45
C THR C 581 -31.36 -2.58 36.28
N LEU C 582 -30.49 -1.82 35.60
CA LEU C 582 -29.35 -1.14 36.23
C LEU C 582 -28.33 -2.11 36.81
N GLU C 583 -28.13 -3.25 36.17
CA GLU C 583 -27.08 -4.19 36.53
C GLU C 583 -25.89 -4.05 35.60
N ILE C 584 -24.72 -4.46 36.05
CA ILE C 584 -23.54 -4.42 35.17
C ILE C 584 -23.20 -5.81 34.65
N LEU C 585 -23.10 -5.90 33.33
CA LEU C 585 -22.76 -7.15 32.68
C LEU C 585 -21.38 -7.09 32.04
N ASP C 586 -20.68 -8.21 32.04
CA ASP C 586 -19.40 -8.32 31.35
C ASP C 586 -19.59 -8.93 29.97
N ILE C 587 -18.75 -8.52 29.03
CA ILE C 587 -18.81 -9.09 27.69
C ILE C 587 -17.58 -9.90 27.37
N THR C 588 -17.77 -11.19 27.16
CA THR C 588 -16.67 -12.08 26.79
C THR C 588 -16.87 -12.56 25.35
N PRO C 589 -15.92 -12.30 24.46
CA PRO C 589 -15.95 -12.70 23.06
C PRO C 589 -16.23 -14.20 22.96
N CYS C 590 -17.03 -14.58 21.95
CA CYS C 590 -17.39 -15.98 21.73
C CYS C 590 -16.14 -16.76 21.31
N SER C 591 -15.98 -17.95 21.87
CA SER C 591 -14.76 -18.72 21.67
C SER C 591 -14.45 -18.96 20.20
N PHE C 592 -13.17 -18.86 19.87
CA PHE C 592 -12.66 -19.15 18.55
C PHE C 592 -11.21 -19.59 18.68
N GLY C 593 -10.69 -20.24 17.65
CA GLY C 593 -9.29 -20.64 17.64
C GLY C 593 -9.01 -21.56 16.48
N GLY C 594 -7.74 -21.83 16.22
CA GLY C 594 -7.37 -22.68 15.11
C GLY C 594 -7.64 -24.15 15.42
N VAL C 595 -7.73 -24.95 14.37
CA VAL C 595 -7.87 -26.38 14.52
C VAL C 595 -6.72 -27.09 13.83
N SER C 596 -6.02 -27.94 14.56
CA SER C 596 -4.90 -28.67 14.00
C SER C 596 -5.14 -30.17 14.00
N VAL C 597 -4.70 -30.82 12.94
CA VAL C 597 -4.86 -32.26 12.82
C VAL C 597 -3.54 -32.98 13.04
N ILE C 598 -3.56 -33.94 13.95
CA ILE C 598 -2.38 -34.72 14.29
C ILE C 598 -2.40 -36.05 13.56
N THR C 599 -1.37 -36.31 12.78
CA THR C 599 -1.32 -37.54 12.01
C THR C 599 0.05 -38.21 12.10
N PRO C 600 0.09 -39.54 12.15
CA PRO C 600 1.26 -40.38 12.10
C PRO C 600 1.82 -40.47 10.68
N GLY C 601 1.07 -39.97 9.72
CA GLY C 601 1.42 -40.09 8.32
C GLY C 601 0.53 -41.12 7.63
N THR C 602 0.17 -40.84 6.38
CA THR C 602 -0.77 -41.66 5.62
C THR C 602 -0.21 -43.03 5.20
N ASN C 603 1.10 -43.24 5.41
CA ASN C 603 1.78 -44.52 5.17
C ASN C 603 1.81 -45.38 6.40
N THR C 604 1.23 -44.90 7.53
CA THR C 604 1.15 -45.61 8.80
C THR C 604 -0.30 -45.88 9.16
N SER C 605 -1.11 -44.83 9.14
CA SER C 605 -2.51 -44.95 9.52
C SER C 605 -3.35 -43.78 9.05
N ASN C 606 -4.63 -44.04 8.78
CA ASN C 606 -5.56 -42.99 8.38
C ASN C 606 -6.32 -42.47 9.60
N GLN C 607 -5.89 -42.88 10.79
CA GLN C 607 -6.46 -42.40 12.02
C GLN C 607 -5.78 -41.10 12.43
N VAL C 608 -6.58 -40.09 12.79
CA VAL C 608 -6.02 -38.83 13.23
C VAL C 608 -6.66 -38.34 14.51
N ALA C 609 -5.99 -37.43 15.19
CA ALA C 609 -6.54 -36.76 16.36
C ALA C 609 -6.69 -35.27 16.04
N VAL C 610 -7.70 -34.64 16.61
CA VAL C 610 -7.94 -33.24 16.31
C VAL C 610 -7.80 -32.34 17.53
N LEU C 611 -7.00 -31.30 17.39
CA LEU C 611 -6.77 -30.35 18.47
C LEU C 611 -7.48 -29.04 18.21
N TYR C 612 -8.31 -28.64 19.17
CA TYR C 612 -8.98 -27.35 19.12
C TYR C 612 -8.28 -26.38 20.06
N GLN C 613 -7.68 -25.35 19.50
CA GLN C 613 -6.79 -24.48 20.27
C GLN C 613 -7.48 -23.56 21.24
N ASP C 614 -6.90 -23.42 22.43
CA ASP C 614 -7.35 -22.45 23.43
C ASP C 614 -8.84 -22.43 23.61
N VAL C 615 -9.44 -23.59 23.81
CA VAL C 615 -10.88 -23.64 23.98
C VAL C 615 -11.27 -24.68 25.01
N ASN C 616 -12.34 -24.39 25.71
CA ASN C 616 -12.99 -25.33 26.62
C ASN C 616 -13.61 -26.50 25.87
N CYS C 617 -13.26 -27.73 26.23
CA CYS C 617 -13.78 -28.94 25.60
C CYS C 617 -15.30 -29.01 25.71
N THR C 618 -15.86 -28.23 26.63
CA THR C 618 -17.26 -28.24 26.89
C THR C 618 -18.04 -27.51 25.80
N GLU C 619 -17.30 -26.78 25.00
CA GLU C 619 -17.89 -25.98 23.93
C GLU C 619 -17.78 -26.60 22.54
N VAL C 620 -16.80 -27.51 22.34
CA VAL C 620 -16.56 -28.15 21.04
C VAL C 620 -17.64 -29.20 20.77
N ASN C 641 -12.15 -40.25 22.82
CA ASN C 641 -11.55 -39.75 24.05
C ASN C 641 -11.33 -38.24 23.96
N VAL C 642 -11.78 -37.51 25.00
CA VAL C 642 -11.61 -36.05 25.07
C VAL C 642 -10.68 -35.68 26.20
N PHE C 643 -9.57 -35.04 25.85
CA PHE C 643 -8.55 -34.67 26.82
C PHE C 643 -8.34 -33.17 26.85
N GLN C 644 -8.60 -32.56 28.01
CA GLN C 644 -8.44 -31.12 28.16
C GLN C 644 -7.06 -30.79 28.67
N THR C 645 -6.32 -29.99 27.91
CA THR C 645 -4.98 -29.58 28.31
C THR C 645 -4.78 -28.08 28.14
N ARG C 646 -3.56 -27.61 28.35
CA ARG C 646 -3.24 -26.20 28.28
C ARG C 646 -3.22 -25.69 26.84
N ALA C 647 -2.78 -26.53 25.92
CA ALA C 647 -2.71 -26.15 24.51
C ALA C 647 -4.11 -25.94 23.95
N GLY C 648 -5.05 -26.74 24.41
CA GLY C 648 -6.42 -26.72 23.91
C GLY C 648 -7.11 -28.03 24.20
N CYS C 649 -8.19 -28.30 23.47
CA CYS C 649 -8.98 -29.52 23.65
C CYS C 649 -8.54 -30.57 22.61
N LEU C 650 -8.01 -31.68 23.10
CA LEU C 650 -7.52 -32.72 22.20
C LEU C 650 -8.49 -33.88 22.12
N ILE C 651 -9.02 -34.13 20.94
CA ILE C 651 -10.02 -35.18 20.78
C ILE C 651 -9.56 -36.30 19.87
N GLY C 652 -9.65 -37.54 20.36
CA GLY C 652 -9.28 -38.71 19.59
C GLY C 652 -8.01 -39.39 20.10
N ALA C 653 -7.23 -38.66 20.90
CA ALA C 653 -6.01 -39.22 21.46
C ALA C 653 -6.26 -39.74 22.87
N GLU C 654 -5.64 -40.86 23.20
CA GLU C 654 -5.76 -41.43 24.55
C GLU C 654 -4.61 -40.98 25.43
N HIS C 655 -4.92 -40.29 26.52
CA HIS C 655 -3.89 -39.84 27.45
C HIS C 655 -3.38 -41.00 28.29
N VAL C 656 -2.06 -41.05 28.46
CA VAL C 656 -1.45 -42.09 29.30
C VAL C 656 -0.52 -41.49 30.35
N ASN C 657 -0.23 -42.25 31.40
CA ASN C 657 0.64 -41.83 32.50
C ASN C 657 2.12 -42.09 32.21
N ASN C 658 2.42 -42.72 31.07
CA ASN C 658 3.78 -43.06 30.68
C ASN C 658 4.39 -41.97 29.80
N SER C 659 5.53 -41.44 30.22
CA SER C 659 6.21 -40.43 29.44
C SER C 659 7.15 -41.08 28.42
N TYR C 660 7.40 -40.38 27.33
CA TYR C 660 8.28 -40.87 26.29
C TYR C 660 9.01 -39.71 25.63
N GLU C 661 9.89 -40.03 24.69
CA GLU C 661 10.53 -38.98 23.90
C GLU C 661 9.46 -38.32 23.03
N CYS C 662 9.53 -36.99 22.91
CA CYS C 662 8.51 -36.25 22.13
C CYS C 662 8.65 -36.58 20.64
N ASP C 663 7.47 -36.86 20.04
CA ASP C 663 7.41 -37.16 18.61
C ASP C 663 6.71 -36.02 17.89
N ILE C 664 5.38 -35.94 18.02
CA ILE C 664 4.65 -34.81 17.47
C ILE C 664 4.26 -33.86 18.60
N PRO C 665 4.88 -32.68 18.67
CA PRO C 665 4.71 -31.72 19.73
C PRO C 665 3.34 -31.07 19.67
N ILE C 666 2.70 -30.91 20.82
CA ILE C 666 1.45 -30.17 20.91
C ILE C 666 1.64 -28.85 21.61
N GLY C 667 2.30 -28.88 22.76
CA GLY C 667 2.56 -27.67 23.52
C GLY C 667 2.36 -27.90 25.02
N ALA C 668 2.96 -27.04 25.82
CA ALA C 668 2.82 -27.09 27.28
C ALA C 668 3.27 -28.44 27.83
N GLY C 669 4.33 -28.98 27.27
CA GLY C 669 4.91 -30.23 27.76
C GLY C 669 4.22 -31.47 27.21
N ILE C 670 3.19 -31.28 26.41
CA ILE C 670 2.43 -32.41 25.86
C ILE C 670 2.84 -32.71 24.42
N CYS C 671 3.06 -34.01 24.15
CA CYS C 671 3.36 -34.52 22.82
C CYS C 671 2.45 -35.72 22.52
N ALA C 672 2.33 -36.06 21.24
CA ALA C 672 1.52 -37.19 20.83
C ALA C 672 2.30 -38.12 19.92
N SER C 673 1.90 -39.39 19.91
CA SER C 673 2.53 -40.38 19.04
C SER C 673 1.59 -41.53 18.73
N TYR C 674 1.96 -42.33 17.73
CA TYR C 674 1.17 -43.49 17.34
C TYR C 674 1.90 -44.78 17.70
N GLN C 675 1.25 -45.62 18.50
CA GLN C 675 1.88 -46.83 18.99
C GLN C 675 0.85 -47.88 19.41
N THR C 676 1.34 -49.06 19.84
CA THR C 676 0.51 -50.14 20.34
C THR C 676 -0.05 -49.78 21.72
N GLN C 690 -3.49 -50.52 16.96
CA GLN C 690 -2.70 -49.44 17.55
C GLN C 690 -3.60 -48.21 17.69
N SER C 691 -3.06 -47.13 18.29
CA SER C 691 -3.81 -45.89 18.49
C SER C 691 -2.91 -44.69 18.71
N ILE C 692 -3.50 -43.51 18.71
CA ILE C 692 -2.80 -42.27 19.00
C ILE C 692 -2.90 -41.94 20.48
N ILE C 693 -1.78 -41.64 21.11
CA ILE C 693 -1.78 -41.33 22.53
C ILE C 693 -1.21 -39.96 22.81
N ALA C 694 -1.54 -39.43 23.98
CA ALA C 694 -0.99 -38.16 24.44
C ALA C 694 -0.29 -38.35 25.79
N TYR C 695 0.83 -37.67 25.96
CA TYR C 695 1.61 -37.82 27.18
C TYR C 695 2.48 -36.61 27.46
N THR C 696 2.96 -36.50 28.69
CA THR C 696 3.95 -35.50 29.02
C THR C 696 5.32 -35.99 28.58
N MET C 697 6.03 -35.16 27.83
CA MET C 697 7.30 -35.58 27.24
C MET C 697 8.40 -35.75 28.27
N SER C 698 9.28 -36.71 28.01
CA SER C 698 10.48 -36.92 28.81
C SER C 698 11.60 -36.02 28.34
N LEU C 699 12.45 -35.59 29.26
CA LEU C 699 13.58 -34.74 28.90
C LEU C 699 14.85 -35.54 28.74
N GLY C 700 14.74 -36.86 28.87
CA GLY C 700 15.89 -37.74 28.76
C GLY C 700 15.93 -38.74 29.90
N ALA C 701 16.85 -39.69 29.81
CA ALA C 701 17.00 -40.71 30.83
C ALA C 701 17.51 -40.09 32.10
N GLU C 702 17.11 -40.64 33.23
CA GLU C 702 17.62 -40.19 34.52
C GLU C 702 18.90 -40.92 34.87
N ASN C 703 19.91 -40.17 35.32
CA ASN C 703 21.17 -40.77 35.74
C ASN C 703 21.78 -39.97 36.87
N SER C 704 22.92 -40.44 37.37
CA SER C 704 23.64 -39.73 38.40
C SER C 704 25.11 -40.07 38.34
N VAL C 705 25.93 -39.18 38.86
CA VAL C 705 27.35 -39.40 38.93
C VAL C 705 27.73 -39.90 40.31
N ALA C 706 28.52 -40.96 40.38
CA ALA C 706 28.90 -41.53 41.66
C ALA C 706 29.99 -40.69 42.30
N TYR C 707 29.61 -39.47 42.68
CA TYR C 707 30.53 -38.51 43.25
C TYR C 707 30.96 -38.88 44.64
N SER C 708 32.25 -38.77 44.88
CA SER C 708 32.85 -38.98 46.18
C SER C 708 34.14 -38.17 46.24
N ASN C 709 34.51 -37.71 47.45
CA ASN C 709 35.64 -36.80 47.60
C ASN C 709 36.99 -37.41 47.24
N ASN C 710 37.04 -38.75 47.09
CA ASN C 710 38.27 -39.45 46.73
C ASN C 710 38.07 -40.44 45.58
N SER C 711 37.04 -40.24 44.75
CA SER C 711 36.80 -41.19 43.65
C SER C 711 36.85 -40.52 42.28
N ILE C 712 37.69 -41.06 41.41
CA ILE C 712 37.83 -40.54 40.05
C ILE C 712 37.66 -41.66 39.03
N ALA C 713 37.01 -41.36 37.91
CA ALA C 713 36.89 -42.35 36.85
C ALA C 713 37.77 -41.98 35.67
N ILE C 714 38.44 -42.98 35.11
CA ILE C 714 39.34 -42.77 33.98
C ILE C 714 39.09 -43.83 32.91
N PRO C 715 38.90 -43.41 31.63
CA PRO C 715 38.65 -44.28 30.50
C PRO C 715 39.85 -45.16 30.22
N THR C 716 39.61 -46.42 29.91
CA THR C 716 40.67 -47.33 29.52
C THR C 716 40.70 -47.60 28.01
N ASN C 717 39.71 -47.03 27.29
CA ASN C 717 39.56 -47.23 25.86
C ASN C 717 38.94 -45.97 25.24
N PHE C 718 38.79 -45.96 23.92
CA PHE C 718 38.20 -44.85 23.19
C PHE C 718 37.58 -45.31 21.88
N THR C 719 36.70 -44.49 21.35
CA THR C 719 36.13 -44.72 20.03
C THR C 719 36.31 -43.51 19.14
N ILE C 720 36.77 -43.74 17.92
CA ILE C 720 36.80 -42.67 16.94
C ILE C 720 35.49 -42.68 16.17
N SER C 721 34.82 -41.55 16.15
CA SER C 721 33.52 -41.46 15.49
C SER C 721 33.48 -40.28 14.53
N VAL C 722 32.58 -40.36 13.56
CA VAL C 722 32.43 -39.27 12.61
C VAL C 722 30.99 -38.80 12.54
N THR C 723 30.79 -37.49 12.71
CA THR C 723 29.44 -36.93 12.64
C THR C 723 29.29 -36.02 11.43
N THR C 724 28.07 -35.85 10.96
CA THR C 724 27.83 -35.02 9.79
C THR C 724 27.05 -33.75 10.12
N GLU C 725 27.60 -32.62 9.69
CA GLU C 725 26.95 -31.33 9.87
C GLU C 725 26.68 -30.67 8.53
N ILE C 726 25.44 -30.28 8.30
CA ILE C 726 25.06 -29.72 7.01
C ILE C 726 24.61 -28.27 7.13
N LEU C 727 25.29 -27.39 6.39
CA LEU C 727 24.94 -25.97 6.40
C LEU C 727 24.67 -25.47 4.98
N PRO C 728 23.66 -24.62 4.79
CA PRO C 728 23.36 -23.92 3.56
C PRO C 728 24.36 -22.80 3.36
N VAL C 729 24.65 -22.49 2.10
CA VAL C 729 25.56 -21.40 1.80
C VAL C 729 24.93 -20.32 0.93
N SER C 730 24.13 -20.75 -0.06
CA SER C 730 23.60 -19.80 -1.03
C SER C 730 22.21 -20.21 -1.52
N MET C 731 21.60 -19.34 -2.32
CA MET C 731 20.30 -19.63 -2.91
C MET C 731 20.24 -19.15 -4.36
N THR C 732 19.22 -19.61 -5.08
CA THR C 732 19.02 -19.23 -6.47
C THR C 732 18.95 -17.73 -6.66
N LYS C 733 19.72 -17.23 -7.63
CA LYS C 733 19.76 -15.79 -7.89
C LYS C 733 18.60 -15.36 -8.77
N THR C 734 17.44 -15.18 -8.16
CA THR C 734 16.24 -14.79 -8.89
C THR C 734 16.25 -13.30 -9.21
N SER C 735 15.85 -12.97 -10.43
CA SER C 735 15.76 -11.57 -10.86
C SER C 735 14.42 -11.28 -11.52
N VAL C 736 13.64 -10.40 -10.90
CA VAL C 736 12.32 -10.06 -11.39
C VAL C 736 12.31 -8.64 -11.94
N ASP C 737 11.88 -8.47 -13.18
CA ASP C 737 11.83 -7.15 -13.80
C ASP C 737 10.52 -6.43 -13.44
N CYS C 738 10.62 -5.34 -12.69
CA CYS C 738 9.44 -4.60 -12.17
C CYS C 738 8.48 -4.22 -13.26
N THR C 739 8.98 -3.72 -14.39
CA THR C 739 8.11 -3.18 -15.42
C THR C 739 7.36 -4.29 -16.13
N MET C 740 8.09 -5.32 -16.57
CA MET C 740 7.45 -6.40 -17.32
C MET C 740 6.48 -7.18 -16.46
N TYR C 741 6.85 -7.42 -15.21
CA TYR C 741 5.98 -8.14 -14.29
C TYR C 741 4.63 -7.47 -14.13
N ILE C 742 4.63 -6.16 -13.86
CA ILE C 742 3.39 -5.44 -13.60
C ILE C 742 2.53 -5.20 -14.85
N CYS C 743 3.14 -4.73 -15.94
CA CYS C 743 2.39 -4.24 -17.10
C CYS C 743 2.29 -5.27 -18.22
N GLY C 744 3.17 -6.26 -18.25
CA GLY C 744 3.07 -7.26 -19.31
C GLY C 744 3.30 -6.63 -20.68
N ASP C 745 4.16 -5.62 -20.72
CA ASP C 745 4.49 -4.88 -21.94
C ASP C 745 3.33 -4.05 -22.49
N SER C 746 2.29 -3.84 -21.68
CA SER C 746 1.21 -2.93 -22.07
C SER C 746 1.67 -1.47 -22.04
N THR C 747 1.39 -0.73 -23.12
CA THR C 747 1.81 0.66 -23.21
C THR C 747 1.08 1.57 -22.25
N GLU C 748 -0.23 1.40 -22.15
CA GLU C 748 -1.05 2.24 -21.29
C GLU C 748 -0.64 2.09 -19.83
N CYS C 749 -0.36 0.86 -19.41
CA CYS C 749 0.09 0.57 -18.05
C CYS C 749 1.42 1.22 -17.78
N SER C 750 2.36 1.07 -18.71
CA SER C 750 3.70 1.62 -18.52
C SER C 750 3.64 3.11 -18.27
N ASN C 751 2.79 3.81 -19.02
CA ASN C 751 2.66 5.25 -18.86
C ASN C 751 2.13 5.63 -17.48
N LEU C 752 1.27 4.78 -16.92
CA LEU C 752 0.73 5.00 -15.59
C LEU C 752 1.73 4.60 -14.51
N LEU C 753 2.52 3.57 -14.79
CA LEU C 753 3.49 3.07 -13.82
C LEU C 753 4.54 4.12 -13.52
N LEU C 754 4.88 4.92 -14.53
CA LEU C 754 5.88 5.97 -14.40
C LEU C 754 5.48 7.03 -13.38
N GLN C 755 4.20 7.09 -13.04
CA GLN C 755 3.70 8.12 -12.14
C GLN C 755 4.08 7.81 -10.70
N TYR C 756 4.61 6.61 -10.47
CA TYR C 756 4.96 6.17 -9.14
C TYR C 756 6.41 6.44 -8.81
N GLY C 757 7.13 7.10 -9.71
CA GLY C 757 8.51 7.44 -9.45
C GLY C 757 9.44 6.26 -9.68
N SER C 758 10.38 6.08 -8.75
CA SER C 758 11.46 5.12 -8.92
C SER C 758 11.30 3.86 -8.08
N PHE C 759 10.07 3.53 -7.69
CA PHE C 759 9.85 2.30 -6.93
C PHE C 759 10.46 1.07 -7.62
N CYS C 760 10.33 1.00 -8.94
CA CYS C 760 10.88 -0.10 -9.74
C CYS C 760 12.40 -0.13 -9.69
N THR C 761 13.03 1.02 -9.57
CA THR C 761 14.48 1.06 -9.47
C THR C 761 14.92 0.45 -8.15
N GLN C 762 14.20 0.79 -7.09
CA GLN C 762 14.52 0.27 -5.76
C GLN C 762 14.37 -1.25 -5.71
N LEU C 763 13.32 -1.76 -6.36
CA LEU C 763 13.06 -3.18 -6.35
C LEU C 763 14.06 -3.94 -7.19
N ASN C 764 14.40 -3.40 -8.35
CA ASN C 764 15.36 -4.06 -9.22
C ASN C 764 16.74 -4.05 -8.55
N ARG C 765 17.04 -2.96 -7.84
CA ARG C 765 18.31 -2.82 -7.15
C ARG C 765 18.46 -3.83 -6.02
N ALA C 766 17.40 -3.97 -5.22
CA ALA C 766 17.43 -4.86 -4.07
C ALA C 766 17.70 -6.29 -4.48
N LEU C 767 17.05 -6.74 -5.56
CA LEU C 767 17.24 -8.11 -6.02
C LEU C 767 18.62 -8.30 -6.62
N THR C 768 19.14 -7.26 -7.27
CA THR C 768 20.48 -7.32 -7.83
C THR C 768 21.51 -7.47 -6.72
N GLY C 769 21.34 -6.72 -5.64
CA GLY C 769 22.25 -6.77 -4.50
C GLY C 769 22.32 -8.18 -3.92
N ILE C 770 21.16 -8.83 -3.81
CA ILE C 770 21.14 -10.20 -3.31
C ILE C 770 21.88 -11.13 -4.24
N ALA C 771 21.62 -11.01 -5.53
CA ALA C 771 22.23 -11.89 -6.52
C ALA C 771 23.75 -11.84 -6.44
N VAL C 772 24.29 -10.65 -6.26
CA VAL C 772 25.74 -10.50 -6.16
C VAL C 772 26.26 -11.15 -4.88
N GLU C 773 25.56 -10.90 -3.79
CA GLU C 773 25.94 -11.44 -2.50
C GLU C 773 26.05 -12.96 -2.52
N GLN C 774 25.18 -13.62 -3.28
CA GLN C 774 25.18 -15.07 -3.31
C GLN C 774 26.50 -15.65 -3.81
N ASP C 775 27.20 -14.93 -4.69
CA ASP C 775 28.48 -15.42 -5.17
C ASP C 775 29.55 -15.15 -4.14
N LYS C 776 29.41 -14.03 -3.43
CA LYS C 776 30.36 -13.71 -2.38
C LYS C 776 30.26 -14.74 -1.25
N ASN C 777 29.03 -15.15 -0.93
CA ASN C 777 28.82 -16.11 0.14
C ASN C 777 29.48 -17.44 -0.18
N THR C 778 29.42 -17.83 -1.46
CA THR C 778 30.05 -19.08 -1.87
C THR C 778 31.57 -19.00 -1.79
N GLN C 779 32.14 -17.91 -2.30
CA GLN C 779 33.59 -17.78 -2.32
C GLN C 779 34.20 -17.76 -0.93
N GLU C 780 33.52 -17.12 0.01
CA GLU C 780 34.01 -17.02 1.37
C GLU C 780 34.12 -18.38 2.05
N VAL C 781 33.32 -19.33 1.60
CA VAL C 781 33.29 -20.65 2.20
C VAL C 781 34.32 -21.58 1.56
N PHE C 782 34.37 -21.60 0.24
CA PHE C 782 35.19 -22.59 -0.45
C PHE C 782 36.56 -22.10 -0.90
N ALA C 783 36.67 -20.83 -1.27
CA ALA C 783 37.92 -20.33 -1.82
C ALA C 783 38.85 -19.85 -0.71
N GLN C 784 39.26 -20.79 0.16
CA GLN C 784 40.15 -20.46 1.27
C GLN C 784 41.54 -21.03 1.07
N VAL C 785 41.78 -21.61 -0.10
CA VAL C 785 43.06 -22.23 -0.38
C VAL C 785 43.80 -21.42 -1.44
N LYS C 786 45.10 -21.23 -1.24
CA LYS C 786 45.90 -20.43 -2.15
C LYS C 786 46.17 -21.15 -3.46
N GLN C 787 46.32 -22.47 -3.39
CA GLN C 787 46.65 -23.29 -4.54
C GLN C 787 45.79 -24.53 -4.60
N ILE C 788 45.65 -25.12 -5.77
CA ILE C 788 44.92 -26.36 -5.91
C ILE C 788 45.88 -27.53 -5.74
N TYR C 789 45.75 -28.22 -4.61
CA TYR C 789 46.63 -29.33 -4.27
C TYR C 789 46.05 -30.66 -4.73
N LYS C 790 46.90 -31.51 -5.27
CA LYS C 790 46.48 -32.86 -5.63
C LYS C 790 47.11 -33.90 -4.72
N THR C 791 46.43 -35.03 -4.58
CA THR C 791 46.95 -36.13 -3.78
C THR C 791 47.95 -36.96 -4.60
N PRO C 792 48.79 -37.77 -3.93
CA PRO C 792 49.66 -38.76 -4.51
C PRO C 792 48.85 -39.83 -5.24
N PRO C 793 49.44 -40.47 -6.25
CA PRO C 793 48.91 -41.60 -6.98
C PRO C 793 48.87 -42.86 -6.12
N ILE C 794 49.67 -42.88 -5.06
CA ILE C 794 49.72 -44.01 -4.16
C ILE C 794 49.14 -43.64 -2.80
N LYS C 795 47.97 -44.17 -2.50
CA LYS C 795 47.26 -43.79 -1.30
C LYS C 795 47.70 -44.58 -0.08
N ASP C 796 48.94 -44.32 0.37
CA ASP C 796 49.46 -44.97 1.57
C ASP C 796 49.47 -44.02 2.75
N PHE C 797 48.46 -44.13 3.59
CA PHE C 797 48.32 -43.24 4.73
C PHE C 797 48.42 -43.99 6.04
N GLY C 798 49.06 -45.14 6.01
CA GLY C 798 49.28 -45.92 7.23
C GLY C 798 48.08 -46.76 7.63
N GLY C 799 47.21 -47.09 6.68
CA GLY C 799 46.05 -47.92 6.96
C GLY C 799 44.75 -47.12 6.92
N PHE C 800 44.88 -45.81 6.78
CA PHE C 800 43.71 -44.95 6.69
C PHE C 800 43.16 -44.96 5.27
N ASN C 801 41.84 -45.02 5.16
CA ASN C 801 41.11 -45.15 3.89
C ASN C 801 40.25 -43.91 3.63
N PHE C 802 40.63 -43.10 2.64
CA PHE C 802 39.93 -41.84 2.33
C PHE C 802 39.23 -41.90 0.98
N SER C 803 39.04 -43.11 0.46
CA SER C 803 38.51 -43.27 -0.89
C SER C 803 37.05 -42.82 -1.01
N GLN C 804 36.37 -42.66 0.12
CA GLN C 804 34.97 -42.28 0.08
C GLN C 804 34.79 -40.77 0.21
N ILE C 805 35.88 -40.04 0.45
CA ILE C 805 35.81 -38.59 0.53
C ILE C 805 36.56 -37.93 -0.63
N LEU C 806 37.50 -38.67 -1.22
CA LEU C 806 38.26 -38.20 -2.37
C LEU C 806 37.52 -38.50 -3.67
N PRO C 807 37.68 -37.67 -4.71
CA PRO C 807 37.06 -37.77 -6.01
C PRO C 807 37.50 -39.04 -6.71
N ASP C 808 36.55 -39.63 -7.45
CA ASP C 808 36.83 -40.87 -8.16
C ASP C 808 36.91 -40.66 -9.68
N PRO C 809 38.09 -40.80 -10.29
CA PRO C 809 38.42 -40.48 -11.67
C PRO C 809 37.67 -41.32 -12.69
N SER C 810 37.02 -42.39 -12.23
CA SER C 810 36.25 -43.24 -13.13
C SER C 810 34.95 -42.56 -13.52
N LYS C 811 34.63 -41.48 -12.82
CA LYS C 811 33.39 -40.75 -13.05
C LYS C 811 33.65 -39.47 -13.86
N PRO C 812 32.70 -39.08 -14.72
CA PRO C 812 32.72 -37.91 -15.59
C PRO C 812 32.74 -36.61 -14.79
N SER C 813 32.29 -36.70 -13.55
CA SER C 813 32.31 -35.58 -12.63
C SER C 813 33.19 -35.97 -11.46
N LYS C 814 34.27 -35.24 -11.26
CA LYS C 814 35.27 -35.63 -10.28
C LYS C 814 34.82 -35.38 -8.86
N ARG C 815 33.91 -36.22 -8.39
CA ARG C 815 33.34 -36.11 -7.05
C ARG C 815 33.49 -37.44 -6.30
N SER C 816 33.46 -37.37 -4.97
CA SER C 816 33.61 -38.56 -4.14
C SER C 816 32.27 -39.29 -4.08
N PRO C 817 32.27 -40.58 -3.70
CA PRO C 817 31.10 -41.39 -3.40
C PRO C 817 30.12 -40.69 -2.46
N ILE C 818 30.60 -40.18 -1.33
CA ILE C 818 29.72 -39.48 -0.41
C ILE C 818 29.18 -38.22 -1.06
N GLU C 819 30.06 -37.50 -1.72
CA GLU C 819 29.70 -36.25 -2.35
C GLU C 819 28.64 -36.45 -3.43
N ASP C 820 28.76 -37.52 -4.22
CA ASP C 820 27.74 -37.83 -5.22
C ASP C 820 26.40 -38.12 -4.59
N LEU C 821 26.40 -38.83 -3.48
CA LEU C 821 25.17 -39.17 -2.80
C LEU C 821 24.39 -37.89 -2.44
N LEU C 822 25.11 -36.85 -2.03
CA LEU C 822 24.50 -35.60 -1.60
C LEU C 822 23.78 -34.87 -2.73
N PHE C 823 24.12 -35.18 -3.98
CA PHE C 823 23.50 -34.49 -5.11
C PHE C 823 22.29 -35.24 -5.64
N ASN C 824 22.01 -36.40 -5.06
CA ASN C 824 20.86 -37.18 -5.48
C ASN C 824 19.76 -37.16 -4.42
N LYS C 825 19.98 -36.38 -3.37
CA LYS C 825 19.02 -36.28 -2.27
C LYS C 825 18.40 -34.89 -2.19
N VAL C 826 18.66 -34.06 -3.19
CA VAL C 826 18.10 -32.71 -3.22
C VAL C 826 17.33 -32.48 -4.51
N THR C 827 16.09 -31.99 -4.39
CA THR C 827 15.22 -31.71 -5.53
C THR C 827 15.31 -30.23 -5.92
N ASN C 856 7.27 -14.33 -19.01
CA ASN C 856 7.28 -14.59 -17.56
C ASN C 856 7.40 -13.29 -16.77
N GLY C 857 8.36 -12.44 -17.17
CA GLY C 857 8.66 -11.18 -16.48
C GLY C 857 9.83 -11.33 -15.52
N LEU C 858 10.27 -12.57 -15.31
CA LEU C 858 11.37 -12.87 -14.41
C LEU C 858 12.28 -13.94 -14.97
N THR C 859 13.54 -13.89 -14.56
CA THR C 859 14.54 -14.88 -14.97
C THR C 859 15.38 -15.35 -13.79
N VAL C 860 16.25 -16.32 -14.05
CA VAL C 860 17.19 -16.79 -13.05
C VAL C 860 18.62 -16.75 -13.58
N LEU C 861 19.52 -16.19 -12.80
CA LEU C 861 20.91 -16.09 -13.21
C LEU C 861 21.73 -17.24 -12.63
N PRO C 862 22.69 -17.77 -13.39
CA PRO C 862 23.63 -18.80 -13.00
C PRO C 862 24.68 -18.23 -12.05
N PRO C 863 25.27 -19.09 -11.21
CA PRO C 863 26.37 -18.81 -10.30
C PRO C 863 27.66 -18.64 -11.07
N LEU C 864 28.62 -17.92 -10.48
CA LEU C 864 29.94 -17.79 -11.08
C LEU C 864 30.71 -19.10 -11.01
N LEU C 865 30.64 -19.76 -9.86
CA LEU C 865 31.33 -21.03 -9.69
C LEU C 865 30.39 -22.20 -9.91
N THR C 866 30.72 -23.01 -10.90
CA THR C 866 29.91 -24.18 -11.23
C THR C 866 30.20 -25.29 -10.23
N ASP C 867 29.37 -26.34 -10.25
CA ASP C 867 29.55 -27.44 -9.30
C ASP C 867 30.91 -28.08 -9.45
N GLU C 868 31.40 -28.17 -10.67
CA GLU C 868 32.70 -28.77 -10.92
C GLU C 868 33.82 -27.96 -10.29
N MET C 869 33.68 -26.64 -10.32
CA MET C 869 34.69 -25.76 -9.73
C MET C 869 34.68 -25.87 -8.21
N ILE C 870 33.49 -26.02 -7.64
CA ILE C 870 33.37 -26.20 -6.21
C ILE C 870 34.01 -27.52 -5.81
N ALA C 871 33.79 -28.56 -6.61
CA ALA C 871 34.38 -29.86 -6.36
C ALA C 871 35.91 -29.77 -6.34
N GLN C 872 36.48 -28.97 -7.24
CA GLN C 872 37.92 -28.82 -7.29
C GLN C 872 38.45 -28.12 -6.04
N TYR C 873 37.72 -27.11 -5.56
CA TYR C 873 38.14 -26.44 -4.33
C TYR C 873 38.11 -27.41 -3.17
N THR C 874 37.05 -28.22 -3.09
CA THR C 874 36.92 -29.18 -2.01
C THR C 874 38.05 -30.20 -2.06
N SER C 875 38.35 -30.68 -3.27
CA SER C 875 39.42 -31.66 -3.42
C SER C 875 40.73 -31.10 -2.95
N ALA C 876 41.01 -29.84 -3.30
CA ALA C 876 42.25 -29.19 -2.90
C ALA C 876 42.37 -29.13 -1.38
N LEU C 877 41.28 -28.81 -0.70
CA LEU C 877 41.30 -28.74 0.75
C LEU C 877 41.55 -30.11 1.36
N LEU C 878 40.96 -31.14 0.79
CA LEU C 878 41.16 -32.49 1.29
C LEU C 878 42.59 -32.95 1.07
N ALA C 879 43.14 -32.64 -0.11
CA ALA C 879 44.52 -33.01 -0.40
C ALA C 879 45.44 -32.31 0.57
N GLY C 880 45.12 -31.06 0.87
CA GLY C 880 45.90 -30.27 1.80
C GLY C 880 45.94 -30.90 3.18
N THR C 881 44.77 -31.17 3.75
CA THR C 881 44.72 -31.67 5.11
C THR C 881 45.31 -33.06 5.24
N ILE C 882 45.19 -33.87 4.20
CA ILE C 882 45.71 -35.23 4.26
C ILE C 882 47.24 -35.28 4.24
N THR C 883 47.87 -34.50 3.36
CA THR C 883 49.31 -34.61 3.19
C THR C 883 50.15 -33.54 3.88
N SER C 884 49.55 -32.40 4.26
CA SER C 884 50.33 -31.33 4.89
C SER C 884 49.72 -30.84 6.20
N GLY C 885 48.77 -31.59 6.73
CA GLY C 885 48.15 -31.21 7.98
C GLY C 885 47.48 -29.86 7.88
N TRP C 886 47.77 -28.97 8.82
CA TRP C 886 47.18 -27.64 8.81
C TRP C 886 48.17 -26.56 8.37
N THR C 887 49.35 -26.96 7.95
CA THR C 887 50.39 -25.97 7.69
C THR C 887 50.05 -25.14 6.46
N PHE C 888 49.33 -25.74 5.53
CA PHE C 888 48.98 -25.07 4.27
C PHE C 888 47.97 -23.96 4.50
N GLY C 889 47.32 -23.98 5.66
CA GLY C 889 46.32 -22.99 5.99
C GLY C 889 46.94 -21.81 6.74
N ALA C 890 48.24 -21.89 6.98
CA ALA C 890 48.95 -20.87 7.73
C ALA C 890 50.37 -20.72 7.21
N GLY C 891 50.49 -20.46 5.92
CA GLY C 891 51.79 -20.44 5.26
C GLY C 891 51.82 -21.45 4.13
N PRO C 892 53.00 -21.95 3.76
CA PRO C 892 53.24 -22.92 2.71
C PRO C 892 52.84 -24.31 3.16
N ALA C 893 52.62 -25.22 2.23
CA ALA C 893 52.35 -26.60 2.59
C ALA C 893 53.66 -27.32 2.91
N LEU C 894 53.63 -28.15 3.95
CA LEU C 894 54.80 -28.94 4.33
C LEU C 894 54.41 -30.39 4.54
N GLN C 895 55.04 -31.29 3.78
CA GLN C 895 54.64 -32.69 3.85
C GLN C 895 54.91 -33.30 5.21
N ILE C 896 54.03 -34.21 5.60
CA ILE C 896 54.18 -34.98 6.83
C ILE C 896 53.44 -36.32 6.67
N PRO C 897 54.01 -37.44 7.13
CA PRO C 897 53.36 -38.74 7.15
C PRO C 897 52.03 -38.64 7.86
N PHE C 898 51.00 -39.27 7.31
CA PHE C 898 49.69 -39.10 7.91
C PHE C 898 49.65 -39.48 9.39
N PRO C 899 50.21 -40.62 9.81
CA PRO C 899 50.22 -41.11 11.17
C PRO C 899 50.89 -40.11 12.11
N MET C 900 51.75 -39.25 11.59
CA MET C 900 52.42 -38.29 12.43
C MET C 900 51.56 -37.07 12.68
N GLN C 901 50.85 -36.60 11.67
CA GLN C 901 49.98 -35.47 11.93
C GLN C 901 48.86 -35.91 12.85
N MET C 902 48.53 -37.19 12.79
CA MET C 902 47.53 -37.74 13.69
C MET C 902 48.04 -37.74 15.11
N ALA C 903 49.34 -37.98 15.27
CA ALA C 903 49.96 -37.95 16.59
C ALA C 903 49.82 -36.58 17.20
N TYR C 904 50.00 -35.55 16.38
CA TYR C 904 49.90 -34.18 16.87
C TYR C 904 48.47 -33.90 17.32
N ARG C 905 47.53 -34.39 16.52
CA ARG C 905 46.11 -34.17 16.81
C ARG C 905 45.70 -34.86 18.10
N PHE C 906 46.32 -36.00 18.41
CA PHE C 906 46.07 -36.67 19.68
C PHE C 906 46.67 -35.89 20.85
N ASN C 907 47.89 -35.39 20.69
CA ASN C 907 48.50 -34.60 21.75
C ASN C 907 47.66 -33.36 22.02
N GLY C 908 47.06 -32.83 20.97
CA GLY C 908 46.26 -31.63 21.04
C GLY C 908 45.00 -31.79 21.89
N ILE C 909 44.63 -33.03 22.20
CA ILE C 909 43.45 -33.28 23.02
C ILE C 909 43.83 -33.92 24.35
N GLY C 910 45.11 -33.84 24.71
CA GLY C 910 45.57 -34.32 26.00
C GLY C 910 45.83 -35.82 26.04
N VAL C 911 46.04 -36.43 24.88
CA VAL C 911 46.31 -37.87 24.84
C VAL C 911 47.71 -38.10 24.29
N THR C 912 48.58 -38.67 25.11
CA THR C 912 49.97 -38.83 24.72
C THR C 912 50.07 -39.62 23.42
N GLN C 913 50.87 -39.12 22.49
CA GLN C 913 51.00 -39.70 21.15
C GLN C 913 51.39 -41.17 21.12
N ASN C 914 51.94 -41.70 22.21
CA ASN C 914 52.33 -43.09 22.22
C ASN C 914 51.10 -43.97 22.09
N VAL C 915 49.94 -43.45 22.47
CA VAL C 915 48.69 -44.19 22.37
C VAL C 915 48.36 -44.46 20.93
N LEU C 916 48.51 -43.46 20.09
CA LEU C 916 48.22 -43.60 18.67
C LEU C 916 49.06 -44.66 18.02
N TYR C 917 50.36 -44.62 18.25
CA TYR C 917 51.25 -45.52 17.54
C TYR C 917 51.01 -46.96 17.95
N GLU C 918 50.83 -47.20 19.24
CA GLU C 918 50.61 -48.56 19.72
C GLU C 918 49.24 -49.09 19.26
N ASN C 919 48.28 -48.19 19.11
CA ASN C 919 46.94 -48.58 18.68
C ASN C 919 46.65 -48.13 17.25
N GLN C 920 47.69 -47.91 16.45
CA GLN C 920 47.47 -47.41 15.09
C GLN C 920 46.53 -48.28 14.28
N LYS C 921 46.66 -49.60 14.43
CA LYS C 921 45.82 -50.51 13.67
C LYS C 921 44.34 -50.34 14.05
N LEU C 922 44.09 -50.29 15.34
CA LEU C 922 42.72 -50.12 15.83
C LEU C 922 42.12 -48.81 15.37
N ILE C 923 42.89 -47.74 15.48
CA ILE C 923 42.41 -46.42 15.13
C ILE C 923 42.08 -46.32 13.65
N ALA C 924 42.95 -46.85 12.80
CA ALA C 924 42.69 -46.84 11.38
C ALA C 924 41.40 -47.61 11.06
N ASN C 925 41.17 -48.70 11.78
CA ASN C 925 39.97 -49.50 11.55
C ASN C 925 38.71 -48.80 12.00
N GLN C 926 38.75 -48.15 13.17
CA GLN C 926 37.59 -47.43 13.65
C GLN C 926 37.26 -46.28 12.72
N PHE C 927 38.30 -45.60 12.25
CA PHE C 927 38.11 -44.47 11.34
C PHE C 927 37.47 -44.93 10.05
N ASN C 928 38.02 -45.97 9.44
CA ASN C 928 37.54 -46.44 8.15
C ASN C 928 36.10 -46.89 8.24
N SER C 929 35.73 -47.53 9.36
CA SER C 929 34.36 -47.96 9.57
C SER C 929 33.43 -46.77 9.72
N ALA C 930 33.84 -45.79 10.52
CA ALA C 930 33.02 -44.61 10.78
C ALA C 930 32.71 -43.87 9.49
N ILE C 931 33.66 -43.83 8.56
CA ILE C 931 33.42 -43.18 7.28
C ILE C 931 32.46 -43.98 6.43
N GLY C 932 32.65 -45.29 6.38
CA GLY C 932 31.79 -46.15 5.59
C GLY C 932 30.32 -46.03 6.00
N LYS C 933 30.08 -45.83 7.29
CA LYS C 933 28.73 -45.72 7.82
C LYS C 933 28.01 -44.44 7.40
N ILE C 934 28.74 -43.46 6.89
CA ILE C 934 28.14 -42.18 6.54
C ILE C 934 27.14 -42.32 5.41
N GLN C 935 27.50 -43.08 4.39
CA GLN C 935 26.64 -43.22 3.22
C GLN C 935 25.37 -43.94 3.60
N ASP C 936 25.46 -44.90 4.51
CA ASP C 936 24.29 -45.63 4.96
C ASP C 936 23.39 -44.74 5.79
N SER C 937 23.99 -43.89 6.62
CA SER C 937 23.24 -42.96 7.44
C SER C 937 22.45 -41.98 6.58
N LEU C 938 23.10 -41.41 5.58
CA LEU C 938 22.46 -40.44 4.70
C LEU C 938 21.41 -41.10 3.80
N SER C 939 21.75 -42.26 3.25
CA SER C 939 20.88 -42.94 2.31
C SER C 939 19.54 -43.34 2.94
N SER C 940 19.60 -43.80 4.19
CA SER C 940 18.41 -44.26 4.89
C SER C 940 17.69 -43.16 5.67
N THR C 941 18.19 -41.93 5.56
CA THR C 941 17.57 -40.80 6.26
C THR C 941 17.29 -39.63 5.32
N PRO C 942 16.14 -39.63 4.64
CA PRO C 942 15.70 -38.66 3.66
C PRO C 942 15.68 -37.24 4.22
N SER C 943 15.54 -37.14 5.54
CA SER C 943 15.45 -35.85 6.21
C SER C 943 16.83 -35.26 6.50
N ALA C 944 17.87 -36.04 6.23
CA ALA C 944 19.24 -35.64 6.56
C ALA C 944 19.62 -34.32 5.91
N LEU C 945 19.12 -34.09 4.70
CA LEU C 945 19.49 -32.87 3.97
C LEU C 945 18.35 -31.86 3.99
N GLY C 946 17.50 -31.92 4.99
CA GLY C 946 16.41 -30.96 5.15
C GLY C 946 16.96 -29.55 5.22
N LYS C 947 18.16 -29.40 5.77
CA LYS C 947 18.77 -28.09 5.89
C LYS C 947 18.90 -27.40 4.54
N LEU C 948 19.15 -28.16 3.48
CA LEU C 948 19.33 -27.58 2.16
C LEU C 948 18.01 -27.57 1.38
N GLN C 949 17.20 -28.60 1.58
CA GLN C 949 15.95 -28.72 0.85
C GLN C 949 14.96 -27.66 1.26
N ASP C 950 14.99 -27.28 2.54
CA ASP C 950 14.08 -26.27 3.05
C ASP C 950 14.30 -24.93 2.36
N VAL C 951 15.56 -24.63 2.03
CA VAL C 951 15.86 -23.38 1.36
C VAL C 951 15.24 -23.37 -0.02
N VAL C 952 15.38 -24.48 -0.72
CA VAL C 952 14.83 -24.62 -2.06
C VAL C 952 13.31 -24.50 -2.04
N ASN C 953 12.68 -25.15 -1.08
CA ASN C 953 11.24 -25.15 -1.01
C ASN C 953 10.68 -23.78 -0.68
N GLN C 954 11.33 -23.06 0.24
CA GLN C 954 10.86 -21.75 0.64
C GLN C 954 10.91 -20.77 -0.51
N ASN C 955 11.97 -20.85 -1.32
CA ASN C 955 12.12 -19.94 -2.43
C ASN C 955 11.14 -20.28 -3.55
N ALA C 956 10.92 -21.57 -3.78
CA ALA C 956 9.98 -22.00 -4.81
C ALA C 956 8.58 -21.53 -4.48
N GLN C 957 8.21 -21.60 -3.21
CA GLN C 957 6.88 -21.17 -2.79
C GLN C 957 6.72 -19.67 -2.95
N ALA C 958 7.74 -18.92 -2.56
CA ALA C 958 7.68 -17.47 -2.65
C ALA C 958 7.53 -17.01 -4.08
N LEU C 959 8.24 -17.66 -4.99
CA LEU C 959 8.22 -17.28 -6.39
C LEU C 959 6.91 -17.67 -7.05
N ASN C 960 6.41 -18.86 -6.72
CA ASN C 960 5.15 -19.30 -7.30
C ASN C 960 4.00 -18.42 -6.84
N THR C 961 4.06 -17.98 -5.59
CA THR C 961 3.03 -17.10 -5.06
C THR C 961 3.04 -15.77 -5.82
N LEU C 962 4.23 -15.24 -6.05
CA LEU C 962 4.34 -13.97 -6.78
C LEU C 962 3.64 -14.07 -8.12
N VAL C 963 3.89 -15.16 -8.85
CA VAL C 963 3.28 -15.35 -10.15
C VAL C 963 1.76 -15.51 -10.06
N LYS C 964 1.30 -16.30 -9.09
CA LYS C 964 -0.13 -16.54 -8.94
C LYS C 964 -0.91 -15.25 -8.69
N GLN C 965 -0.28 -14.29 -8.01
CA GLN C 965 -0.94 -13.03 -7.69
C GLN C 965 -1.34 -12.25 -8.94
N LEU C 966 -0.74 -12.57 -10.08
CA LEU C 966 -1.07 -11.88 -11.32
C LEU C 966 -2.50 -12.18 -11.76
N SER C 967 -3.07 -13.26 -11.23
CA SER C 967 -4.42 -13.66 -11.58
C SER C 967 -5.47 -12.95 -10.72
N SER C 968 -5.03 -12.22 -9.71
CA SER C 968 -5.95 -11.48 -8.85
C SER C 968 -6.32 -10.17 -9.51
N ASN C 969 -7.52 -9.67 -9.23
CA ASN C 969 -7.95 -8.41 -9.82
C ASN C 969 -7.89 -7.25 -8.82
N PHE C 970 -7.77 -7.57 -7.53
CA PHE C 970 -7.63 -6.55 -6.49
C PHE C 970 -8.77 -5.55 -6.50
N GLY C 971 -9.94 -5.99 -6.98
CA GLY C 971 -11.13 -5.17 -7.01
C GLY C 971 -11.43 -4.66 -8.42
N ALA C 972 -10.48 -4.84 -9.33
CA ALA C 972 -10.65 -4.41 -10.70
C ALA C 972 -11.65 -5.29 -11.41
N ILE C 973 -12.25 -4.76 -12.47
CA ILE C 973 -13.22 -5.51 -13.28
C ILE C 973 -12.63 -6.77 -13.88
N SER C 974 -11.31 -6.79 -14.03
CA SER C 974 -10.61 -7.95 -14.59
C SER C 974 -9.16 -7.99 -14.14
N SER C 975 -8.58 -9.18 -14.16
CA SER C 975 -7.17 -9.35 -13.86
C SER C 975 -6.32 -9.19 -15.12
N VAL C 976 -6.99 -9.07 -16.26
CA VAL C 976 -6.31 -8.99 -17.55
C VAL C 976 -6.32 -7.57 -18.10
N LEU C 977 -5.13 -7.03 -18.33
CA LEU C 977 -4.98 -5.65 -18.77
C LEU C 977 -5.61 -5.44 -20.14
N ASN C 978 -5.49 -6.45 -21.00
CA ASN C 978 -6.00 -6.34 -22.36
C ASN C 978 -7.53 -6.29 -22.39
N ASP C 979 -8.16 -6.99 -21.46
CA ASP C 979 -9.62 -7.04 -21.43
C ASP C 979 -10.18 -5.72 -20.94
N ILE C 980 -9.47 -5.08 -20.02
CA ILE C 980 -9.89 -3.78 -19.53
C ILE C 980 -9.76 -2.73 -20.62
N LEU C 981 -8.63 -2.73 -21.30
CA LEU C 981 -8.36 -1.75 -22.34
C LEU C 981 -9.30 -1.95 -23.52
N SER C 982 -9.65 -3.19 -23.81
CA SER C 982 -10.56 -3.52 -24.89
C SER C 982 -11.99 -3.06 -24.63
N ARG C 983 -12.51 -3.36 -23.43
CA ARG C 983 -13.91 -3.10 -23.13
C ARG C 983 -14.21 -1.70 -22.61
N LEU C 984 -13.23 -1.07 -21.97
CA LEU C 984 -13.48 0.23 -21.35
C LEU C 984 -12.79 1.36 -22.08
N ASP C 985 -13.52 2.44 -22.31
CA ASP C 985 -12.92 3.64 -22.88
C ASP C 985 -11.87 4.17 -21.90
N PRO C 986 -10.78 4.78 -22.38
CA PRO C 986 -9.66 5.29 -21.61
C PRO C 986 -10.01 6.03 -20.31
N PRO C 987 -11.02 6.93 -20.27
CA PRO C 987 -11.39 7.70 -19.10
C PRO C 987 -11.81 6.81 -17.93
N GLU C 988 -12.20 5.58 -18.23
CA GLU C 988 -12.60 4.63 -17.21
C GLU C 988 -11.58 3.51 -17.07
N ALA C 989 -10.96 3.14 -18.18
CA ALA C 989 -9.99 2.06 -18.18
C ALA C 989 -8.80 2.40 -17.31
N GLU C 990 -8.39 3.67 -17.33
CA GLU C 990 -7.24 4.08 -16.55
C GLU C 990 -7.44 3.81 -15.07
N VAL C 991 -8.68 3.95 -14.60
CA VAL C 991 -8.96 3.70 -13.20
C VAL C 991 -8.78 2.22 -12.87
N GLN C 992 -9.28 1.36 -13.74
CA GLN C 992 -9.18 -0.08 -13.53
C GLN C 992 -7.74 -0.56 -13.66
N ILE C 993 -6.98 0.05 -14.58
CA ILE C 993 -5.58 -0.30 -14.77
C ILE C 993 -4.78 0.16 -13.57
N ASP C 994 -5.07 1.36 -13.08
CA ASP C 994 -4.37 1.92 -11.92
C ASP C 994 -4.54 1.02 -10.71
N ARG C 995 -5.73 0.46 -10.55
CA ARG C 995 -6.00 -0.45 -9.44
C ARG C 995 -5.12 -1.70 -9.53
N LEU C 996 -5.01 -2.28 -10.73
CA LEU C 996 -4.16 -3.45 -10.90
C LEU C 996 -2.70 -3.13 -10.65
N ILE C 997 -2.26 -1.94 -11.04
CA ILE C 997 -0.88 -1.56 -10.81
C ILE C 997 -0.58 -1.49 -9.33
N THR C 998 -1.47 -0.88 -8.56
CA THR C 998 -1.27 -0.79 -7.12
C THR C 998 -1.18 -2.17 -6.50
N GLY C 999 -2.08 -3.07 -6.89
CA GLY C 999 -2.10 -4.42 -6.36
C GLY C 999 -0.83 -5.19 -6.70
N ARG C 1000 -0.44 -5.17 -7.97
CA ARG C 1000 0.72 -5.91 -8.42
C ARG C 1000 2.02 -5.34 -7.88
N LEU C 1001 2.09 -4.01 -7.75
CA LEU C 1001 3.27 -3.39 -7.20
C LEU C 1001 3.44 -3.77 -5.74
N GLN C 1002 2.33 -3.78 -4.99
CA GLN C 1002 2.37 -4.18 -3.60
C GLN C 1002 2.83 -5.62 -3.43
N SER C 1003 2.37 -6.49 -4.33
CA SER C 1003 2.77 -7.89 -4.30
C SER C 1003 4.26 -8.06 -4.53
N LEU C 1004 4.80 -7.33 -5.50
CA LEU C 1004 6.22 -7.41 -5.80
C LEU C 1004 7.06 -6.86 -4.66
N GLN C 1005 6.61 -5.78 -4.04
CA GLN C 1005 7.32 -5.21 -2.90
C GLN C 1005 7.38 -6.20 -1.76
N THR C 1006 6.29 -6.93 -1.53
CA THR C 1006 6.25 -7.94 -0.49
C THR C 1006 7.28 -9.03 -0.76
N TYR C 1007 7.33 -9.50 -2.01
CA TYR C 1007 8.28 -10.52 -2.40
C TYR C 1007 9.71 -10.10 -2.13
N VAL C 1008 10.07 -8.89 -2.57
CA VAL C 1008 11.43 -8.42 -2.40
C VAL C 1008 11.81 -8.30 -0.93
N THR C 1009 10.90 -7.78 -0.11
CA THR C 1009 11.19 -7.63 1.31
C THR C 1009 11.51 -8.98 1.92
N GLN C 1010 10.73 -10.00 1.58
CA GLN C 1010 10.96 -11.32 2.13
C GLN C 1010 12.29 -11.89 1.67
N GLN C 1011 12.69 -11.57 0.44
CA GLN C 1011 13.96 -12.05 -0.08
C GLN C 1011 15.14 -11.42 0.65
N LEU C 1012 15.01 -10.16 1.03
CA LEU C 1012 16.07 -9.47 1.75
C LEU C 1012 16.26 -10.07 3.13
N ILE C 1013 15.15 -10.38 3.79
CA ILE C 1013 15.21 -10.98 5.12
C ILE C 1013 15.78 -12.38 5.04
N ARG C 1014 15.30 -13.16 4.08
CA ARG C 1014 15.76 -14.53 3.90
C ARG C 1014 17.23 -14.56 3.50
N ALA C 1015 17.64 -13.60 2.69
CA ALA C 1015 19.04 -13.52 2.26
C ALA C 1015 19.94 -13.35 3.47
N ALA C 1016 19.49 -12.57 4.44
CA ALA C 1016 20.26 -12.35 5.66
C ALA C 1016 20.41 -13.64 6.45
N GLU C 1017 19.36 -14.46 6.47
CA GLU C 1017 19.41 -15.71 7.20
C GLU C 1017 20.47 -16.63 6.59
N ILE C 1018 20.53 -16.65 5.28
CA ILE C 1018 21.51 -17.46 4.58
C ILE C 1018 22.91 -16.93 4.78
N ARG C 1019 23.08 -15.62 4.67
CA ARG C 1019 24.40 -15.03 4.85
C ARG C 1019 24.97 -15.42 6.20
N ALA C 1020 24.12 -15.40 7.23
CA ALA C 1020 24.58 -15.78 8.56
C ALA C 1020 25.10 -17.21 8.57
N SER C 1021 24.43 -18.09 7.82
CA SER C 1021 24.86 -19.48 7.75
C SER C 1021 26.12 -19.62 6.91
N ALA C 1022 26.24 -18.80 5.87
CA ALA C 1022 27.42 -18.82 5.03
C ALA C 1022 28.63 -18.37 5.83
N ASN C 1023 28.45 -17.38 6.69
CA ASN C 1023 29.53 -16.89 7.52
C ASN C 1023 29.93 -17.93 8.55
N LEU C 1024 28.95 -18.65 9.08
CA LEU C 1024 29.24 -19.73 10.01
C LEU C 1024 30.01 -20.83 9.32
N ALA C 1025 29.57 -21.19 8.11
CA ALA C 1025 30.24 -22.24 7.36
C ALA C 1025 31.67 -21.86 7.04
N ALA C 1026 31.89 -20.60 6.68
CA ALA C 1026 33.21 -20.12 6.37
C ALA C 1026 34.12 -20.17 7.59
N THR C 1027 33.55 -19.77 8.73
CA THR C 1027 34.30 -19.79 9.99
C THR C 1027 34.62 -21.22 10.39
N LYS C 1028 33.64 -22.09 10.25
CA LYS C 1028 33.80 -23.46 10.70
C LYS C 1028 34.84 -24.19 9.87
N MET C 1029 34.85 -23.93 8.57
CA MET C 1029 35.85 -24.57 7.72
C MET C 1029 37.24 -24.06 8.08
N SER C 1030 37.36 -22.77 8.24
CA SER C 1030 38.65 -22.17 8.53
C SER C 1030 39.24 -22.70 9.83
N GLU C 1031 38.40 -22.86 10.85
CA GLU C 1031 38.89 -23.30 12.16
C GLU C 1031 39.03 -24.81 12.34
N CYS C 1032 38.16 -25.62 11.71
CA CYS C 1032 38.15 -27.05 11.96
C CYS C 1032 38.75 -27.88 10.81
N VAL C 1033 38.82 -27.28 9.62
CA VAL C 1033 39.42 -28.00 8.49
C VAL C 1033 40.87 -27.59 8.31
N LEU C 1034 41.14 -26.30 8.46
CA LEU C 1034 42.49 -25.77 8.30
C LEU C 1034 43.22 -25.71 9.64
N GLY C 1035 42.66 -26.37 10.65
CA GLY C 1035 43.28 -26.39 11.97
C GLY C 1035 42.52 -27.30 12.91
N GLN C 1036 42.91 -27.30 14.18
CA GLN C 1036 42.27 -28.13 15.18
C GLN C 1036 41.64 -27.27 16.26
N SER C 1037 40.32 -27.13 16.19
CA SER C 1037 39.59 -26.28 17.11
C SER C 1037 39.50 -26.89 18.49
N LYS C 1038 39.51 -26.05 19.52
CA LYS C 1038 39.35 -26.50 20.90
C LYS C 1038 38.01 -26.05 21.47
N ARG C 1039 37.13 -25.57 20.59
CA ARG C 1039 35.82 -25.10 21.01
C ARG C 1039 34.86 -26.28 21.13
N VAL C 1040 34.23 -26.40 22.30
CA VAL C 1040 33.38 -27.54 22.60
C VAL C 1040 32.12 -27.57 21.75
N ASP C 1041 31.87 -28.73 21.13
CA ASP C 1041 30.72 -28.98 20.28
C ASP C 1041 30.60 -27.98 19.14
N PHE C 1042 31.70 -27.33 18.82
CA PHE C 1042 31.74 -26.47 17.64
C PHE C 1042 31.74 -27.30 16.36
N CYS C 1043 32.50 -28.40 16.38
CA CYS C 1043 32.65 -29.31 15.25
C CYS C 1043 32.46 -30.76 15.68
N GLY C 1044 31.26 -31.07 16.16
CA GLY C 1044 30.92 -32.41 16.61
C GLY C 1044 31.16 -32.55 18.10
N LYS C 1045 30.42 -33.45 18.73
CA LYS C 1045 30.60 -33.71 20.15
C LYS C 1045 31.81 -34.60 20.36
N GLY C 1046 32.52 -34.38 21.45
CA GLY C 1046 33.73 -35.13 21.73
C GLY C 1046 34.94 -34.24 21.49
N TYR C 1047 36.13 -34.83 21.50
CA TYR C 1047 37.34 -34.05 21.33
C TYR C 1047 37.71 -33.98 19.86
N HIS C 1048 37.79 -32.77 19.32
CA HIS C 1048 38.01 -32.61 17.89
C HIS C 1048 39.40 -33.05 17.46
N LEU C 1049 39.47 -33.82 16.37
CA LEU C 1049 40.73 -34.20 15.77
C LEU C 1049 40.92 -33.52 14.42
N MET C 1050 39.93 -33.65 13.55
CA MET C 1050 40.00 -33.09 12.20
C MET C 1050 38.64 -33.07 11.52
N SER C 1051 38.53 -32.33 10.41
CA SER C 1051 37.31 -32.28 9.61
C SER C 1051 37.59 -32.46 8.14
N PHE C 1052 36.62 -32.98 7.41
CA PHE C 1052 36.71 -33.07 5.96
C PHE C 1052 35.45 -32.49 5.33
N PRO C 1053 35.57 -31.50 4.45
CA PRO C 1053 34.50 -30.89 3.70
C PRO C 1053 34.06 -31.75 2.52
N GLN C 1054 32.76 -31.66 2.20
CA GLN C 1054 32.20 -32.22 0.99
C GLN C 1054 31.24 -31.20 0.39
N SER C 1055 31.17 -31.10 -0.93
CA SER C 1055 30.25 -30.13 -1.53
C SER C 1055 28.82 -30.67 -1.53
N ALA C 1056 27.88 -29.77 -1.73
CA ALA C 1056 26.46 -30.12 -1.79
C ALA C 1056 25.72 -29.03 -2.55
N PRO C 1057 24.53 -29.33 -3.08
CA PRO C 1057 23.64 -28.38 -3.71
C PRO C 1057 23.40 -27.18 -2.81
N HIS C 1058 23.87 -26.02 -3.24
CA HIS C 1058 23.68 -24.78 -2.51
C HIS C 1058 24.13 -24.85 -1.05
N GLY C 1059 25.17 -25.63 -0.76
CA GLY C 1059 25.63 -25.72 0.61
C GLY C 1059 26.91 -26.54 0.77
N VAL C 1060 27.30 -26.73 2.02
CA VAL C 1060 28.52 -27.46 2.34
C VAL C 1060 28.26 -28.46 3.46
N VAL C 1061 28.89 -29.63 3.36
CA VAL C 1061 28.73 -30.65 4.37
C VAL C 1061 30.06 -30.98 5.03
N PHE C 1062 30.08 -30.97 6.35
CA PHE C 1062 31.30 -31.25 7.09
C PHE C 1062 31.24 -32.61 7.75
N LEU C 1063 32.32 -33.37 7.60
CA LEU C 1063 32.48 -34.62 8.32
C LEU C 1063 33.46 -34.40 9.46
N HIS C 1064 32.97 -34.46 10.69
CA HIS C 1064 33.80 -34.14 11.84
C HIS C 1064 34.31 -35.39 12.50
N VAL C 1065 35.62 -35.48 12.65
CA VAL C 1065 36.24 -36.65 13.25
C VAL C 1065 36.59 -36.33 14.70
N THR C 1066 35.98 -37.06 15.63
CA THR C 1066 36.16 -36.78 17.04
C THR C 1066 36.62 -38.00 17.83
N TYR C 1067 37.25 -37.72 18.96
CA TYR C 1067 37.73 -38.72 19.89
C TYR C 1067 36.80 -38.81 21.09
N VAL C 1068 36.24 -39.99 21.35
CA VAL C 1068 35.32 -40.16 22.45
C VAL C 1068 35.79 -41.24 23.42
N PRO C 1069 36.01 -40.90 24.70
CA PRO C 1069 36.37 -41.79 25.79
C PRO C 1069 35.36 -42.90 25.98
N ALA C 1070 35.84 -44.08 26.38
CA ALA C 1070 34.96 -45.21 26.65
C ALA C 1070 35.54 -46.15 27.70
N GLN C 1071 34.67 -46.92 28.33
CA GLN C 1071 35.08 -47.98 29.26
C GLN C 1071 35.85 -47.44 30.46
N GLU C 1072 35.20 -46.62 31.27
CA GLU C 1072 35.85 -46.05 32.46
C GLU C 1072 35.87 -47.03 33.62
N LYS C 1073 36.85 -46.86 34.50
CA LYS C 1073 36.94 -47.64 35.73
C LYS C 1073 36.97 -46.73 36.95
N ASN C 1074 36.54 -47.25 38.11
CA ASN C 1074 36.51 -46.56 39.38
C ASN C 1074 37.86 -46.64 40.10
N PHE C 1075 38.57 -45.52 40.23
CA PHE C 1075 39.87 -45.46 40.93
C PHE C 1075 39.77 -44.59 42.17
N THR C 1076 40.60 -44.90 43.16
CA THR C 1076 40.73 -44.03 44.32
C THR C 1076 41.81 -42.99 44.04
N THR C 1077 41.57 -41.75 44.42
CA THR C 1077 42.53 -40.70 44.10
C THR C 1077 42.94 -39.84 45.29
N ALA C 1078 43.98 -39.07 45.08
CA ALA C 1078 44.47 -38.10 46.06
C ALA C 1078 45.11 -36.93 45.31
N PRO C 1079 44.99 -35.71 45.82
CA PRO C 1079 45.51 -34.48 45.25
C PRO C 1079 47.02 -34.42 45.32
N ALA C 1080 47.61 -35.19 46.22
CA ALA C 1080 49.05 -35.17 46.41
C ALA C 1080 49.49 -36.36 47.23
N ILE C 1081 50.79 -36.63 47.20
CA ILE C 1081 51.36 -37.64 48.09
C ILE C 1081 52.51 -37.05 48.91
N CYS C 1082 52.70 -37.58 50.11
CA CYS C 1082 53.81 -37.19 50.99
C CYS C 1082 54.99 -38.13 50.83
N HIS C 1083 56.18 -37.56 50.78
CA HIS C 1083 57.43 -38.33 50.81
C HIS C 1083 58.40 -37.64 51.74
N ASP C 1084 59.08 -38.40 52.60
CA ASP C 1084 60.02 -37.87 53.59
C ASP C 1084 59.86 -36.38 53.91
N GLY C 1085 58.69 -35.94 54.30
CA GLY C 1085 58.47 -34.61 54.88
C GLY C 1085 58.07 -33.51 53.90
N LYS C 1086 57.92 -33.87 52.63
CA LYS C 1086 57.55 -32.91 51.59
C LYS C 1086 56.42 -33.41 50.70
N ALA C 1087 55.58 -32.49 50.23
CA ALA C 1087 54.43 -32.83 49.40
C ALA C 1087 54.76 -32.82 47.92
N HIS C 1088 54.38 -33.90 47.22
CA HIS C 1088 54.60 -34.03 45.79
C HIS C 1088 53.32 -33.95 44.99
N PHE C 1089 53.33 -33.10 43.97
CA PHE C 1089 52.22 -32.97 43.04
C PHE C 1089 52.66 -33.49 41.68
N PRO C 1090 51.74 -34.04 40.87
CA PRO C 1090 52.00 -34.54 39.54
C PRO C 1090 52.27 -33.39 38.59
N ARG C 1091 53.21 -33.58 37.66
CA ARG C 1091 53.46 -32.57 36.65
C ARG C 1091 52.35 -32.56 35.63
N GLU C 1092 51.83 -33.75 35.36
CA GLU C 1092 50.70 -33.95 34.48
C GLU C 1092 49.97 -35.20 34.91
N GLY C 1093 48.68 -35.27 34.63
CA GLY C 1093 47.91 -36.45 35.01
C GLY C 1093 47.50 -36.39 36.46
N VAL C 1094 47.09 -37.54 36.99
CA VAL C 1094 46.56 -37.64 38.35
C VAL C 1094 47.17 -38.81 39.11
N PHE C 1095 47.09 -38.76 40.43
CA PHE C 1095 47.49 -39.89 41.27
C PHE C 1095 46.29 -40.78 41.54
N VAL C 1096 46.42 -42.06 41.20
CA VAL C 1096 45.35 -43.02 41.40
C VAL C 1096 45.83 -44.30 42.06
N SER C 1097 44.92 -44.97 42.74
CA SER C 1097 45.20 -46.25 43.38
C SER C 1097 44.30 -47.36 42.88
N ASN C 1098 44.90 -48.53 42.61
CA ASN C 1098 44.16 -49.71 42.17
C ASN C 1098 43.70 -50.58 43.35
N GLY C 1099 43.93 -50.08 44.58
CA GLY C 1099 43.54 -50.74 45.81
C GLY C 1099 44.74 -51.10 46.67
N THR C 1100 45.90 -51.27 46.05
CA THR C 1100 47.10 -51.61 46.82
C THR C 1100 48.28 -50.71 46.48
N HIS C 1101 48.34 -50.22 45.25
CA HIS C 1101 49.47 -49.41 44.80
C HIS C 1101 49.03 -48.11 44.16
N TRP C 1102 49.82 -47.06 44.37
CA TRP C 1102 49.58 -45.77 43.76
C TRP C 1102 50.39 -45.58 42.49
N PHE C 1103 49.75 -45.00 41.48
CA PHE C 1103 50.38 -44.76 40.20
C PHE C 1103 50.02 -43.36 39.70
N VAL C 1104 50.81 -42.85 38.75
CA VAL C 1104 50.43 -41.61 38.09
C VAL C 1104 50.03 -41.90 36.66
N THR C 1105 48.92 -41.34 36.23
CA THR C 1105 48.43 -41.58 34.89
C THR C 1105 47.83 -40.33 34.27
N GLN C 1106 47.75 -40.31 32.94
CA GLN C 1106 47.16 -39.16 32.28
C GLN C 1106 45.65 -39.17 32.46
N ARG C 1107 44.97 -38.15 31.94
CA ARG C 1107 43.55 -37.96 32.28
C ARG C 1107 42.58 -38.52 31.27
N ASN C 1108 42.92 -38.46 29.99
CA ASN C 1108 41.98 -38.86 28.95
C ASN C 1108 42.22 -40.27 28.46
N PHE C 1109 43.07 -41.00 29.16
CA PHE C 1109 43.38 -42.38 28.83
C PHE C 1109 44.12 -43.06 29.97
N TYR C 1110 43.62 -44.18 30.45
CA TYR C 1110 44.27 -44.84 31.57
C TYR C 1110 45.53 -45.57 31.15
N GLU C 1111 46.64 -45.17 31.75
CA GLU C 1111 47.94 -45.74 31.45
C GLU C 1111 48.89 -45.47 32.60
N PRO C 1112 48.87 -46.29 33.65
CA PRO C 1112 49.52 -46.10 34.93
C PRO C 1112 51.01 -46.31 34.82
N GLN C 1113 51.77 -45.52 35.56
CA GLN C 1113 53.20 -45.73 35.67
C GLN C 1113 53.67 -45.40 37.08
N ILE C 1114 54.84 -45.92 37.43
CA ILE C 1114 55.40 -45.72 38.76
C ILE C 1114 55.64 -44.25 39.02
N ILE C 1115 55.30 -43.81 40.22
CA ILE C 1115 55.50 -42.42 40.60
C ILE C 1115 56.95 -42.18 40.94
N THR C 1116 57.57 -41.28 40.20
CA THR C 1116 58.98 -40.98 40.39
C THR C 1116 59.17 -39.48 40.54
N THR C 1117 60.37 -39.09 40.90
CA THR C 1117 60.71 -37.68 41.05
C THR C 1117 60.70 -36.94 39.73
N ASP C 1118 60.65 -37.68 38.63
CA ASP C 1118 60.64 -37.06 37.30
C ASP C 1118 59.23 -36.84 36.78
N ASN C 1119 58.24 -37.29 37.53
CA ASN C 1119 56.84 -37.14 37.14
C ASN C 1119 56.13 -36.15 38.05
N THR C 1120 56.85 -35.67 39.06
CA THR C 1120 56.25 -34.83 40.09
C THR C 1120 57.08 -33.59 40.36
N PHE C 1121 56.51 -32.67 41.13
CA PHE C 1121 57.23 -31.52 41.63
C PHE C 1121 56.91 -31.29 43.09
N VAL C 1122 57.81 -30.63 43.80
CA VAL C 1122 57.63 -30.47 45.24
C VAL C 1122 57.18 -29.08 45.61
N SER C 1123 56.14 -29.02 46.43
CA SER C 1123 55.63 -27.75 46.92
C SER C 1123 54.91 -27.93 48.25
N GLY C 1124 55.38 -27.24 49.29
CA GLY C 1124 54.76 -27.33 50.60
C GLY C 1124 55.26 -28.55 51.35
N ASN C 1125 54.84 -28.68 52.61
CA ASN C 1125 55.30 -29.77 53.47
C ASN C 1125 54.17 -30.67 53.99
N CYS C 1126 53.09 -30.80 53.21
CA CYS C 1126 51.92 -31.63 53.52
C CYS C 1126 50.98 -31.00 54.56
N ASP C 1127 51.48 -30.04 55.34
CA ASP C 1127 50.71 -29.48 56.44
C ASP C 1127 49.41 -28.81 56.00
N VAL C 1128 49.40 -28.32 54.77
CA VAL C 1128 48.26 -27.54 54.30
C VAL C 1128 47.51 -28.21 53.16
N VAL C 1129 47.79 -29.48 52.88
CA VAL C 1129 47.10 -30.13 51.76
C VAL C 1129 46.07 -31.12 52.24
N ILE C 1130 44.82 -30.83 51.96
CA ILE C 1130 43.72 -31.67 52.44
C ILE C 1130 43.58 -32.90 51.58
N GLY C 1131 43.57 -34.06 52.22
CA GLY C 1131 43.40 -35.32 51.50
C GLY C 1131 44.73 -35.90 51.02
N ILE C 1132 45.84 -35.32 51.47
CA ILE C 1132 47.15 -35.81 51.07
C ILE C 1132 47.44 -37.13 51.76
N VAL C 1133 48.03 -38.06 51.00
CA VAL C 1133 48.28 -39.39 51.54
C VAL C 1133 49.77 -39.73 51.53
N ASN C 1134 50.16 -40.71 52.37
CA ASN C 1134 51.53 -41.18 52.46
C ASN C 1134 51.85 -42.19 51.35
N ASN C 1135 53.00 -42.01 50.70
CA ASN C 1135 53.47 -42.91 49.65
C ASN C 1135 54.99 -42.94 49.61
N THR C 1136 55.54 -43.75 48.71
CA THR C 1136 56.97 -43.76 48.47
C THR C 1136 57.26 -43.30 47.06
N VAL C 1137 58.05 -42.24 46.93
CA VAL C 1137 58.42 -41.72 45.61
C VAL C 1137 59.77 -42.27 45.18
N TYR C 1138 59.80 -42.85 43.98
CA TYR C 1138 61.00 -43.47 43.47
C TYR C 1138 61.98 -42.45 42.89
N ASP C 1139 63.25 -42.62 43.24
CA ASP C 1139 64.33 -41.79 42.70
C ASP C 1139 65.26 -42.64 41.84
N PRO C 1140 65.17 -42.53 40.51
CA PRO C 1140 65.89 -43.31 39.50
C PRO C 1140 67.39 -43.21 39.63
N LEU C 1141 67.88 -42.22 40.35
CA LEU C 1141 69.31 -42.00 40.50
C LEU C 1141 69.96 -42.84 41.60
N GLN C 1142 69.19 -43.15 42.64
CA GLN C 1142 69.76 -43.80 43.81
C GLN C 1142 70.39 -45.17 43.52
N PRO C 1143 69.80 -46.00 42.65
CA PRO C 1143 70.29 -47.31 42.26
C PRO C 1143 71.64 -47.26 41.55
N GLU C 1144 72.02 -46.10 41.03
CA GLU C 1144 73.28 -46.00 40.30
C GLU C 1144 74.43 -45.44 41.14
N LEU C 1145 74.12 -44.48 42.03
CA LEU C 1145 75.13 -43.86 42.90
C LEU C 1145 75.86 -44.91 43.75
N GLU D 1 -86.21 12.61 3.73
CA GLU D 1 -85.19 12.84 2.70
C GLU D 1 -85.35 14.22 2.03
N LEU D 2 -86.50 14.87 2.21
CA LEU D 2 -86.80 16.16 1.59
C LEU D 2 -85.83 17.24 2.04
N GLU D 3 -85.50 17.25 3.32
CA GLU D 3 -84.61 18.26 3.85
C GLU D 3 -83.23 18.13 3.23
N GLU D 4 -82.78 16.89 3.04
CA GLU D 4 -81.47 16.65 2.43
C GLU D 4 -81.46 17.09 0.98
N GLN D 5 -82.57 16.88 0.28
CA GLN D 5 -82.68 17.29 -1.12
C GLN D 5 -82.59 18.80 -1.25
N VAL D 6 -83.19 19.52 -0.31
CA VAL D 6 -83.15 20.97 -0.30
C VAL D 6 -81.75 21.45 0.05
N MET D 7 -81.14 20.81 1.05
CA MET D 7 -79.78 21.16 1.45
C MET D 7 -78.82 20.97 0.29
N HIS D 8 -79.04 19.93 -0.52
CA HIS D 8 -78.22 19.69 -1.70
C HIS D 8 -78.27 20.88 -2.64
N VAL D 9 -79.47 21.36 -2.95
CA VAL D 9 -79.60 22.49 -3.85
C VAL D 9 -78.92 23.73 -3.24
N LEU D 10 -79.12 23.94 -1.94
CA LEU D 10 -78.50 25.08 -1.28
C LEU D 10 -76.99 24.98 -1.32
N ASP D 11 -76.47 23.75 -1.23
CA ASP D 11 -75.03 23.52 -1.30
C ASP D 11 -74.51 23.88 -2.68
N GLN D 12 -75.28 23.54 -3.72
CA GLN D 12 -74.89 23.86 -5.08
C GLN D 12 -74.83 25.38 -5.27
N VAL D 13 -75.80 26.09 -4.68
CA VAL D 13 -75.84 27.54 -4.79
C VAL D 13 -74.64 28.17 -4.09
N SER D 14 -74.35 27.72 -2.88
CA SER D 14 -73.24 28.27 -2.11
C SER D 14 -71.89 27.96 -2.76
N GLU D 15 -71.73 26.74 -3.25
CA GLU D 15 -70.44 26.35 -3.82
C GLU D 15 -70.17 27.11 -5.11
N LEU D 16 -71.19 27.27 -5.94
CA LEU D 16 -71.02 28.05 -7.16
C LEU D 16 -70.77 29.50 -6.82
N ALA D 17 -71.53 30.03 -5.88
CA ALA D 17 -71.38 31.42 -5.49
C ALA D 17 -69.99 31.65 -4.93
N HIS D 18 -69.46 30.65 -4.22
CA HIS D 18 -68.10 30.73 -3.68
C HIS D 18 -67.08 30.90 -4.79
N GLU D 19 -67.17 30.06 -5.82
CA GLU D 19 -66.23 30.15 -6.93
C GLU D 19 -66.31 31.51 -7.60
N LEU D 20 -67.52 32.06 -7.69
CA LEU D 20 -67.72 33.34 -8.35
C LEU D 20 -67.08 34.49 -7.59
N LEU D 21 -66.78 34.27 -6.31
CA LEU D 21 -66.18 35.32 -5.49
C LEU D 21 -64.76 35.61 -5.95
N HIS D 22 -64.20 34.71 -6.75
CA HIS D 22 -62.85 34.86 -7.25
C HIS D 22 -62.84 35.11 -8.75
N LYS D 23 -64.03 35.31 -9.33
CA LYS D 23 -64.15 35.46 -10.79
C LYS D 23 -64.84 36.76 -11.19
N LEU D 24 -65.88 37.13 -10.44
CA LEU D 24 -66.71 38.27 -10.80
C LEU D 24 -66.22 39.57 -10.17
N THR D 25 -66.62 40.69 -10.76
CA THR D 25 -66.34 42.01 -10.23
C THR D 25 -67.62 42.84 -10.19
N GLY D 26 -67.54 44.01 -9.54
CA GLY D 26 -68.64 44.97 -9.55
C GLY D 26 -69.93 44.40 -8.96
N GLU D 27 -71.06 44.75 -9.58
CA GLU D 27 -72.38 44.35 -9.12
C GLU D 27 -72.59 42.84 -9.18
N GLU D 28 -72.01 42.21 -10.19
CA GLU D 28 -72.15 40.76 -10.35
C GLU D 28 -71.48 40.04 -9.19
N LEU D 29 -70.35 40.59 -8.73
CA LEU D 29 -69.67 40.05 -7.57
C LEU D 29 -70.51 40.21 -6.32
N GLU D 30 -71.11 41.39 -6.15
CA GLU D 30 -71.98 41.64 -5.00
C GLU D 30 -73.13 40.67 -4.97
N ARG D 31 -73.70 40.37 -6.14
CA ARG D 31 -74.82 39.44 -6.21
C ARG D 31 -74.41 38.04 -5.81
N ALA D 32 -73.26 37.57 -6.30
CA ALA D 32 -72.81 36.24 -5.94
C ALA D 32 -72.62 36.15 -4.42
N ALA D 33 -72.08 37.21 -3.82
CA ALA D 33 -71.88 37.22 -2.37
C ALA D 33 -73.22 37.16 -1.65
N TYR D 34 -74.20 37.90 -2.14
CA TYR D 34 -75.54 37.89 -1.57
C TYR D 34 -76.14 36.49 -1.62
N PHE D 35 -76.06 35.85 -2.77
CA PHE D 35 -76.63 34.53 -2.96
C PHE D 35 -75.89 33.49 -2.15
N ASN D 36 -74.58 33.69 -1.99
CA ASN D 36 -73.78 32.82 -1.15
C ASN D 36 -74.30 32.85 0.28
N TRP D 37 -74.47 34.06 0.79
CA TRP D 37 -75.01 34.25 2.13
C TRP D 37 -76.40 33.66 2.26
N TRP D 38 -77.25 33.94 1.28
CA TRP D 38 -78.62 33.47 1.32
C TRP D 38 -78.68 31.96 1.43
N ALA D 39 -77.89 31.27 0.61
CA ALA D 39 -77.93 29.81 0.62
C ALA D 39 -77.59 29.25 1.99
N THR D 40 -76.60 29.85 2.66
CA THR D 40 -76.20 29.35 3.98
C THR D 40 -77.20 29.75 5.05
N GLU D 41 -77.88 30.87 4.84
CA GLU D 41 -78.91 31.32 5.77
C GLU D 41 -80.08 30.36 5.71
N MET D 42 -80.40 29.90 4.50
CA MET D 42 -81.47 28.93 4.29
C MET D 42 -81.15 27.59 4.91
N MET D 43 -79.87 27.23 4.91
CA MET D 43 -79.48 25.97 5.52
C MET D 43 -79.90 25.93 6.98
N LEU D 44 -79.67 27.03 7.68
CA LEU D 44 -80.03 27.10 9.09
C LEU D 44 -81.52 27.33 9.29
N GLU D 45 -82.12 28.15 8.43
CA GLU D 45 -83.55 28.41 8.52
C GLU D 45 -84.34 27.14 8.27
N LEU D 46 -83.86 26.31 7.34
CA LEU D 46 -84.49 25.04 7.01
C LEU D 46 -84.46 24.11 8.21
N ILE D 47 -83.31 24.06 8.89
CA ILE D 47 -83.20 23.24 10.08
C ILE D 47 -84.19 23.70 11.15
N LYS D 48 -84.23 25.01 11.40
CA LYS D 48 -85.15 25.54 12.40
C LYS D 48 -86.51 25.86 11.77
N SER D 49 -87.20 24.83 11.29
CA SER D 49 -88.51 25.03 10.66
C SER D 49 -89.31 23.74 10.57
N ASP D 50 -90.57 23.88 10.17
CA ASP D 50 -91.45 22.76 9.86
C ASP D 50 -92.43 23.17 8.77
N ASP D 51 -93.28 22.22 8.36
CA ASP D 51 -94.28 22.43 7.31
C ASP D 51 -93.66 22.29 5.92
N GLU D 52 -94.10 21.26 5.20
CA GLU D 52 -93.55 20.97 3.89
C GLU D 52 -93.63 22.16 2.97
N ARG D 53 -94.66 22.97 3.12
CA ARG D 53 -94.87 24.11 2.23
C ARG D 53 -93.74 25.13 2.36
N GLU D 54 -93.21 25.29 3.57
CA GLU D 54 -92.13 26.25 3.80
C GLU D 54 -90.84 25.67 3.26
N ILE D 55 -90.70 24.36 3.39
CA ILE D 55 -89.52 23.65 2.90
C ILE D 55 -89.47 23.73 1.37
N ARG D 56 -90.62 23.52 0.74
CA ARG D 56 -90.72 23.59 -0.71
C ARG D 56 -90.46 25.00 -1.23
N GLU D 57 -90.89 26.01 -0.48
CA GLU D 57 -90.65 27.39 -0.87
C GLU D 57 -89.15 27.67 -0.96
N ILE D 58 -88.40 27.13 -0.01
CA ILE D 58 -86.95 27.29 -0.04
C ILE D 58 -86.37 26.55 -1.25
N GLU D 59 -86.85 25.33 -1.49
CA GLU D 59 -86.35 24.55 -2.61
C GLU D 59 -86.50 25.30 -3.92
N GLU D 60 -87.67 25.90 -4.13
CA GLU D 60 -87.94 26.58 -5.39
C GLU D 60 -87.09 27.83 -5.54
N GLU D 61 -86.96 28.61 -4.49
CA GLU D 61 -86.18 29.84 -4.58
C GLU D 61 -84.72 29.51 -4.78
N ALA D 62 -84.25 28.46 -4.11
CA ALA D 62 -82.86 28.06 -4.22
C ALA D 62 -82.55 27.58 -5.64
N ARG D 63 -83.49 26.87 -6.25
CA ARG D 63 -83.30 26.41 -7.63
C ARG D 63 -83.24 27.59 -8.59
N ARG D 64 -84.11 28.58 -8.38
CA ARG D 64 -84.12 29.76 -9.23
C ARG D 64 -82.80 30.52 -9.13
N ILE D 65 -82.29 30.61 -7.91
CA ILE D 65 -81.01 31.28 -7.67
C ILE D 65 -79.86 30.54 -8.31
N LEU D 66 -79.86 29.22 -8.21
CA LEU D 66 -78.81 28.43 -8.84
C LEU D 66 -78.76 28.71 -10.33
N GLU D 67 -79.92 28.70 -10.98
CA GLU D 67 -80.00 28.95 -12.41
C GLU D 67 -79.50 30.35 -12.74
N HIS D 68 -79.85 31.32 -11.90
CA HIS D 68 -79.39 32.69 -12.06
C HIS D 68 -77.86 32.77 -12.02
N LEU D 69 -77.27 32.14 -11.01
CA LEU D 69 -75.82 32.20 -10.85
C LEU D 69 -75.09 31.61 -12.05
N GLU D 70 -75.69 30.59 -12.68
CA GLU D 70 -75.07 29.97 -13.84
C GLU D 70 -74.94 30.95 -15.00
N GLU D 71 -75.77 32.00 -15.01
CA GLU D 71 -75.69 33.01 -16.06
C GLU D 71 -74.45 33.87 -15.88
N LEU D 72 -73.93 33.93 -14.65
CA LEU D 72 -72.73 34.68 -14.36
C LEU D 72 -71.51 33.80 -14.56
N ALA D 73 -71.65 32.54 -14.19
CA ALA D 73 -70.57 31.57 -14.27
C ALA D 73 -70.12 31.37 -15.70
N ARG D 74 -71.06 31.41 -16.63
CA ARG D 74 -70.77 31.21 -18.04
C ARG D 74 -70.23 32.48 -18.74
N LYS D 75 -70.18 33.61 -18.03
CA LYS D 75 -69.74 34.89 -18.58
C LYS D 75 -68.25 35.11 -18.30
N ALA E 27 24.35 15.65 -50.83
CA ALA E 27 25.50 15.94 -49.98
C ALA E 27 25.07 15.92 -48.51
N TYR E 28 25.84 15.19 -47.68
CA TYR E 28 25.59 15.05 -46.25
C TYR E 28 26.86 15.26 -45.44
N THR E 29 26.71 15.72 -44.20
CA THR E 29 27.85 15.87 -43.31
C THR E 29 27.59 15.22 -41.94
N ASN E 30 28.63 15.20 -41.12
CA ASN E 30 28.60 14.61 -39.78
C ASN E 30 28.21 15.63 -38.73
N SER E 31 27.09 15.39 -38.04
CA SER E 31 26.61 16.32 -37.03
C SER E 31 27.51 16.36 -35.80
N PHE E 32 28.36 15.35 -35.65
CA PHE E 32 29.20 15.21 -34.47
C PHE E 32 28.38 15.36 -33.20
N THR E 33 28.69 16.39 -32.40
CA THR E 33 28.00 16.61 -31.14
C THR E 33 27.22 17.92 -31.14
N ARG E 34 26.92 18.41 -32.34
CA ARG E 34 26.19 19.66 -32.53
C ARG E 34 24.72 19.51 -32.16
N GLY E 35 24.05 20.65 -31.92
CA GLY E 35 22.61 20.66 -31.74
C GLY E 35 22.16 20.57 -30.29
N VAL E 36 23.09 20.71 -29.37
CA VAL E 36 22.76 20.71 -27.95
C VAL E 36 22.48 22.11 -27.45
N TYR E 37 21.42 22.26 -26.69
CA TYR E 37 20.99 23.57 -26.19
C TYR E 37 20.51 23.46 -24.76
N TYR E 38 20.45 24.59 -24.07
CA TYR E 38 19.95 24.62 -22.71
C TYR E 38 18.44 24.41 -22.71
N PRO E 39 17.95 23.27 -22.19
CA PRO E 39 16.58 22.81 -22.27
C PRO E 39 15.62 23.70 -21.47
N ASP E 40 16.16 24.45 -20.52
CA ASP E 40 15.34 25.30 -19.67
C ASP E 40 16.12 26.50 -19.16
N LYS E 41 15.53 27.22 -18.21
CA LYS E 41 16.12 28.44 -17.67
C LYS E 41 16.56 28.22 -16.23
N VAL E 42 16.95 26.98 -15.91
CA VAL E 42 17.37 26.64 -14.57
C VAL E 42 18.87 26.57 -14.41
N PHE E 43 19.38 27.27 -13.40
CA PHE E 43 20.80 27.26 -13.10
C PHE E 43 21.19 25.99 -12.37
N ARG E 44 22.21 25.32 -12.88
CA ARG E 44 22.75 24.12 -12.29
C ARG E 44 24.26 24.19 -12.37
N SER E 45 24.96 23.75 -11.34
CA SER E 45 26.41 23.78 -11.39
C SER E 45 27.04 22.52 -10.83
N SER E 46 28.16 22.13 -11.41
CA SER E 46 28.93 20.98 -10.96
C SER E 46 28.05 19.75 -10.77
N VAL E 47 27.13 19.54 -11.71
CA VAL E 47 26.19 18.44 -11.62
C VAL E 47 25.93 17.81 -12.99
N LEU E 48 25.71 16.51 -12.99
CA LEU E 48 25.29 15.82 -14.20
C LEU E 48 23.79 15.64 -14.20
N HIS E 49 23.12 16.26 -15.16
CA HIS E 49 21.66 16.26 -15.18
C HIS E 49 21.12 15.48 -16.37
N SER E 50 20.22 14.54 -16.08
CA SER E 50 19.61 13.73 -17.13
C SER E 50 18.27 14.32 -17.55
N THR E 51 18.11 14.55 -18.85
CA THR E 51 16.90 15.17 -19.37
C THR E 51 16.43 14.53 -20.66
N GLN E 52 15.12 14.57 -20.89
CA GLN E 52 14.53 14.06 -22.13
C GLN E 52 13.84 15.18 -22.89
N ASP E 53 14.25 15.39 -24.12
CA ASP E 53 13.71 16.46 -24.95
C ASP E 53 14.02 16.21 -26.42
N LEU E 54 13.59 17.12 -27.28
CA LEU E 54 13.90 16.99 -28.70
C LEU E 54 15.30 17.52 -28.99
N PHE E 55 16.17 16.62 -29.42
CA PHE E 55 17.57 16.95 -29.67
C PHE E 55 18.02 16.42 -31.01
N LEU E 56 19.11 16.96 -31.52
CA LEU E 56 19.76 16.41 -32.70
C LEU E 56 20.64 15.24 -32.27
N PRO E 57 20.39 14.02 -32.74
CA PRO E 57 21.13 12.81 -32.42
C PRO E 57 22.59 12.99 -32.76
N PHE E 58 23.47 12.42 -31.94
CA PHE E 58 24.90 12.55 -32.21
C PHE E 58 25.32 11.73 -33.42
N PHE E 59 26.24 12.27 -34.19
CA PHE E 59 26.78 11.62 -35.38
C PHE E 59 25.69 11.26 -36.39
N SER E 60 24.71 12.15 -36.53
CA SER E 60 23.61 11.95 -37.49
C SER E 60 23.99 12.50 -38.87
N ASN E 61 23.15 12.15 -39.87
CA ASN E 61 23.33 12.63 -41.26
C ASN E 61 22.61 13.95 -41.48
N VAL E 62 23.39 15.02 -41.64
CA VAL E 62 22.88 16.37 -41.84
C VAL E 62 22.95 16.76 -43.31
N THR E 63 21.85 17.24 -43.88
CA THR E 63 21.81 17.55 -45.29
C THR E 63 22.51 18.89 -45.57
N TRP E 64 23.38 18.90 -46.57
CA TRP E 64 24.16 20.08 -46.92
C TRP E 64 23.62 20.78 -48.17
N PHE E 65 23.10 22.00 -47.99
CA PHE E 65 22.52 22.76 -49.09
C PHE E 65 23.43 23.89 -49.54
N HIS E 66 23.45 24.16 -50.85
CA HIS E 66 24.23 25.25 -51.44
C HIS E 66 23.32 26.21 -52.20
N ASN E 81 17.72 25.74 -53.36
CA ASN E 81 17.16 26.30 -52.14
C ASN E 81 15.65 26.00 -52.03
N PRO E 82 15.26 24.71 -51.91
CA PRO E 82 13.89 24.19 -51.93
C PRO E 82 13.19 24.42 -50.60
N VAL E 83 11.87 24.20 -50.60
CA VAL E 83 11.10 24.20 -49.37
C VAL E 83 11.27 22.87 -48.65
N LEU E 84 11.63 22.93 -47.37
CA LEU E 84 11.90 21.74 -46.58
C LEU E 84 10.81 21.51 -45.54
N PRO E 85 10.60 20.27 -45.10
CA PRO E 85 9.70 19.89 -44.02
C PRO E 85 10.23 20.39 -42.69
N PHE E 86 9.32 20.65 -41.75
CA PHE E 86 9.68 21.10 -40.41
C PHE E 86 9.69 19.95 -39.42
N ASN E 87 8.83 18.96 -39.67
CA ASN E 87 8.68 17.82 -38.79
C ASN E 87 8.37 18.23 -37.35
N ASP E 88 9.20 17.79 -36.41
CA ASP E 88 8.99 18.07 -35.00
C ASP E 88 9.94 19.15 -34.50
N GLY E 89 10.59 19.82 -35.43
CA GLY E 89 11.60 20.82 -35.10
C GLY E 89 12.81 20.60 -35.96
N VAL E 90 13.52 21.67 -36.27
CA VAL E 90 14.63 21.59 -37.20
C VAL E 90 15.89 22.24 -36.66
N TYR E 91 17.02 21.60 -36.92
CA TYR E 91 18.32 22.18 -36.61
C TYR E 91 18.90 22.85 -37.83
N PHE E 92 19.21 24.12 -37.72
CA PHE E 92 19.74 24.87 -38.85
C PHE E 92 21.10 25.44 -38.52
N ALA E 93 22.03 25.33 -39.44
CA ALA E 93 23.35 25.91 -39.22
C ALA E 93 23.87 26.46 -40.53
N SER E 94 24.67 27.50 -40.45
CA SER E 94 25.25 28.06 -41.67
C SER E 94 26.66 28.57 -41.46
N THR E 95 27.40 28.62 -42.54
CA THR E 95 28.75 29.17 -42.53
C THR E 95 28.75 30.39 -43.43
N GLU E 96 29.38 31.46 -42.96
CA GLU E 96 29.27 32.73 -43.67
C GLU E 96 30.55 33.56 -43.71
N LYS E 97 30.61 34.43 -44.73
CA LYS E 97 31.66 35.43 -44.87
C LYS E 97 31.09 36.84 -45.00
N SER E 98 29.91 36.96 -45.62
CA SER E 98 29.37 38.27 -45.97
C SER E 98 27.85 38.40 -45.84
N ASN E 99 27.26 37.78 -44.81
CA ASN E 99 25.84 37.93 -44.50
C ASN E 99 24.91 37.75 -45.70
N ILE E 100 25.01 36.60 -46.37
CA ILE E 100 24.17 36.31 -47.52
C ILE E 100 22.80 35.81 -47.09
N ILE E 101 22.77 34.94 -46.09
CA ILE E 101 21.51 34.43 -45.57
C ILE E 101 20.88 35.48 -44.67
N ARG E 102 19.63 35.83 -44.94
CA ARG E 102 18.98 36.92 -44.23
C ARG E 102 17.90 36.47 -43.26
N GLY E 103 17.21 35.37 -43.57
CA GLY E 103 16.08 34.99 -42.73
C GLY E 103 15.41 33.69 -43.15
N TRP E 104 14.25 33.42 -42.56
CA TRP E 104 13.53 32.18 -42.79
C TRP E 104 12.02 32.40 -42.89
N ILE E 105 11.35 31.52 -43.62
CA ILE E 105 9.89 31.48 -43.67
C ILE E 105 9.38 30.17 -43.10
N PHE E 106 8.46 30.24 -42.15
CA PHE E 106 7.85 29.05 -41.57
C PHE E 106 6.34 29.07 -41.76
N GLY E 107 5.75 27.94 -42.07
CA GLY E 107 4.29 27.88 -42.19
C GLY E 107 3.81 26.57 -42.81
N THR E 108 2.65 26.62 -43.45
CA THR E 108 2.05 25.45 -44.07
C THR E 108 1.84 25.66 -45.56
N THR E 109 0.75 26.33 -45.91
CA THR E 109 0.41 26.58 -47.31
C THR E 109 1.37 27.57 -47.97
N LEU E 110 1.72 28.62 -47.25
CA LEU E 110 2.67 29.62 -47.75
C LEU E 110 2.24 30.21 -49.10
N ASP E 111 0.97 30.52 -49.25
CA ASP E 111 0.46 31.08 -50.50
C ASP E 111 -0.75 31.99 -50.31
N SER E 112 -0.64 32.93 -49.36
CA SER E 112 -1.72 33.86 -49.08
C SER E 112 -3.07 33.17 -48.85
N LYS E 113 -3.05 32.04 -48.16
CA LYS E 113 -4.27 31.33 -47.80
C LYS E 113 -4.38 31.23 -46.28
N THR E 114 -3.23 31.05 -45.65
CA THR E 114 -3.13 30.91 -44.21
C THR E 114 -2.02 31.81 -43.71
N GLN E 115 -1.95 31.99 -42.40
CA GLN E 115 -0.88 32.80 -41.83
C GLN E 115 0.44 32.06 -41.84
N SER E 116 1.52 32.83 -41.95
CA SER E 116 2.86 32.28 -41.92
C SER E 116 3.79 33.19 -41.13
N LEU E 117 4.87 32.61 -40.63
CA LEU E 117 5.85 33.32 -39.83
C LEU E 117 7.07 33.72 -40.64
N LEU E 118 7.30 35.02 -40.72
CA LEU E 118 8.40 35.57 -41.49
C LEU E 118 9.45 36.20 -40.60
N ILE E 119 10.65 35.66 -40.62
CA ILE E 119 11.75 36.18 -39.80
C ILE E 119 12.87 36.72 -40.68
N VAL E 120 13.06 38.03 -40.68
CA VAL E 120 14.08 38.64 -41.53
C VAL E 120 15.02 39.57 -40.78
N ASN E 121 16.32 39.34 -40.93
CA ASN E 121 17.33 40.23 -40.36
C ASN E 121 17.84 41.20 -41.42
N ASN E 122 17.24 42.40 -41.49
CA ASN E 122 17.56 43.38 -42.52
C ASN E 122 18.40 44.52 -41.97
N ALA E 123 19.71 44.50 -42.21
CA ALA E 123 20.68 45.54 -41.84
C ALA E 123 20.90 45.69 -40.33
N THR E 124 19.83 45.96 -39.58
CA THR E 124 19.98 46.22 -38.15
C THR E 124 19.18 45.25 -37.30
N ASN E 125 17.94 45.61 -36.99
CA ASN E 125 17.12 44.80 -36.11
C ASN E 125 16.42 43.69 -36.86
N VAL E 126 16.18 42.59 -36.16
CA VAL E 126 15.42 41.49 -36.73
C VAL E 126 13.94 41.78 -36.66
N VAL E 127 13.25 41.61 -37.78
CA VAL E 127 11.82 41.87 -37.84
C VAL E 127 11.04 40.57 -38.01
N ILE E 128 10.16 40.31 -37.07
CA ILE E 128 9.36 39.09 -37.09
C ILE E 128 7.89 39.39 -37.22
N LYS E 129 7.25 38.81 -38.24
CA LYS E 129 5.83 39.05 -38.46
C LYS E 129 5.05 37.78 -38.74
N VAL E 130 3.80 37.75 -38.30
CA VAL E 130 2.90 36.66 -38.66
C VAL E 130 1.68 37.21 -39.39
N CYS E 131 1.58 36.88 -40.68
CA CYS E 131 0.55 37.42 -41.57
C CYS E 131 0.18 36.43 -42.66
N GLU E 132 -0.89 36.72 -43.37
CA GLU E 132 -1.25 35.90 -44.54
C GLU E 132 -0.45 36.38 -45.74
N PHE E 133 0.83 36.03 -45.74
CA PHE E 133 1.78 36.52 -46.72
C PHE E 133 1.65 35.84 -48.08
N GLN E 134 1.86 36.63 -49.13
CA GLN E 134 1.97 36.11 -50.48
C GLN E 134 3.44 36.02 -50.85
N PHE E 135 3.93 34.81 -51.01
CA PHE E 135 5.34 34.60 -51.31
C PHE E 135 5.56 34.35 -52.78
N CYS E 136 6.78 34.65 -53.24
CA CYS E 136 7.18 34.39 -54.61
C CYS E 136 7.47 32.92 -54.81
N ASN E 137 7.55 32.50 -56.08
CA ASN E 137 7.91 31.13 -56.40
C ASN E 137 9.37 30.84 -56.05
N ASP E 138 10.14 31.92 -55.89
CA ASP E 138 11.54 31.83 -55.50
C ASP E 138 11.97 33.11 -54.77
N PRO E 139 11.56 33.27 -53.51
CA PRO E 139 11.72 34.45 -52.68
C PRO E 139 13.18 34.79 -52.43
N PHE E 140 13.50 36.08 -52.35
CA PHE E 140 14.84 36.54 -52.05
C PHE E 140 14.82 37.99 -51.60
N LEU E 141 15.95 38.47 -51.09
CA LEU E 141 16.07 39.89 -50.76
C LEU E 141 17.20 40.53 -51.55
N GLY E 142 17.04 41.81 -51.86
CA GLY E 142 18.07 42.56 -52.60
C GLY E 142 18.98 43.33 -51.65
N VAL E 143 19.62 44.37 -52.18
CA VAL E 143 20.58 45.19 -51.44
C VAL E 143 20.18 46.66 -51.53
N ASN E 165 -3.54 41.03 -43.60
CA ASN E 165 -4.04 40.40 -42.41
C ASN E 165 -2.89 39.91 -41.51
N CYS E 166 -2.57 40.65 -40.45
CA CYS E 166 -1.47 40.35 -39.54
C CYS E 166 -1.97 40.23 -38.10
N THR E 167 -1.40 39.29 -37.35
CA THR E 167 -1.78 39.13 -35.96
C THR E 167 -0.61 39.35 -35.00
N PHE E 168 0.62 39.27 -35.50
CA PHE E 168 1.77 39.43 -34.63
C PHE E 168 2.91 40.19 -35.31
N GLU E 169 3.54 41.09 -34.56
CA GLU E 169 4.74 41.78 -35.03
C GLU E 169 5.69 42.07 -33.88
N TYR E 170 6.96 41.78 -34.09
CA TYR E 170 8.00 42.02 -33.11
C TYR E 170 9.30 42.47 -33.77
N VAL E 171 9.98 43.43 -33.15
CA VAL E 171 11.27 43.85 -33.65
C VAL E 171 12.33 43.79 -32.55
N SER E 172 13.46 43.14 -32.85
CA SER E 172 14.57 42.99 -31.90
C SER E 172 15.33 44.31 -31.76
N PHE E 186 35.32 29.60 -44.34
CA PHE E 186 34.38 30.52 -43.72
C PHE E 186 34.90 30.97 -42.35
N LYS E 187 34.39 32.11 -41.87
CA LYS E 187 34.83 32.71 -40.60
C LYS E 187 33.73 32.71 -39.54
N ASN E 188 32.48 32.80 -39.98
CA ASN E 188 31.37 32.91 -39.03
C ASN E 188 30.46 31.71 -39.06
N LEU E 189 30.34 31.02 -37.93
CA LEU E 189 29.43 29.90 -37.80
C LEU E 189 28.23 30.29 -36.96
N ARG E 190 27.05 30.15 -37.53
CA ARG E 190 25.83 30.46 -36.81
C ARG E 190 24.92 29.25 -36.75
N GLU E 191 24.49 28.90 -35.55
CA GLU E 191 23.66 27.72 -35.35
C GLU E 191 22.35 28.10 -34.67
N PHE E 192 21.26 27.50 -35.12
CA PHE E 192 19.93 27.80 -34.61
C PHE E 192 19.10 26.54 -34.37
N VAL E 193 18.24 26.58 -33.36
CA VAL E 193 17.27 25.52 -33.17
C VAL E 193 15.87 26.09 -33.23
N PHE E 194 15.06 25.56 -34.14
CA PHE E 194 13.69 26.05 -34.30
C PHE E 194 12.68 24.95 -33.96
N LYS E 195 11.93 25.15 -32.89
CA LYS E 195 10.91 24.17 -32.52
C LYS E 195 9.65 24.87 -32.00
N ASN E 196 8.50 24.26 -32.24
CA ASN E 196 7.23 24.86 -31.80
C ASN E 196 6.49 23.95 -30.83
N ILE E 197 6.43 24.37 -29.58
CA ILE E 197 5.80 23.57 -28.53
C ILE E 197 4.57 24.27 -27.96
N ASP E 198 3.41 23.65 -28.11
CA ASP E 198 2.16 24.18 -27.58
C ASP E 198 1.93 25.61 -28.01
N GLY E 199 2.25 25.92 -29.26
CA GLY E 199 1.99 27.24 -29.82
C GLY E 199 3.16 28.21 -29.65
N TYR E 200 4.16 27.83 -28.87
CA TYR E 200 5.30 28.72 -28.65
C TYR E 200 6.44 28.38 -29.59
N PHE E 201 6.83 29.34 -30.41
CA PHE E 201 7.94 29.14 -31.33
C PHE E 201 9.23 29.55 -30.65
N LYS E 202 10.05 28.57 -30.32
CA LYS E 202 11.24 28.81 -29.52
C LYS E 202 12.50 28.77 -30.36
N ILE E 203 13.32 29.81 -30.23
CA ILE E 203 14.54 29.90 -31.00
C ILE E 203 15.76 29.93 -30.09
N TYR E 204 16.68 29.00 -30.32
CA TYR E 204 17.96 28.97 -29.61
C TYR E 204 19.06 29.27 -30.61
N SER E 205 20.15 29.87 -30.17
CA SER E 205 21.22 30.19 -31.11
C SER E 205 22.61 30.30 -30.48
N LYS E 206 23.61 30.20 -31.33
CA LYS E 206 25.00 30.38 -30.94
C LYS E 206 25.83 30.93 -32.12
N HIS E 207 26.72 31.87 -31.84
CA HIS E 207 27.61 32.42 -32.85
C HIS E 207 29.07 32.25 -32.43
N THR E 208 29.83 31.48 -33.21
CA THR E 208 31.24 31.24 -32.91
C THR E 208 32.10 31.50 -34.15
N PRO E 209 33.37 31.88 -33.96
CA PRO E 209 34.39 32.01 -34.98
C PRO E 209 34.89 30.64 -35.42
N ILE E 210 35.13 30.49 -36.71
CA ILE E 210 35.68 29.26 -37.26
C ILE E 210 36.79 29.52 -38.26
N ASN E 211 37.53 28.47 -38.58
CA ASN E 211 38.51 28.48 -39.67
C ASN E 211 38.34 27.20 -40.49
N LEU E 212 37.29 27.16 -41.31
CA LEU E 212 36.90 25.91 -41.97
C LEU E 212 35.98 26.20 -43.15
N VAL E 213 36.32 25.65 -44.32
CA VAL E 213 35.58 25.99 -45.54
C VAL E 213 34.55 24.95 -45.99
N ARG E 214 34.91 23.67 -45.93
CA ARG E 214 34.06 22.65 -46.55
C ARG E 214 33.49 21.62 -45.59
N ASP E 215 33.32 21.99 -44.33
CA ASP E 215 32.79 21.05 -43.35
C ASP E 215 32.28 21.75 -42.10
N LEU E 216 31.74 20.96 -41.16
CA LEU E 216 31.41 21.45 -39.83
C LEU E 216 32.52 21.08 -38.86
N PRO E 217 32.82 21.95 -37.89
CA PRO E 217 33.84 21.76 -36.88
C PRO E 217 33.43 20.68 -35.90
N GLN E 218 34.41 19.95 -35.39
CA GLN E 218 34.16 18.93 -34.39
C GLN E 218 34.53 19.44 -33.01
N GLY E 219 33.55 19.50 -32.14
CA GLY E 219 33.72 20.02 -30.79
C GLY E 219 32.36 20.23 -30.16
N PHE E 220 32.33 20.61 -28.88
CA PHE E 220 31.06 20.77 -28.20
C PHE E 220 30.76 22.21 -27.79
N SER E 221 29.51 22.62 -28.00
CA SER E 221 29.01 23.90 -27.54
C SER E 221 27.51 23.80 -27.31
N ALA E 222 26.97 24.66 -26.46
CA ALA E 222 25.53 24.67 -26.21
C ALA E 222 24.90 25.96 -26.71
N LEU E 223 23.69 25.85 -27.24
CA LEU E 223 22.95 27.00 -27.75
C LEU E 223 22.00 27.58 -26.70
N GLU E 224 21.97 28.91 -26.62
CA GLU E 224 21.17 29.60 -25.62
C GLU E 224 19.86 30.07 -26.24
N PRO E 225 18.78 30.14 -25.46
CA PRO E 225 17.48 30.66 -25.86
C PRO E 225 17.60 32.13 -26.17
N LEU E 226 17.00 32.56 -27.27
CA LEU E 226 17.06 33.95 -27.68
C LEU E 226 15.66 34.55 -27.81
N VAL E 227 14.76 33.81 -28.44
CA VAL E 227 13.42 34.32 -28.71
C VAL E 227 12.36 33.28 -28.35
N ASP E 228 11.22 33.75 -27.84
CA ASP E 228 10.09 32.86 -27.59
C ASP E 228 8.79 33.55 -27.99
N LEU E 229 8.21 33.11 -29.10
CA LEU E 229 7.05 33.78 -29.69
C LEU E 229 5.74 33.02 -29.44
N PRO E 230 4.82 33.58 -28.65
CA PRO E 230 3.54 33.00 -28.28
C PRO E 230 2.52 33.18 -29.39
N ILE E 231 2.73 32.47 -30.49
CA ILE E 231 1.95 32.71 -31.71
C ILE E 231 0.74 31.79 -31.87
N GLY E 232 0.93 30.49 -31.64
CA GLY E 232 -0.15 29.53 -31.88
C GLY E 232 -0.31 29.21 -33.37
N ILE E 233 0.81 29.20 -34.09
CA ILE E 233 0.79 28.94 -35.53
C ILE E 233 1.31 27.54 -35.88
N ASN E 234 0.58 26.86 -36.77
CA ASN E 234 0.98 25.55 -37.29
C ASN E 234 2.11 25.68 -38.32
N ILE E 235 3.22 24.96 -38.09
CA ILE E 235 4.36 24.95 -39.01
C ILE E 235 4.68 23.53 -39.46
N THR E 236 4.67 23.32 -40.77
CA THR E 236 4.97 22.01 -41.33
C THR E 236 6.07 22.08 -42.37
N ARG E 237 6.29 23.27 -42.92
CA ARG E 237 7.31 23.51 -43.93
C ARG E 237 8.05 24.81 -43.66
N PHE E 238 9.28 24.92 -44.16
CA PHE E 238 10.01 26.17 -44.04
C PHE E 238 10.99 26.36 -45.20
N GLN E 239 11.43 27.61 -45.39
CA GLN E 239 12.39 27.92 -46.43
C GLN E 239 13.40 28.97 -45.98
N THR E 240 14.62 28.88 -46.50
CA THR E 240 15.69 29.84 -46.15
C THR E 240 15.76 30.99 -47.15
N LEU E 241 15.84 32.21 -46.64
CA LEU E 241 15.91 33.40 -47.48
C LEU E 241 17.32 33.97 -47.54
N LEU E 242 17.82 34.17 -48.77
CA LEU E 242 19.14 34.75 -49.03
C LEU E 242 18.98 36.14 -49.62
N ALA E 264 26.32 28.82 -47.90
CA ALA E 264 25.82 27.46 -47.77
C ALA E 264 25.32 27.21 -46.35
N TYR E 265 24.41 26.25 -46.19
CA TYR E 265 23.80 25.94 -44.91
C TYR E 265 23.47 24.46 -44.77
N TYR E 266 23.26 24.03 -43.54
CA TYR E 266 23.00 22.64 -43.22
C TYR E 266 21.68 22.49 -42.50
N VAL E 267 20.98 21.39 -42.78
CA VAL E 267 19.71 21.13 -42.10
C VAL E 267 19.63 19.73 -41.51
N GLY E 268 19.33 19.66 -40.22
CA GLY E 268 19.11 18.39 -39.54
C GLY E 268 17.74 18.41 -38.88
N TYR E 269 17.34 17.32 -38.25
CA TYR E 269 16.04 17.28 -37.61
C TYR E 269 16.10 16.74 -36.20
N LEU E 270 15.21 17.26 -35.36
CA LEU E 270 15.16 16.86 -33.96
C LEU E 270 14.23 15.67 -33.76
N GLN E 271 14.50 14.90 -32.72
CA GLN E 271 13.61 13.81 -32.32
C GLN E 271 13.79 13.56 -30.83
N PRO E 272 12.85 12.87 -30.17
CA PRO E 272 12.92 12.49 -28.78
C PRO E 272 14.18 11.68 -28.49
N ARG E 273 15.01 12.21 -27.61
CA ARG E 273 16.25 11.55 -27.20
C ARG E 273 16.52 11.83 -25.73
N THR E 274 17.27 10.95 -25.08
CA THR E 274 17.66 11.20 -23.71
C THR E 274 19.14 11.56 -23.66
N PHE E 275 19.44 12.67 -22.98
CA PHE E 275 20.81 13.14 -22.84
C PHE E 275 21.24 13.33 -21.40
N LEU E 276 22.51 13.06 -21.14
CA LEU E 276 23.12 13.40 -19.87
C LEU E 276 23.97 14.65 -20.07
N LEU E 277 23.62 15.74 -19.42
CA LEU E 277 24.32 17.00 -19.62
C LEU E 277 25.24 17.34 -18.47
N LYS E 278 26.47 17.71 -18.78
CA LYS E 278 27.45 18.06 -17.77
C LYS E 278 27.58 19.56 -17.59
N TYR E 279 27.22 20.03 -16.38
CA TYR E 279 27.34 21.44 -16.04
C TYR E 279 28.60 21.69 -15.23
N ASN E 280 29.23 22.82 -15.49
CA ASN E 280 30.44 23.21 -14.77
C ASN E 280 30.12 24.15 -13.62
N GLU E 281 31.17 24.67 -12.99
CA GLU E 281 31.04 25.61 -11.88
C GLU E 281 30.34 26.91 -12.27
N ASN E 282 30.50 27.33 -13.55
CA ASN E 282 29.94 28.56 -14.05
C ASN E 282 28.51 28.42 -14.62
N GLY E 283 27.90 27.25 -14.38
CA GLY E 283 26.51 27.00 -14.78
C GLY E 283 26.33 26.67 -16.25
N THR E 284 27.42 26.55 -16.99
CA THR E 284 27.32 26.29 -18.42
C THR E 284 27.46 24.82 -18.71
N ILE E 285 27.04 24.41 -19.91
CA ILE E 285 27.14 23.02 -20.30
C ILE E 285 28.44 22.81 -21.06
N THR E 286 29.27 21.91 -20.57
CA THR E 286 30.58 21.68 -21.16
C THR E 286 30.66 20.36 -21.91
N ASP E 287 29.72 19.47 -21.65
CA ASP E 287 29.71 18.19 -22.36
C ASP E 287 28.31 17.58 -22.38
N ALA E 288 28.17 16.46 -23.09
CA ALA E 288 26.90 15.76 -23.14
C ALA E 288 27.06 14.32 -23.65
N VAL E 289 26.19 13.43 -23.16
CA VAL E 289 26.16 12.06 -23.66
C VAL E 289 24.83 11.71 -24.29
N ASP E 290 24.87 11.20 -25.50
CA ASP E 290 23.68 10.71 -26.18
C ASP E 290 23.42 9.27 -25.76
N CYS E 291 22.41 9.07 -24.92
CA CYS E 291 22.18 7.82 -24.20
C CYS E 291 21.79 6.68 -25.14
N ALA E 292 21.50 7.00 -26.39
CA ALA E 292 21.08 5.98 -27.34
C ALA E 292 22.09 5.78 -28.47
N LEU E 293 23.27 6.38 -28.33
CA LEU E 293 24.29 6.30 -29.36
C LEU E 293 24.93 4.91 -29.47
N ASP E 294 25.20 4.29 -28.33
CA ASP E 294 25.89 3.00 -28.29
C ASP E 294 25.92 2.49 -26.84
N PRO E 295 26.23 1.19 -26.61
CA PRO E 295 26.26 0.53 -25.32
C PRO E 295 27.10 1.24 -24.26
N LEU E 296 28.20 1.88 -24.67
CA LEU E 296 29.03 2.58 -23.70
C LEU E 296 28.35 3.84 -23.22
N SER E 297 27.79 4.59 -24.16
CA SER E 297 27.07 5.81 -23.81
C SER E 297 25.86 5.48 -22.95
N GLU E 298 25.21 4.37 -23.26
CA GLU E 298 24.05 3.93 -22.50
C GLU E 298 24.45 3.63 -21.07
N THR E 299 25.59 2.97 -20.89
CA THR E 299 26.10 2.65 -19.56
C THR E 299 26.40 3.92 -18.77
N LYS E 300 27.04 4.89 -19.42
CA LYS E 300 27.35 6.16 -18.76
C LYS E 300 26.09 6.84 -18.23
N CYS E 301 25.02 6.87 -19.04
CA CYS E 301 23.75 7.45 -18.65
C CYS E 301 23.11 6.67 -17.51
N THR E 302 23.19 5.34 -17.59
CA THR E 302 22.62 4.47 -16.58
C THR E 302 23.24 4.75 -15.21
N LEU E 303 24.55 4.95 -15.20
CA LEU E 303 25.29 5.19 -13.96
C LEU E 303 25.37 6.67 -13.62
N LYS E 304 24.76 7.52 -14.44
CA LYS E 304 24.78 8.96 -14.25
C LYS E 304 26.20 9.49 -14.09
N SER E 305 27.12 9.05 -14.94
CA SER E 305 28.51 9.50 -14.87
C SER E 305 29.20 9.47 -16.21
N PHE E 306 30.11 10.42 -16.42
CA PHE E 306 30.91 10.47 -17.65
C PHE E 306 32.14 9.58 -17.55
N THR E 307 32.36 9.02 -16.37
CA THR E 307 33.48 8.10 -16.14
C THR E 307 32.95 6.79 -15.62
N VAL E 308 33.40 5.69 -16.23
CA VAL E 308 32.97 4.36 -15.81
C VAL E 308 34.17 3.49 -15.50
N GLU E 309 34.16 2.86 -14.33
CA GLU E 309 35.27 2.02 -13.91
C GLU E 309 35.14 0.63 -14.51
N LYS E 310 36.10 -0.24 -14.22
CA LYS E 310 36.09 -1.59 -14.74
C LYS E 310 35.01 -2.43 -14.09
N GLY E 311 34.25 -3.16 -14.91
CA GLY E 311 33.21 -4.03 -14.38
C GLY E 311 32.13 -4.33 -15.42
N ILE E 312 31.11 -5.05 -14.98
CA ILE E 312 29.97 -5.39 -15.83
C ILE E 312 28.71 -4.72 -15.30
N TYR E 313 27.99 -4.02 -16.16
CA TYR E 313 26.82 -3.27 -15.71
C TYR E 313 25.59 -3.61 -16.53
N GLN E 314 24.45 -3.75 -15.86
CA GLN E 314 23.21 -3.93 -16.59
C GLN E 314 22.64 -2.58 -16.97
N THR E 315 22.10 -2.49 -18.19
CA THR E 315 21.53 -1.24 -18.67
C THR E 315 20.04 -1.39 -18.93
N SER E 316 19.70 -1.91 -20.10
CA SER E 316 18.30 -2.08 -20.48
C SER E 316 17.97 -3.54 -20.75
N ASN E 317 16.78 -3.76 -21.32
CA ASN E 317 16.31 -5.10 -21.62
C ASN E 317 16.23 -5.37 -23.11
N PHE E 318 16.43 -6.64 -23.47
CA PHE E 318 16.24 -7.14 -24.83
C PHE E 318 14.90 -7.85 -24.92
N ARG E 319 14.14 -7.58 -25.97
CA ARG E 319 12.86 -8.24 -26.17
C ARG E 319 12.57 -8.49 -27.64
N VAL E 320 12.16 -9.71 -27.95
CA VAL E 320 11.72 -10.04 -29.30
C VAL E 320 10.27 -9.64 -29.50
N GLN E 321 10.01 -8.84 -30.54
CA GLN E 321 8.66 -8.39 -30.81
C GLN E 321 7.96 -9.31 -31.79
N PRO E 322 6.65 -9.51 -31.65
CA PRO E 322 5.78 -10.25 -32.53
C PRO E 322 5.54 -9.48 -33.82
N THR E 323 5.20 -10.21 -34.87
CA THR E 323 4.88 -9.60 -36.15
C THR E 323 3.38 -9.61 -36.43
N GLU E 324 2.90 -10.60 -37.19
CA GLU E 324 1.48 -10.66 -37.51
C GLU E 324 0.67 -11.27 -36.37
N SER E 325 -0.64 -11.33 -36.56
CA SER E 325 -1.56 -11.89 -35.58
C SER E 325 -2.33 -13.07 -36.17
N ILE E 326 -2.22 -14.22 -35.52
CA ILE E 326 -2.85 -15.45 -36.00
C ILE E 326 -4.17 -15.69 -35.30
N VAL E 327 -5.26 -15.50 -36.03
CA VAL E 327 -6.60 -15.68 -35.49
C VAL E 327 -7.28 -16.86 -36.15
N ARG E 328 -7.69 -17.84 -35.36
CA ARG E 328 -8.31 -19.04 -35.93
C ARG E 328 -9.60 -19.42 -35.22
N PHE E 329 -10.59 -19.84 -36.01
CA PHE E 329 -11.87 -20.29 -35.48
C PHE E 329 -12.27 -21.61 -36.13
N PRO E 330 -13.15 -22.40 -35.48
CA PRO E 330 -13.72 -23.63 -36.00
C PRO E 330 -14.45 -23.38 -37.31
N ASN E 331 -14.55 -24.44 -38.14
CA ASN E 331 -15.24 -24.37 -39.44
C ASN E 331 -16.68 -23.91 -39.26
N ILE E 332 -17.13 -23.05 -40.20
CA ILE E 332 -18.47 -22.45 -40.15
C ILE E 332 -19.55 -23.52 -40.05
N THR E 333 -19.36 -24.61 -40.78
CA THR E 333 -20.22 -25.79 -40.70
C THR E 333 -21.60 -25.59 -41.34
N ASN E 334 -22.36 -24.62 -40.84
CA ASN E 334 -23.70 -24.39 -41.36
C ASN E 334 -24.01 -22.91 -41.54
N LEU E 335 -25.18 -22.64 -42.10
CA LEU E 335 -25.66 -21.28 -42.32
C LEU E 335 -27.17 -21.19 -42.10
N CYS E 336 -27.66 -20.04 -41.65
CA CYS E 336 -29.05 -19.73 -41.48
C CYS E 336 -29.81 -19.85 -42.82
N PRO E 337 -31.01 -20.43 -42.82
CA PRO E 337 -31.84 -20.74 -43.97
C PRO E 337 -32.50 -19.50 -44.57
N PHE E 338 -31.68 -18.54 -44.99
CA PHE E 338 -32.20 -17.32 -45.60
C PHE E 338 -32.68 -17.61 -47.02
N GLY E 339 -32.15 -18.67 -47.62
CA GLY E 339 -32.54 -19.06 -48.97
C GLY E 339 -33.97 -19.58 -49.00
N GLU E 340 -34.52 -19.88 -47.82
CA GLU E 340 -35.88 -20.36 -47.72
C GLU E 340 -36.86 -19.20 -47.56
N VAL E 341 -36.30 -18.00 -47.46
CA VAL E 341 -37.10 -16.80 -47.27
C VAL E 341 -37.09 -15.94 -48.53
N PHE E 342 -35.89 -15.63 -49.01
CA PHE E 342 -35.72 -14.73 -50.16
C PHE E 342 -35.94 -15.40 -51.52
N ASN E 343 -35.60 -16.68 -51.62
CA ASN E 343 -35.72 -17.45 -52.86
C ASN E 343 -36.91 -18.42 -52.86
N ALA E 344 -37.90 -18.12 -51.97
CA ALA E 344 -39.09 -18.95 -51.81
C ALA E 344 -39.96 -18.92 -53.07
N THR E 345 -40.64 -20.02 -53.34
CA THR E 345 -41.49 -20.14 -54.52
C THR E 345 -42.86 -19.52 -54.31
N ARG E 346 -43.26 -19.40 -53.04
CA ARG E 346 -44.56 -18.81 -52.73
C ARG E 346 -44.47 -17.84 -51.57
N PHE E 347 -45.10 -16.68 -51.74
CA PHE E 347 -45.18 -15.68 -50.69
C PHE E 347 -46.60 -15.52 -50.21
N ALA E 348 -46.75 -15.18 -48.94
CA ALA E 348 -48.06 -14.98 -48.33
C ALA E 348 -48.63 -13.61 -48.67
N SER E 349 -49.95 -13.51 -48.57
CA SER E 349 -50.66 -12.25 -48.72
C SER E 349 -50.29 -11.32 -47.58
N VAL E 350 -50.35 -10.01 -47.83
CA VAL E 350 -49.95 -9.04 -46.82
C VAL E 350 -50.84 -9.06 -45.58
N TYR E 351 -52.11 -9.43 -45.74
CA TYR E 351 -53.02 -9.48 -44.60
C TYR E 351 -52.71 -10.69 -43.72
N ALA E 352 -51.95 -11.63 -44.25
CA ALA E 352 -51.61 -12.86 -43.57
C ALA E 352 -50.15 -13.18 -43.75
N TRP E 353 -49.29 -12.24 -43.33
CA TRP E 353 -47.86 -12.37 -43.59
C TRP E 353 -47.27 -13.59 -42.90
N ASN E 354 -46.30 -14.21 -43.56
CA ASN E 354 -45.70 -15.44 -43.06
C ASN E 354 -44.41 -15.20 -42.28
N ARG E 355 -44.44 -15.49 -41.00
CA ARG E 355 -43.26 -15.33 -40.15
C ARG E 355 -42.48 -16.61 -39.99
N LYS E 356 -41.22 -16.60 -40.41
CA LYS E 356 -40.33 -17.73 -40.21
C LYS E 356 -39.32 -17.39 -39.13
N ARG E 357 -39.14 -18.29 -38.18
CA ARG E 357 -38.17 -18.07 -37.11
C ARG E 357 -36.81 -18.68 -37.45
N ILE E 358 -35.79 -17.85 -37.41
CA ILE E 358 -34.43 -18.27 -37.66
C ILE E 358 -33.61 -18.20 -36.37
N SER E 359 -32.99 -19.33 -36.00
CA SER E 359 -32.23 -19.39 -34.76
C SER E 359 -31.22 -20.52 -34.77
N ASN E 360 -30.30 -20.50 -33.81
CA ASN E 360 -29.30 -21.56 -33.64
C ASN E 360 -28.52 -21.83 -34.92
N CYS E 361 -28.08 -20.77 -35.60
CA CYS E 361 -27.37 -20.88 -36.87
C CYS E 361 -26.46 -19.68 -37.11
N VAL E 362 -25.56 -19.82 -38.08
CA VAL E 362 -24.67 -18.73 -38.47
C VAL E 362 -25.36 -17.81 -39.48
N ALA E 363 -25.49 -16.55 -39.11
CA ALA E 363 -26.25 -15.60 -39.93
C ALA E 363 -25.32 -14.71 -40.74
N ASP E 364 -25.13 -15.07 -42.01
CA ASP E 364 -24.27 -14.31 -42.89
C ASP E 364 -25.10 -13.24 -43.58
N TYR E 365 -24.85 -11.98 -43.25
CA TYR E 365 -25.65 -10.88 -43.78
C TYR E 365 -24.94 -10.17 -44.92
N SER E 366 -23.73 -10.62 -45.22
CA SER E 366 -22.92 -10.01 -46.27
C SER E 366 -23.42 -10.44 -47.65
N VAL E 367 -23.96 -11.66 -47.71
CA VAL E 367 -24.46 -12.19 -48.96
C VAL E 367 -25.65 -11.36 -49.45
N LEU E 368 -26.57 -11.06 -48.56
CA LEU E 368 -27.76 -10.28 -48.92
C LEU E 368 -27.37 -8.84 -49.24
N TYR E 369 -26.54 -8.26 -48.38
CA TYR E 369 -26.14 -6.87 -48.54
C TYR E 369 -25.51 -6.61 -49.91
N ASN E 370 -24.61 -7.49 -50.33
CA ASN E 370 -23.87 -7.27 -51.56
C ASN E 370 -24.48 -7.98 -52.77
N SER E 371 -25.72 -8.45 -52.66
CA SER E 371 -26.39 -9.08 -53.80
C SER E 371 -26.74 -8.04 -54.86
N ALA E 372 -27.06 -6.84 -54.41
CA ALA E 372 -27.44 -5.75 -55.31
C ALA E 372 -28.60 -6.15 -56.20
N SER E 373 -29.52 -6.94 -55.65
CA SER E 373 -30.70 -7.39 -56.38
C SER E 373 -31.96 -6.85 -55.72
N PHE E 374 -31.78 -5.92 -54.80
CA PHE E 374 -32.89 -5.36 -54.03
C PHE E 374 -33.09 -3.89 -54.39
N SER E 375 -34.34 -3.46 -54.40
CA SER E 375 -34.64 -2.05 -54.64
C SER E 375 -34.61 -1.27 -53.34
N THR E 376 -34.93 -1.96 -52.25
CA THR E 376 -34.91 -1.38 -50.93
C THR E 376 -34.09 -2.23 -49.98
N PHE E 377 -33.22 -1.58 -49.21
CA PHE E 377 -32.43 -2.25 -48.18
C PHE E 377 -32.18 -1.27 -47.05
N LYS E 378 -33.17 -1.11 -46.18
CA LYS E 378 -33.10 -0.10 -45.13
C LYS E 378 -33.07 -0.74 -43.74
N CYS E 379 -32.03 -0.47 -42.98
CA CYS E 379 -31.82 -1.01 -41.63
C CYS E 379 -32.08 0.02 -40.56
N TYR E 380 -32.73 -0.40 -39.48
CA TYR E 380 -33.05 0.45 -38.36
C TYR E 380 -32.49 -0.13 -37.07
N GLY E 381 -31.68 0.66 -36.37
CA GLY E 381 -31.10 0.22 -35.10
C GLY E 381 -29.76 -0.46 -35.32
N VAL E 382 -29.53 -0.91 -36.54
CA VAL E 382 -28.29 -1.57 -36.91
C VAL E 382 -27.77 -1.04 -38.24
N SER E 383 -26.46 -1.08 -38.43
CA SER E 383 -25.87 -0.74 -39.71
C SER E 383 -25.70 -2.01 -40.56
N PRO E 384 -26.00 -1.94 -41.86
CA PRO E 384 -25.84 -3.01 -42.84
C PRO E 384 -24.43 -3.61 -42.85
N THR E 385 -23.43 -2.84 -42.44
CA THR E 385 -22.05 -3.32 -42.45
C THR E 385 -21.54 -3.69 -41.06
N LYS E 386 -22.40 -3.59 -40.06
CA LYS E 386 -22.05 -3.96 -38.69
C LYS E 386 -22.91 -5.12 -38.20
N LEU E 387 -24.08 -5.26 -38.82
CA LEU E 387 -25.07 -6.28 -38.48
C LEU E 387 -24.46 -7.67 -38.46
N ASN E 388 -23.54 -7.90 -39.39
CA ASN E 388 -22.91 -9.22 -39.56
C ASN E 388 -22.09 -9.62 -38.34
N ASP E 389 -21.73 -8.65 -37.52
CA ASP E 389 -20.91 -8.88 -36.35
C ASP E 389 -21.69 -8.82 -35.04
N LEU E 390 -23.02 -8.83 -35.13
CA LEU E 390 -23.86 -8.78 -33.94
C LEU E 390 -24.50 -10.14 -33.68
N CYS E 391 -24.77 -10.45 -32.40
CA CYS E 391 -25.43 -11.68 -31.99
C CYS E 391 -26.83 -11.41 -31.44
N PHE E 392 -27.76 -12.28 -31.79
CA PHE E 392 -29.16 -12.13 -31.40
C PHE E 392 -29.73 -13.43 -30.81
N THR E 393 -30.82 -13.30 -30.06
CA THR E 393 -31.52 -14.47 -29.56
C THR E 393 -32.42 -15.06 -30.65
N ASN E 394 -33.13 -14.18 -31.35
CA ASN E 394 -34.04 -14.61 -32.41
C ASN E 394 -33.98 -13.68 -33.61
N VAL E 395 -34.09 -14.28 -34.79
CA VAL E 395 -34.28 -13.54 -36.04
C VAL E 395 -35.62 -13.91 -36.66
N TYR E 396 -36.46 -12.91 -36.90
CA TYR E 396 -37.78 -13.20 -37.46
C TYR E 396 -37.92 -12.64 -38.86
N ALA E 397 -38.22 -13.51 -39.81
CA ALA E 397 -38.36 -13.11 -41.20
C ALA E 397 -39.82 -13.07 -41.62
N ASP E 398 -40.37 -11.86 -41.74
CA ASP E 398 -41.76 -11.66 -42.13
C ASP E 398 -41.87 -11.42 -43.63
N SER E 399 -42.49 -12.35 -44.35
CA SER E 399 -42.56 -12.23 -45.81
C SER E 399 -43.99 -11.99 -46.30
N PHE E 400 -44.12 -11.13 -47.30
CA PHE E 400 -45.40 -10.80 -47.92
C PHE E 400 -45.26 -10.07 -49.25
N VAL E 401 -46.35 -10.04 -50.03
CA VAL E 401 -46.36 -9.28 -51.29
C VAL E 401 -47.29 -8.08 -51.28
N ILE E 402 -46.75 -6.93 -51.66
CA ILE E 402 -47.50 -5.67 -51.75
C ILE E 402 -47.20 -4.95 -53.05
N ARG E 403 -47.89 -3.84 -53.31
CA ARG E 403 -47.61 -3.02 -54.49
C ARG E 403 -46.36 -2.18 -54.27
N GLY E 404 -45.68 -1.83 -55.35
CA GLY E 404 -44.46 -1.03 -55.25
C GLY E 404 -44.66 0.26 -54.46
N ASP E 405 -45.78 0.93 -54.67
CA ASP E 405 -46.05 2.18 -53.98
C ASP E 405 -46.25 1.99 -52.48
N GLU E 406 -46.61 0.79 -52.07
CA GLU E 406 -46.92 0.51 -50.68
C GLU E 406 -45.68 0.17 -49.88
N VAL E 407 -44.55 0.08 -50.56
CA VAL E 407 -43.29 -0.30 -49.92
C VAL E 407 -42.92 0.71 -48.86
N ARG E 408 -43.21 1.98 -49.10
CA ARG E 408 -42.87 3.05 -48.17
C ARG E 408 -43.57 2.91 -46.82
N GLN E 409 -44.63 2.10 -46.75
CA GLN E 409 -45.36 1.93 -45.50
C GLN E 409 -44.69 0.93 -44.58
N ILE E 410 -43.73 0.17 -45.12
CA ILE E 410 -43.03 -0.81 -44.31
C ILE E 410 -41.85 -0.14 -43.64
N ALA E 411 -42.14 0.64 -42.61
CA ALA E 411 -41.15 1.41 -41.88
C ALA E 411 -41.75 1.86 -40.56
N PRO E 412 -40.92 2.22 -39.57
CA PRO E 412 -41.30 2.87 -38.34
C PRO E 412 -42.02 4.20 -38.56
N GLY E 413 -43.06 4.44 -37.79
CA GLY E 413 -43.78 5.71 -37.80
C GLY E 413 -44.64 5.92 -39.05
N GLN E 414 -45.09 4.84 -39.67
CA GLN E 414 -45.88 4.97 -40.89
C GLN E 414 -47.35 4.69 -40.68
N THR E 415 -48.17 5.25 -41.56
CA THR E 415 -49.61 5.02 -41.57
C THR E 415 -50.06 4.67 -42.98
N GLY E 416 -51.30 4.19 -43.13
CA GLY E 416 -51.83 3.84 -44.43
C GLY E 416 -52.51 2.48 -44.41
N LYS E 417 -53.04 2.06 -45.54
CA LYS E 417 -53.79 0.80 -45.61
C LYS E 417 -52.97 -0.39 -45.13
N ILE E 418 -51.69 -0.42 -45.44
CA ILE E 418 -50.87 -1.55 -45.02
C ILE E 418 -50.38 -1.35 -43.60
N ALA E 419 -49.84 -0.17 -43.32
CA ALA E 419 -49.30 0.11 -42.01
C ALA E 419 -50.37 -0.02 -40.91
N ASP E 420 -51.61 0.33 -41.23
CA ASP E 420 -52.67 0.32 -40.23
C ASP E 420 -53.47 -0.99 -40.17
N TYR E 421 -53.71 -1.63 -41.32
CA TYR E 421 -54.61 -2.79 -41.32
C TYR E 421 -53.94 -4.13 -41.65
N ASN E 422 -52.68 -4.12 -42.08
CA ASN E 422 -52.07 -5.37 -42.52
C ASN E 422 -50.76 -5.71 -41.80
N TYR E 423 -49.79 -4.82 -41.87
CA TYR E 423 -48.48 -5.08 -41.29
C TYR E 423 -47.93 -3.83 -40.59
N LYS E 424 -47.98 -3.83 -39.27
CA LYS E 424 -47.55 -2.69 -38.47
C LYS E 424 -46.18 -2.91 -37.83
N LEU E 425 -45.28 -1.95 -38.01
CA LEU E 425 -44.01 -1.96 -37.31
C LEU E 425 -44.04 -0.94 -36.18
N PRO E 426 -43.35 -1.22 -35.08
CA PRO E 426 -43.17 -0.35 -33.93
C PRO E 426 -42.24 0.80 -34.26
N ASP E 427 -42.28 1.83 -33.43
CA ASP E 427 -41.45 3.02 -33.63
C ASP E 427 -40.02 2.76 -33.16
N ASP E 428 -39.84 1.82 -32.24
CA ASP E 428 -38.54 1.44 -31.73
C ASP E 428 -38.04 0.16 -32.39
N PHE E 429 -38.51 -0.06 -33.61
CA PHE E 429 -38.16 -1.25 -34.39
C PHE E 429 -36.67 -1.40 -34.63
N THR E 430 -36.18 -2.62 -34.43
CA THR E 430 -34.81 -2.97 -34.77
C THR E 430 -34.81 -4.12 -35.78
N GLY E 431 -34.17 -3.90 -36.92
CA GLY E 431 -34.16 -4.90 -37.98
C GLY E 431 -33.96 -4.24 -39.34
N CYS E 432 -34.05 -5.04 -40.41
CA CYS E 432 -33.85 -4.55 -41.77
C CYS E 432 -35.04 -4.88 -42.68
N VAL E 433 -35.40 -3.91 -43.52
CA VAL E 433 -36.47 -4.07 -44.50
C VAL E 433 -35.89 -4.21 -45.89
N ILE E 434 -36.14 -5.37 -46.51
CA ILE E 434 -35.59 -5.66 -47.83
C ILE E 434 -36.70 -5.97 -48.83
N ALA E 435 -36.64 -5.34 -50.00
CA ALA E 435 -37.66 -5.57 -51.02
C ALA E 435 -37.08 -5.57 -52.42
N TRP E 436 -37.71 -6.36 -53.30
CA TRP E 436 -37.30 -6.41 -54.69
C TRP E 436 -38.48 -6.57 -55.64
N ASN E 437 -38.29 -6.16 -56.89
CA ASN E 437 -39.33 -6.25 -57.92
C ASN E 437 -39.55 -7.69 -58.37
N SER E 438 -40.80 -8.12 -58.36
CA SER E 438 -41.15 -9.48 -58.78
C SER E 438 -42.17 -9.46 -59.92
N ASN E 439 -42.13 -8.43 -60.75
CA ASN E 439 -43.12 -8.24 -61.80
C ASN E 439 -43.15 -9.39 -62.80
N ASN E 440 -42.02 -10.05 -63.01
CA ASN E 440 -41.98 -11.13 -63.98
C ASN E 440 -42.24 -12.49 -63.33
N LEU E 441 -42.57 -12.49 -62.05
CA LEU E 441 -42.83 -13.74 -61.34
C LEU E 441 -44.25 -13.81 -60.81
N ASP E 442 -44.67 -12.76 -60.11
CA ASP E 442 -45.97 -12.78 -59.45
C ASP E 442 -47.10 -12.21 -60.32
N SER E 443 -46.75 -11.57 -61.42
CA SER E 443 -47.77 -10.98 -62.28
C SER E 443 -48.28 -12.01 -63.28
N LYS E 444 -49.54 -11.88 -63.66
CA LYS E 444 -50.14 -12.76 -64.66
C LYS E 444 -50.81 -11.95 -65.76
N VAL E 445 -50.92 -12.52 -66.94
CA VAL E 445 -51.59 -11.83 -68.01
C VAL E 445 -53.08 -11.84 -67.73
N GLY E 446 -53.68 -10.66 -67.68
CA GLY E 446 -55.08 -10.52 -67.31
C GLY E 446 -55.21 -10.10 -65.85
N GLY E 447 -54.11 -10.22 -65.09
CA GLY E 447 -54.07 -9.83 -63.68
C GLY E 447 -54.05 -11.03 -62.74
N ASN E 448 -53.16 -10.97 -61.75
CA ASN E 448 -53.09 -11.98 -60.71
C ASN E 448 -53.89 -11.52 -59.51
N TYR E 449 -55.01 -12.20 -59.26
CA TYR E 449 -55.95 -11.79 -58.23
C TYR E 449 -55.91 -12.74 -57.03
N ASN E 450 -54.82 -13.48 -56.91
CA ASN E 450 -54.67 -14.45 -55.81
C ASN E 450 -54.09 -13.81 -54.55
N TYR E 451 -53.71 -12.54 -54.65
CA TYR E 451 -53.18 -11.82 -53.50
C TYR E 451 -54.24 -10.89 -52.93
N LEU E 452 -54.30 -10.80 -51.61
CA LEU E 452 -55.27 -9.93 -50.96
C LEU E 452 -54.68 -9.08 -49.86
N TYR E 453 -55.36 -7.98 -49.55
CA TYR E 453 -55.00 -7.12 -48.43
C TYR E 453 -56.27 -6.74 -47.66
N ARG E 454 -56.11 -6.36 -46.41
CA ARG E 454 -57.24 -5.93 -45.61
C ARG E 454 -57.60 -4.49 -45.95
N LEU E 455 -58.87 -4.28 -46.31
CA LEU E 455 -59.36 -2.97 -46.70
C LEU E 455 -60.07 -2.29 -45.55
N PHE E 456 -60.85 -3.04 -44.79
CA PHE E 456 -61.59 -2.46 -43.67
C PHE E 456 -61.25 -3.12 -42.35
N ARG E 457 -61.18 -2.29 -41.30
CA ARG E 457 -60.98 -2.77 -39.94
C ARG E 457 -61.51 -1.75 -38.94
N LYS E 458 -62.09 -2.24 -37.85
CA LYS E 458 -62.64 -1.40 -36.80
C LYS E 458 -61.59 -0.51 -36.13
N SER E 459 -60.38 -1.04 -35.99
CA SER E 459 -59.28 -0.33 -35.35
C SER E 459 -57.95 -0.70 -35.99
N ASN E 460 -56.88 -0.02 -35.59
CA ASN E 460 -55.57 -0.26 -36.18
C ASN E 460 -54.86 -1.39 -35.45
N LEU E 461 -53.92 -2.02 -36.16
CA LEU E 461 -53.15 -3.13 -35.60
C LEU E 461 -52.05 -2.67 -34.66
N LYS E 462 -51.71 -3.53 -33.70
CA LYS E 462 -50.53 -3.35 -32.87
C LYS E 462 -49.32 -3.86 -33.64
N PRO E 463 -48.10 -3.46 -33.27
CA PRO E 463 -46.86 -3.91 -33.86
C PRO E 463 -46.79 -5.43 -33.92
N PHE E 464 -46.48 -5.93 -35.12
CA PHE E 464 -46.35 -7.35 -35.40
C PHE E 464 -47.61 -8.16 -35.09
N GLU E 465 -48.77 -7.48 -35.10
CA GLU E 465 -50.04 -8.18 -34.94
C GLU E 465 -50.59 -8.60 -36.29
N ARG E 466 -51.28 -9.73 -36.33
CA ARG E 466 -51.93 -10.17 -37.55
C ARG E 466 -53.42 -10.42 -37.34
N ASP E 467 -54.18 -10.25 -38.42
CA ASP E 467 -55.61 -10.50 -38.41
C ASP E 467 -56.06 -11.17 -39.71
N ILE E 468 -56.48 -12.43 -39.61
CA ILE E 468 -56.86 -13.18 -40.79
C ILE E 468 -58.36 -13.52 -40.79
N SER E 469 -59.13 -12.76 -40.01
CA SER E 469 -60.57 -12.91 -39.95
C SER E 469 -61.24 -12.48 -41.25
N THR E 470 -62.35 -13.14 -41.58
CA THR E 470 -63.13 -12.80 -42.77
C THR E 470 -64.51 -12.26 -42.40
N GLU E 471 -64.65 -11.83 -41.14
CA GLU E 471 -65.92 -11.26 -40.67
C GLU E 471 -66.32 -10.04 -41.48
N ILE E 472 -67.57 -9.99 -41.91
CA ILE E 472 -68.07 -8.89 -42.73
C ILE E 472 -68.04 -7.57 -41.96
N TYR E 473 -67.50 -6.55 -42.61
CA TYR E 473 -67.35 -5.23 -42.01
C TYR E 473 -68.62 -4.40 -42.13
N GLN E 474 -69.02 -3.81 -41.02
CA GLN E 474 -70.20 -2.95 -41.01
C GLN E 474 -69.81 -1.49 -41.19
N ALA E 475 -70.22 -0.91 -42.32
CA ALA E 475 -69.87 0.47 -42.62
C ALA E 475 -70.93 1.43 -42.09
N GLY E 476 -72.17 0.96 -42.04
CA GLY E 476 -73.28 1.79 -41.58
C GLY E 476 -73.69 1.46 -40.16
N SER E 477 -74.95 1.75 -39.82
CA SER E 477 -75.50 1.49 -38.50
C SER E 477 -76.31 0.20 -38.51
N THR E 478 -76.64 -0.26 -39.71
CA THR E 478 -77.44 -1.46 -39.90
C THR E 478 -76.55 -2.70 -39.82
N PRO E 479 -76.88 -3.69 -38.97
CA PRO E 479 -76.12 -4.89 -38.73
C PRO E 479 -76.04 -5.74 -40.00
N CYS E 480 -74.88 -6.39 -40.18
CA CYS E 480 -74.63 -7.21 -41.38
C CYS E 480 -75.05 -8.65 -41.14
N ASN E 481 -74.91 -9.12 -39.92
CA ASN E 481 -75.24 -10.49 -39.57
C ASN E 481 -74.47 -11.49 -40.44
N GLY E 482 -73.23 -11.15 -40.79
CA GLY E 482 -72.38 -12.03 -41.58
C GLY E 482 -72.68 -11.97 -43.07
N VAL E 483 -73.55 -11.05 -43.48
CA VAL E 483 -73.95 -10.95 -44.87
C VAL E 483 -73.45 -9.66 -45.54
N GLU E 484 -72.72 -9.82 -46.63
CA GLU E 484 -72.24 -8.68 -47.41
C GLU E 484 -73.40 -8.09 -48.20
N GLY E 485 -73.41 -6.76 -48.33
CA GLY E 485 -74.52 -6.09 -48.99
C GLY E 485 -74.50 -4.58 -48.76
N PHE E 486 -75.67 -3.99 -48.64
CA PHE E 486 -75.75 -2.55 -48.45
C PHE E 486 -75.17 -2.15 -47.10
N ASN E 487 -74.18 -1.25 -47.14
CA ASN E 487 -73.44 -0.81 -45.95
C ASN E 487 -72.64 -1.93 -45.26
N CYS E 488 -72.36 -3.03 -46.00
CA CYS E 488 -71.60 -4.17 -45.49
C CYS E 488 -70.59 -4.65 -46.53
N TYR E 489 -69.34 -4.81 -46.12
CA TYR E 489 -68.28 -5.19 -47.06
C TYR E 489 -67.48 -6.40 -46.59
N PHE E 490 -67.00 -7.19 -47.54
CA PHE E 490 -66.04 -8.21 -47.20
C PHE E 490 -64.75 -7.49 -46.84
N PRO E 491 -64.13 -7.82 -45.71
CA PRO E 491 -63.00 -7.12 -45.11
C PRO E 491 -61.76 -7.08 -46.02
N LEU E 492 -61.62 -8.06 -46.89
CA LEU E 492 -60.46 -8.14 -47.77
C LEU E 492 -60.76 -7.68 -49.19
N GLN E 493 -59.72 -7.22 -49.87
CA GLN E 493 -59.82 -6.86 -51.28
C GLN E 493 -58.60 -7.40 -52.02
N SER E 494 -58.80 -7.77 -53.28
CA SER E 494 -57.74 -8.39 -54.07
C SER E 494 -56.86 -7.38 -54.78
N TYR E 495 -55.65 -7.81 -55.12
CA TYR E 495 -54.74 -7.05 -55.96
C TYR E 495 -54.95 -7.44 -57.41
N GLY E 496 -54.53 -6.58 -58.33
CA GLY E 496 -54.56 -6.92 -59.76
C GLY E 496 -53.18 -6.76 -60.39
N PHE E 497 -52.31 -7.75 -60.18
CA PHE E 497 -50.95 -7.64 -60.69
C PHE E 497 -50.80 -8.23 -62.10
N GLN E 498 -50.45 -7.37 -63.06
CA GLN E 498 -50.23 -7.81 -64.44
C GLN E 498 -48.93 -7.19 -64.96
N PRO E 499 -48.25 -7.82 -65.92
CA PRO E 499 -46.96 -7.43 -66.48
C PRO E 499 -46.92 -5.97 -66.97
N THR E 500 -48.09 -5.45 -67.36
CA THR E 500 -48.16 -4.10 -67.93
C THR E 500 -48.45 -3.00 -66.91
N ASN E 501 -48.51 -3.36 -65.63
CA ASN E 501 -48.73 -2.35 -64.61
C ASN E 501 -47.55 -1.41 -64.49
N GLY E 502 -47.83 -0.16 -64.12
CA GLY E 502 -46.76 0.79 -63.87
C GLY E 502 -45.99 0.33 -62.64
N VAL E 503 -44.77 0.84 -62.46
CA VAL E 503 -43.91 0.32 -61.40
C VAL E 503 -44.54 0.44 -60.01
N GLY E 504 -45.34 1.48 -59.81
CA GLY E 504 -46.00 1.66 -58.52
C GLY E 504 -47.03 0.56 -58.27
N TYR E 505 -47.51 -0.04 -59.35
CA TYR E 505 -48.54 -1.07 -59.27
C TYR E 505 -47.97 -2.44 -59.61
N GLN E 506 -46.66 -2.53 -59.72
CA GLN E 506 -46.01 -3.81 -59.90
C GLN E 506 -45.83 -4.43 -58.52
N PRO E 507 -45.86 -5.75 -58.41
CA PRO E 507 -45.69 -6.50 -57.19
C PRO E 507 -44.26 -6.44 -56.69
N TYR E 508 -44.11 -6.33 -55.38
CA TYR E 508 -42.82 -6.43 -54.73
C TYR E 508 -42.85 -7.45 -53.61
N ARG E 509 -41.79 -8.22 -53.53
CA ARG E 509 -41.66 -9.20 -52.46
C ARG E 509 -40.89 -8.57 -51.32
N VAL E 510 -41.50 -8.54 -50.15
CA VAL E 510 -40.91 -7.85 -49.02
C VAL E 510 -40.57 -8.82 -47.90
N VAL E 511 -39.34 -8.71 -47.41
CA VAL E 511 -38.91 -9.47 -46.25
C VAL E 511 -38.40 -8.55 -45.16
N VAL E 512 -38.97 -8.66 -43.98
CA VAL E 512 -38.51 -7.87 -42.84
C VAL E 512 -37.82 -8.76 -41.83
N LEU E 513 -36.56 -8.45 -41.54
CA LEU E 513 -35.80 -9.23 -40.58
C LEU E 513 -35.75 -8.49 -39.25
N SER E 514 -36.58 -8.95 -38.31
CA SER E 514 -36.69 -8.32 -37.00
C SER E 514 -35.76 -8.98 -36.00
N PHE E 515 -35.08 -8.19 -35.19
CA PHE E 515 -34.10 -8.74 -34.27
C PHE E 515 -34.46 -8.50 -32.81
N GLU E 516 -34.17 -9.49 -31.97
CA GLU E 516 -34.30 -9.32 -30.52
C GLU E 516 -33.22 -10.08 -29.77
N LEU E 517 -32.89 -9.59 -28.58
CA LEU E 517 -31.98 -10.28 -27.68
C LEU E 517 -32.55 -10.26 -26.26
N LEU E 518 -32.60 -11.43 -25.64
CA LEU E 518 -33.19 -11.58 -24.31
C LEU E 518 -32.13 -11.98 -23.28
N HIS E 519 -32.53 -12.79 -22.31
CA HIS E 519 -31.62 -13.27 -21.26
C HIS E 519 -30.85 -14.47 -21.78
N ALA E 520 -31.27 -14.97 -22.93
CA ALA E 520 -30.69 -16.15 -23.56
C ALA E 520 -29.26 -15.88 -23.99
N PRO E 521 -28.44 -16.92 -24.18
CA PRO E 521 -27.08 -16.92 -24.68
C PRO E 521 -26.90 -16.14 -25.99
N ALA E 522 -27.96 -16.03 -26.78
CA ALA E 522 -27.91 -15.35 -28.08
C ALA E 522 -27.05 -16.16 -29.04
N THR E 523 -27.67 -17.17 -29.65
CA THR E 523 -26.94 -18.16 -30.44
C THR E 523 -26.86 -17.82 -31.92
N VAL E 524 -27.45 -16.70 -32.33
CA VAL E 524 -27.42 -16.33 -33.74
C VAL E 524 -26.39 -15.25 -34.00
N CYS E 525 -25.23 -15.66 -34.50
CA CYS E 525 -24.09 -14.77 -34.76
C CYS E 525 -23.66 -14.94 -36.20
N GLY E 526 -23.03 -13.92 -36.78
CA GLY E 526 -22.53 -14.05 -38.13
C GLY E 526 -21.24 -14.88 -38.13
N PRO E 527 -20.69 -15.16 -39.31
CA PRO E 527 -19.47 -15.92 -39.55
C PRO E 527 -18.27 -15.25 -38.91
N LYS E 528 -17.37 -16.07 -38.36
CA LYS E 528 -16.12 -15.56 -37.83
C LYS E 528 -14.98 -15.91 -38.77
N LYS E 529 -14.41 -14.89 -39.42
CA LYS E 529 -13.37 -15.11 -40.41
C LYS E 529 -12.05 -15.46 -39.72
N SER E 530 -11.26 -16.29 -40.38
CA SER E 530 -9.97 -16.71 -39.84
C SER E 530 -8.84 -16.57 -40.84
N THR E 531 -7.61 -16.69 -40.35
CA THR E 531 -6.43 -16.64 -41.19
C THR E 531 -5.65 -17.95 -41.12
N ASN E 532 -4.47 -17.97 -41.73
CA ASN E 532 -3.66 -19.18 -41.80
C ASN E 532 -2.85 -19.34 -40.51
N LEU E 533 -2.07 -20.40 -40.43
CA LEU E 533 -1.28 -20.66 -39.23
C LEU E 533 0.21 -20.47 -39.48
N VAL E 534 0.83 -19.65 -38.63
CA VAL E 534 2.25 -19.43 -38.70
C VAL E 534 2.96 -20.02 -37.49
N LYS E 535 3.95 -20.86 -37.74
CA LYS E 535 4.69 -21.52 -36.68
C LYS E 535 6.15 -21.13 -36.66
N ASN E 536 6.78 -21.31 -35.51
CA ASN E 536 8.20 -21.06 -35.29
C ASN E 536 8.59 -19.59 -35.42
N LYS E 537 7.62 -18.71 -35.23
CA LYS E 537 7.87 -17.28 -35.22
C LYS E 537 7.14 -16.64 -34.04
N CYS E 538 7.66 -15.49 -33.59
CA CYS E 538 6.97 -14.73 -32.53
C CYS E 538 5.77 -14.00 -33.12
N VAL E 539 4.59 -14.38 -32.64
CA VAL E 539 3.35 -13.84 -33.16
C VAL E 539 2.36 -13.47 -32.07
N ASN E 540 1.36 -12.68 -32.44
CA ASN E 540 0.19 -12.51 -31.60
C ASN E 540 -0.82 -13.56 -32.04
N PHE E 541 -1.76 -13.91 -31.18
CA PHE E 541 -2.75 -14.90 -31.60
C PHE E 541 -4.08 -14.84 -30.86
N ASN E 542 -5.06 -15.49 -31.47
CA ASN E 542 -6.39 -15.69 -30.89
C ASN E 542 -6.96 -17.03 -31.37
N PHE E 543 -6.98 -18.02 -30.48
CA PHE E 543 -7.50 -19.33 -30.83
C PHE E 543 -8.87 -19.56 -30.23
N ASN E 544 -9.90 -19.38 -31.04
CA ASN E 544 -11.27 -19.55 -30.61
C ASN E 544 -11.57 -18.78 -29.32
N GLY E 545 -11.08 -17.55 -29.24
CA GLY E 545 -11.34 -16.70 -28.08
C GLY E 545 -10.18 -16.65 -27.10
N LEU E 546 -9.21 -17.55 -27.25
CA LEU E 546 -8.06 -17.57 -26.36
C LEU E 546 -6.93 -16.72 -26.93
N THR E 547 -6.74 -15.55 -26.35
CA THR E 547 -5.76 -14.60 -26.86
C THR E 547 -4.43 -14.71 -26.13
N GLY E 548 -3.39 -14.15 -26.74
CA GLY E 548 -2.07 -14.11 -26.12
C GLY E 548 -0.99 -13.82 -27.13
N THR E 549 0.26 -14.04 -26.71
CA THR E 549 1.42 -13.82 -27.57
C THR E 549 2.50 -14.85 -27.28
N GLY E 550 3.28 -15.18 -28.30
CA GLY E 550 4.37 -16.13 -28.13
C GLY E 550 4.65 -16.88 -29.42
N VAL E 551 5.59 -17.82 -29.35
CA VAL E 551 5.95 -18.62 -30.49
C VAL E 551 5.17 -19.92 -30.49
N LEU E 552 4.54 -20.22 -31.62
CA LEU E 552 3.73 -21.42 -31.74
C LEU E 552 4.52 -22.54 -32.41
N THR E 553 4.65 -23.67 -31.72
CA THR E 553 5.39 -24.80 -32.28
C THR E 553 4.56 -26.07 -32.21
N GLU E 554 4.93 -27.07 -32.99
CA GLU E 554 4.22 -28.34 -32.96
C GLU E 554 4.56 -29.09 -31.69
N SER E 555 3.54 -29.64 -31.02
CA SER E 555 3.76 -30.31 -29.75
C SER E 555 3.82 -31.82 -29.91
N ASN E 556 4.17 -32.50 -28.82
CA ASN E 556 4.12 -33.95 -28.75
C ASN E 556 3.12 -34.37 -27.67
N LYS E 557 2.11 -33.53 -27.45
CA LYS E 557 1.19 -33.68 -26.32
C LYS E 557 -0.12 -34.39 -26.69
N LYS E 558 -0.85 -34.87 -25.68
CA LYS E 558 -2.17 -35.48 -25.86
C LYS E 558 -3.27 -34.76 -25.12
N PHE E 559 -4.15 -34.13 -25.86
CA PHE E 559 -5.36 -33.59 -25.26
C PHE E 559 -6.49 -34.58 -25.40
N LEU E 560 -7.42 -34.56 -24.45
CA LEU E 560 -8.61 -35.40 -24.53
C LEU E 560 -9.56 -34.80 -25.59
N PRO E 561 -10.45 -35.62 -26.17
CA PRO E 561 -11.40 -35.25 -27.23
C PRO E 561 -12.23 -34.01 -26.92
N PHE E 562 -12.37 -33.67 -25.65
CA PHE E 562 -13.19 -32.53 -25.26
C PHE E 562 -12.39 -31.34 -24.75
N GLN E 563 -11.06 -31.45 -24.76
CA GLN E 563 -10.21 -30.39 -24.23
C GLN E 563 -9.70 -29.46 -25.33
N GLN E 564 -9.65 -28.17 -25.02
CA GLN E 564 -9.28 -27.17 -26.02
C GLN E 564 -7.91 -26.55 -25.80
N PHE E 565 -7.49 -26.43 -24.54
CA PHE E 565 -6.18 -25.85 -24.24
C PHE E 565 -5.67 -26.38 -22.93
N GLY E 566 -4.36 -26.24 -22.69
CA GLY E 566 -3.78 -26.75 -21.46
C GLY E 566 -3.17 -25.65 -20.61
N ARG E 567 -2.82 -26.00 -19.39
CA ARG E 567 -2.17 -25.05 -18.49
C ARG E 567 -0.98 -25.66 -17.75
N ASP E 568 -0.07 -24.79 -17.34
CA ASP E 568 1.11 -25.15 -16.55
C ASP E 568 0.78 -25.09 -15.06
N ILE E 569 1.76 -25.40 -14.22
CA ILE E 569 1.60 -25.31 -12.77
C ILE E 569 1.33 -23.88 -12.34
N ALA E 570 1.74 -22.94 -13.18
CA ALA E 570 1.55 -21.52 -12.92
C ALA E 570 0.15 -21.07 -13.32
N ASP E 571 -0.63 -22.01 -13.83
CA ASP E 571 -2.00 -21.76 -14.30
C ASP E 571 -2.00 -20.92 -15.59
N THR E 572 -0.84 -20.80 -16.21
CA THR E 572 -0.75 -20.11 -17.48
C THR E 572 -0.96 -21.09 -18.63
N THR E 573 -1.35 -20.58 -19.80
CA THR E 573 -1.58 -21.45 -20.94
C THR E 573 -0.27 -21.85 -21.57
N ASP E 574 -0.09 -23.15 -21.82
CA ASP E 574 1.15 -23.62 -22.43
C ASP E 574 0.91 -24.40 -23.71
N ALA E 575 -0.34 -24.56 -24.09
CA ALA E 575 -0.68 -25.30 -25.31
C ALA E 575 -2.13 -25.02 -25.70
N VAL E 576 -2.39 -25.05 -27.01
CA VAL E 576 -3.75 -24.88 -27.53
C VAL E 576 -4.06 -25.88 -28.63
N ARG E 577 -5.34 -26.16 -28.83
CA ARG E 577 -5.79 -26.98 -29.95
C ARG E 577 -6.18 -26.12 -31.13
N ASP E 578 -5.72 -26.49 -32.32
CA ASP E 578 -6.10 -25.78 -33.53
C ASP E 578 -7.55 -26.13 -33.92
N PRO E 579 -8.44 -25.14 -33.94
CA PRO E 579 -9.88 -25.27 -34.07
C PRO E 579 -10.33 -25.84 -35.43
N GLN E 580 -9.44 -25.80 -36.43
CA GLN E 580 -9.79 -26.27 -37.77
C GLN E 580 -9.07 -27.55 -38.15
N THR E 581 -7.92 -27.78 -37.50
CA THR E 581 -7.03 -28.85 -37.93
C THR E 581 -6.99 -29.96 -36.88
N LEU E 582 -7.35 -29.61 -35.64
CA LEU E 582 -7.32 -30.54 -34.50
C LEU E 582 -5.92 -31.00 -34.14
N GLU E 583 -4.92 -30.15 -34.31
CA GLU E 583 -3.56 -30.43 -33.87
C GLU E 583 -3.27 -29.72 -32.56
N ILE E 584 -2.30 -30.22 -31.81
CA ILE E 584 -1.92 -29.55 -30.55
C ILE E 584 -0.62 -28.77 -30.73
N LEU E 585 -0.68 -27.49 -30.38
CA LEU E 585 0.48 -26.61 -30.47
C LEU E 585 0.96 -26.22 -29.08
N ASP E 586 2.27 -26.04 -28.95
CA ASP E 586 2.85 -25.54 -27.71
C ASP E 586 3.10 -24.05 -27.82
N ILE E 587 2.99 -23.35 -26.69
CA ILE E 587 3.27 -21.92 -26.69
C ILE E 587 4.50 -21.59 -25.88
N THR E 588 5.52 -21.05 -26.55
CA THR E 588 6.74 -20.65 -25.88
C THR E 588 6.86 -19.13 -25.93
N PRO E 589 6.94 -18.46 -24.78
CA PRO E 589 7.07 -17.02 -24.66
C PRO E 589 8.23 -16.53 -25.51
N CYS E 590 8.06 -15.36 -26.14
CA CYS E 590 9.09 -14.77 -27.00
C CYS E 590 10.28 -14.36 -26.14
N SER E 591 11.49 -14.64 -26.64
CA SER E 591 12.69 -14.44 -25.86
C SER E 591 12.84 -13.01 -25.35
N PHE E 592 13.28 -12.90 -24.11
CA PHE E 592 13.59 -11.62 -23.48
C PHE E 592 14.66 -11.85 -22.43
N GLY E 593 15.32 -10.79 -22.02
CA GLY E 593 16.31 -10.88 -20.96
C GLY E 593 17.08 -9.58 -20.83
N GLY E 594 17.86 -9.45 -19.78
CA GLY E 594 18.63 -8.23 -19.56
C GLY E 594 19.82 -8.15 -20.49
N VAL E 595 20.33 -6.94 -20.67
CA VAL E 595 21.55 -6.73 -21.44
C VAL E 595 22.59 -6.05 -20.56
N SER E 596 23.77 -6.65 -20.49
CA SER E 596 24.84 -6.11 -19.68
C SER E 596 26.04 -5.72 -20.53
N VAL E 597 26.67 -4.61 -20.19
CA VAL E 597 27.82 -4.13 -20.91
C VAL E 597 29.10 -4.37 -20.11
N ILE E 598 30.07 -5.01 -20.74
CA ILE E 598 31.34 -5.32 -20.12
C ILE E 598 32.39 -4.31 -20.54
N THR E 599 32.98 -3.64 -19.56
CA THR E 599 33.96 -2.62 -19.87
C THR E 599 35.19 -2.74 -18.96
N PRO E 600 36.39 -2.48 -19.51
CA PRO E 600 37.66 -2.41 -18.83
C PRO E 600 37.79 -1.09 -18.06
N GLY E 601 36.86 -0.18 -18.28
CA GLY E 601 36.93 1.14 -17.70
C GLY E 601 37.31 2.17 -18.77
N THR E 602 36.72 3.36 -18.67
CA THR E 602 36.90 4.42 -19.66
C THR E 602 38.29 5.06 -19.68
N ASN E 603 39.11 4.73 -18.66
CA ASN E 603 40.50 5.16 -18.55
C ASN E 603 41.45 4.17 -19.17
N THR E 604 40.94 3.06 -19.73
CA THR E 604 41.69 2.00 -20.39
C THR E 604 41.32 1.92 -21.86
N SER E 605 40.02 1.82 -22.13
CA SER E 605 39.54 1.67 -23.49
C SER E 605 38.05 1.97 -23.61
N ASN E 606 37.65 2.47 -24.79
CA ASN E 606 36.25 2.72 -25.07
C ASN E 606 35.61 1.55 -25.78
N GLN E 607 36.35 0.44 -25.85
CA GLN E 607 35.84 -0.79 -26.44
C GLN E 607 35.08 -1.58 -25.39
N VAL E 608 33.88 -2.04 -25.73
CA VAL E 608 33.09 -2.85 -24.81
C VAL E 608 32.56 -4.10 -25.46
N ALA E 609 32.17 -5.06 -24.64
CA ALA E 609 31.50 -6.27 -25.10
C ALA E 609 30.09 -6.29 -24.53
N VAL E 610 29.14 -6.84 -25.28
CA VAL E 610 27.76 -6.85 -24.82
C VAL E 610 27.22 -8.24 -24.60
N LEU E 611 26.67 -8.46 -23.42
CA LEU E 611 26.10 -9.75 -23.06
C LEU E 611 24.58 -9.72 -23.07
N TYR E 612 23.98 -10.61 -23.84
CA TYR E 612 22.55 -10.77 -23.88
C TYR E 612 22.15 -12.00 -23.06
N GLN E 613 21.45 -11.80 -21.97
CA GLN E 613 21.21 -12.85 -21.00
C GLN E 613 20.22 -13.91 -21.44
N ASP E 614 20.54 -15.16 -21.14
CA ASP E 614 19.64 -16.29 -21.35
C ASP E 614 18.96 -16.26 -22.68
N VAL E 615 19.72 -16.10 -23.75
CA VAL E 615 19.13 -16.05 -25.07
C VAL E 615 20.00 -16.75 -26.10
N ASN E 616 19.36 -17.35 -27.08
CA ASN E 616 20.01 -17.91 -28.25
C ASN E 616 20.64 -16.83 -29.12
N CYS E 617 21.93 -16.93 -29.42
CA CYS E 617 22.66 -15.98 -30.25
C CYS E 617 22.03 -15.85 -31.62
N THR E 618 21.22 -16.84 -31.99
CA THR E 618 20.62 -16.90 -33.29
C THR E 618 19.46 -15.91 -33.41
N GLU E 619 19.05 -15.41 -32.27
CA GLU E 619 17.92 -14.50 -32.19
C GLU E 619 18.32 -13.02 -32.04
N VAL E 620 19.53 -12.75 -31.53
CA VAL E 620 20.01 -11.39 -31.29
C VAL E 620 20.40 -10.73 -32.62
N ASN E 641 32.90 -10.88 -32.99
CA ASN E 641 32.91 -12.27 -32.52
C ASN E 641 31.67 -12.57 -31.67
N VAL E 642 30.99 -13.68 -31.99
CA VAL E 642 29.80 -14.12 -31.25
C VAL E 642 30.07 -15.42 -30.53
N PHE E 643 29.97 -15.38 -29.21
CA PHE E 643 30.26 -16.54 -28.37
C PHE E 643 29.04 -16.95 -27.56
N GLN E 644 28.57 -18.17 -27.79
CA GLN E 644 27.40 -18.68 -27.08
C GLN E 644 27.83 -19.43 -25.84
N THR E 645 27.36 -18.99 -24.68
CA THR E 645 27.68 -19.65 -23.43
C THR E 645 26.44 -19.86 -22.58
N ARG E 646 26.62 -20.35 -21.36
CA ARG E 646 25.52 -20.66 -20.46
C ARG E 646 24.87 -19.39 -19.90
N ALA E 647 25.68 -18.37 -19.66
CA ALA E 647 25.18 -17.11 -19.11
C ALA E 647 24.26 -16.44 -20.12
N GLY E 648 24.60 -16.56 -21.39
CA GLY E 648 23.87 -15.89 -22.46
C GLY E 648 24.74 -15.77 -23.69
N CYS E 649 24.37 -14.85 -24.59
CA CYS E 649 25.10 -14.63 -25.83
C CYS E 649 26.07 -13.45 -25.66
N LEU E 650 27.36 -13.72 -25.78
CA LEU E 650 28.36 -12.69 -25.58
C LEU E 650 28.92 -12.22 -26.92
N ILE E 651 28.72 -10.94 -27.21
CA ILE E 651 29.14 -10.41 -28.50
C ILE E 651 30.21 -9.32 -28.36
N GLY E 652 31.32 -9.51 -29.07
CA GLY E 652 32.41 -8.54 -29.07
C GLY E 652 33.66 -9.05 -28.36
N ALA E 653 33.50 -10.09 -27.55
CA ALA E 653 34.64 -10.68 -26.86
C ALA E 653 35.18 -11.88 -27.61
N GLU E 654 36.50 -12.03 -27.63
CA GLU E 654 37.13 -13.16 -28.28
C GLU E 654 37.40 -14.28 -27.29
N HIS E 655 36.81 -15.44 -27.51
CA HIS E 655 37.03 -16.58 -26.64
C HIS E 655 38.40 -17.20 -26.87
N VAL E 656 39.08 -17.54 -25.79
CA VAL E 656 40.40 -18.18 -25.89
C VAL E 656 40.45 -19.46 -25.05
N ASN E 657 41.41 -20.33 -25.37
CA ASN E 657 41.59 -21.61 -24.67
C ASN E 657 42.47 -21.48 -23.42
N ASN E 658 42.99 -20.27 -23.16
CA ASN E 658 43.87 -20.00 -22.02
C ASN E 658 43.07 -19.50 -20.84
N SER E 659 43.19 -20.20 -19.71
CA SER E 659 42.51 -19.77 -18.50
C SER E 659 43.36 -18.77 -17.72
N TYR E 660 42.70 -17.92 -16.96
CA TYR E 660 43.39 -16.92 -16.16
C TYR E 660 42.62 -16.66 -14.87
N GLU E 661 43.16 -15.81 -14.01
CA GLU E 661 42.43 -15.39 -12.84
C GLU E 661 41.23 -14.55 -13.28
N CYS E 662 40.08 -14.75 -12.63
CA CYS E 662 38.86 -14.02 -13.04
C CYS E 662 38.99 -12.54 -12.71
N ASP E 663 38.60 -11.73 -13.72
CA ASP E 663 38.63 -10.28 -13.58
C ASP E 663 37.20 -9.75 -13.54
N ILE E 664 36.54 -9.70 -14.70
CA ILE E 664 35.13 -9.34 -14.74
C ILE E 664 34.28 -10.59 -14.93
N PRO E 665 33.55 -11.02 -13.90
CA PRO E 665 32.79 -12.25 -13.89
C PRO E 665 31.58 -12.15 -14.80
N ILE E 666 31.30 -13.21 -15.54
CA ILE E 666 30.10 -13.29 -16.35
C ILE E 666 29.13 -14.31 -15.78
N GLY E 667 29.63 -15.48 -15.48
CA GLY E 667 28.80 -16.54 -14.91
C GLY E 667 29.12 -17.90 -15.53
N ALA E 668 28.76 -18.97 -14.82
CA ALA E 668 28.96 -20.32 -15.30
C ALA E 668 30.42 -20.61 -15.60
N GLY E 669 31.31 -20.08 -14.79
CA GLY E 669 32.74 -20.35 -14.91
C GLY E 669 33.43 -19.44 -15.92
N ILE E 670 32.67 -18.57 -16.57
CA ILE E 670 33.23 -17.67 -17.58
C ILE E 670 33.47 -16.26 -17.03
N CYS E 671 34.67 -15.74 -17.32
CA CYS E 671 35.06 -14.37 -16.97
C CYS E 671 35.64 -13.69 -18.20
N ALA E 672 35.69 -12.36 -18.15
CA ALA E 672 36.26 -11.59 -19.26
C ALA E 672 37.30 -10.61 -18.76
N SER E 673 38.22 -10.24 -19.64
CA SER E 673 39.25 -9.26 -19.32
C SER E 673 39.78 -8.56 -20.56
N TYR E 674 40.50 -7.47 -20.35
CA TYR E 674 41.09 -6.71 -21.44
C TYR E 674 42.61 -6.86 -21.43
N GLN E 675 43.16 -7.34 -22.54
CA GLN E 675 44.58 -7.61 -22.61
C GLN E 675 45.09 -7.63 -24.06
N THR E 676 46.41 -7.84 -24.23
CA THR E 676 47.04 -7.95 -25.54
C THR E 676 46.67 -9.29 -26.18
N GLN E 690 45.04 -4.05 -28.43
CA GLN E 690 44.54 -5.00 -27.42
C GLN E 690 43.06 -5.28 -27.69
N SER E 691 42.46 -6.18 -26.91
CA SER E 691 41.06 -6.56 -27.09
C SER E 691 40.46 -7.17 -25.83
N ILE E 692 39.15 -7.38 -25.85
CA ILE E 692 38.43 -8.04 -24.77
C ILE E 692 38.31 -9.53 -25.07
N ILE E 693 38.66 -10.36 -24.09
CA ILE E 693 38.60 -11.79 -24.30
C ILE E 693 37.70 -12.47 -23.28
N ALA E 694 37.26 -13.67 -23.61
CA ALA E 694 36.47 -14.49 -22.69
C ALA E 694 37.15 -15.83 -22.47
N TYR E 695 37.11 -16.32 -21.25
CA TYR E 695 37.77 -17.57 -20.91
C TYR E 695 37.15 -18.23 -19.69
N THR E 696 37.46 -19.51 -19.50
CA THR E 696 37.08 -20.21 -18.28
C THR E 696 38.09 -19.85 -17.19
N MET E 697 37.58 -19.42 -16.04
CA MET E 697 38.44 -18.94 -14.98
C MET E 697 39.26 -20.04 -14.33
N SER E 698 40.46 -19.68 -13.89
CA SER E 698 41.32 -20.58 -13.13
C SER E 698 40.98 -20.49 -11.65
N LEU E 699 41.14 -21.59 -10.94
CA LEU E 699 40.86 -21.60 -9.51
C LEU E 699 42.13 -21.44 -8.70
N GLY E 700 43.24 -21.23 -9.38
CA GLY E 700 44.53 -21.09 -8.72
C GLY E 700 45.59 -21.96 -9.37
N ALA E 701 46.83 -21.77 -8.95
CA ALA E 701 47.94 -22.54 -9.49
C ALA E 701 47.82 -23.98 -9.07
N GLU E 702 48.28 -24.89 -9.92
CA GLU E 702 48.32 -26.30 -9.57
C GLU E 702 49.59 -26.65 -8.84
N ASN E 703 49.47 -27.39 -7.74
CA ASN E 703 50.64 -27.83 -6.99
C ASN E 703 50.38 -29.18 -6.37
N SER E 704 51.40 -29.71 -5.70
CA SER E 704 51.26 -30.97 -5.00
C SER E 704 52.23 -31.04 -3.84
N VAL E 705 51.91 -31.86 -2.86
CA VAL E 705 52.77 -32.07 -1.73
C VAL E 705 53.57 -33.35 -1.93
N ALA E 706 54.88 -33.27 -1.70
CA ALA E 706 55.74 -34.42 -1.90
C ALA E 706 55.60 -35.40 -0.74
N TYR E 707 54.41 -35.99 -0.64
CA TYR E 707 54.08 -36.88 0.44
C TYR E 707 54.81 -38.21 0.34
N SER E 708 55.34 -38.63 1.47
CA SER E 708 55.99 -39.92 1.61
C SER E 708 55.89 -40.35 3.06
N ASN E 709 55.83 -41.66 3.31
CA ASN E 709 55.57 -42.19 4.64
C ASN E 709 56.69 -41.88 5.65
N ASN E 710 57.86 -41.43 5.15
CA ASN E 710 59.00 -41.08 6.02
C ASN E 710 59.60 -39.72 5.69
N SER E 711 58.83 -38.83 5.07
CA SER E 711 59.38 -37.53 4.70
C SER E 711 58.63 -36.36 5.34
N ILE E 712 59.36 -35.52 6.05
CA ILE E 712 58.77 -34.35 6.70
C ILE E 712 59.52 -33.09 6.31
N ALA E 713 58.80 -31.99 6.12
CA ALA E 713 59.45 -30.72 5.84
C ALA E 713 59.37 -29.79 7.04
N ILE E 714 60.47 -29.11 7.33
CA ILE E 714 60.53 -28.19 8.47
C ILE E 714 61.19 -26.88 8.05
N PRO E 715 60.56 -25.73 8.35
CA PRO E 715 61.03 -24.40 8.03
C PRO E 715 62.32 -24.09 8.77
N THR E 716 63.26 -23.47 8.09
CA THR E 716 64.50 -23.02 8.72
C THR E 716 64.52 -21.51 8.98
N ASN E 717 63.46 -20.82 8.51
CA ASN E 717 63.36 -19.37 8.64
C ASN E 717 61.88 -18.98 8.77
N PHE E 718 61.61 -17.70 8.94
CA PHE E 718 60.26 -17.17 9.07
C PHE E 718 60.19 -15.72 8.63
N THR E 719 58.99 -15.26 8.33
CA THR E 719 58.73 -13.87 8.04
C THR E 719 57.63 -13.32 8.90
N ILE E 720 57.87 -12.15 9.49
CA ILE E 720 56.81 -11.46 10.20
C ILE E 720 56.10 -10.54 9.22
N SER E 721 54.79 -10.68 9.13
CA SER E 721 54.01 -9.90 8.17
C SER E 721 52.83 -9.24 8.86
N VAL E 722 52.34 -8.16 8.27
CA VAL E 722 51.18 -7.48 8.81
C VAL E 722 50.09 -7.33 7.76
N THR E 723 48.88 -7.76 8.10
CA THR E 723 47.75 -7.65 7.19
C THR E 723 46.72 -6.66 7.72
N THR E 724 45.93 -6.09 6.83
CA THR E 724 44.92 -5.12 7.25
C THR E 724 43.50 -5.62 7.02
N GLU E 725 42.70 -5.55 8.08
CA GLU E 725 41.30 -5.94 8.01
C GLU E 725 40.40 -4.77 8.37
N ILE E 726 39.45 -4.46 7.50
CA ILE E 726 38.60 -3.30 7.70
C ILE E 726 37.14 -3.68 7.90
N LEU E 727 36.58 -3.28 9.03
CA LEU E 727 35.18 -3.57 9.33
C LEU E 727 34.41 -2.28 9.64
N PRO E 728 33.18 -2.15 9.15
CA PRO E 728 32.24 -1.10 9.47
C PRO E 728 31.70 -1.30 10.87
N VAL E 729 31.37 -0.21 11.54
CA VAL E 729 30.80 -0.29 12.87
C VAL E 729 29.44 0.39 12.97
N SER E 730 29.29 1.53 12.32
CA SER E 730 28.08 2.33 12.48
C SER E 730 27.73 3.09 11.21
N MET E 731 26.57 3.74 11.22
CA MET E 731 26.13 4.56 10.11
C MET E 731 25.47 5.85 10.58
N THR E 732 25.31 6.78 9.66
CA THR E 732 24.69 8.08 9.97
C THR E 732 23.31 7.91 10.58
N LYS E 733 23.08 8.62 11.69
CA LYS E 733 21.82 8.54 12.40
C LYS E 733 20.76 9.44 11.78
N THR E 734 20.15 8.97 10.70
CA THR E 734 19.16 9.76 9.98
C THR E 734 17.81 9.71 10.68
N SER E 735 17.16 10.86 10.76
CA SER E 735 15.83 10.96 11.37
C SER E 735 14.86 11.72 10.47
N VAL E 736 13.82 11.02 10.03
CA VAL E 736 12.84 11.60 9.13
C VAL E 736 11.51 11.79 9.84
N ASP E 737 10.99 13.01 9.83
CA ASP E 737 9.72 13.30 10.48
C ASP E 737 8.55 12.98 9.56
N CYS E 738 7.75 11.98 9.94
CA CYS E 738 6.62 11.47 9.11
C CYS E 738 5.69 12.58 8.68
N THR E 739 5.32 13.47 9.58
CA THR E 739 4.30 14.45 9.28
C THR E 739 4.82 15.51 8.32
N MET E 740 5.99 16.06 8.62
CA MET E 740 6.53 17.13 7.79
C MET E 740 6.89 16.62 6.39
N TYR E 741 7.44 15.41 6.33
CA TYR E 741 7.81 14.82 5.06
C TYR E 741 6.62 14.70 4.12
N ILE E 742 5.52 14.14 4.62
CA ILE E 742 4.36 13.89 3.77
C ILE E 742 3.57 15.15 3.41
N CYS E 743 3.28 16.00 4.39
CA CYS E 743 2.33 17.11 4.21
C CYS E 743 3.03 18.45 3.95
N GLY E 744 4.29 18.59 4.30
CA GLY E 744 4.96 19.86 4.03
C GLY E 744 4.32 20.99 4.82
N ASP E 745 3.83 20.68 6.01
CA ASP E 745 3.16 21.64 6.88
C ASP E 745 1.82 22.13 6.35
N SER E 746 1.26 21.44 5.35
CA SER E 746 -0.08 21.76 4.88
C SER E 746 -1.14 21.32 5.89
N THR E 747 -2.07 22.22 6.21
CA THR E 747 -3.11 21.94 7.19
C THR E 747 -4.10 20.90 6.71
N GLU E 748 -4.55 21.03 5.47
CA GLU E 748 -5.54 20.11 4.93
C GLU E 748 -5.01 18.68 4.88
N CYS E 749 -3.74 18.53 4.50
CA CYS E 749 -3.08 17.23 4.45
C CYS E 749 -2.99 16.63 5.85
N SER E 750 -2.56 17.43 6.82
CA SER E 750 -2.39 16.95 8.18
C SER E 750 -3.69 16.35 8.70
N ASN E 751 -4.80 17.03 8.43
CA ASN E 751 -6.10 16.56 8.89
C ASN E 751 -6.47 15.22 8.26
N LEU E 752 -6.05 14.99 7.02
CA LEU E 752 -6.30 13.73 6.34
C LEU E 752 -5.33 12.65 6.79
N LEU E 753 -4.10 13.05 7.11
CA LEU E 753 -3.07 12.10 7.53
C LEU E 753 -3.47 11.42 8.83
N LEU E 754 -4.16 12.15 9.70
CA LEU E 754 -4.59 11.64 10.99
C LEU E 754 -5.56 10.47 10.85
N GLN E 755 -6.15 10.31 9.68
CA GLN E 755 -7.15 9.28 9.47
C GLN E 755 -6.49 7.91 9.34
N TYR E 756 -5.17 7.90 9.25
CA TYR E 756 -4.42 6.67 9.06
C TYR E 756 -3.94 6.08 10.37
N GLY E 757 -4.32 6.69 11.48
CA GLY E 757 -3.95 6.18 12.78
C GLY E 757 -2.51 6.54 13.15
N SER E 758 -1.79 5.56 13.68
CA SER E 758 -0.47 5.80 14.26
C SER E 758 0.68 5.31 13.39
N PHE E 759 0.46 5.18 12.08
CA PHE E 759 1.55 4.76 11.19
C PHE E 759 2.80 5.63 11.36
N CYS E 760 2.61 6.94 11.52
CA CYS E 760 3.71 7.88 11.71
C CYS E 760 4.45 7.64 13.02
N THR E 761 3.74 7.17 14.05
CA THR E 761 4.40 6.86 15.31
C THR E 761 5.33 5.67 15.13
N GLN E 762 4.85 4.66 14.39
CA GLN E 762 5.65 3.46 14.15
C GLN E 762 6.91 3.79 13.36
N LEU E 763 6.77 4.67 12.38
CA LEU E 763 7.90 5.04 11.53
C LEU E 763 8.91 5.89 12.29
N ASN E 764 8.42 6.83 13.08
CA ASN E 764 9.31 7.68 13.85
C ASN E 764 10.04 6.84 14.90
N ARG E 765 9.34 5.87 15.46
CA ARG E 765 9.90 4.99 16.47
C ARG E 765 11.01 4.12 15.92
N ALA E 766 10.76 3.54 14.75
CA ALA E 766 11.72 2.63 14.13
C ALA E 766 13.04 3.32 13.86
N LEU E 767 12.98 4.55 13.34
CA LEU E 767 14.19 5.29 13.04
C LEU E 767 14.91 5.73 14.30
N THR E 768 14.14 6.03 15.34
CA THR E 768 14.74 6.40 16.62
C THR E 768 15.51 5.22 17.20
N GLY E 769 14.93 4.03 17.13
CA GLY E 769 15.56 2.83 17.63
C GLY E 769 16.91 2.58 16.97
N ILE E 770 16.96 2.78 15.65
CA ILE E 770 18.21 2.62 14.94
C ILE E 770 19.24 3.64 15.40
N ALA E 771 18.83 4.89 15.51
CA ALA E 771 19.74 5.95 15.89
C ALA E 771 20.40 5.66 17.24
N VAL E 772 19.64 5.13 18.19
CA VAL E 772 20.20 4.81 19.49
C VAL E 772 21.19 3.66 19.38
N GLU E 773 20.80 2.63 18.62
CA GLU E 773 21.64 1.46 18.43
C GLU E 773 23.02 1.83 17.89
N GLN E 774 23.08 2.83 17.02
CA GLN E 774 24.35 3.20 16.40
C GLN E 774 25.39 3.62 17.43
N ASP E 775 24.96 4.22 18.54
CA ASP E 775 25.92 4.62 19.56
C ASP E 775 26.32 3.41 20.39
N LYS E 776 25.38 2.49 20.59
CA LYS E 776 25.69 1.27 21.30
C LYS E 776 26.70 0.43 20.52
N ASN E 777 26.54 0.39 19.20
CA ASN E 777 27.44 -0.38 18.36
C ASN E 777 28.87 0.15 18.44
N THR E 778 29.00 1.47 18.52
CA THR E 778 30.32 2.07 18.63
C THR E 778 30.96 1.77 19.98
N GLN E 779 30.20 1.92 21.05
CA GLN E 779 30.75 1.71 22.39
C GLN E 779 31.22 0.29 22.60
N GLU E 780 30.47 -0.68 22.07
CA GLU E 780 30.81 -2.08 22.24
C GLU E 780 32.15 -2.43 21.60
N VAL E 781 32.55 -1.66 20.60
CA VAL E 781 33.78 -1.92 19.87
C VAL E 781 34.97 -1.24 20.52
N PHE E 782 34.83 0.04 20.86
CA PHE E 782 35.97 0.81 21.30
C PHE E 782 36.11 0.94 22.82
N ALA E 783 35.00 0.99 23.54
CA ALA E 783 35.05 1.22 24.98
C ALA E 783 35.23 -0.08 25.74
N GLN E 784 36.36 -0.76 25.51
CA GLN E 784 36.66 -2.03 26.16
C GLN E 784 37.76 -1.90 27.19
N VAL E 785 38.22 -0.67 27.42
CA VAL E 785 39.31 -0.43 28.34
C VAL E 785 38.79 0.29 29.58
N LYS E 786 39.25 -0.12 30.75
CA LYS E 786 38.79 0.46 32.00
C LYS E 786 39.35 1.85 32.23
N GLN E 787 40.59 2.07 31.78
CA GLN E 787 41.29 3.32 31.99
C GLN E 787 41.97 3.78 30.71
N ILE E 788 42.25 5.07 30.63
CA ILE E 788 42.97 5.60 29.50
C ILE E 788 44.47 5.56 29.79
N TYR E 789 45.18 4.66 29.12
CA TYR E 789 46.61 4.48 29.35
C TYR E 789 47.43 5.30 28.39
N LYS E 790 48.49 5.91 28.89
CA LYS E 790 49.43 6.63 28.03
C LYS E 790 50.76 5.90 27.92
N THR E 791 51.45 6.13 26.82
CA THR E 791 52.77 5.54 26.62
C THR E 791 53.84 6.38 27.32
N PRO E 792 55.03 5.81 27.58
CA PRO E 792 56.22 6.48 28.04
C PRO E 792 56.67 7.54 27.05
N PRO E 793 57.36 8.58 27.52
CA PRO E 793 58.00 9.63 26.74
C PRO E 793 59.20 9.10 25.98
N ILE E 794 59.74 7.96 26.43
CA ILE E 794 60.88 7.35 25.78
C ILE E 794 60.49 6.05 25.13
N LYS E 795 60.46 6.05 23.80
CA LYS E 795 59.97 4.89 23.06
C LYS E 795 61.04 3.84 22.84
N ASP E 796 61.46 3.19 23.93
CA ASP E 796 62.44 2.11 23.83
C ASP E 796 61.78 0.75 23.98
N PHE E 797 61.54 0.10 22.85
CA PHE E 797 60.85 -1.18 22.85
C PHE E 797 61.75 -2.28 22.31
N GLY E 798 63.05 -2.08 22.39
CA GLY E 798 64.01 -3.09 21.98
C GLY E 798 64.24 -3.13 20.47
N GLY E 799 63.99 -2.00 19.80
CA GLY E 799 64.22 -1.93 18.35
C GLY E 799 62.92 -1.88 17.57
N PHE E 800 61.81 -2.08 18.27
CA PHE E 800 60.51 -2.02 17.63
C PHE E 800 60.05 -0.59 17.47
N ASN E 801 59.48 -0.28 16.31
CA ASN E 801 59.07 1.07 15.91
C ASN E 801 57.55 1.15 15.74
N PHE E 802 56.87 1.87 16.66
CA PHE E 802 55.40 1.97 16.65
C PHE E 802 54.94 3.38 16.31
N SER E 803 55.83 4.19 15.76
CA SER E 803 55.53 5.59 15.53
C SER E 803 54.45 5.80 14.47
N GLN E 804 54.16 4.78 13.69
CA GLN E 804 53.17 4.92 12.63
C GLN E 804 51.78 4.47 13.08
N ILE E 805 51.68 3.92 14.30
CA ILE E 805 50.39 3.51 14.83
C ILE E 805 50.00 4.36 16.04
N LEU E 806 50.99 4.98 16.68
CA LEU E 806 50.76 5.87 17.81
C LEU E 806 50.49 7.30 17.33
N PRO E 807 49.69 8.07 18.06
CA PRO E 807 49.30 9.44 17.77
C PRO E 807 50.52 10.36 17.78
N ASP E 808 50.48 11.33 16.86
CA ASP E 808 51.60 12.27 16.74
C ASP E 808 51.23 13.66 17.25
N PRO E 809 51.82 14.13 18.37
CA PRO E 809 51.48 15.33 19.11
C PRO E 809 51.72 16.62 18.33
N SER E 810 52.43 16.51 17.20
CA SER E 810 52.69 17.69 16.38
C SER E 810 51.42 18.08 15.61
N LYS E 811 50.44 17.20 15.63
CA LYS E 811 49.19 17.42 14.91
C LYS E 811 48.07 17.86 15.86
N PRO E 812 47.17 18.73 15.40
CA PRO E 812 46.04 19.30 16.12
C PRO E 812 45.02 18.23 16.49
N SER E 813 45.07 17.11 15.78
CA SER E 813 44.23 15.96 16.07
C SER E 813 45.15 14.80 16.40
N LYS E 814 45.04 14.29 17.62
CA LYS E 814 45.99 13.31 18.09
C LYS E 814 45.76 11.93 17.48
N ARG E 815 46.15 11.82 16.22
CA ARG E 815 45.99 10.58 15.46
C ARG E 815 47.32 10.15 14.87
N SER E 816 47.44 8.85 14.56
CA SER E 816 48.67 8.32 13.99
C SER E 816 48.71 8.60 12.49
N PRO E 817 49.88 8.55 11.86
CA PRO E 817 50.09 8.60 10.41
C PRO E 817 49.16 7.67 9.64
N ILE E 818 49.10 6.40 10.02
CA ILE E 818 48.22 5.47 9.33
C ILE E 818 46.77 5.88 9.54
N GLU E 819 46.46 6.23 10.77
CA GLU E 819 45.10 6.59 11.14
C GLU E 819 44.63 7.82 10.37
N ASP E 820 45.51 8.81 10.20
CA ASP E 820 45.16 10.00 9.41
C ASP E 820 44.89 9.64 7.96
N LEU E 821 45.67 8.73 7.41
CA LEU E 821 45.49 8.32 6.03
C LEU E 821 44.07 7.80 5.80
N LEU E 822 43.55 7.07 6.79
CA LEU E 822 42.24 6.45 6.69
C LEU E 822 41.11 7.46 6.62
N PHE E 823 41.34 8.68 7.08
CA PHE E 823 40.30 9.70 7.09
C PHE E 823 40.31 10.55 5.83
N ASN E 824 41.28 10.30 4.96
CA ASN E 824 41.37 11.04 3.71
C ASN E 824 41.00 10.18 2.52
N LYS E 825 40.57 8.95 2.80
CA LYS E 825 40.20 8.01 1.76
C LYS E 825 38.70 7.69 1.79
N VAL E 826 37.95 8.42 2.59
CA VAL E 826 36.52 8.21 2.69
C VAL E 826 35.76 9.51 2.41
N THR E 827 34.78 9.45 1.50
CA THR E 827 33.97 10.60 1.11
C THR E 827 32.66 10.61 1.92
N ASN E 856 13.14 20.62 4.63
CA ASN E 856 13.58 19.30 4.20
C ASN E 856 12.62 18.21 4.68
N GLY E 857 12.25 18.26 5.97
CA GLY E 857 11.39 17.27 6.62
C GLY E 857 12.20 16.21 7.35
N LEU E 858 13.52 16.24 7.16
CA LEU E 858 14.42 15.29 7.79
C LEU E 858 15.70 15.95 8.27
N THR E 859 16.30 15.37 9.30
CA THR E 859 17.57 15.86 9.84
C THR E 859 18.53 14.71 10.10
N VAL E 860 19.75 15.07 10.52
CA VAL E 860 20.75 14.09 10.91
C VAL E 860 21.30 14.39 12.29
N LEU E 861 21.34 13.38 13.14
CA LEU E 861 21.82 13.56 14.50
C LEU E 861 23.30 13.16 14.59
N PRO E 862 24.09 13.88 15.39
CA PRO E 862 25.49 13.61 15.68
C PRO E 862 25.62 12.42 16.62
N PRO E 863 26.76 11.74 16.59
CA PRO E 863 27.16 10.64 17.46
C PRO E 863 27.49 11.15 18.84
N LEU E 864 27.39 10.29 19.84
CA LEU E 864 27.80 10.65 21.20
C LEU E 864 29.32 10.78 21.29
N LEU E 865 30.03 9.84 20.69
CA LEU E 865 31.48 9.88 20.72
C LEU E 865 32.04 10.49 19.45
N THR E 866 32.76 11.58 19.60
CA THR E 866 33.36 12.29 18.48
C THR E 866 34.61 11.55 18.03
N ASP E 867 35.13 11.92 16.87
CA ASP E 867 36.32 11.25 16.35
C ASP E 867 37.49 11.35 17.29
N GLU E 868 37.62 12.48 17.97
CA GLU E 868 38.71 12.68 18.90
C GLU E 868 38.60 11.72 20.09
N MET E 869 37.38 11.47 20.54
CA MET E 869 37.17 10.55 21.65
C MET E 869 37.48 9.12 21.25
N ILE E 870 37.14 8.78 20.02
CA ILE E 870 37.45 7.45 19.51
C ILE E 870 38.96 7.29 19.41
N ALA E 871 39.65 8.33 18.96
CA ALA E 871 41.10 8.30 18.87
C ALA E 871 41.72 8.05 20.23
N GLN E 872 41.16 8.66 21.29
CA GLN E 872 41.69 8.46 22.62
C GLN E 872 41.50 7.03 23.09
N TYR E 873 40.36 6.43 22.78
CA TYR E 873 40.14 5.04 23.14
C TYR E 873 41.14 4.14 22.44
N THR E 874 41.37 4.40 21.16
CA THR E 874 42.31 3.61 20.39
C THR E 874 43.72 3.74 20.96
N SER E 875 44.10 4.97 21.28
CA SER E 875 45.43 5.21 21.84
C SER E 875 45.61 4.43 23.13
N ALA E 876 44.59 4.44 23.98
CA ALA E 876 44.65 3.73 25.25
C ALA E 876 44.87 2.23 25.04
N LEU E 877 44.20 1.66 24.05
CA LEU E 877 44.35 0.24 23.77
C LEU E 877 45.75 -0.06 23.27
N LEU E 878 46.30 0.82 22.45
CA LEU E 878 47.64 0.62 21.93
C LEU E 878 48.67 0.74 23.04
N ALA E 879 48.49 1.72 23.92
CA ALA E 879 49.41 1.90 25.04
C ALA E 879 49.37 0.67 25.93
N GLY E 880 48.16 0.13 26.11
CA GLY E 880 47.97 -1.05 26.91
C GLY E 880 48.74 -2.23 26.36
N THR E 881 48.52 -2.56 25.09
CA THR E 881 49.13 -3.75 24.52
C THR E 881 50.64 -3.63 24.42
N ILE E 882 51.14 -2.42 24.21
CA ILE E 882 52.57 -2.24 24.07
C ILE E 882 53.33 -2.41 25.40
N THR E 883 52.80 -1.84 26.48
CA THR E 883 53.54 -1.84 27.74
C THR E 883 53.08 -2.89 28.77
N SER E 884 51.88 -3.44 28.63
CA SER E 884 51.40 -4.39 29.63
C SER E 884 50.87 -5.68 29.01
N GLY E 885 51.17 -5.88 27.74
CA GLY E 885 50.73 -7.10 27.06
C GLY E 885 49.22 -7.22 27.08
N TRP E 886 48.71 -8.37 27.49
CA TRP E 886 47.28 -8.59 27.54
C TRP E 886 46.73 -8.55 28.96
N THR E 887 47.57 -8.22 29.93
CA THR E 887 47.14 -8.35 31.31
C THR E 887 46.08 -7.31 31.65
N PHE E 888 46.14 -6.17 30.99
CA PHE E 888 45.20 -5.07 31.25
C PHE E 888 43.80 -5.41 30.78
N GLY E 889 43.68 -6.43 29.94
CA GLY E 889 42.40 -6.84 29.42
C GLY E 889 41.77 -7.93 30.27
N ALA E 890 42.47 -8.32 31.34
CA ALA E 890 42.02 -9.38 32.22
C ALA E 890 42.47 -9.11 33.64
N GLY E 891 42.11 -7.94 34.16
CA GLY E 891 42.59 -7.50 35.45
C GLY E 891 43.33 -6.17 35.31
N PRO E 892 44.26 -5.86 36.21
CA PRO E 892 45.07 -4.66 36.25
C PRO E 892 46.16 -4.72 35.20
N ALA E 893 46.72 -3.58 34.84
CA ALA E 893 47.86 -3.56 33.94
C ALA E 893 49.14 -3.89 34.70
N LEU E 894 50.00 -4.69 34.10
CA LEU E 894 51.28 -5.03 34.70
C LEU E 894 52.41 -4.84 33.69
N GLN E 895 53.38 -3.99 34.03
CA GLN E 895 54.42 -3.67 33.07
C GLN E 895 55.28 -4.88 32.73
N ILE E 896 55.73 -4.93 31.48
CA ILE E 896 56.65 -5.94 31.00
C ILE E 896 57.45 -5.38 29.83
N PRO E 897 58.77 -5.64 29.73
CA PRO E 897 59.60 -5.27 28.62
C PRO E 897 59.00 -5.79 27.33
N PHE E 898 59.00 -4.96 26.29
CA PHE E 898 58.33 -5.40 25.07
C PHE E 898 58.86 -6.73 24.54
N PRO E 899 60.18 -6.93 24.45
CA PRO E 899 60.80 -8.14 23.94
C PRO E 899 60.38 -9.37 24.73
N MET E 900 59.95 -9.19 25.97
CA MET E 900 59.54 -10.33 26.78
C MET E 900 58.11 -10.72 26.48
N GLN E 901 57.23 -9.76 26.29
CA GLN E 901 55.87 -10.15 25.95
C GLN E 901 55.88 -10.78 24.57
N MET E 902 56.83 -10.38 23.75
CA MET E 902 56.98 -10.98 22.43
C MET E 902 57.43 -12.42 22.56
N ALA E 903 58.26 -12.70 23.56
CA ALA E 903 58.71 -14.05 23.81
C ALA E 903 57.53 -14.95 24.14
N TYR E 904 56.60 -14.42 24.91
CA TYR E 904 55.42 -15.21 25.29
C TYR E 904 54.59 -15.49 24.06
N ARG E 905 54.46 -14.49 23.21
CA ARG E 905 53.66 -14.61 22.00
C ARG E 905 54.26 -15.64 21.05
N PHE E 906 55.58 -15.75 21.03
CA PHE E 906 56.24 -16.79 20.24
C PHE E 906 56.01 -18.18 20.83
N ASN E 907 56.11 -18.31 22.15
CA ASN E 907 55.86 -19.60 22.77
C ASN E 907 54.42 -20.04 22.50
N GLY E 908 53.53 -19.06 22.44
CA GLY E 908 52.11 -19.30 22.23
C GLY E 908 51.79 -19.91 20.87
N ILE E 909 52.76 -19.87 19.95
CA ILE E 909 52.54 -20.44 18.62
C ILE E 909 53.48 -21.62 18.37
N GLY E 910 54.05 -22.16 19.44
CA GLY E 910 54.87 -23.35 19.35
C GLY E 910 56.31 -23.08 18.94
N VAL E 911 56.77 -21.84 19.12
CA VAL E 911 58.15 -21.51 18.76
C VAL E 911 58.91 -21.12 20.01
N THR E 912 59.94 -21.90 20.34
CA THR E 912 60.66 -21.67 21.58
C THR E 912 61.21 -20.26 21.62
N GLN E 913 61.01 -19.59 22.75
CA GLN E 913 61.38 -18.19 22.94
C GLN E 913 62.85 -17.86 22.66
N ASN E 914 63.71 -18.87 22.66
CA ASN E 914 65.12 -18.61 22.40
C ASN E 914 65.31 -18.10 20.98
N VAL E 915 64.36 -18.43 20.11
CA VAL E 915 64.42 -17.99 18.72
C VAL E 915 64.30 -16.49 18.65
N LEU E 916 63.37 -15.93 19.40
CA LEU E 916 63.15 -14.50 19.40
C LEU E 916 64.37 -13.74 19.84
N TYR E 917 64.97 -14.16 20.94
CA TYR E 917 66.07 -13.39 21.50
C TYR E 917 67.28 -13.41 20.58
N GLU E 918 67.59 -14.57 20.03
CA GLU E 918 68.74 -14.68 19.15
C GLU E 918 68.51 -13.94 17.83
N ASN E 919 67.25 -13.87 17.41
CA ASN E 919 66.91 -13.17 16.17
C ASN E 919 66.18 -11.86 16.43
N GLN E 920 66.35 -11.28 17.62
CA GLN E 920 65.61 -10.06 17.96
C GLN E 920 65.83 -8.95 16.95
N LYS E 921 67.05 -8.81 16.47
CA LYS E 921 67.36 -7.74 15.51
C LYS E 921 66.58 -7.94 14.22
N LEU E 922 66.60 -9.17 13.71
CA LEU E 922 65.89 -9.49 12.46
C LEU E 922 64.40 -9.26 12.60
N ILE E 923 63.85 -9.72 13.72
CA ILE E 923 62.41 -9.62 13.94
C ILE E 923 61.96 -8.19 14.02
N ALA E 924 62.71 -7.36 14.75
CA ALA E 924 62.37 -5.95 14.86
C ALA E 924 62.39 -5.30 13.49
N ASN E 925 63.35 -5.70 12.65
CA ASN E 925 63.46 -5.12 11.31
C ASN E 925 62.33 -5.55 10.39
N GLN E 926 61.95 -6.82 10.44
CA GLN E 926 60.86 -7.30 9.62
C GLN E 926 59.56 -6.63 10.04
N PHE E 927 59.37 -6.48 11.34
CA PHE E 927 58.17 -5.83 11.87
C PHE E 927 58.09 -4.40 11.41
N ASN E 928 59.17 -3.65 11.58
CA ASN E 928 59.17 -2.23 11.26
C ASN E 928 58.91 -2.01 9.78
N SER E 929 59.45 -2.89 8.94
CA SER E 929 59.24 -2.80 7.50
C SER E 929 57.78 -3.09 7.16
N ALA E 930 57.23 -4.15 7.76
CA ALA E 930 55.86 -4.55 7.48
C ALA E 930 54.88 -3.44 7.81
N ILE E 931 55.15 -2.69 8.87
CA ILE E 931 54.28 -1.59 9.24
C ILE E 931 54.41 -0.44 8.25
N GLY E 932 55.64 -0.11 7.88
CA GLY E 932 55.88 0.97 6.94
C GLY E 932 55.15 0.75 5.61
N LYS E 933 55.05 -0.51 5.19
CA LYS E 933 54.41 -0.86 3.93
C LYS E 933 52.90 -0.66 3.93
N ILE E 934 52.31 -0.49 5.11
CA ILE E 934 50.86 -0.37 5.21
C ILE E 934 50.36 0.89 4.54
N GLN E 935 51.03 2.00 4.77
CA GLN E 935 50.60 3.27 4.21
C GLN E 935 50.69 3.26 2.71
N ASP E 936 51.70 2.58 2.18
CA ASP E 936 51.87 2.49 0.73
C ASP E 936 50.79 1.61 0.14
N SER E 937 50.45 0.54 0.84
CA SER E 937 49.40 -0.37 0.38
C SER E 937 48.06 0.34 0.30
N LEU E 938 47.71 1.08 1.36
CA LEU E 938 46.44 1.78 1.39
C LEU E 938 46.40 2.96 0.41
N SER E 939 47.49 3.71 0.34
CA SER E 939 47.55 4.89 -0.50
C SER E 939 47.37 4.56 -1.98
N SER E 940 47.98 3.46 -2.42
CA SER E 940 47.94 3.06 -3.82
C SER E 940 46.75 2.15 -4.15
N THR E 941 45.89 1.90 -3.17
CA THR E 941 44.72 1.04 -3.40
C THR E 941 43.43 1.72 -2.93
N PRO E 942 42.80 2.53 -3.79
CA PRO E 942 41.60 3.32 -3.52
C PRO E 942 40.44 2.44 -3.07
N SER E 943 40.47 1.17 -3.45
CA SER E 943 39.40 0.24 -3.13
C SER E 943 39.57 -0.37 -1.74
N ALA E 944 40.69 -0.08 -1.09
CA ALA E 944 41.03 -0.68 0.19
C ALA E 944 39.95 -0.41 1.23
N LEU E 945 39.34 0.77 1.18
CA LEU E 945 38.34 1.13 2.18
C LEU E 945 36.93 1.04 1.62
N GLY E 946 36.74 0.20 0.60
CA GLY E 946 35.42 -0.02 0.02
C GLY E 946 34.44 -0.49 1.09
N LYS E 947 34.95 -1.22 2.08
CA LYS E 947 34.10 -1.73 3.15
C LYS E 947 33.36 -0.61 3.87
N LEU E 948 33.99 0.56 4.00
CA LEU E 948 33.37 1.67 4.71
C LEU E 948 32.64 2.60 3.74
N GLN E 949 33.20 2.76 2.55
CA GLN E 949 32.63 3.67 1.56
C GLN E 949 31.29 3.15 1.05
N ASP E 950 31.17 1.83 0.94
CA ASP E 950 29.93 1.23 0.47
C ASP E 950 28.76 1.56 1.39
N VAL E 951 29.04 1.63 2.68
CA VAL E 951 27.98 1.94 3.64
C VAL E 951 27.49 3.36 3.41
N VAL E 952 28.43 4.27 3.23
CA VAL E 952 28.10 5.66 2.99
C VAL E 952 27.29 5.83 1.71
N ASN E 953 27.71 5.14 0.66
CA ASN E 953 27.05 5.27 -0.62
C ASN E 953 25.63 4.71 -0.60
N GLN E 954 25.45 3.58 0.06
CA GLN E 954 24.14 2.94 0.11
C GLN E 954 23.14 3.82 0.84
N ASN E 955 23.58 4.47 1.92
CA ASN E 955 22.69 5.31 2.70
C ASN E 955 22.38 6.60 1.95
N ALA E 956 23.37 7.15 1.26
CA ALA E 956 23.16 8.37 0.50
C ALA E 956 22.15 8.14 -0.61
N GLN E 957 22.22 6.99 -1.25
CA GLN E 957 21.30 6.68 -2.33
C GLN E 957 19.88 6.48 -1.81
N ALA E 958 19.76 5.80 -0.67
CA ALA E 958 18.45 5.56 -0.10
C ALA E 958 17.77 6.85 0.30
N LEU E 959 18.54 7.77 0.85
CA LEU E 959 17.99 9.03 1.31
C LEU E 959 17.63 9.95 0.16
N ASN E 960 18.48 9.98 -0.86
CA ASN E 960 18.21 10.82 -2.02
C ASN E 960 16.97 10.32 -2.76
N THR E 961 16.79 9.01 -2.80
CA THR E 961 15.63 8.44 -3.45
C THR E 961 14.36 8.86 -2.72
N LEU E 962 14.40 8.79 -1.38
CA LEU E 962 13.25 9.18 -0.58
C LEU E 962 12.81 10.60 -0.92
N VAL E 963 13.77 11.51 -1.01
CA VAL E 963 13.47 12.90 -1.32
C VAL E 963 12.93 13.06 -2.75
N LYS E 964 13.53 12.37 -3.70
CA LYS E 964 13.11 12.48 -5.10
C LYS E 964 11.66 12.05 -5.28
N GLN E 965 11.21 11.08 -4.49
CA GLN E 965 9.84 10.57 -4.59
C GLN E 965 8.79 11.65 -4.33
N LEU E 966 9.18 12.74 -3.68
CA LEU E 966 8.25 13.81 -3.39
C LEU E 966 7.79 14.50 -4.67
N SER E 967 8.54 14.32 -5.75
CA SER E 967 8.22 14.94 -7.02
C SER E 967 7.24 14.10 -7.84
N SER E 968 6.95 12.88 -7.38
CA SER E 968 6.00 12.02 -8.06
C SER E 968 4.59 12.41 -7.68
N ASN E 969 3.64 12.18 -8.58
CA ASN E 969 2.25 12.51 -8.28
C ASN E 969 1.41 11.27 -7.96
N PHE E 970 1.93 10.09 -8.29
CA PHE E 970 1.26 8.84 -7.97
C PHE E 970 -0.14 8.78 -8.55
N GLY E 971 -0.37 9.49 -9.65
CA GLY E 971 -1.65 9.50 -10.34
C GLY E 971 -2.44 10.78 -10.05
N ALA E 972 -1.97 11.56 -9.10
CA ALA E 972 -2.63 12.81 -8.74
C ALA E 972 -2.42 13.83 -9.84
N ILE E 973 -3.31 14.81 -9.89
CA ILE E 973 -3.23 15.90 -10.87
C ILE E 973 -1.94 16.69 -10.74
N SER E 974 -1.33 16.66 -9.57
CA SER E 974 -0.08 17.37 -9.32
C SER E 974 0.70 16.75 -8.18
N SER E 975 2.01 16.97 -8.17
CA SER E 975 2.85 16.51 -7.07
C SER E 975 2.92 17.57 -5.97
N VAL E 976 2.35 18.74 -6.25
CA VAL E 976 2.40 19.87 -5.32
C VAL E 976 1.07 20.07 -4.60
N LEU E 977 1.11 19.98 -3.27
CA LEU E 977 -0.08 20.08 -2.45
C LEU E 977 -0.76 21.43 -2.60
N ASN E 978 0.05 22.48 -2.73
CA ASN E 978 -0.47 23.83 -2.82
C ASN E 978 -1.23 24.06 -4.12
N ASP E 979 -0.78 23.42 -5.19
CA ASP E 979 -1.40 23.60 -6.50
C ASP E 979 -2.75 22.90 -6.55
N ILE E 980 -2.84 21.77 -5.85
CA ILE E 980 -4.11 21.05 -5.78
C ILE E 980 -5.12 21.84 -4.98
N LEU E 981 -4.69 22.34 -3.83
CA LEU E 981 -5.58 23.07 -2.94
C LEU E 981 -6.01 24.39 -3.57
N SER E 982 -5.12 25.00 -4.35
CA SER E 982 -5.42 26.25 -5.03
C SER E 982 -6.44 26.09 -6.16
N ARG E 983 -6.25 25.08 -7.00
CA ARG E 983 -7.08 24.92 -8.19
C ARG E 983 -8.36 24.14 -7.98
N LEU E 984 -8.38 23.22 -7.00
CA LEU E 984 -9.54 22.37 -6.81
C LEU E 984 -10.31 22.72 -5.55
N ASP E 985 -11.63 22.79 -5.68
CA ASP E 985 -12.48 22.97 -4.52
C ASP E 985 -12.32 21.75 -3.59
N PRO E 986 -12.42 21.92 -2.27
CA PRO E 986 -12.23 20.91 -1.25
C PRO E 986 -12.85 19.52 -1.54
N PRO E 987 -14.10 19.42 -2.05
CA PRO E 987 -14.78 18.17 -2.32
C PRO E 987 -14.03 17.31 -3.33
N GLU E 988 -13.17 17.94 -4.13
CA GLU E 988 -12.37 17.23 -5.13
C GLU E 988 -10.91 17.21 -4.73
N ALA E 989 -10.46 18.28 -4.09
CA ALA E 989 -9.06 18.41 -3.70
C ALA E 989 -8.69 17.32 -2.71
N GLU E 990 -9.60 16.99 -1.81
CA GLU E 990 -9.32 15.98 -0.80
C GLU E 990 -8.96 14.64 -1.44
N VAL E 991 -9.59 14.34 -2.57
CA VAL E 991 -9.29 13.09 -3.26
C VAL E 991 -7.87 13.09 -3.79
N GLN E 992 -7.48 14.21 -4.40
CA GLN E 992 -6.14 14.32 -4.97
C GLN E 992 -5.08 14.35 -3.88
N ILE E 993 -5.39 14.99 -2.76
CA ILE E 993 -4.46 15.06 -1.63
C ILE E 993 -4.32 13.68 -1.00
N ASP E 994 -5.43 12.97 -0.86
CA ASP E 994 -5.44 11.63 -0.28
C ASP E 994 -4.54 10.70 -1.09
N ARG E 995 -4.58 10.84 -2.41
CA ARG E 995 -3.75 10.02 -3.28
C ARG E 995 -2.27 10.28 -3.03
N LEU E 996 -1.88 11.55 -2.89
CA LEU E 996 -0.49 11.87 -2.61
C LEU E 996 -0.06 11.35 -1.25
N ILE E 997 -0.95 11.39 -0.26
CA ILE E 997 -0.62 10.89 1.05
C ILE E 997 -0.32 9.41 1.00
N THR E 998 -1.16 8.65 0.29
CA THR E 998 -0.93 7.21 0.18
C THR E 998 0.41 6.93 -0.46
N GLY E 999 0.72 7.64 -1.54
CA GLY E 999 1.97 7.45 -2.26
C GLY E 999 3.19 7.77 -1.40
N ARG E 1000 3.16 8.93 -0.76
CA ARG E 1000 4.28 9.38 0.05
C ARG E 1000 4.46 8.55 1.31
N LEU E 1001 3.35 8.10 1.90
CA LEU E 1001 3.43 7.26 3.08
C LEU E 1001 4.06 5.92 2.72
N GLN E 1002 3.66 5.37 1.58
CA GLN E 1002 4.22 4.10 1.12
C GLN E 1002 5.73 4.22 0.88
N SER E 1003 6.15 5.35 0.31
CA SER E 1003 7.56 5.59 0.06
C SER E 1003 8.36 5.64 1.35
N LEU E 1004 7.83 6.33 2.35
CA LEU E 1004 8.52 6.45 3.63
C LEU E 1004 8.59 5.10 4.34
N GLN E 1005 7.52 4.32 4.25
CA GLN E 1005 7.52 2.99 4.86
C GLN E 1005 8.58 2.11 4.23
N THR E 1006 8.75 2.21 2.92
CA THR E 1006 9.77 1.45 2.21
C THR E 1006 11.15 1.83 2.71
N TYR E 1007 11.41 3.13 2.84
CA TYR E 1007 12.69 3.62 3.33
C TYR E 1007 13.01 3.06 4.71
N VAL E 1008 12.06 3.15 5.63
CA VAL E 1008 12.30 2.68 6.99
C VAL E 1008 12.58 1.19 7.03
N THR E 1009 11.83 0.41 6.26
CA THR E 1009 12.03 -1.03 6.25
C THR E 1009 13.45 -1.36 5.82
N GLN E 1010 13.93 -0.69 4.78
CA GLN E 1010 15.29 -0.94 4.29
C GLN E 1010 16.32 -0.55 5.33
N GLN E 1011 16.06 0.51 6.09
CA GLN E 1011 16.99 0.95 7.12
C GLN E 1011 17.09 -0.07 8.25
N LEU E 1012 15.97 -0.70 8.59
CA LEU E 1012 15.98 -1.70 9.64
C LEU E 1012 16.78 -2.93 9.24
N ILE E 1013 16.63 -3.34 7.98
CA ILE E 1013 17.38 -4.48 7.48
C ILE E 1013 18.86 -4.15 7.40
N ARG E 1014 19.19 -2.98 6.87
CA ARG E 1014 20.57 -2.55 6.74
C ARG E 1014 21.22 -2.36 8.09
N ALA E 1015 20.44 -1.87 9.06
CA ALA E 1015 20.96 -1.67 10.40
C ALA E 1015 21.41 -2.99 10.99
N ALA E 1016 20.65 -4.05 10.71
CA ALA E 1016 21.00 -5.38 11.19
C ALA E 1016 22.31 -5.87 10.59
N GLU E 1017 22.54 -5.54 9.32
CA GLU E 1017 23.77 -5.96 8.66
C GLU E 1017 24.97 -5.31 9.34
N ILE E 1018 24.83 -4.04 9.69
CA ILE E 1018 25.89 -3.32 10.36
C ILE E 1018 26.10 -3.83 11.78
N ARG E 1019 25.02 -4.05 12.50
CA ARG E 1019 25.13 -4.55 13.86
C ARG E 1019 25.94 -5.84 13.89
N ALA E 1020 25.68 -6.72 12.92
CA ALA E 1020 26.41 -7.97 12.86
C ALA E 1020 27.91 -7.72 12.69
N SER E 1021 28.26 -6.70 11.91
CA SER E 1021 29.67 -6.37 11.71
C SER E 1021 30.24 -5.71 12.95
N ALA E 1022 29.44 -4.91 13.63
CA ALA E 1022 29.88 -4.26 14.86
C ALA E 1022 30.16 -5.30 15.93
N ASN E 1023 29.33 -6.34 15.99
CA ASN E 1023 29.52 -7.40 16.96
C ASN E 1023 30.77 -8.21 16.62
N LEU E 1024 31.01 -8.42 15.34
CA LEU E 1024 32.23 -9.10 14.92
C LEU E 1024 33.45 -8.28 15.29
N ALA E 1025 33.39 -6.98 15.03
CA ALA E 1025 34.51 -6.10 15.33
C ALA E 1025 34.79 -6.08 16.83
N ALA E 1026 33.74 -6.06 17.64
CA ALA E 1026 33.88 -6.05 19.07
C ALA E 1026 34.52 -7.34 19.56
N THR E 1027 34.07 -8.46 18.98
CA THR E 1027 34.62 -9.76 19.32
C THR E 1027 36.08 -9.86 18.91
N LYS E 1028 36.38 -9.38 17.72
CA LYS E 1028 37.70 -9.52 17.17
C LYS E 1028 38.71 -8.70 17.95
N MET E 1029 38.30 -7.51 18.37
CA MET E 1029 39.19 -6.68 19.18
C MET E 1029 39.45 -7.35 20.52
N SER E 1030 38.39 -7.82 21.15
CA SER E 1030 38.51 -8.40 22.46
C SER E 1030 39.43 -9.62 22.46
N GLU E 1031 39.33 -10.45 21.42
CA GLU E 1031 40.13 -11.68 21.36
C GLU E 1031 41.54 -11.52 20.80
N CYS E 1032 41.76 -10.60 19.84
CA CYS E 1032 43.05 -10.50 19.16
C CYS E 1032 43.88 -9.29 19.60
N VAL E 1033 43.22 -8.28 20.19
CA VAL E 1033 43.96 -7.12 20.67
C VAL E 1033 44.24 -7.24 22.15
N LEU E 1034 43.26 -7.73 22.90
CA LEU E 1034 43.40 -7.89 24.34
C LEU E 1034 43.89 -9.28 24.70
N GLY E 1035 44.34 -10.03 23.71
CA GLY E 1035 44.84 -11.38 23.93
C GLY E 1035 45.42 -11.97 22.67
N GLN E 1036 45.79 -13.24 22.72
CA GLN E 1036 46.36 -13.93 21.57
C GLN E 1036 45.48 -15.07 21.13
N SER E 1037 44.73 -14.85 20.06
CA SER E 1037 43.78 -15.84 19.57
C SER E 1037 44.48 -17.02 18.92
N LYS E 1038 43.89 -18.21 19.05
CA LYS E 1038 44.42 -19.40 18.39
C LYS E 1038 43.49 -19.86 17.28
N ARG E 1039 42.52 -19.02 16.93
CA ARG E 1039 41.57 -19.34 15.88
C ARG E 1039 42.17 -19.06 14.51
N VAL E 1040 42.16 -20.06 13.64
CA VAL E 1040 42.81 -19.96 12.34
C VAL E 1040 42.13 -18.96 11.41
N ASP E 1041 42.93 -18.07 10.85
CA ASP E 1041 42.50 -17.03 9.92
C ASP E 1041 41.41 -16.14 10.51
N PHE E 1042 41.30 -16.14 11.83
CA PHE E 1042 40.39 -15.22 12.49
C PHE E 1042 40.94 -13.79 12.44
N CYS E 1043 42.26 -13.65 12.63
CA CYS E 1043 42.96 -12.37 12.63
C CYS E 1043 44.19 -12.43 11.75
N GLY E 1044 43.98 -12.65 10.45
CA GLY E 1044 45.06 -12.73 9.49
C GLY E 1044 45.51 -14.16 9.29
N LYS E 1045 46.05 -14.45 8.12
CA LYS E 1045 46.57 -15.78 7.84
C LYS E 1045 47.93 -15.95 8.47
N GLY E 1046 48.23 -17.14 8.95
CA GLY E 1046 49.49 -17.41 9.62
C GLY E 1046 49.23 -17.56 11.11
N TYR E 1047 50.30 -17.59 11.89
CA TYR E 1047 50.15 -17.77 13.34
C TYR E 1047 50.05 -16.43 14.02
N HIS E 1048 48.95 -16.20 14.73
CA HIS E 1048 48.70 -14.89 15.32
C HIS E 1048 49.67 -14.57 16.44
N LEU E 1049 50.21 -13.35 16.43
CA LEU E 1049 51.04 -12.87 17.51
C LEU E 1049 50.34 -11.76 18.27
N MET E 1050 49.87 -10.75 17.55
CA MET E 1050 49.21 -9.59 18.17
C MET E 1050 48.46 -8.74 17.14
N SER E 1051 47.61 -7.84 17.61
CA SER E 1051 46.89 -6.91 16.74
C SER E 1051 46.96 -5.48 17.26
N PHE E 1052 46.86 -4.53 16.35
CA PHE E 1052 46.77 -3.12 16.72
C PHE E 1052 45.59 -2.48 16.01
N PRO E 1053 44.65 -1.88 16.74
CA PRO E 1053 43.51 -1.15 16.23
C PRO E 1053 43.89 0.24 15.74
N GLN E 1054 43.16 0.71 14.73
CA GLN E 1054 43.22 2.10 14.27
C GLN E 1054 41.79 2.56 14.01
N SER E 1055 41.48 3.82 14.29
CA SER E 1055 40.13 4.30 14.03
C SER E 1055 39.94 4.63 12.55
N ALA E 1056 38.68 4.74 12.15
CA ALA E 1056 38.33 5.07 10.78
C ALA E 1056 36.92 5.65 10.76
N PRO E 1057 36.55 6.40 9.72
CA PRO E 1057 35.22 6.91 9.50
C PRO E 1057 34.19 5.79 9.58
N HIS E 1058 33.33 5.87 10.59
CA HIS E 1058 32.26 4.90 10.78
C HIS E 1058 32.74 3.46 10.81
N GLY E 1059 33.95 3.21 11.33
CA GLY E 1059 34.44 1.85 11.38
C GLY E 1059 35.77 1.71 12.10
N VAL E 1060 36.30 0.50 12.08
CA VAL E 1060 37.55 0.19 12.76
C VAL E 1060 38.47 -0.61 11.85
N VAL E 1061 39.76 -0.33 11.93
CA VAL E 1061 40.73 -1.06 11.13
C VAL E 1061 41.73 -1.80 12.00
N PHE E 1062 41.92 -3.07 11.72
CA PHE E 1062 42.84 -3.88 12.50
C PHE E 1062 44.10 -4.20 11.72
N LEU E 1063 45.24 -4.02 12.37
CA LEU E 1063 46.51 -4.45 11.81
C LEU E 1063 46.94 -5.73 12.51
N HIS E 1064 46.94 -6.83 11.77
CA HIS E 1064 47.22 -8.13 12.37
C HIS E 1064 48.64 -8.55 12.13
N VAL E 1065 49.35 -8.85 13.21
CA VAL E 1065 50.74 -9.25 13.11
C VAL E 1065 50.83 -10.75 13.22
N THR E 1066 51.33 -11.39 12.17
CA THR E 1066 51.36 -12.85 12.12
C THR E 1066 52.76 -13.39 11.83
N TYR E 1067 52.97 -14.63 12.24
CA TYR E 1067 54.21 -15.36 12.01
C TYR E 1067 54.02 -16.37 10.89
N VAL E 1068 54.84 -16.25 9.85
CA VAL E 1068 54.72 -17.14 8.70
C VAL E 1068 56.02 -17.90 8.44
N PRO E 1069 56.01 -19.24 8.48
CA PRO E 1069 57.11 -20.13 8.17
C PRO E 1069 57.65 -19.91 6.77
N ALA E 1070 58.95 -20.09 6.60
CA ALA E 1070 59.58 -19.96 5.29
C ALA E 1070 60.82 -20.84 5.15
N GLN E 1071 61.19 -21.14 3.91
CA GLN E 1071 62.44 -21.84 3.61
C GLN E 1071 62.49 -23.23 4.24
N GLU E 1072 61.59 -24.12 3.84
CA GLU E 1072 61.58 -25.48 4.37
C GLU E 1072 62.61 -26.37 3.70
N LYS E 1073 63.04 -27.40 4.43
CA LYS E 1073 63.94 -28.40 3.90
C LYS E 1073 63.35 -29.80 4.02
N ASN E 1074 63.76 -30.73 3.17
CA ASN E 1074 63.33 -32.12 3.15
C ASN E 1074 64.13 -32.97 4.14
N PHE E 1075 63.50 -33.46 5.19
CA PHE E 1075 64.14 -34.33 6.19
C PHE E 1075 63.52 -35.71 6.20
N THR E 1076 64.31 -36.71 6.57
CA THR E 1076 63.78 -38.05 6.79
C THR E 1076 63.34 -38.17 8.24
N THR E 1077 62.19 -38.79 8.46
CA THR E 1077 61.67 -38.87 9.82
C THR E 1077 61.28 -40.26 10.27
N ALA E 1078 61.06 -40.39 11.57
CA ALA E 1078 60.58 -41.62 12.17
C ALA E 1078 59.75 -41.26 13.40
N PRO E 1079 58.69 -42.03 13.70
CA PRO E 1079 57.78 -41.84 14.81
C PRO E 1079 58.43 -42.12 16.15
N ALA E 1080 59.51 -42.89 16.13
CA ALA E 1080 60.19 -43.28 17.36
C ALA E 1080 61.55 -43.85 17.05
N ILE E 1081 62.38 -43.95 18.07
CA ILE E 1081 63.65 -44.65 17.95
C ILE E 1081 63.79 -45.73 19.01
N CYS E 1082 64.52 -46.79 18.68
CA CYS E 1082 64.82 -47.87 19.62
C CYS E 1082 66.16 -47.67 20.29
N HIS E 1083 66.21 -47.92 21.58
CA HIS E 1083 67.46 -47.95 22.34
C HIS E 1083 67.44 -49.14 23.27
N ASP E 1084 68.55 -49.88 23.35
CA ASP E 1084 68.66 -51.08 24.17
C ASP E 1084 67.33 -51.72 24.59
N GLY E 1085 66.46 -52.04 23.65
CA GLY E 1085 65.28 -52.87 23.90
C GLY E 1085 63.99 -52.13 24.24
N LYS E 1086 64.06 -50.80 24.24
CA LYS E 1086 62.89 -49.97 24.57
C LYS E 1086 62.68 -48.84 23.57
N ALA E 1087 61.41 -48.50 23.34
CA ALA E 1087 61.06 -47.45 22.38
C ALA E 1087 60.99 -46.07 23.01
N HIS E 1088 61.65 -45.10 22.37
CA HIS E 1088 61.66 -43.72 22.85
C HIS E 1088 60.89 -42.79 21.94
N PHE E 1089 60.00 -42.01 22.54
CA PHE E 1089 59.23 -40.99 21.84
C PHE E 1089 59.70 -39.62 22.31
N PRO E 1090 59.63 -38.59 21.46
CA PRO E 1090 60.00 -37.22 21.78
C PRO E 1090 58.98 -36.62 22.72
N ARG E 1091 59.45 -35.81 23.67
CA ARG E 1091 58.54 -35.11 24.57
C ARG E 1091 57.87 -33.97 23.82
N GLU E 1092 58.63 -33.37 22.92
CA GLU E 1092 58.14 -32.31 22.05
C GLU E 1092 58.97 -32.34 20.78
N GLY E 1093 58.39 -31.86 19.69
CA GLY E 1093 59.12 -31.85 18.43
C GLY E 1093 59.09 -33.21 17.76
N VAL E 1094 59.98 -33.39 16.79
CA VAL E 1094 60.03 -34.60 15.97
C VAL E 1094 61.44 -35.14 15.83
N PHE E 1095 61.55 -36.42 15.49
CA PHE E 1095 62.84 -37.02 15.16
C PHE E 1095 63.11 -36.91 13.67
N VAL E 1096 64.24 -36.29 13.32
CA VAL E 1096 64.61 -36.12 11.93
C VAL E 1096 66.05 -36.53 11.65
N SER E 1097 66.32 -36.89 10.41
CA SER E 1097 67.65 -37.25 9.97
C SER E 1097 68.14 -36.38 8.82
N ASN E 1098 69.40 -35.93 8.91
CA ASN E 1098 70.03 -35.13 7.86
C ASN E 1098 70.74 -36.00 6.82
N GLY E 1099 70.59 -37.32 6.96
CA GLY E 1099 71.17 -38.31 6.04
C GLY E 1099 72.16 -39.22 6.74
N THR E 1100 72.76 -38.74 7.83
CA THR E 1100 73.72 -39.57 8.57
C THR E 1100 73.43 -39.61 10.07
N HIS E 1101 72.86 -38.54 10.60
CA HIS E 1101 72.60 -38.48 12.04
C HIS E 1101 71.17 -38.09 12.35
N TRP E 1102 70.64 -38.65 13.44
CA TRP E 1102 69.31 -38.33 13.93
C TRP E 1102 69.34 -37.26 15.00
N PHE E 1103 68.39 -36.34 14.92
CA PHE E 1103 68.28 -35.24 15.87
C PHE E 1103 66.82 -35.05 16.27
N VAL E 1104 66.61 -34.37 17.38
CA VAL E 1104 65.25 -33.97 17.74
C VAL E 1104 65.11 -32.46 17.59
N THR E 1105 64.04 -32.03 16.95
CA THR E 1105 63.84 -30.62 16.72
C THR E 1105 62.38 -30.22 16.88
N GLN E 1106 62.12 -28.94 17.12
CA GLN E 1106 60.75 -28.48 17.25
C GLN E 1106 60.09 -28.45 15.87
N ARG E 1107 58.81 -28.10 15.83
CA ARG E 1107 58.03 -28.28 14.59
C ARG E 1107 57.92 -27.03 13.74
N ASN E 1108 57.85 -25.86 14.35
CA ASN E 1108 57.60 -24.64 13.60
C ASN E 1108 58.89 -23.86 13.32
N PHE E 1109 60.02 -24.49 13.60
CA PHE E 1109 61.33 -23.89 13.35
C PHE E 1109 62.41 -24.93 13.46
N TYR E 1110 63.24 -25.06 12.44
CA TYR E 1110 64.28 -26.08 12.46
C TYR E 1110 65.44 -25.68 13.35
N GLU E 1111 65.68 -26.50 14.36
CA GLU E 1111 66.74 -26.27 15.32
C GLU E 1111 67.11 -27.58 16.01
N PRO E 1112 67.98 -28.38 15.39
CA PRO E 1112 68.29 -29.74 15.76
C PRO E 1112 69.16 -29.80 16.99
N GLN E 1113 68.92 -30.81 17.83
CA GLN E 1113 69.78 -31.06 18.96
C GLN E 1113 69.92 -32.56 19.19
N ILE E 1114 70.97 -32.94 19.92
CA ILE E 1114 71.24 -34.34 20.18
C ILE E 1114 70.11 -34.97 20.96
N ILE E 1115 69.74 -36.18 20.57
CA ILE E 1115 68.67 -36.89 21.25
C ILE E 1115 69.18 -37.48 22.55
N THR E 1116 68.57 -37.07 23.64
CA THR E 1116 68.98 -37.51 24.96
C THR E 1116 67.79 -38.04 25.73
N THR E 1117 68.05 -38.63 26.87
CA THR E 1117 67.00 -39.16 27.72
C THR E 1117 66.16 -38.06 28.34
N ASP E 1118 66.61 -36.82 28.23
CA ASP E 1118 65.88 -35.68 28.79
C ASP E 1118 64.95 -35.04 27.77
N ASN E 1119 65.00 -35.52 26.54
CA ASN E 1119 64.17 -34.98 25.47
C ASN E 1119 63.10 -35.99 25.06
N THR E 1120 63.17 -37.17 25.65
CA THR E 1120 62.30 -38.28 25.25
C THR E 1120 61.64 -38.94 26.45
N PHE E 1121 60.68 -39.82 26.15
CA PHE E 1121 60.08 -40.66 27.17
C PHE E 1121 59.94 -42.08 26.64
N VAL E 1122 59.89 -43.05 27.54
CA VAL E 1122 59.88 -44.44 27.13
C VAL E 1122 58.51 -45.06 27.24
N SER E 1123 58.09 -45.72 26.17
CA SER E 1123 56.82 -46.42 26.15
C SER E 1123 56.83 -47.56 25.14
N GLY E 1124 56.59 -48.77 25.61
CA GLY E 1124 56.57 -49.93 24.73
C GLY E 1124 57.99 -50.44 24.47
N ASN E 1125 58.09 -51.56 23.76
CA ASN E 1125 59.39 -52.20 23.50
C ASN E 1125 59.72 -52.33 22.01
N CYS E 1126 59.22 -51.41 21.19
CA CYS E 1126 59.45 -51.35 19.74
C CYS E 1126 58.62 -52.37 18.95
N ASP E 1127 58.12 -53.40 19.62
CA ASP E 1127 57.44 -54.49 18.92
C ASP E 1127 56.19 -54.04 18.18
N VAL E 1128 55.57 -52.97 18.65
CA VAL E 1128 54.30 -52.54 18.09
C VAL E 1128 54.37 -51.18 17.41
N VAL E 1129 55.56 -50.66 17.18
CA VAL E 1129 55.65 -49.34 16.57
C VAL E 1129 56.12 -49.42 15.13
N ILE E 1130 55.23 -49.05 14.22
CA ILE E 1130 55.53 -49.16 12.79
C ILE E 1130 56.42 -48.03 12.34
N GLY E 1131 57.53 -48.37 11.70
CA GLY E 1131 58.45 -47.36 11.18
C GLY E 1131 59.49 -46.94 12.21
N ILE E 1132 59.56 -47.66 13.32
CA ILE E 1132 60.54 -47.36 14.35
C ILE E 1132 61.93 -47.74 13.89
N VAL E 1133 62.91 -46.89 14.18
CA VAL E 1133 64.27 -47.13 13.71
C VAL E 1133 65.25 -47.25 14.87
N ASN E 1134 66.41 -47.88 14.60
CA ASN E 1134 67.47 -48.05 15.59
C ASN E 1134 68.34 -46.79 15.69
N ASN E 1135 68.62 -46.37 16.92
CA ASN E 1135 69.47 -45.21 17.19
C ASN E 1135 70.19 -45.38 18.52
N THR E 1136 71.02 -44.40 18.86
CA THR E 1136 71.66 -44.36 20.17
C THR E 1136 71.19 -43.15 20.94
N VAL E 1137 70.61 -43.38 22.11
CA VAL E 1137 70.14 -42.29 22.96
C VAL E 1137 71.18 -41.92 24.00
N TYR E 1138 71.52 -40.65 24.05
CA TYR E 1138 72.55 -40.17 24.97
C TYR E 1138 72.02 -40.00 26.38
N ASP E 1139 72.82 -40.46 27.35
CA ASP E 1139 72.50 -40.29 28.77
C ASP E 1139 73.55 -39.40 29.42
N PRO E 1140 73.23 -38.12 29.69
CA PRO E 1140 74.09 -37.08 30.22
C PRO E 1140 74.72 -37.42 31.56
N LEU E 1141 74.18 -38.43 32.24
CA LEU E 1141 74.68 -38.81 33.55
C LEU E 1141 75.87 -39.77 33.50
N GLN E 1142 75.93 -40.59 32.46
CA GLN E 1142 76.94 -41.64 32.41
C GLN E 1142 78.38 -41.14 32.45
N PRO E 1143 78.72 -40.01 31.78
CA PRO E 1143 80.03 -39.41 31.75
C PRO E 1143 80.51 -38.92 33.10
N GLU E 1144 79.59 -38.74 34.05
CA GLU E 1144 79.98 -38.24 35.37
C GLU E 1144 80.14 -39.35 36.42
N LEU E 1145 79.29 -40.38 36.36
CA LEU E 1145 79.34 -41.50 37.31
C LEU E 1145 80.72 -42.18 37.30
N GLU F 1 -50.36 5.46 -70.99
CA GLU F 1 -50.25 6.24 -69.75
C GLU F 1 -51.62 6.59 -69.16
N LEU F 2 -52.70 6.43 -69.93
CA LEU F 2 -54.06 6.77 -69.50
C LEU F 2 -54.49 5.94 -68.29
N GLU F 3 -54.16 4.66 -68.30
CA GLU F 3 -54.56 3.78 -67.21
C GLU F 3 -53.89 4.22 -65.91
N GLU F 4 -52.63 4.63 -66.00
CA GLU F 4 -51.90 5.09 -64.82
C GLU F 4 -52.49 6.39 -64.29
N GLN F 5 -52.92 7.27 -65.19
CA GLN F 5 -53.53 8.53 -64.79
C GLN F 5 -54.83 8.29 -64.04
N VAL F 6 -55.59 7.30 -64.49
CA VAL F 6 -56.84 6.95 -63.82
C VAL F 6 -56.58 6.31 -62.48
N MET F 7 -55.58 5.41 -62.44
CA MET F 7 -55.20 4.76 -61.20
C MET F 7 -54.77 5.79 -60.17
N HIS F 8 -54.08 6.83 -60.61
CA HIS F 8 -53.65 7.90 -59.74
C HIS F 8 -54.85 8.54 -59.05
N VAL F 9 -55.86 8.90 -59.83
CA VAL F 9 -57.06 9.52 -59.25
C VAL F 9 -57.73 8.55 -58.28
N LEU F 10 -57.82 7.27 -58.66
CA LEU F 10 -58.44 6.28 -57.79
C LEU F 10 -57.65 6.14 -56.49
N ASP F 11 -56.33 6.26 -56.58
CA ASP F 11 -55.47 6.19 -55.40
C ASP F 11 -55.74 7.37 -54.48
N GLN F 12 -55.95 8.54 -55.06
CA GLN F 12 -56.25 9.73 -54.27
C GLN F 12 -57.58 9.55 -53.53
N VAL F 13 -58.55 8.96 -54.20
CA VAL F 13 -59.86 8.72 -53.60
C VAL F 13 -59.76 7.74 -52.44
N SER F 14 -59.06 6.63 -52.66
CA SER F 14 -58.91 5.61 -51.63
C SER F 14 -58.11 6.12 -50.43
N GLU F 15 -57.04 6.86 -50.70
CA GLU F 15 -56.18 7.33 -49.61
C GLU F 15 -56.91 8.34 -48.75
N LEU F 16 -57.66 9.24 -49.38
CA LEU F 16 -58.42 10.22 -48.62
C LEU F 16 -59.53 9.52 -47.86
N ALA F 17 -60.21 8.59 -48.52
CA ALA F 17 -61.30 7.87 -47.89
C ALA F 17 -60.77 7.09 -46.70
N HIS F 18 -59.55 6.56 -46.82
CA HIS F 18 -58.92 5.83 -45.72
C HIS F 18 -58.75 6.74 -44.51
N GLU F 19 -58.20 7.93 -44.71
CA GLU F 19 -58.01 8.85 -43.59
C GLU F 19 -59.34 9.18 -42.92
N LEU F 20 -60.39 9.31 -43.73
CA LEU F 20 -61.70 9.67 -43.22
C LEU F 20 -62.30 8.58 -42.34
N LEU F 21 -61.79 7.35 -42.45
CA LEU F 21 -62.31 6.24 -41.68
C LEU F 21 -61.97 6.42 -40.20
N HIS F 22 -61.04 7.32 -39.92
CA HIS F 22 -60.61 7.59 -38.55
C HIS F 22 -61.05 8.97 -38.10
N LYS F 23 -61.86 9.64 -38.91
CA LYS F 23 -62.26 11.03 -38.62
C LYS F 23 -63.77 11.21 -38.58
N LEU F 24 -64.47 10.54 -39.51
CA LEU F 24 -65.90 10.73 -39.67
C LEU F 24 -66.72 9.76 -38.83
N THR F 25 -67.96 10.13 -38.57
CA THR F 25 -68.92 9.27 -37.88
C THR F 25 -70.23 9.21 -38.66
N GLY F 26 -71.12 8.31 -38.25
CA GLY F 26 -72.47 8.24 -38.80
C GLY F 26 -72.48 7.98 -40.30
N GLU F 27 -73.41 8.65 -40.99
CA GLU F 27 -73.60 8.49 -42.43
C GLU F 27 -72.38 8.94 -43.24
N GLU F 28 -71.71 9.97 -42.77
CA GLU F 28 -70.53 10.47 -43.48
C GLU F 28 -69.42 9.44 -43.46
N LEU F 29 -69.32 8.71 -42.35
CA LEU F 29 -68.36 7.63 -42.24
C LEU F 29 -68.70 6.50 -43.20
N GLU F 30 -69.99 6.15 -43.26
CA GLU F 30 -70.45 5.11 -44.17
C GLU F 30 -70.11 5.46 -45.62
N ARG F 31 -70.30 6.73 -45.97
CA ARG F 31 -70.01 7.17 -47.33
C ARG F 31 -68.53 7.06 -47.65
N ALA F 32 -67.66 7.48 -46.73
CA ALA F 32 -66.24 7.37 -46.98
C ALA F 32 -65.84 5.93 -47.21
N ALA F 33 -66.44 5.01 -46.43
CA ALA F 33 -66.15 3.59 -46.58
C ALA F 33 -66.61 3.09 -47.94
N TYR F 34 -67.78 3.54 -48.38
CA TYR F 34 -68.30 3.18 -49.68
C TYR F 34 -67.37 3.62 -50.79
N PHE F 35 -66.94 4.88 -50.73
CA PHE F 35 -66.08 5.44 -51.74
C PHE F 35 -64.70 4.80 -51.73
N ASN F 36 -64.25 4.42 -50.53
CA ASN F 36 -62.99 3.71 -50.38
C ASN F 36 -63.06 2.40 -51.16
N TRP F 37 -64.13 1.64 -50.92
CA TRP F 37 -64.35 0.38 -51.61
C TRP F 37 -64.45 0.59 -53.11
N TRP F 38 -65.24 1.59 -53.51
CA TRP F 38 -65.45 1.85 -54.92
C TRP F 38 -64.14 2.10 -55.64
N ALA F 39 -63.29 2.95 -55.05
CA ALA F 39 -62.04 3.28 -55.70
C ALA F 39 -61.19 2.04 -55.96
N THR F 40 -61.15 1.12 -54.99
CA THR F 40 -60.34 -0.08 -55.16
C THR F 40 -61.00 -1.07 -56.11
N GLU F 41 -62.33 -1.04 -56.18
CA GLU F 41 -63.06 -1.89 -57.10
C GLU F 41 -62.76 -1.44 -58.53
N MET F 42 -62.69 -0.13 -58.73
CA MET F 42 -62.37 0.44 -60.03
C MET F 42 -60.96 0.11 -60.46
N MET F 43 -60.05 0.02 -59.49
CA MET F 43 -58.68 -0.32 -59.82
C MET F 43 -58.63 -1.67 -60.54
N LEU F 44 -59.38 -2.63 -60.03
CA LEU F 44 -59.40 -3.95 -60.64
C LEU F 44 -60.26 -3.98 -61.90
N GLU F 45 -61.38 -3.27 -61.88
CA GLU F 45 -62.26 -3.21 -63.03
C GLU F 45 -61.55 -2.56 -64.22
N LEU F 46 -60.74 -1.54 -63.92
CA LEU F 46 -59.97 -0.85 -64.95
C LEU F 46 -58.96 -1.80 -65.59
N ILE F 47 -58.29 -2.60 -64.77
CA ILE F 47 -57.35 -3.57 -65.28
C ILE F 47 -58.05 -4.56 -66.20
N LYS F 48 -59.18 -5.10 -65.74
CA LYS F 48 -59.93 -6.05 -66.55
C LYS F 48 -60.93 -5.34 -67.46
N SER F 49 -60.41 -4.54 -68.39
CA SER F 49 -61.28 -3.80 -69.31
C SER F 49 -60.54 -3.29 -70.53
N ASP F 50 -61.31 -2.77 -71.48
CA ASP F 50 -60.78 -2.10 -72.66
C ASP F 50 -61.74 -1.00 -73.10
N ASP F 51 -61.38 -0.27 -74.15
CA ASP F 51 -62.17 0.83 -74.69
C ASP F 51 -61.96 2.11 -73.90
N GLU F 52 -61.37 3.11 -74.55
CA GLU F 52 -61.05 4.36 -73.89
C GLU F 52 -62.26 4.99 -73.24
N ARG F 53 -63.43 4.79 -73.84
CA ARG F 53 -64.65 5.41 -73.32
C ARG F 53 -65.00 4.89 -71.93
N GLU F 54 -64.72 3.61 -71.68
CA GLU F 54 -65.02 3.02 -70.39
C GLU F 54 -64.00 3.50 -69.37
N ILE F 55 -62.76 3.66 -69.84
CA ILE F 55 -61.67 4.13 -69.01
C ILE F 55 -61.94 5.57 -68.57
N ARG F 56 -62.38 6.39 -69.52
CA ARG F 56 -62.70 7.79 -69.25
C ARG F 56 -63.89 7.92 -68.31
N GLU F 57 -64.86 7.02 -68.42
CA GLU F 57 -66.01 7.05 -67.53
C GLU F 57 -65.58 6.86 -66.09
N ILE F 58 -64.63 5.96 -65.86
CA ILE F 58 -64.09 5.76 -64.53
C ILE F 58 -63.36 7.01 -64.05
N GLU F 59 -62.55 7.59 -64.94
CA GLU F 59 -61.80 8.78 -64.58
C GLU F 59 -62.71 9.89 -64.09
N GLU F 60 -63.80 10.12 -64.81
CA GLU F 60 -64.71 11.21 -64.46
C GLU F 60 -65.43 10.95 -63.15
N GLU F 61 -65.91 9.72 -62.95
CA GLU F 61 -66.63 9.42 -61.73
C GLU F 61 -65.70 9.50 -60.54
N ALA F 62 -64.46 9.02 -60.73
CA ALA F 62 -63.48 9.04 -59.66
C ALA F 62 -63.13 10.46 -59.27
N ARG F 63 -63.03 11.35 -60.25
CA ARG F 63 -62.74 12.75 -59.96
C ARG F 63 -63.88 13.39 -59.20
N ARG F 64 -65.12 13.08 -59.57
CA ARG F 64 -66.28 13.64 -58.88
C ARG F 64 -66.32 13.17 -57.44
N ILE F 65 -65.99 11.91 -57.22
CA ILE F 65 -65.94 11.34 -55.89
C ILE F 65 -64.86 11.98 -55.04
N LEU F 66 -63.69 12.19 -55.63
CA LEU F 66 -62.61 12.82 -54.89
C LEU F 66 -63.04 14.19 -54.39
N GLU F 67 -63.67 14.97 -55.26
CA GLU F 67 -64.13 16.30 -54.90
C GLU F 67 -65.17 16.22 -53.79
N HIS F 68 -66.05 15.24 -53.88
CA HIS F 68 -67.06 15.02 -52.85
C HIS F 68 -66.42 14.74 -51.50
N LEU F 69 -65.45 13.83 -51.47
CA LEU F 69 -64.81 13.47 -50.22
C LEU F 69 -64.13 14.66 -49.56
N GLU F 70 -63.61 15.58 -50.36
CA GLU F 70 -62.95 16.76 -49.82
C GLU F 70 -63.91 17.64 -49.02
N GLU F 71 -65.22 17.52 -49.29
CA GLU F 71 -66.22 18.27 -48.57
C GLU F 71 -66.36 17.74 -47.15
N LEU F 72 -66.00 16.47 -46.95
CA LEU F 72 -66.06 15.83 -45.65
C LEU F 72 -64.76 16.06 -44.91
N ALA F 73 -63.66 16.02 -45.66
CA ALA F 73 -62.33 16.17 -45.09
C ALA F 73 -62.15 17.54 -44.46
N ARG F 74 -62.76 18.55 -45.06
CA ARG F 74 -62.66 19.91 -44.56
C ARG F 74 -63.61 20.23 -43.39
N LYS F 75 -64.47 19.27 -43.03
CA LYS F 75 -65.47 19.45 -41.98
C LYS F 75 -64.94 18.91 -40.65
C1 NAG G . 45.09 -12.37 49.60
C2 NAG G . 45.76 -12.24 51.00
C3 NAG G . 44.80 -12.87 52.05
C4 NAG G . 43.45 -12.14 52.00
C5 NAG G . 42.88 -12.25 50.56
C6 NAG G . 41.57 -11.48 50.42
C7 NAG G . 48.17 -12.33 50.74
C8 NAG G . 49.49 -13.06 50.74
N2 NAG G . 47.04 -12.97 51.02
O3 NAG G . 45.38 -12.76 53.34
O4 NAG G . 42.55 -12.82 52.89
O5 NAG G . 43.82 -11.69 49.60
O6 NAG G . 40.51 -12.34 50.02
O7 NAG G . 48.16 -11.12 50.50
C1 NAG G . 42.03 -11.94 53.98
C2 NAG G . 40.79 -12.62 54.63
C3 NAG G . 40.23 -11.67 55.72
C4 NAG G . 41.34 -11.41 56.75
C5 NAG G . 42.57 -10.79 56.04
C6 NAG G . 43.71 -10.58 57.02
C7 NAG G . 39.36 -14.08 53.31
C8 NAG G . 38.33 -14.30 52.25
N2 NAG G . 39.77 -12.84 53.59
O3 NAG G . 39.10 -12.29 56.35
O4 NAG G . 40.85 -10.52 57.74
O5 NAG G . 43.04 -11.69 54.98
O6 NAG G . 44.63 -9.61 56.55
O7 NAG G . 39.83 -15.05 53.93
C1 NAG H . 25.54 -22.33 52.10
C2 NAG H . 25.56 -23.00 53.51
C3 NAG H . 24.15 -22.84 54.12
C4 NAG H . 23.80 -21.36 54.22
C5 NAG H . 23.84 -20.76 52.80
C6 NAG H . 23.54 -19.28 52.74
C7 NAG H . 26.55 -25.55 53.53
C8 NAG H . 27.78 -25.63 54.36
N2 NAG H . 25.89 -24.43 53.35
O3 NAG H . 24.09 -23.42 55.42
O4 NAG H . 22.48 -21.22 54.79
O5 NAG H . 25.18 -20.96 52.23
O6 NAG H . 22.49 -19.03 51.77
O7 NAG H . 26.11 -26.56 52.98
C1 NAG H . 22.48 -20.44 56.06
C2 NAG H . 21.03 -20.00 56.39
C3 NAG H . 21.08 -19.16 57.69
C4 NAG H . 21.68 -20.02 58.82
C5 NAG H . 23.12 -20.43 58.39
C6 NAG H . 23.77 -21.31 59.45
C7 NAG H . 19.81 -19.62 54.31
C8 NAG H . 19.34 -18.70 53.22
N2 NAG H . 20.54 -19.14 55.30
O3 NAG H . 19.74 -18.75 58.06
O4 NAG H . 21.72 -19.25 60.03
O5 NAG H . 23.08 -21.20 57.13
O6 NAG H . 23.05 -22.50 59.68
O7 NAG H . 19.51 -20.83 54.25
C1 NAG I . 65.89 -11.84 48.48
C2 NAG I . 66.13 -10.89 49.71
C3 NAG I . 67.25 -11.48 50.58
C4 NAG I . 66.84 -12.88 51.04
C5 NAG I . 66.56 -13.76 49.79
C6 NAG I . 66.10 -15.16 50.21
C7 NAG I . 65.86 -8.49 49.45
C8 NAG I . 66.30 -7.16 48.92
N2 NAG I . 66.57 -9.58 49.20
O3 NAG I . 67.44 -10.64 51.73
O4 NAG I . 67.92 -13.47 51.77
O5 NAG I . 65.52 -13.15 48.96
O6 NAG I . 65.95 -16.01 49.08
O7 NAG I . 64.82 -8.56 50.13
C1 NAG I . 67.53 -13.91 53.14
C2 NAG I . 68.67 -14.79 53.73
C3 NAG I . 68.23 -15.29 55.11
C4 NAG I . 67.92 -14.06 56.01
C5 NAG I . 66.81 -13.22 55.35
C6 NAG I . 66.53 -11.97 56.19
C7 NAG I . 69.97 -15.94 52.04
C8 NAG I . 70.19 -17.09 51.10
N2 NAG I . 68.90 -15.92 52.83
O3 NAG I . 69.27 -16.08 55.70
O4 NAG I . 67.50 -14.52 57.29
O5 NAG I . 67.23 -12.79 54.01
O6 NAG I . 65.33 -11.33 55.77
O7 NAG I . 70.77 -14.99 52.04
C1 NAG J . 80.06 -12.32 33.26
C2 NAG J . 80.29 -10.80 32.93
C3 NAG J . 81.32 -10.70 31.77
C4 NAG J . 82.62 -11.40 32.18
C5 NAG J . 82.32 -12.87 32.54
C6 NAG J . 83.57 -13.59 33.00
C7 NAG J . 78.32 -9.44 33.30
C8 NAG J . 77.02 -8.84 32.83
N2 NAG J . 79.03 -10.20 32.48
O3 NAG J . 81.56 -9.31 31.51
O4 NAG J . 83.54 -11.42 31.07
O5 NAG J . 81.32 -12.94 33.62
O6 NAG J . 83.36 -15.01 33.00
O7 NAG J . 78.70 -9.23 34.45
C1 NAG J . 84.75 -10.57 31.31
C2 NAG J . 85.79 -10.84 30.17
C3 NAG J . 87.04 -9.99 30.45
C4 NAG J . 86.62 -8.51 30.52
C5 NAG J . 85.58 -8.32 31.65
C6 NAG J . 85.12 -6.87 31.73
C7 NAG J . 85.58 -13.09 29.30
C8 NAG J . 85.92 -14.54 29.31
N2 NAG J . 86.14 -12.26 30.18
O3 NAG J . 87.99 -10.18 29.39
O4 NAG J . 87.77 -7.70 30.78
O5 NAG J . 84.42 -9.18 31.39
O6 NAG J . 84.32 -6.66 32.89
O7 NAG J . 84.77 -12.66 28.46
C1 NAG K . 38.88 -51.11 22.85
C2 NAG K . 39.28 -52.60 23.16
C3 NAG K . 39.54 -53.31 21.82
C4 NAG K . 38.27 -53.26 20.95
C5 NAG K . 37.88 -51.77 20.74
C6 NAG K . 36.58 -51.62 19.95
C7 NAG K . 40.43 -52.66 25.30
C8 NAG K . 41.68 -52.67 26.14
N2 NAG K . 40.51 -52.61 23.97
O3 NAG K . 39.89 -54.67 22.08
O4 NAG K . 38.57 -53.83 19.67
O5 NAG K . 37.69 -51.11 22.02
O6 NAG K . 36.80 -50.89 18.75
O7 NAG K . 39.32 -52.71 25.86
C1 NAG K . 37.72 -55.01 19.34
C2 NAG K . 37.83 -55.31 17.82
C3 NAG K . 36.90 -56.49 17.49
C4 NAG K . 37.34 -57.70 18.33
C5 NAG K . 37.26 -57.33 19.83
C6 NAG K . 37.74 -58.49 20.70
C7 NAG K . 38.26 -53.49 16.25
C8 NAG K . 37.83 -52.28 15.50
N2 NAG K . 37.42 -54.11 17.07
O3 NAG K . 37.02 -56.80 16.09
O4 NAG K . 36.48 -58.79 18.04
O5 NAG K . 38.11 -56.16 20.11
O6 NAG K . 37.25 -58.39 22.03
O7 NAG K . 39.42 -53.92 16.10
C1 NAG L . 38.90 -48.48 0.92
C2 NAG L . 39.70 -49.69 0.33
C3 NAG L . 39.00 -50.12 -0.98
C4 NAG L . 37.56 -50.51 -0.68
C5 NAG L . 36.84 -49.28 -0.06
C6 NAG L . 35.40 -49.54 0.33
C7 NAG L . 42.40 -49.25 0.12
C8 NAG L . 43.15 -50.21 0.96
N2 NAG L . 41.09 -49.24 0.05
O3 NAG L . 39.67 -51.23 -1.57
O4 NAG L . 36.92 -50.90 -1.90
O5 NAG L . 37.56 -48.88 1.16
O6 NAG L . 34.56 -48.52 -0.27
O7 NAG L . 43.00 -48.43 -0.58
C1 NAG L . 36.41 -52.31 -1.86
C2 NAG L . 35.41 -52.53 -3.03
C3 NAG L . 34.88 -53.99 -2.92
C4 NAG L . 36.07 -54.96 -3.01
C5 NAG L . 37.04 -54.66 -1.83
C6 NAG L . 38.26 -55.56 -1.87
C7 NAG L . 34.21 -50.44 -3.45
C8 NAG L . 33.02 -49.54 -3.22
N2 NAG L . 34.27 -51.62 -2.84
O3 NAG L . 33.96 -54.25 -4.01
O4 NAG L . 35.59 -56.30 -2.93
O5 NAG L . 37.50 -53.25 -1.90
O6 NAG L . 39.01 -55.39 -3.08
O7 NAG L . 35.12 -50.08 -4.21
C1 NAG M . 47.86 -53.05 41.54
C2 NAG M . 47.33 -54.49 41.88
C3 NAG M . 48.50 -55.35 42.40
C4 NAG M . 49.59 -55.40 41.34
C5 NAG M . 50.06 -53.96 41.01
C6 NAG M . 51.12 -53.97 39.93
C7 NAG M . 45.07 -54.76 42.71
C8 NAG M . 44.03 -54.62 43.79
N2 NAG M . 46.31 -54.37 42.92
O3 NAG M . 48.01 -56.68 42.66
O4 NAG M . 50.72 -56.12 41.87
O5 NAG M . 48.92 -53.16 40.55
O6 NAG M . 51.64 -52.66 39.69
O7 NAG M . 44.75 -55.25 41.63
C1 NAG M . 51.12 -57.28 41.03
C2 NAG M . 52.50 -57.81 41.52
C3 NAG M . 52.93 -58.96 40.60
C4 NAG M . 51.85 -60.06 40.64
C5 NAG M . 50.50 -59.47 40.19
C6 NAG M . 49.41 -60.53 40.27
C7 NAG M . 53.86 -56.09 42.55
C8 NAG M . 54.83 -54.95 42.48
N2 NAG M . 53.47 -56.71 41.45
O3 NAG M . 54.19 -59.49 41.04
O4 NAG M . 52.24 -61.14 39.80
O5 NAG M . 50.13 -58.33 41.05
O6 NAG M . 48.23 -60.11 39.60
O7 NAG M . 53.40 -56.42 43.66
C1 NAG N . 52.64 -40.26 57.24
C2 NAG N . 51.37 -40.33 58.16
C3 NAG N . 51.59 -39.38 59.36
C4 NAG N . 52.86 -39.79 60.12
C5 NAG N . 54.06 -39.76 59.14
C6 NAG N . 55.33 -40.19 59.84
C7 NAG N . 49.32 -40.72 56.92
C8 NAG N . 48.13 -40.24 56.15
N2 NAG N . 50.19 -39.86 57.41
O3 NAG N . 50.46 -39.49 60.23
O4 NAG N . 53.13 -38.85 61.17
O5 NAG N . 53.81 -40.64 58.00
O6 NAG N . 56.48 -39.84 59.04
O7 NAG N . 49.48 -41.94 57.09
C1 NAG N . 53.00 -39.44 62.54
C2 NAG N . 53.54 -38.43 63.60
C3 NAG N . 53.42 -39.07 64.98
C4 NAG N . 51.94 -39.43 65.23
C5 NAG N . 51.46 -40.41 64.14
C6 NAG N . 49.99 -40.77 64.33
C7 NAG N . 55.29 -37.03 62.66
C8 NAG N . 56.72 -36.76 62.33
N2 NAG N . 54.95 -38.15 63.29
O3 NAG N . 53.87 -38.14 65.97
O4 NAG N . 51.80 -40.03 66.52
O5 NAG N . 51.64 -39.80 62.82
O6 NAG N . 49.60 -41.82 63.46
O7 NAG N . 54.42 -36.22 62.31
C1 NAG O . 66.00 -15.47 7.07
C2 NAG O . 67.53 -15.48 6.73
C3 NAG O . 68.08 -14.06 6.96
C4 NAG O . 67.32 -13.06 6.07
C5 NAG O . 65.82 -13.15 6.41
C6 NAG O . 64.97 -12.25 5.52
C7 NAG O . 68.43 -17.69 7.22
C8 NAG O . 69.14 -18.67 8.11
N2 NAG O . 68.23 -16.43 7.61
O3 NAG O . 69.47 -14.04 6.63
O4 NAG O . 67.77 -11.74 6.39
O5 NAG O . 65.33 -14.52 6.23
O6 NAG O . 64.25 -11.29 6.29
O7 NAG O . 68.04 -18.06 6.10
C1 NAG O . 68.37 -11.03 5.21
C2 NAG O . 68.46 -9.51 5.54
C3 NAG O . 69.01 -8.78 4.29
C4 NAG O . 70.40 -9.37 3.96
C5 NAG O . 70.26 -10.89 3.71
C6 NAG O . 71.62 -11.52 3.44
C7 NAG O . 66.84 -8.48 7.03
C8 NAG O . 65.47 -7.98 7.34
N2 NAG O . 67.12 -9.01 5.84
O3 NAG O . 69.14 -7.38 4.58
O4 NAG O . 70.92 -8.72 2.81
O5 NAG O . 69.67 -11.56 4.88
O6 NAG O . 71.50 -12.76 2.75
O7 NAG O . 67.74 -8.40 7.90
C1 NAG P . 60.54 5.02 13.24
C2 NAG P . 61.87 5.75 13.56
C3 NAG P . 61.73 7.21 13.07
C4 NAG P . 61.45 7.21 11.58
C5 NAG P . 60.14 6.43 11.33
C6 NAG P . 59.75 6.32 9.87
C7 NAG P . 62.71 5.48 16.16
C8 NAG P . 64.01 4.78 16.22
N2 NAG P . 62.08 5.72 15.03
O3 NAG P . 62.93 7.96 13.32
O4 NAG P . 61.32 8.57 11.12
O5 NAG P . 60.29 5.06 11.84
O6 NAG P . 58.38 6.76 9.70
O7 NAG P . 62.16 5.88 17.20
C1 NAG P . 62.32 8.93 10.08
C2 NAG P . 61.88 10.24 9.37
C3 NAG P . 62.93 10.55 8.26
C4 NAG P . 64.31 10.70 8.92
C5 NAG P . 64.67 9.36 9.62
C6 NAG P . 66.02 9.45 10.32
C7 NAG P . 59.44 10.33 9.31
C8 NAG P . 58.14 10.07 8.60
N2 NAG P . 60.58 10.01 8.72
O3 NAG P . 62.57 11.79 7.60
O4 NAG P . 65.28 11.01 7.91
O5 NAG P . 63.65 9.05 10.64
O6 NAG P . 66.04 10.45 11.32
O7 NAG P . 59.43 10.85 10.43
C1 NAG Q . 74.57 -34.26 9.84
C2 NAG Q . 75.63 -34.17 8.68
C3 NAG Q . 77.00 -34.64 9.20
C4 NAG Q . 77.39 -33.76 10.40
C5 NAG Q . 76.30 -33.84 11.49
C6 NAG Q . 76.65 -32.94 12.66
C7 NAG Q . 74.94 -34.60 6.39
C8 NAG Q . 74.50 -35.52 5.30
N2 NAG Q . 75.21 -35.07 7.60
O3 NAG Q . 77.97 -34.50 8.17
O4 NAG Q . 78.62 -34.26 10.95
O5 NAG Q . 75.01 -33.43 10.93
O6 NAG Q . 75.70 -33.10 13.73
O7 NAG Q . 75.07 -33.39 6.15
C1 NAG Q . 79.70 -33.23 11.00
C2 NAG Q . 80.87 -33.78 11.87
C3 NAG Q . 81.94 -32.68 11.98
C4 NAG Q . 82.42 -32.32 10.55
C5 NAG Q . 81.21 -31.83 9.71
C6 NAG Q . 81.64 -31.51 8.29
C7 NAG Q . 80.14 -35.36 13.56
C8 NAG Q . 79.59 -35.68 14.91
N2 NAG Q . 80.35 -34.10 13.20
O3 NAG Q . 83.05 -33.15 12.75
O4 NAG Q . 83.41 -31.30 10.62
O5 NAG Q . 80.16 -32.87 9.68
O6 NAG Q . 80.63 -30.80 7.59
O7 NAG Q . 80.38 -36.28 12.76
C1 NAG R . 67.87 -53.01 15.85
C2 NAG R . 67.48 -53.71 14.50
C3 NAG R . 66.93 -55.12 14.82
C4 NAG R . 67.98 -55.92 15.58
C5 NAG R . 68.36 -55.16 16.87
C6 NAG R . 69.43 -55.90 17.64
C7 NAG R . 66.69 -52.14 12.82
C8 NAG R . 65.61 -51.34 12.16
N2 NAG R . 66.41 -52.94 13.83
O3 NAG R . 66.62 -55.77 13.58
O4 NAG R . 67.44 -57.19 15.98
O5 NAG R . 68.86 -53.82 16.54
O6 NAG R . 69.54 -55.38 18.98
O7 NAG R . 67.86 -52.04 12.40
C1 NAG R . 68.09 -58.36 15.29
C2 NAG R . 67.61 -59.69 15.96
C3 NAG R . 68.31 -60.86 15.26
C4 NAG R . 67.98 -60.80 13.76
C5 NAG R . 68.46 -59.45 13.17
C6 NAG R . 68.11 -59.36 11.69
C7 NAG R . 67.06 -59.35 18.30
C8 NAG R . 67.43 -59.29 19.74
N2 NAG R . 67.97 -59.66 17.38
O3 NAG R . 67.85 -62.09 15.83
O4 NAG R . 68.62 -61.89 13.09
O5 NAG R . 67.81 -58.36 13.88
O6 NAG R . 68.73 -58.22 11.10
O7 NAG R . 65.89 -59.09 17.96
C1 NAG S . -2.72 36.31 36.41
C2 NAG S . -2.33 37.66 35.72
C3 NAG S . -0.93 38.07 36.19
C4 NAG S . -0.94 38.22 37.73
C5 NAG S . -1.36 36.88 38.36
C6 NAG S . -1.44 36.97 39.88
C7 NAG S . -3.19 38.07 33.48
C8 NAG S . -3.16 37.84 32.00
N2 NAG S . -2.31 37.45 34.27
O3 NAG S . -0.57 39.32 35.59
O4 NAG S . 0.37 38.58 38.17
O5 NAG S . -2.68 36.48 37.86
O6 NAG S . -1.55 35.68 40.47
O7 NAG S . -4.04 38.82 33.96
C1 NAG T . -40.32 27.49 41.55
C2 NAG T . -41.52 27.17 42.51
C3 NAG T . -42.59 26.36 41.73
C4 NAG T . -43.06 27.19 40.53
C5 NAG T . -41.84 27.50 39.64
C6 NAG T . -42.21 28.38 38.45
C7 NAG T . -41.45 26.59 44.87
C8 NAG T . -40.94 25.75 46.01
N2 NAG T . -41.02 26.36 43.63
O3 NAG T . -43.70 26.08 42.58
O4 NAG T . -44.04 26.46 39.80
O5 NAG T . -40.82 28.22 40.40
O6 NAG T . -41.13 28.49 37.54
O7 NAG T . -42.27 27.49 45.10
C1 NAG U . -26.20 30.22 15.44
C2 NAG U . -26.98 29.01 14.80
C3 NAG U . -26.22 28.57 13.53
C4 NAG U . -26.13 29.77 12.55
C5 NAG U . -25.42 30.93 13.26
C6 NAG U . -25.36 32.17 12.37
C7 NAG U . -28.09 27.63 16.46
C8 NAG U . -28.12 26.48 17.44
N2 NAG U . -27.00 27.89 15.75
O3 NAG U . -26.91 27.49 12.90
O4 NAG U . -25.41 29.37 11.39
O5 NAG U . -26.13 31.30 14.48
O6 NAG U . -24.38 33.10 12.84
O7 NAG U . -29.10 28.32 16.32
C1 NAG V . -13.18 2.37 46.57
C2 NAG V . -13.91 0.97 46.69
C3 NAG V . -13.48 0.33 48.03
C4 NAG V . -11.94 0.18 48.01
C5 NAG V . -11.27 1.57 47.85
C6 NAG V . -9.76 1.44 47.81
C7 NAG V . -16.14 0.09 46.46
C8 NAG V . -17.65 0.16 46.49
N2 NAG V . -15.36 1.15 46.74
O3 NAG V . -14.02 -0.97 48.18
O4 NAG V . -11.53 -0.41 49.23
O5 NAG V . -11.74 2.18 46.61
O6 NAG V . -9.13 2.72 47.75
O7 NAG V . -15.65 -1.00 46.12
C1 NAG W . 12.29 48.57 -12.99
C2 NAG W . 13.72 48.32 -13.58
C3 NAG W . 14.77 48.80 -12.57
C4 NAG W . 14.54 50.30 -12.25
C5 NAG W . 13.11 50.46 -11.68
C6 NAG W . 12.79 51.90 -11.38
C7 NAG W . 13.77 46.32 -14.98
C8 NAG W . 13.97 44.84 -15.14
N2 NAG W . 13.92 46.88 -13.78
O3 NAG W . 16.08 48.65 -13.12
O4 NAG W . 15.50 50.73 -11.30
O5 NAG W . 12.13 49.97 -12.67
O6 NAG W . 11.54 52.02 -10.70
O7 NAG W . 13.48 47.01 -15.96
C1 NAG X . 12.57 7.48 45.13
C2 NAG X . 11.50 6.33 45.24
C3 NAG X . 11.55 5.74 46.66
C4 NAG X . 12.98 5.20 46.91
C5 NAG X . 14.02 6.35 46.74
C6 NAG X . 15.44 5.81 46.82
C7 NAG X . 9.53 6.54 43.85
C8 NAG X . 8.16 7.07 43.57
N2 NAG X . 10.16 6.86 44.98
O3 NAG X . 10.61 4.67 46.78
O4 NAG X . 13.05 4.67 48.23
O5 NAG X . 13.88 6.94 45.40
O6 NAG X . 16.37 6.83 47.12
O7 NAG X . 10.07 5.80 43.02
C1 NAG Y . 24.46 31.08 16.14
C2 NAG Y . 25.40 30.16 15.26
C3 NAG Y . 26.80 30.80 15.24
C4 NAG Y . 26.69 32.23 14.65
C5 NAG Y . 25.69 33.06 15.50
C6 NAG Y . 25.43 34.44 14.93
C7 NAG Y . 25.30 27.74 15.12
C8 NAG Y . 25.39 26.37 15.72
N2 NAG Y . 25.48 28.83 15.87
O3 NAG Y . 27.68 30.00 14.43
O4 NAG Y . 27.97 32.84 14.75
O5 NAG Y . 24.39 32.39 15.54
O6 NAG Y . 24.86 34.38 13.62
O7 NAG Y . 25.08 27.84 13.90
C1 NAG Z . 35.52 27.42 31.33
C2 NAG Z . 36.38 28.46 32.13
C3 NAG Z . 36.05 29.87 31.62
C4 NAG Z . 36.35 29.95 30.10
C5 NAG Z . 35.50 28.88 29.38
C6 NAG Z . 35.78 28.87 27.89
C7 NAG Z . 36.91 27.87 34.42
C8 NAG Z . 36.54 27.79 35.88
N2 NAG Z . 36.05 28.37 33.55
O3 NAG Z . 36.85 30.83 32.32
O4 NAG Z . 36.03 31.24 29.62
O5 NAG Z . 35.80 27.55 29.91
O6 NAG Z . 34.78 28.12 27.18
O7 NAG Z . 38.01 27.47 34.06
C1 NAG AA . 67.85 -0.30 29.53
C2 NAG AA . 69.04 -1.18 29.01
C3 NAG AA . 70.35 -0.68 29.65
C4 NAG AA . 70.54 0.80 29.29
C5 NAG AA . 69.33 1.61 29.80
C6 NAG AA . 69.41 3.07 29.42
C7 NAG AA . 68.32 -3.45 28.53
C8 NAG AA . 68.09 -4.88 28.94
N2 NAG AA . 68.82 -2.57 29.40
O3 NAG AA . 71.44 -1.45 29.18
O4 NAG AA . 71.73 1.28 29.90
O5 NAG AA . 68.09 1.08 29.22
O6 NAG AA . 70.38 3.77 30.19
O7 NAG AA . 68.04 -3.10 27.38
C1 NAG BA . 56.37 0.42 40.51
C2 NAG BA . 55.27 0.68 41.59
C3 NAG BA . 54.34 1.82 41.10
C4 NAG BA . 55.20 3.08 40.84
C5 NAG BA . 56.26 2.74 39.78
C6 NAG BA . 57.15 3.93 39.44
C7 NAG BA . 54.17 -1.01 42.95
C8 NAG BA . 53.35 -2.27 43.08
N2 NAG BA . 54.48 -0.55 41.74
O3 NAG BA . 53.35 2.10 42.10
O4 NAG BA . 54.35 4.12 40.36
O5 NAG BA . 57.10 1.65 40.27
O6 NAG BA . 57.78 4.48 40.59
O7 NAG BA . 54.55 -0.42 43.97
C1 NAG CA . -42.35 31.40 18.50
C2 NAG CA . -42.34 32.31 17.23
C3 NAG CA . -42.08 31.43 15.99
C4 NAG CA . -40.72 30.72 16.17
C5 NAG CA . -40.77 29.86 17.46
C6 NAG CA . -39.43 29.18 17.75
C7 NAG CA . -43.74 34.24 16.74
C8 NAG CA . -45.09 34.90 16.60
N2 NAG CA . -43.65 32.96 17.09
O3 NAG CA . -42.03 32.24 14.81
O4 NAG CA . -40.45 29.91 15.04
O5 NAG CA . -41.09 30.72 18.60
O6 NAG CA . -39.38 27.86 17.26
O7 NAG CA . -42.71 34.91 16.51
C1 NAG DA . -7.76 60.12 -21.86
C2 NAG DA . -7.10 59.01 -20.96
C3 NAG DA . -7.43 59.30 -19.48
C4 NAG DA . -6.90 60.71 -19.12
C5 NAG DA . -7.56 61.75 -20.05
C6 NAG DA . -7.02 63.15 -19.79
C7 NAG DA . -6.84 56.76 -21.84
C8 NAG DA . -7.39 55.42 -22.21
N2 NAG DA . -7.64 57.70 -21.33
O3 NAG DA . -6.81 58.31 -18.65
O4 NAG DA . -7.21 61.00 -17.75
O5 NAG DA . -7.27 61.42 -21.44
O6 NAG DA . -5.60 63.18 -19.92
O7 NAG DA . -5.63 57.00 -21.99
C1 NAG EA . -27.73 -43.14 4.69
C2 NAG EA . -28.83 -42.83 5.77
C3 NAG EA . -28.48 -43.58 7.07
C4 NAG EA . -28.38 -45.09 6.77
C5 NAG EA . -27.31 -45.33 5.68
C6 NAG EA . -27.21 -46.80 5.31
C7 NAG EA . -29.91 -40.66 5.70
C8 NAG EA . -29.91 -39.18 5.98
N2 NAG EA . -28.85 -41.40 6.04
O3 NAG EA . -29.48 -43.34 8.05
O4 NAG EA . -28.04 -45.78 7.96
O5 NAG EA . -27.65 -44.57 4.48
O6 NAG EA . -26.05 -47.05 4.53
O7 NAG EA . -30.90 -41.18 5.17
C1 NAG FA . -36.66 -40.79 -33.15
C2 NAG FA . -36.79 -41.49 -34.56
C3 NAG FA . -36.70 -40.40 -35.65
C4 NAG FA . -37.82 -39.36 -35.44
C5 NAG FA . -37.65 -38.75 -34.03
C6 NAG FA . -38.76 -37.76 -33.72
C7 NAG FA . -35.91 -43.62 -35.28
C8 NAG FA . -34.78 -44.60 -35.46
N2 NAG FA . -35.70 -42.44 -34.73
O3 NAG FA . -36.84 -40.99 -36.94
O4 NAG FA . -37.74 -38.36 -36.45
O5 NAG FA . -37.70 -39.79 -33.01
O6 NAG FA . -38.50 -37.07 -32.51
O7 NAG FA . -37.05 -43.94 -35.67
C1 NAG GA . -36.31 -18.27 -13.64
C2 NAG GA . -35.70 -17.26 -14.69
C3 NAG GA . -35.16 -16.04 -13.92
C4 NAG GA . -36.30 -15.39 -13.11
C5 NAG GA . -36.89 -16.44 -12.14
C6 NAG GA . -38.07 -15.89 -11.37
C7 NAG GA . -34.77 -18.38 -16.63
C8 NAG GA . -33.64 -19.04 -17.36
N2 NAG GA . -34.59 -17.91 -15.40
O3 NAG GA . -34.62 -15.09 -14.84
O4 NAG GA . -35.79 -14.28 -12.38
O5 NAG GA . -37.36 -17.61 -12.89
O6 NAG GA . -38.36 -16.69 -10.23
O7 NAG GA . -35.86 -18.27 -17.20
C1 NAG HA . -1.41 -43.54 -21.21
C2 NAG HA . -0.52 -43.23 -22.48
C3 NAG HA . 0.45 -44.43 -22.68
C4 NAG HA . 1.29 -44.59 -21.39
C5 NAG HA . 0.35 -44.85 -20.17
C6 NAG HA . 1.16 -44.99 -18.90
C7 NAG HA . -0.81 -42.49 -24.74
C8 NAG HA . -1.56 -42.33 -26.05
N2 NAG HA . -1.33 -43.12 -23.69
O3 NAG HA . 1.36 -44.20 -23.74
O4 NAG HA . 2.17 -45.68 -21.57
O5 NAG HA . -0.58 -43.75 -20.04
O6 NAG HA . 0.33 -45.32 -17.79
O7 NAG HA . 0.33 -41.98 -24.71
C1 NAG IA . -38.68 -0.53 34.39
C2 NAG IA . -37.89 -0.10 35.67
C3 NAG IA . -37.68 -1.34 36.56
C4 NAG IA . -39.04 -1.96 36.92
C5 NAG IA . -39.76 -2.34 35.61
C6 NAG IA . -41.13 -2.93 35.87
C7 NAG IA . -36.32 1.70 35.18
C8 NAG IA . -34.95 2.17 34.77
N2 NAG IA . -36.57 0.40 35.28
O3 NAG IA . -37.01 -0.95 37.76
O4 NAG IA . -38.84 -3.11 37.73
O5 NAG IA . -39.94 -1.15 34.78
O6 NAG IA . -41.71 -3.44 34.67
O7 NAG IA . -37.20 2.52 35.45
C1 NAG JA . 5.82 -46.92 3.83
C2 NAG JA . 6.35 -46.61 2.38
C3 NAG JA . 7.09 -47.85 1.85
C4 NAG JA . 8.26 -48.17 2.82
C5 NAG JA . 7.72 -48.40 4.26
C6 NAG JA . 8.86 -48.56 5.24
C7 NAG JA . 5.05 -45.05 1.07
C8 NAG JA . 3.92 -44.72 0.15
N2 NAG JA . 5.23 -46.30 1.49
O3 NAG JA . 7.61 -47.59 0.55
O4 NAG JA . 8.96 -49.32 2.35
O5 NAG JA . 6.94 -47.24 4.69
O6 NAG JA . 8.44 -49.23 6.43
O7 NAG JA . 5.83 -44.16 1.41
C1 NAG KA . -13.53 -26.17 30.93
C2 NAG KA . -12.41 -25.25 31.57
C3 NAG KA . -12.34 -25.58 33.07
C4 NAG KA . -13.72 -25.33 33.71
C5 NAG KA . -14.78 -26.20 32.99
C6 NAG KA . -16.19 -25.93 33.49
C7 NAG KA . -10.36 -24.53 30.47
C8 NAG KA . -9.03 -24.81 29.82
N2 NAG KA . -11.12 -25.53 30.92
O3 NAG KA . -11.34 -24.73 33.69
O4 NAG KA . -13.64 -25.74 35.07
O5 NAG KA . -14.78 -25.90 31.56
O6 NAG KA . -16.59 -24.58 33.26
O7 NAG KA . -10.73 -23.36 30.60
C1 NAG LA . -3.00 -41.47 35.57
C2 NAG LA . -3.39 -42.61 36.58
C3 NAG LA . -4.86 -42.40 37.01
C4 NAG LA . -5.01 -41.01 37.64
C5 NAG LA . -4.58 -39.94 36.62
C6 NAG LA . -4.65 -38.54 37.20
C7 NAG LA . -2.31 -44.76 36.27
C8 NAG LA . -2.19 -46.09 35.58
N2 NAG LA . -3.27 -43.91 35.92
O3 NAG LA . -5.23 -43.41 37.96
O4 NAG LA . -6.36 -40.81 38.03
O5 NAG LA . -3.19 -40.18 36.20
O6 NAG LA . -4.57 -37.55 36.17
O7 NAG LA . -1.50 -44.47 37.15
C1 NAG MA . 35.93 -37.78 52.51
C2 NAG MA . 37.18 -37.23 53.30
C3 NAG MA . 37.43 -38.16 54.51
C4 NAG MA . 36.18 -38.18 55.40
C5 NAG MA . 34.99 -38.69 54.55
C6 NAG MA . 33.69 -38.68 55.33
C7 NAG MA . 38.77 -36.15 51.80
C8 NAG MA . 39.97 -36.17 50.91
N2 NAG MA . 38.35 -37.26 52.42
O3 NAG MA . 38.55 -37.67 55.25
O4 NAG MA . 36.40 -39.04 56.50
O5 NAG MA . 34.79 -37.83 53.39
O6 NAG MA . 33.64 -39.71 56.30
O7 NAG MA . 38.16 -35.08 51.98
C1 NAG NA . 31.59 -46.92 40.24
C2 NAG NA . 31.00 -47.88 39.14
C3 NAG NA . 29.51 -47.53 38.93
C4 NAG NA . 28.77 -47.69 40.27
C5 NAG NA . 29.40 -46.75 41.30
C6 NAG NA . 28.72 -46.82 42.66
C7 NAG NA . 32.18 -48.63 37.15
C8 NAG NA . 32.92 -48.35 35.87
N2 NAG NA . 31.74 -47.62 37.89
O3 NAG NA . 28.95 -48.41 37.95
O4 NAG NA . 27.39 -47.36 40.08
O5 NAG NA . 30.82 -47.07 41.46
O6 NAG NA . 28.71 -48.14 43.19
O7 NAG NA . 31.99 -49.80 37.50
C1 NAG OA . -44.37 -19.25 -27.98
C2 NAG OA . -45.35 -18.24 -27.29
C3 NAG OA . -44.63 -16.88 -27.15
C4 NAG OA . -43.36 -17.08 -26.30
C5 NAG OA . -42.44 -18.11 -27.01
C6 NAG OA . -41.19 -18.41 -26.20
C7 NAG OA . -47.75 -18.02 -27.58
C8 NAG OA . -48.97 -17.85 -28.45
N2 NAG OA . -46.54 -18.07 -28.13
O3 NAG OA . -45.49 -15.93 -26.50
O4 NAG OA . -42.69 -15.83 -26.15
O5 NAG OA . -43.17 -19.36 -27.18
O6 NAG OA . -40.08 -17.64 -26.61
O7 NAG OA . -47.89 -18.09 -26.36
C1 NAG PA . -59.34 8.10 23.77
C2 NAG PA . -57.95 7.39 23.68
C3 NAG PA . -58.14 5.95 23.17
C4 NAG PA . -59.07 5.21 24.15
C5 NAG PA . -60.42 5.94 24.22
C6 NAG PA . -61.35 5.30 25.23
C7 NAG PA . -55.98 8.73 23.15
C8 NAG PA . -55.11 9.48 22.18
N2 NAG PA . -57.10 8.14 22.73
O3 NAG PA . -56.86 5.30 23.11
O4 NAG PA . -59.26 3.86 23.69
O5 NAG PA . -60.19 7.33 24.65
O6 NAG PA . -60.75 5.22 26.53
O7 NAG PA . -55.65 8.66 24.34
C1 NAG QA . 25.58 9.39 -43.70
C2 NAG QA . 24.97 8.44 -44.78
C3 NAG QA . 25.97 7.32 -45.08
C4 NAG QA . 27.29 7.94 -45.58
C5 NAG QA . 27.84 8.90 -44.49
C6 NAG QA . 29.11 9.58 -44.94
C7 NAG QA . 22.56 8.15 -44.78
C8 NAG QA . 21.30 7.53 -44.22
N2 NAG QA . 23.74 7.85 -44.24
O3 NAG QA . 25.44 6.45 -46.09
O4 NAG QA . 28.23 6.91 -45.84
O5 NAG QA . 26.84 9.92 -44.18
O6 NAG QA . 29.76 10.23 -43.85
O7 NAG QA . 22.47 8.92 -45.74
C1 NAG RA . 13.91 46.52 -41.84
C2 NAG RA . 14.25 48.05 -41.92
C3 NAG RA . 13.18 48.84 -41.13
C4 NAG RA . 11.79 48.55 -41.72
C5 NAG RA . 11.53 47.02 -41.63
C6 NAG RA . 10.20 46.64 -42.27
C7 NAG RA . 16.42 49.12 -41.89
C8 NAG RA . 17.77 49.36 -41.28
N2 NAG RA . 15.56 48.28 -41.33
O3 NAG RA . 13.45 50.24 -41.21
O4 NAG RA . 10.80 49.27 -40.99
O5 NAG RA . 12.58 46.30 -42.35
O6 NAG RA . 9.89 45.28 -42.01
O7 NAG RA . 16.12 49.73 -42.94
C1 NAG SA . -2.80 22.44 -36.43
C2 NAG SA . -3.55 23.12 -35.23
C3 NAG SA . -4.26 22.01 -34.41
C4 NAG SA . -5.23 21.25 -35.33
C5 NAG SA . -4.45 20.65 -36.51
C6 NAG SA . -5.37 19.93 -37.48
C7 NAG SA . -2.42 25.13 -34.44
C8 NAG SA . -1.42 25.82 -33.57
N2 NAG SA . -2.57 23.81 -34.37
O3 NAG SA . -4.97 22.61 -33.32
O4 NAG SA . -5.86 20.22 -34.57
O5 NAG SA . -3.75 21.71 -37.24
O6 NAG SA . -4.63 19.07 -38.34
O7 NAG SA . -3.11 25.79 -35.23
C1 NAG TA . 34.35 30.76 -14.88
C2 NAG TA . 34.31 31.78 -13.67
C3 NAG TA . 35.77 32.12 -13.29
C4 NAG TA . 36.49 30.80 -12.92
C5 NAG TA . 36.46 29.83 -14.13
C6 NAG TA . 37.15 28.52 -13.77
C7 NAG TA . 33.20 33.84 -13.09
C8 NAG TA . 32.52 35.15 -13.38
N2 NAG TA . 33.67 33.05 -14.06
O3 NAG TA . 35.84 32.97 -12.16
O4 NAG TA . 37.83 31.11 -12.57
O5 NAG TA . 35.08 29.57 -14.50
O6 NAG TA . 37.21 27.65 -14.89
O7 NAG TA . 33.28 33.53 -11.89
C1 NAG UA . -12.44 -27.60 -41.99
C2 NAG UA . -12.26 -29.04 -41.39
C3 NAG UA . -10.95 -29.64 -41.94
C4 NAG UA . -10.99 -29.65 -43.48
C5 NAG UA . -11.18 -28.21 -43.98
C6 NAG UA . -11.26 -28.12 -45.49
C7 NAG UA . -13.18 -29.21 -39.14
C8 NAG UA . -13.02 -29.12 -37.66
N2 NAG UA . -12.14 -28.96 -39.94
O3 NAG UA . -10.81 -30.98 -41.47
O4 NAG UA . -9.77 -30.19 -43.98
O5 NAG UA . -12.42 -27.65 -43.43
O6 NAG UA . -11.25 -26.77 -45.94
O7 NAG UA . -14.27 -29.53 -39.63
C1 NAG VA . 44.29 6.44 -15.73
C2 NAG VA . 44.05 7.70 -14.80
C3 NAG VA . 45.40 8.39 -14.55
C4 NAG VA . 46.36 7.37 -13.89
C5 NAG VA . 46.52 6.12 -14.79
C6 NAG VA . 47.33 5.04 -14.09
C7 NAG VA . 41.90 8.79 -14.97
C8 NAG VA . 40.95 9.74 -15.62
N2 NAG VA . 43.13 8.63 -15.44
O3 NAG VA . 45.22 9.51 -13.69
O4 NAG VA . 47.62 7.99 -13.66
O5 NAG VA . 45.21 5.54 -15.08
O6 NAG VA . 47.89 4.12 -15.01
O7 NAG VA . 41.53 8.14 -13.98
C1 NAG WA . 21.13 -21.79 -30.06
C2 NAG WA . 20.93 -22.77 -28.85
C3 NAG WA . 21.46 -24.15 -29.26
C4 NAG WA . 20.69 -24.64 -30.51
C5 NAG WA . 20.87 -23.59 -31.65
C6 NAG WA . 20.06 -23.93 -32.88
C7 NAG WA . 21.09 -22.17 -26.49
C8 NAG WA . 21.85 -21.66 -25.30
N2 NAG WA . 21.67 -22.26 -27.68
O3 NAG WA . 21.27 -25.07 -28.16
O4 NAG WA . 21.29 -25.86 -30.94
O5 NAG WA . 20.39 -22.29 -31.20
O6 NAG WA . 18.65 -23.97 -32.60
O7 NAG WA . 19.90 -22.51 -26.34
C1 NAG XA . 40.04 -24.15 -28.42
C2 NAG XA . 41.01 -24.81 -29.48
C3 NAG XA . 40.21 -25.06 -30.77
C4 NAG XA . 39.01 -25.97 -30.45
C5 NAG XA . 38.13 -25.29 -29.39
C6 NAG XA . 36.96 -26.17 -28.98
C7 NAG XA . 43.34 -24.14 -29.37
C8 NAG XA . 44.46 -23.19 -29.67
N2 NAG XA . 42.11 -23.88 -29.77
O3 NAG XA . 41.06 -25.69 -31.74
O4 NAG XA . 38.27 -26.21 -31.63
O5 NAG XA . 38.92 -25.03 -28.18
O6 NAG XA . 35.98 -25.42 -28.26
O7 NAG XA . 43.58 -25.18 -28.73
C1 NAG YA . 57.29 -46.72 3.37
C2 NAG YA . 57.49 -47.78 4.51
C3 NAG YA . 58.60 -48.76 4.06
C4 NAG YA . 58.16 -49.44 2.75
C5 NAG YA . 57.93 -48.35 1.68
C6 NAG YA . 57.45 -48.91 0.37
C7 NAG YA . 57.07 -46.82 6.69
C8 NAG YA . 57.51 -46.12 7.94
N2 NAG YA . 57.94 -47.09 5.72
O3 NAG YA . 58.80 -49.75 5.06
O4 NAG YA . 59.18 -50.33 2.32
O5 NAG YA . 56.93 -47.40 2.14
O6 NAG YA . 58.47 -49.59 -0.34
O7 NAG YA . 55.88 -47.15 6.58
C1 NAG ZA . 61.48 -32.18 -1.51
C2 NAG ZA . 61.89 -30.82 -2.18
C3 NAG ZA . 60.87 -30.48 -3.29
C4 NAG ZA . 60.87 -31.63 -4.32
C5 NAG ZA . 60.48 -32.94 -3.60
C6 NAG ZA . 60.42 -34.13 -4.53
C7 NAG ZA . 62.81 -28.88 -1.02
C8 NAG ZA . 62.72 -27.82 0.05
N2 NAG ZA . 61.83 -29.77 -1.14
O3 NAG ZA . 61.25 -29.26 -3.93
O4 NAG ZA . 59.91 -31.34 -5.34
O5 NAG ZA . 61.45 -33.21 -2.54
O6 NAG ZA . 61.65 -34.33 -5.23
O7 NAG ZA . 63.79 -28.92 -1.76
C1 NAG AB . -7.75 37.58 -40.61
C2 NAG AB . -8.99 36.82 -41.19
C3 NAG AB . -9.83 36.26 -40.03
C4 NAG AB . -8.94 35.33 -39.19
C5 NAG AB . -7.72 36.12 -38.67
C6 NAG AB . -6.75 35.23 -37.88
C7 NAG AB . -10.33 37.39 -43.14
C8 NAG AB . -11.18 38.34 -43.94
N2 NAG AB . -9.80 37.75 -41.98
O3 NAG AB . -10.95 35.54 -40.53
O4 NAG AB . -9.69 34.80 -38.11
O5 NAG AB . -6.98 36.68 -39.79
O6 NAG AB . -6.98 35.28 -36.49
O7 NAG AB . -10.15 36.24 -43.57
C1 NAG BB . -31.09 -16.52 -53.97
C2 NAG BB . -29.84 -16.46 -53.02
C3 NAG BB . -28.73 -15.61 -53.69
C4 NAG BB . -28.37 -16.25 -55.05
C5 NAG BB . -29.64 -16.31 -55.93
C6 NAG BB . -29.36 -17.00 -57.25
C7 NAG BB . -30.17 -16.53 -50.62
C8 NAG BB . -30.57 -15.90 -49.32
N2 NAG BB . -30.23 -15.84 -51.75
O3 NAG BB . -27.58 -15.57 -52.84
O4 NAG BB . -27.35 -15.46 -55.68
O5 NAG BB . -30.68 -17.08 -55.25
O6 NAG BB . -28.82 -18.30 -57.05
O7 NAG BB . -29.78 -17.71 -50.63
#